data_1C20
#
_entry.id   1C20
#
_cell.length_a   1.000
_cell.length_b   1.000
_cell.length_c   1.000
_cell.angle_alpha   90.00
_cell.angle_beta   90.00
_cell.angle_gamma   90.00
#
_symmetry.space_group_name_H-M   'P 1'
#
_entity_poly.entity_id   1
_entity_poly.type   'polypeptide(L)'
_entity_poly.pdbx_seq_one_letter_code
;GWSFEEQFKQVRQLYEINDDPKRKEFLDDLFSFMQKRGTPINRLPIMAKSVLDLYELYNLVIARGGLVDVINKKLWQEII
KGLHLPSSITSAAFTLRTQYMKYLYPYECEKKNLSTPAELQAAIDGNR
;
_entity_poly.pdbx_strand_id   A
#
# COMPACT_ATOMS: atom_id res chain seq x y z
N GLY A 1 -17.16 13.30 -11.86
CA GLY A 1 -17.02 11.87 -11.49
C GLY A 1 -15.62 11.38 -11.87
N TRP A 2 -15.04 10.54 -11.05
CA TRP A 2 -13.67 10.03 -11.35
C TRP A 2 -13.80 8.86 -12.32
N SER A 3 -13.11 8.90 -13.44
CA SER A 3 -13.21 7.79 -14.43
C SER A 3 -12.34 6.61 -14.00
N PHE A 4 -12.83 5.41 -14.19
CA PHE A 4 -12.06 4.19 -13.80
C PHE A 4 -10.84 4.00 -14.72
N GLU A 5 -10.98 4.25 -16.00
CA GLU A 5 -9.83 4.04 -16.91
C GLU A 5 -8.66 4.93 -16.50
N GLU A 6 -8.93 6.02 -15.83
CA GLU A 6 -7.83 6.91 -15.39
C GLU A 6 -6.96 6.15 -14.40
N GLN A 7 -7.55 5.39 -13.53
CA GLN A 7 -6.74 4.62 -12.56
C GLN A 7 -6.01 3.50 -13.33
N PHE A 8 -6.64 3.00 -14.35
CA PHE A 8 -6.04 1.91 -15.17
C PHE A 8 -4.74 2.39 -15.84
N LYS A 9 -4.78 3.50 -16.54
CA LYS A 9 -3.52 3.97 -17.21
C LYS A 9 -2.47 4.27 -16.15
N GLN A 10 -2.87 4.64 -14.96
CA GLN A 10 -1.87 4.94 -13.89
C GLN A 10 -1.10 3.64 -13.56
N VAL A 11 -1.70 2.51 -13.73
CA VAL A 11 -0.95 1.25 -13.42
C VAL A 11 0.09 1.01 -14.52
N ARG A 12 -0.22 1.37 -15.74
CA ARG A 12 0.77 1.16 -16.84
C ARG A 12 2.05 1.95 -16.54
N GLN A 13 1.93 3.17 -16.09
CA GLN A 13 3.16 3.94 -15.79
C GLN A 13 3.94 3.24 -14.66
N LEU A 14 3.28 2.51 -13.79
CA LEU A 14 4.04 1.82 -12.69
C LEU A 14 5.02 0.83 -13.34
N TYR A 15 4.54 0.01 -14.23
CA TYR A 15 5.44 -0.97 -14.89
C TYR A 15 6.55 -0.23 -15.64
N GLU A 16 6.21 0.87 -16.27
CA GLU A 16 7.23 1.64 -17.04
C GLU A 16 8.29 2.22 -16.10
N ILE A 17 8.09 2.14 -14.81
CA ILE A 17 9.11 2.70 -13.87
C ILE A 17 10.49 2.11 -14.20
N ASN A 18 10.58 0.83 -14.41
CA ASN A 18 11.89 0.22 -14.74
C ASN A 18 11.65 -1.20 -15.27
N ASP A 19 12.56 -1.72 -16.04
CA ASP A 19 12.38 -3.09 -16.59
C ASP A 19 13.01 -4.08 -15.62
N ASP A 20 13.19 -3.68 -14.39
CA ASP A 20 13.80 -4.62 -13.39
C ASP A 20 12.92 -5.87 -13.26
N PRO A 21 13.45 -7.08 -13.35
CA PRO A 21 12.60 -8.29 -13.21
C PRO A 21 11.88 -8.34 -11.84
N LYS A 22 12.57 -7.98 -10.80
CA LYS A 22 11.95 -8.03 -9.44
C LYS A 22 10.70 -7.13 -9.37
N ARG A 23 10.81 -5.91 -9.79
CA ARG A 23 9.62 -4.99 -9.73
C ARG A 23 8.53 -5.50 -10.67
N LYS A 24 8.88 -5.86 -11.87
CA LYS A 24 7.85 -6.34 -12.83
C LYS A 24 7.17 -7.58 -12.26
N GLU A 25 7.93 -8.54 -11.81
CA GLU A 25 7.32 -9.78 -11.25
C GLU A 25 6.48 -9.44 -10.02
N PHE A 26 6.94 -8.54 -9.19
CA PHE A 26 6.15 -8.17 -7.98
C PHE A 26 4.79 -7.61 -8.41
N LEU A 27 4.78 -6.68 -9.32
CA LEU A 27 3.49 -6.09 -9.75
C LEU A 27 2.59 -7.18 -10.35
N ASP A 28 3.14 -8.06 -11.13
CA ASP A 28 2.30 -9.15 -11.72
C ASP A 28 1.67 -9.99 -10.61
N ASP A 29 2.42 -10.29 -9.58
CA ASP A 29 1.87 -11.12 -8.48
C ASP A 29 0.88 -10.33 -7.61
N LEU A 30 1.27 -9.18 -7.13
CA LEU A 30 0.35 -8.38 -6.26
C LEU A 30 -0.93 -8.02 -6.99
N PHE A 31 -0.84 -7.38 -8.12
CA PHE A 31 -2.08 -6.98 -8.85
C PHE A 31 -2.89 -8.24 -9.20
N SER A 32 -2.24 -9.29 -9.59
CA SER A 32 -2.98 -10.53 -9.96
C SER A 32 -3.80 -11.06 -8.77
N PHE A 33 -3.23 -11.12 -7.59
CA PHE A 33 -4.01 -11.64 -6.44
C PHE A 33 -5.25 -10.77 -6.21
N MET A 34 -5.07 -9.49 -6.07
CA MET A 34 -6.23 -8.58 -5.85
C MET A 34 -7.07 -8.46 -7.13
N GLN A 35 -6.54 -8.90 -8.25
CA GLN A 35 -7.31 -8.80 -9.53
C GLN A 35 -8.66 -9.47 -9.39
N LYS A 36 -8.90 -10.18 -8.32
CA LYS A 36 -10.23 -10.86 -8.16
C LYS A 36 -11.34 -9.86 -8.52
N ARG A 37 -11.23 -8.63 -8.06
CA ARG A 37 -12.25 -7.61 -8.44
C ARG A 37 -12.08 -7.30 -9.93
N GLY A 38 -10.85 -7.25 -10.40
CA GLY A 38 -10.58 -6.97 -11.84
C GLY A 38 -10.01 -5.56 -12.03
N THR A 39 -10.07 -4.73 -11.03
CA THR A 39 -9.54 -3.32 -11.16
C THR A 39 -8.27 -3.15 -10.29
N PRO A 40 -7.41 -2.21 -10.62
CA PRO A 40 -6.17 -1.99 -9.82
C PRO A 40 -6.46 -1.74 -8.32
N ILE A 41 -5.58 -1.06 -7.65
CA ILE A 41 -5.76 -0.78 -6.20
C ILE A 41 -6.90 0.23 -6.00
N ASN A 42 -6.84 1.03 -4.97
CA ASN A 42 -7.93 2.02 -4.72
C ASN A 42 -7.70 3.25 -5.60
N ARG A 43 -6.51 3.80 -5.57
CA ARG A 43 -6.23 5.00 -6.40
C ARG A 43 -4.71 5.16 -6.56
N LEU A 44 -4.28 5.82 -7.60
CA LEU A 44 -2.81 6.04 -7.82
C LEU A 44 -2.56 7.50 -8.19
N PRO A 45 -2.52 8.39 -7.23
CA PRO A 45 -2.28 9.83 -7.54
C PRO A 45 -0.89 10.04 -8.17
N ILE A 46 -0.66 11.21 -8.73
CA ILE A 46 0.65 11.50 -9.38
C ILE A 46 1.36 12.60 -8.59
N MET A 47 2.58 12.37 -8.22
CA MET A 47 3.35 13.40 -7.46
C MET A 47 4.20 14.22 -8.42
N ALA A 48 3.77 15.41 -8.73
CA ALA A 48 4.54 16.27 -9.66
C ALA A 48 4.96 15.47 -10.89
N LYS A 49 6.16 14.96 -10.90
CA LYS A 49 6.67 14.17 -12.07
C LYS A 49 6.85 12.70 -11.66
N SER A 50 6.56 12.39 -10.42
CA SER A 50 6.72 10.99 -9.92
C SER A 50 5.34 10.37 -9.65
N VAL A 51 5.26 9.06 -9.62
CA VAL A 51 3.96 8.37 -9.35
C VAL A 51 4.05 7.68 -7.99
N LEU A 52 3.00 7.72 -7.22
CA LEU A 52 3.06 7.07 -5.88
C LEU A 52 3.33 5.57 -6.07
N ASP A 53 4.57 5.18 -5.93
CA ASP A 53 4.94 3.74 -6.12
C ASP A 53 4.42 2.89 -4.94
N LEU A 54 3.52 1.98 -5.21
CA LEU A 54 3.02 1.09 -4.13
C LEU A 54 4.18 0.30 -3.54
N TYR A 55 5.09 -0.12 -4.37
CA TYR A 55 6.25 -0.93 -3.88
C TYR A 55 6.93 -0.20 -2.73
N GLU A 56 7.09 1.09 -2.82
CA GLU A 56 7.77 1.84 -1.74
C GLU A 56 7.01 1.67 -0.42
N LEU A 57 5.71 1.78 -0.44
CA LEU A 57 4.96 1.62 0.84
C LEU A 57 5.24 0.23 1.42
N TYR A 58 5.10 -0.79 0.63
CA TYR A 58 5.34 -2.16 1.16
C TYR A 58 6.78 -2.29 1.67
N ASN A 59 7.76 -1.88 0.92
CA ASN A 59 9.16 -2.03 1.38
C ASN A 59 9.33 -1.29 2.72
N LEU A 60 8.77 -0.12 2.85
CA LEU A 60 8.90 0.64 4.13
C LEU A 60 8.20 -0.12 5.27
N VAL A 61 7.05 -0.69 4.99
CA VAL A 61 6.32 -1.42 6.07
C VAL A 61 7.17 -2.58 6.59
N ILE A 62 7.69 -3.40 5.72
CA ILE A 62 8.52 -4.54 6.19
C ILE A 62 9.79 -3.98 6.84
N ALA A 63 10.35 -2.96 6.28
CA ALA A 63 11.58 -2.35 6.86
C ALA A 63 11.33 -1.94 8.31
N ARG A 64 10.10 -1.90 8.73
CA ARG A 64 9.79 -1.49 10.14
C ARG A 64 9.71 -2.74 11.03
N GLY A 65 9.16 -3.81 10.53
CA GLY A 65 9.07 -5.07 11.35
C GLY A 65 7.73 -5.76 11.13
N GLY A 66 6.88 -5.22 10.28
CA GLY A 66 5.55 -5.86 10.02
C GLY A 66 4.44 -4.82 10.15
N LEU A 67 3.41 -4.93 9.36
CA LEU A 67 2.30 -3.94 9.45
C LEU A 67 1.70 -3.97 10.86
N VAL A 68 1.48 -5.14 11.41
CA VAL A 68 0.90 -5.20 12.78
C VAL A 68 1.82 -4.47 13.75
N ASP A 69 3.10 -4.64 13.61
CA ASP A 69 4.04 -3.93 14.52
C ASP A 69 3.85 -2.43 14.33
N VAL A 70 3.68 -2.01 13.11
CA VAL A 70 3.49 -0.54 12.84
C VAL A 70 2.16 -0.08 13.47
N ILE A 71 1.11 -0.83 13.32
CA ILE A 71 -0.20 -0.40 13.90
C ILE A 71 -0.14 -0.35 15.43
N ASN A 72 0.25 -1.42 16.05
CA ASN A 72 0.30 -1.44 17.54
C ASN A 72 1.28 -0.37 18.03
N LYS A 73 2.40 -0.20 17.39
CA LYS A 73 3.37 0.83 17.83
C LYS A 73 2.99 2.18 17.22
N LYS A 74 2.03 2.19 16.32
CA LYS A 74 1.60 3.47 15.69
C LYS A 74 2.81 4.17 15.05
N LEU A 75 3.57 3.46 14.27
CA LEU A 75 4.77 4.08 13.60
C LEU A 75 4.34 4.65 12.25
N TRP A 76 3.09 4.94 12.08
CA TRP A 76 2.61 5.51 10.78
C TRP A 76 3.35 6.83 10.51
N GLN A 77 3.82 7.48 11.52
CA GLN A 77 4.53 8.77 11.32
C GLN A 77 5.75 8.55 10.43
N GLU A 78 6.45 7.47 10.62
CA GLU A 78 7.65 7.19 9.79
C GLU A 78 7.25 7.08 8.31
N ILE A 79 6.20 6.35 8.01
CA ILE A 79 5.80 6.22 6.58
C ILE A 79 5.24 7.56 6.10
N ILE A 80 4.47 8.22 6.91
CA ILE A 80 3.91 9.55 6.50
C ILE A 80 5.08 10.50 6.23
N LYS A 81 6.12 10.41 7.00
CA LYS A 81 7.28 11.32 6.79
C LYS A 81 7.84 11.08 5.38
N GLY A 82 7.97 9.85 4.97
CA GLY A 82 8.50 9.58 3.60
C GLY A 82 7.50 10.12 2.58
N LEU A 83 6.23 9.89 2.81
CA LEU A 83 5.17 10.39 1.89
C LEU A 83 4.84 11.83 2.29
N HIS A 84 5.82 12.69 2.32
CA HIS A 84 5.60 14.11 2.74
C HIS A 84 4.23 14.64 2.27
N LEU A 85 3.39 14.98 3.21
CA LEU A 85 2.04 15.51 2.88
C LEU A 85 2.17 16.98 2.42
N PRO A 86 1.22 17.49 1.68
CA PRO A 86 1.30 18.90 1.22
C PRO A 86 1.41 19.86 2.41
N SER A 87 0.34 20.03 3.14
CA SER A 87 0.34 20.93 4.32
C SER A 87 -1.05 20.93 4.95
N SER A 88 -1.85 19.92 4.68
CA SER A 88 -3.23 19.85 5.27
C SER A 88 -3.34 18.56 6.06
N ILE A 89 -2.44 17.65 5.79
CA ILE A 89 -2.43 16.34 6.50
C ILE A 89 -3.86 15.82 6.68
N THR A 90 -4.57 15.61 5.61
CA THR A 90 -5.95 15.08 5.73
C THR A 90 -5.86 13.72 6.42
N SER A 91 -6.74 12.82 6.11
CA SER A 91 -6.67 11.48 6.74
C SER A 91 -5.40 10.79 6.22
N ALA A 92 -4.27 11.43 6.31
CA ALA A 92 -3.02 10.82 5.80
C ALA A 92 -2.81 9.44 6.44
N ALA A 93 -2.69 9.38 7.74
CA ALA A 93 -2.50 8.06 8.41
C ALA A 93 -3.68 7.14 8.12
N PHE A 94 -4.87 7.63 8.35
CA PHE A 94 -6.10 6.80 8.11
C PHE A 94 -6.19 6.38 6.63
N THR A 95 -5.93 7.27 5.73
CA THR A 95 -6.03 6.92 4.28
C THR A 95 -5.03 5.82 3.92
N LEU A 96 -3.85 5.87 4.45
CA LEU A 96 -2.84 4.83 4.10
C LEU A 96 -3.26 3.45 4.61
N ARG A 97 -3.59 3.33 5.87
CA ARG A 97 -3.98 2.00 6.43
C ARG A 97 -5.23 1.42 5.74
N THR A 98 -6.22 2.22 5.43
CA THR A 98 -7.45 1.65 4.81
C THR A 98 -7.16 1.08 3.42
N GLN A 99 -6.50 1.82 2.56
CA GLN A 99 -6.22 1.28 1.20
C GLN A 99 -5.34 0.04 1.33
N TYR A 100 -4.37 0.08 2.20
CA TYR A 100 -3.50 -1.11 2.38
C TYR A 100 -4.36 -2.28 2.83
N MET A 101 -5.20 -2.04 3.80
CA MET A 101 -6.08 -3.12 4.33
C MET A 101 -7.00 -3.66 3.23
N LYS A 102 -7.48 -2.80 2.36
CA LYS A 102 -8.44 -3.27 1.33
C LYS A 102 -7.84 -4.36 0.42
N TYR A 103 -6.58 -4.26 0.03
CA TYR A 103 -6.01 -5.32 -0.89
C TYR A 103 -4.59 -5.74 -0.53
N LEU A 104 -3.95 -5.11 0.43
CA LEU A 104 -2.52 -5.51 0.76
C LEU A 104 -2.42 -6.28 2.08
N TYR A 105 -3.45 -6.34 2.89
CA TYR A 105 -3.30 -7.12 4.15
C TYR A 105 -3.27 -8.63 3.85
N PRO A 106 -4.02 -9.12 2.89
CA PRO A 106 -3.98 -10.57 2.59
C PRO A 106 -2.68 -10.92 1.87
N TYR A 107 -2.24 -10.04 1.03
CA TYR A 107 -0.99 -10.28 0.27
C TYR A 107 0.20 -10.32 1.23
N GLU A 108 0.31 -9.35 2.11
CA GLU A 108 1.44 -9.36 3.08
C GLU A 108 1.39 -10.65 3.89
N CYS A 109 0.25 -10.98 4.42
CA CYS A 109 0.10 -12.22 5.22
C CYS A 109 0.46 -13.43 4.35
N GLU A 110 0.05 -13.42 3.11
CA GLU A 110 0.34 -14.58 2.23
C GLU A 110 1.85 -14.70 2.00
N LYS A 111 2.51 -13.60 1.75
CA LYS A 111 3.98 -13.67 1.48
C LYS A 111 4.78 -14.03 2.75
N LYS A 112 4.42 -13.50 3.89
CA LYS A 112 5.19 -13.79 5.14
C LYS A 112 4.30 -14.34 6.27
N ASN A 113 3.01 -14.13 6.18
CA ASN A 113 2.13 -14.63 7.29
C ASN A 113 2.70 -14.10 8.61
N LEU A 114 2.87 -12.80 8.71
CA LEU A 114 3.45 -12.20 9.94
C LEU A 114 2.57 -12.54 11.15
N SER A 115 1.28 -12.50 10.98
CA SER A 115 0.39 -12.78 12.13
C SER A 115 -0.99 -13.21 11.61
N THR A 116 -1.99 -13.30 12.47
CA THR A 116 -3.35 -13.73 12.01
C THR A 116 -4.34 -12.58 12.19
N PRO A 117 -5.38 -12.49 11.39
CA PRO A 117 -6.36 -11.39 11.57
C PRO A 117 -6.88 -11.34 13.01
N ALA A 118 -6.72 -12.43 13.73
CA ALA A 118 -7.21 -12.47 15.14
C ALA A 118 -6.35 -11.55 16.01
N GLU A 119 -5.07 -11.81 16.07
CA GLU A 119 -4.18 -10.97 16.90
C GLU A 119 -4.16 -9.55 16.33
N LEU A 120 -4.43 -9.41 15.07
CA LEU A 120 -4.44 -8.05 14.46
C LEU A 120 -5.50 -7.22 15.19
N GLN A 121 -6.63 -7.81 15.45
CA GLN A 121 -7.69 -7.06 16.17
C GLN A 121 -7.13 -6.63 17.52
N ALA A 122 -6.36 -7.48 18.15
CA ALA A 122 -5.76 -7.10 19.45
C ALA A 122 -4.90 -5.86 19.23
N ALA A 123 -4.18 -5.81 18.13
CA ALA A 123 -3.33 -4.62 17.84
C ALA A 123 -4.24 -3.43 17.54
N ILE A 124 -5.27 -3.65 16.77
CA ILE A 124 -6.20 -2.53 16.42
C ILE A 124 -7.00 -2.13 17.66
N ASP A 125 -7.41 -3.06 18.45
CA ASP A 125 -8.22 -2.73 19.66
C ASP A 125 -7.40 -1.82 20.60
N GLY A 126 -6.13 -2.10 20.75
CA GLY A 126 -5.29 -1.25 21.63
C GLY A 126 -5.29 0.20 21.13
N ASN A 127 -5.23 0.38 19.84
CA ASN A 127 -5.22 1.76 19.28
C ASN A 127 -6.49 2.49 19.71
N ARG A 128 -7.61 1.80 19.74
CA ARG A 128 -8.88 2.44 20.15
C ARG A 128 -8.97 2.47 21.67
N GLY A 1 -16.27 11.90 -14.34
CA GLY A 1 -15.13 12.03 -15.28
C GLY A 1 -14.02 11.07 -14.88
N TRP A 2 -14.16 10.41 -13.76
CA TRP A 2 -13.12 9.44 -13.31
C TRP A 2 -13.51 8.04 -13.76
N SER A 3 -12.73 7.43 -14.62
CA SER A 3 -13.03 6.06 -15.11
C SER A 3 -12.04 5.08 -14.49
N PHE A 4 -12.46 3.89 -14.20
CA PHE A 4 -11.52 2.91 -13.60
C PHE A 4 -10.40 2.62 -14.59
N GLU A 5 -10.70 2.70 -15.86
CA GLU A 5 -9.65 2.44 -16.88
C GLU A 5 -8.54 3.49 -16.72
N GLU A 6 -8.90 4.69 -16.37
CA GLU A 6 -7.86 5.75 -16.19
C GLU A 6 -6.90 5.31 -15.09
N GLN A 7 -7.43 4.73 -14.06
CA GLN A 7 -6.57 4.22 -12.96
C GLN A 7 -5.61 3.17 -13.55
N PHE A 8 -6.01 2.59 -14.65
CA PHE A 8 -5.19 1.54 -15.32
C PHE A 8 -3.90 2.13 -15.91
N LYS A 9 -4.01 3.12 -16.76
CA LYS A 9 -2.80 3.69 -17.41
C LYS A 9 -1.81 4.23 -16.37
N GLN A 10 -2.27 4.86 -15.31
CA GLN A 10 -1.27 5.36 -14.32
C GLN A 10 -0.48 4.16 -13.79
N VAL A 11 -1.10 3.03 -13.64
CA VAL A 11 -0.32 1.85 -13.17
C VAL A 11 0.79 1.59 -14.19
N ARG A 12 0.55 1.87 -15.44
CA ARG A 12 1.61 1.64 -16.46
C ARG A 12 2.85 2.44 -16.10
N GLN A 13 2.73 3.68 -15.70
CA GLN A 13 3.95 4.44 -15.36
C GLN A 13 4.66 3.80 -14.15
N LEU A 14 3.94 3.06 -13.32
CA LEU A 14 4.65 2.41 -12.16
C LEU A 14 5.64 1.39 -12.71
N TYR A 15 5.21 0.57 -13.65
CA TYR A 15 6.12 -0.44 -14.25
C TYR A 15 7.30 0.29 -14.90
N GLU A 16 7.02 1.39 -15.54
CA GLU A 16 8.12 2.15 -16.24
C GLU A 16 9.11 2.76 -15.25
N ILE A 17 8.87 2.65 -13.97
CA ILE A 17 9.85 3.24 -12.99
C ILE A 17 11.25 2.68 -13.29
N ASN A 18 11.35 1.44 -13.62
CA ASN A 18 12.69 0.85 -13.93
C ASN A 18 12.50 -0.54 -14.53
N ASP A 19 13.57 -1.13 -14.99
CA ASP A 19 13.47 -2.49 -15.60
C ASP A 19 13.73 -3.54 -14.52
N ASP A 20 13.65 -3.15 -13.27
CA ASP A 20 13.89 -4.12 -12.17
C ASP A 20 12.95 -5.33 -12.35
N PRO A 21 13.43 -6.53 -12.63
CA PRO A 21 12.51 -7.69 -12.80
C PRO A 21 11.72 -7.97 -11.52
N LYS A 22 12.33 -7.78 -10.38
CA LYS A 22 11.61 -8.06 -9.10
C LYS A 22 10.36 -7.20 -9.00
N ARG A 23 10.46 -5.92 -9.25
CA ARG A 23 9.26 -5.05 -9.18
C ARG A 23 8.23 -5.55 -10.19
N LYS A 24 8.65 -5.83 -11.39
CA LYS A 24 7.70 -6.32 -12.42
C LYS A 24 7.07 -7.62 -11.93
N GLU A 25 7.86 -8.52 -11.43
CA GLU A 25 7.30 -9.80 -10.92
C GLU A 25 6.33 -9.51 -9.77
N PHE A 26 6.67 -8.58 -8.93
CA PHE A 26 5.78 -8.27 -7.78
C PHE A 26 4.44 -7.68 -8.24
N LEU A 27 4.45 -6.66 -9.07
CA LEU A 27 3.16 -6.04 -9.49
C LEU A 27 2.25 -7.06 -10.18
N ASP A 28 2.73 -7.75 -11.19
CA ASP A 28 1.84 -8.73 -11.87
C ASP A 28 1.39 -9.76 -10.84
N ASP A 29 2.24 -10.10 -9.90
CA ASP A 29 1.84 -11.10 -8.87
C ASP A 29 0.78 -10.47 -7.95
N LEU A 30 1.04 -9.31 -7.40
CA LEU A 30 0.03 -8.66 -6.52
C LEU A 30 -1.24 -8.40 -7.32
N PHE A 31 -1.14 -7.80 -8.48
CA PHE A 31 -2.37 -7.52 -9.26
C PHE A 31 -3.10 -8.84 -9.55
N SER A 32 -2.39 -9.87 -9.89
CA SER A 32 -3.08 -11.16 -10.18
C SER A 32 -3.85 -11.63 -8.95
N PHE A 33 -3.26 -11.55 -7.79
CA PHE A 33 -3.98 -12.01 -6.57
C PHE A 33 -5.27 -11.21 -6.36
N MET A 34 -5.18 -9.92 -6.18
CA MET A 34 -6.41 -9.10 -5.94
C MET A 34 -7.25 -8.99 -7.23
N GLN A 35 -6.64 -9.17 -8.37
CA GLN A 35 -7.39 -9.05 -9.66
C GLN A 35 -8.71 -9.84 -9.60
N LYS A 36 -8.91 -10.61 -8.56
CA LYS A 36 -10.18 -11.40 -8.48
C LYS A 36 -11.35 -10.48 -8.80
N ARG A 37 -11.32 -9.26 -8.32
CA ARG A 37 -12.42 -8.32 -8.65
C ARG A 37 -12.34 -7.99 -10.14
N GLY A 38 -11.13 -7.83 -10.66
CA GLY A 38 -10.95 -7.54 -12.12
C GLY A 38 -10.32 -6.16 -12.34
N THR A 39 -10.29 -5.32 -11.33
CA THR A 39 -9.69 -3.94 -11.50
C THR A 39 -8.40 -3.82 -10.67
N PRO A 40 -7.51 -2.90 -11.02
CA PRO A 40 -6.25 -2.71 -10.25
C PRO A 40 -6.54 -2.49 -8.76
N ILE A 41 -5.58 -2.02 -8.02
CA ILE A 41 -5.79 -1.78 -6.56
C ILE A 41 -6.93 -0.77 -6.39
N ASN A 42 -6.88 0.07 -5.40
CA ASN A 42 -7.97 1.08 -5.22
C ASN A 42 -7.64 2.35 -6.00
N ARG A 43 -6.82 3.20 -5.46
CA ARG A 43 -6.46 4.45 -6.19
C ARG A 43 -4.98 4.80 -5.95
N LEU A 44 -4.35 5.35 -6.95
CA LEU A 44 -2.90 5.73 -6.84
C LEU A 44 -2.77 7.21 -7.25
N PRO A 45 -2.73 8.14 -6.32
CA PRO A 45 -2.63 9.58 -6.71
C PRO A 45 -1.33 9.89 -7.46
N ILE A 46 -1.33 10.94 -8.24
CA ILE A 46 -0.12 11.34 -9.01
C ILE A 46 0.49 12.57 -8.36
N MET A 47 1.75 12.52 -8.08
CA MET A 47 2.43 13.69 -7.46
C MET A 47 2.97 14.60 -8.55
N ALA A 48 2.22 15.59 -8.92
CA ALA A 48 2.67 16.54 -9.98
C ALA A 48 3.30 15.77 -11.15
N LYS A 49 4.59 15.54 -11.10
CA LYS A 49 5.29 14.80 -12.19
C LYS A 49 5.62 13.39 -11.71
N SER A 50 5.72 13.21 -10.43
CA SER A 50 6.05 11.86 -9.87
C SER A 50 4.75 11.16 -9.50
N VAL A 51 4.81 9.87 -9.26
CA VAL A 51 3.58 9.10 -8.89
C VAL A 51 3.87 8.24 -7.67
N LEU A 52 2.94 8.16 -6.75
CA LEU A 52 3.18 7.35 -5.52
C LEU A 52 3.24 5.86 -5.87
N ASP A 53 4.42 5.30 -5.88
CA ASP A 53 4.56 3.84 -6.21
C ASP A 53 4.03 3.00 -5.03
N LEU A 54 3.01 2.21 -5.26
CA LEU A 54 2.46 1.38 -4.17
C LEU A 54 3.56 0.44 -3.63
N TYR A 55 4.47 0.07 -4.48
CA TYR A 55 5.57 -0.84 -4.03
C TYR A 55 6.36 -0.17 -2.91
N GLU A 56 6.59 1.11 -3.02
CA GLU A 56 7.40 1.81 -1.98
C GLU A 56 6.71 1.71 -0.61
N LEU A 57 5.41 1.83 -0.57
CA LEU A 57 4.72 1.74 0.75
C LEU A 57 5.01 0.36 1.35
N TYR A 58 4.85 -0.67 0.56
CA TYR A 58 5.07 -2.05 1.07
C TYR A 58 6.52 -2.24 1.57
N ASN A 59 7.51 -1.77 0.84
CA ASN A 59 8.92 -1.97 1.28
C ASN A 59 9.14 -1.33 2.66
N LEU A 60 8.59 -0.17 2.89
CA LEU A 60 8.79 0.50 4.21
C LEU A 60 8.12 -0.32 5.31
N VAL A 61 6.97 -0.86 5.05
CA VAL A 61 6.26 -1.65 6.10
C VAL A 61 7.08 -2.89 6.51
N ILE A 62 7.51 -3.68 5.56
CA ILE A 62 8.29 -4.89 5.92
C ILE A 62 9.66 -4.48 6.47
N ALA A 63 10.27 -3.48 5.90
CA ALA A 63 11.61 -3.04 6.39
C ALA A 63 11.51 -2.71 7.88
N ARG A 64 10.33 -2.46 8.40
CA ARG A 64 10.18 -2.12 9.84
C ARG A 64 9.78 -3.37 10.63
N GLY A 65 9.03 -4.27 10.06
CA GLY A 65 8.64 -5.51 10.80
C GLY A 65 7.28 -6.04 10.33
N GLY A 66 6.51 -5.24 9.64
CA GLY A 66 5.16 -5.71 9.14
C GLY A 66 4.11 -4.63 9.35
N LEU A 67 3.02 -4.70 8.62
CA LEU A 67 1.96 -3.67 8.76
C LEU A 67 1.43 -3.67 10.20
N VAL A 68 1.07 -4.82 10.71
CA VAL A 68 0.56 -4.85 12.11
C VAL A 68 1.65 -4.35 13.05
N ASP A 69 2.88 -4.69 12.79
CA ASP A 69 3.98 -4.19 13.66
C ASP A 69 3.96 -2.66 13.62
N VAL A 70 3.73 -2.09 12.47
CA VAL A 70 3.69 -0.61 12.38
C VAL A 70 2.43 -0.07 13.09
N ILE A 71 1.30 -0.72 12.90
CA ILE A 71 0.04 -0.23 13.55
C ILE A 71 0.11 -0.39 15.07
N ASN A 72 0.41 -1.56 15.56
CA ASN A 72 0.45 -1.76 17.04
C ASN A 72 1.52 -0.85 17.66
N LYS A 73 2.64 -0.68 17.00
CA LYS A 73 3.71 0.20 17.56
C LYS A 73 3.51 1.64 17.07
N LYS A 74 2.40 1.90 16.44
CA LYS A 74 2.11 3.28 15.91
C LYS A 74 3.38 3.92 15.32
N LEU A 75 4.01 3.25 14.39
CA LEU A 75 5.25 3.81 13.76
C LEU A 75 4.87 4.48 12.43
N TRP A 76 3.62 4.80 12.26
CA TRP A 76 3.17 5.44 10.99
C TRP A 76 3.95 6.74 10.75
N GLN A 77 4.55 7.29 11.75
CA GLN A 77 5.30 8.57 11.55
C GLN A 77 6.40 8.36 10.50
N GLU A 78 7.11 7.28 10.58
CA GLU A 78 8.20 7.03 9.59
C GLU A 78 7.59 6.99 8.18
N ILE A 79 6.48 6.32 8.01
CA ILE A 79 5.87 6.23 6.66
C ILE A 79 5.30 7.59 6.26
N ILE A 80 4.62 8.25 7.16
CA ILE A 80 4.04 9.58 6.81
C ILE A 80 5.17 10.59 6.53
N LYS A 81 6.22 10.55 7.30
CA LYS A 81 7.34 11.51 7.04
C LYS A 81 7.88 11.29 5.63
N GLY A 82 8.06 10.05 5.23
CA GLY A 82 8.55 9.79 3.86
C GLY A 82 7.55 10.37 2.87
N LEU A 83 6.29 10.22 3.17
CA LEU A 83 5.21 10.77 2.28
C LEU A 83 4.73 12.09 2.88
N HIS A 84 5.63 13.01 3.07
CA HIS A 84 5.27 14.33 3.68
C HIS A 84 3.92 14.82 3.14
N LEU A 85 3.21 15.57 3.95
CA LEU A 85 1.87 16.09 3.53
C LEU A 85 2.07 17.22 2.49
N PRO A 86 1.38 17.21 1.37
CA PRO A 86 1.55 18.31 0.38
C PRO A 86 1.19 19.67 1.02
N SER A 87 -0.06 19.88 1.32
CA SER A 87 -0.48 21.17 1.95
C SER A 87 -2.02 21.21 2.06
N SER A 88 -2.69 20.09 2.00
CA SER A 88 -4.18 20.11 2.11
C SER A 88 -4.68 18.76 2.65
N ILE A 89 -3.79 17.90 3.08
CA ILE A 89 -4.21 16.57 3.64
C ILE A 89 -3.73 16.45 5.08
N THR A 90 -4.65 16.22 5.98
CA THR A 90 -4.27 16.08 7.43
C THR A 90 -4.81 14.74 7.95
N SER A 91 -4.91 13.76 7.08
CA SER A 91 -5.43 12.43 7.52
C SER A 91 -4.72 11.33 6.72
N ALA A 92 -3.50 11.57 6.33
CA ALA A 92 -2.75 10.54 5.55
C ALA A 92 -2.62 9.25 6.36
N ALA A 93 -2.39 9.36 7.64
CA ALA A 93 -2.23 8.13 8.47
C ALA A 93 -3.47 7.24 8.30
N PHE A 94 -4.63 7.78 8.57
CA PHE A 94 -5.88 6.97 8.41
C PHE A 94 -6.07 6.54 6.96
N THR A 95 -5.81 7.40 6.02
CA THR A 95 -6.01 7.03 4.59
C THR A 95 -5.02 5.91 4.20
N LEU A 96 -3.81 5.98 4.66
CA LEU A 96 -2.81 4.94 4.28
C LEU A 96 -3.24 3.56 4.79
N ARG A 97 -3.55 3.45 6.05
CA ARG A 97 -3.94 2.12 6.61
C ARG A 97 -5.20 1.54 5.94
N THR A 98 -6.19 2.33 5.64
CA THR A 98 -7.43 1.75 5.03
C THR A 98 -7.14 1.21 3.61
N GLN A 99 -6.49 1.98 2.77
CA GLN A 99 -6.20 1.48 1.39
C GLN A 99 -5.37 0.21 1.45
N TYR A 100 -4.38 0.19 2.29
CA TYR A 100 -3.52 -1.01 2.41
C TYR A 100 -4.39 -2.21 2.81
N MET A 101 -5.19 -2.03 3.82
CA MET A 101 -6.08 -3.15 4.28
C MET A 101 -7.06 -3.50 3.16
N LYS A 102 -7.36 -2.57 2.30
CA LYS A 102 -8.34 -2.85 1.21
C LYS A 102 -7.85 -4.02 0.33
N TYR A 103 -6.58 -4.06 -0.05
CA TYR A 103 -6.11 -5.20 -0.92
C TYR A 103 -4.67 -5.62 -0.59
N LEU A 104 -4.03 -5.02 0.38
CA LEU A 104 -2.60 -5.41 0.68
C LEU A 104 -2.50 -6.17 2.02
N TYR A 105 -3.56 -6.27 2.78
CA TYR A 105 -3.46 -7.02 4.07
C TYR A 105 -3.56 -8.54 3.78
N PRO A 106 -4.38 -8.98 2.83
CA PRO A 106 -4.46 -10.43 2.54
C PRO A 106 -3.20 -10.91 1.79
N TYR A 107 -2.79 -10.14 0.81
CA TYR A 107 -1.58 -10.50 0.02
C TYR A 107 -0.36 -10.56 0.95
N GLU A 108 -0.17 -9.54 1.74
CA GLU A 108 0.99 -9.53 2.68
C GLU A 108 0.92 -10.78 3.57
N CYS A 109 -0.24 -11.01 4.15
CA CYS A 109 -0.40 -12.19 5.05
C CYS A 109 -0.25 -13.51 4.29
N GLU A 110 -0.77 -13.60 3.11
CA GLU A 110 -0.66 -14.90 2.36
C GLU A 110 0.81 -15.21 2.04
N LYS A 111 1.53 -14.25 1.54
CA LYS A 111 2.95 -14.51 1.18
C LYS A 111 3.83 -14.69 2.43
N LYS A 112 3.61 -13.91 3.48
CA LYS A 112 4.48 -14.03 4.70
C LYS A 112 3.67 -14.36 5.97
N ASN A 113 2.38 -14.12 5.97
CA ASN A 113 1.58 -14.43 7.20
C ASN A 113 2.18 -13.71 8.40
N LEU A 114 2.41 -12.43 8.28
CA LEU A 114 3.01 -11.65 9.41
C LEU A 114 2.10 -11.71 10.63
N SER A 115 0.82 -11.60 10.43
CA SER A 115 -0.14 -11.60 11.58
C SER A 115 -1.43 -12.32 11.18
N THR A 116 -2.39 -12.36 12.09
CA THR A 116 -3.70 -13.03 11.79
C THR A 116 -4.82 -12.05 12.18
N PRO A 117 -5.96 -12.11 11.54
CA PRO A 117 -7.06 -11.16 11.89
C PRO A 117 -7.30 -11.10 13.40
N ALA A 118 -6.90 -12.12 14.12
CA ALA A 118 -7.10 -12.13 15.60
C ALA A 118 -6.18 -11.10 16.26
N GLU A 119 -4.89 -11.23 16.07
CA GLU A 119 -3.95 -10.27 16.68
C GLU A 119 -4.12 -8.91 16.02
N LEU A 120 -4.65 -8.88 14.82
CA LEU A 120 -4.86 -7.57 14.16
C LEU A 120 -5.81 -6.75 15.03
N GLN A 121 -6.84 -7.36 15.54
CA GLN A 121 -7.78 -6.62 16.42
C GLN A 121 -7.00 -6.09 17.62
N ALA A 122 -6.11 -6.90 18.15
CA ALA A 122 -5.30 -6.44 19.31
C ALA A 122 -4.52 -5.20 18.86
N ALA A 123 -4.03 -5.21 17.64
CA ALA A 123 -3.27 -4.05 17.13
C ALA A 123 -4.23 -2.87 16.95
N ILE A 124 -5.43 -3.14 16.48
CA ILE A 124 -6.39 -2.02 16.29
C ILE A 124 -6.83 -1.48 17.65
N ASP A 125 -7.08 -2.36 18.59
CA ASP A 125 -7.50 -1.88 19.94
C ASP A 125 -6.26 -1.32 20.66
N GLY A 126 -5.15 -1.98 20.50
CA GLY A 126 -3.89 -1.53 21.16
C GLY A 126 -3.49 -0.12 20.69
N ASN A 127 -3.88 0.25 19.50
CA ASN A 127 -3.49 1.61 19.01
C ASN A 127 -4.03 2.69 19.95
N ARG A 128 -5.04 2.36 20.71
CA ARG A 128 -5.62 3.36 21.64
C ARG A 128 -4.49 3.98 22.47
N GLY A 1 -15.09 13.38 -12.72
CA GLY A 1 -13.70 13.89 -12.57
C GLY A 1 -12.74 12.71 -12.36
N TRP A 2 -13.26 11.58 -11.96
CA TRP A 2 -12.40 10.37 -11.74
C TRP A 2 -13.13 9.14 -12.30
N SER A 3 -12.41 8.28 -12.99
CA SER A 3 -13.05 7.06 -13.58
C SER A 3 -12.12 5.85 -13.40
N PHE A 4 -12.68 4.67 -13.49
CA PHE A 4 -11.86 3.43 -13.31
C PHE A 4 -10.78 3.33 -14.39
N GLU A 5 -11.12 3.60 -15.62
CA GLU A 5 -10.09 3.49 -16.69
C GLU A 5 -8.93 4.44 -16.39
N GLU A 6 -9.22 5.58 -15.82
CA GLU A 6 -8.13 6.54 -15.52
C GLU A 6 -7.14 5.90 -14.55
N GLN A 7 -7.62 5.19 -13.56
CA GLN A 7 -6.68 4.52 -12.61
C GLN A 7 -5.95 3.40 -13.36
N PHE A 8 -6.65 2.70 -14.22
CA PHE A 8 -6.03 1.56 -14.95
C PHE A 8 -4.85 2.04 -15.81
N LYS A 9 -5.01 3.06 -16.60
CA LYS A 9 -3.86 3.54 -17.43
C LYS A 9 -2.72 3.98 -16.52
N GLN A 10 -3.03 4.53 -15.37
CA GLN A 10 -1.95 4.96 -14.45
C GLN A 10 -1.12 3.74 -14.10
N VAL A 11 -1.75 2.62 -13.87
CA VAL A 11 -0.95 1.40 -13.53
C VAL A 11 0.09 1.16 -14.63
N ARG A 12 -0.25 1.45 -15.87
CA ARG A 12 0.74 1.23 -16.94
C ARG A 12 1.99 2.07 -16.67
N GLN A 13 1.82 3.28 -16.19
CA GLN A 13 3.02 4.13 -15.92
C GLN A 13 3.88 3.48 -14.81
N LEU A 14 3.28 2.73 -13.90
CA LEU A 14 4.11 2.10 -12.84
C LEU A 14 5.08 1.10 -13.49
N TYR A 15 4.58 0.24 -14.33
CA TYR A 15 5.47 -0.75 -15.00
C TYR A 15 6.53 0.00 -15.82
N GLU A 16 6.14 1.05 -16.47
CA GLU A 16 7.11 1.82 -17.32
C GLU A 16 8.18 2.50 -16.45
N ILE A 17 8.06 2.43 -15.15
CA ILE A 17 9.09 3.10 -14.29
C ILE A 17 10.48 2.56 -14.66
N ASN A 18 10.61 1.29 -14.90
CA ASN A 18 11.93 0.74 -15.28
C ASN A 18 11.77 -0.71 -15.72
N ASP A 19 12.81 -1.30 -16.24
CA ASP A 19 12.75 -2.71 -16.70
C ASP A 19 13.27 -3.62 -15.60
N ASP A 20 13.26 -3.17 -14.37
CA ASP A 20 13.78 -4.02 -13.27
C ASP A 20 12.92 -5.32 -13.17
N PRO A 21 13.51 -6.51 -13.24
CA PRO A 21 12.70 -7.76 -13.13
C PRO A 21 11.97 -7.89 -11.78
N LYS A 22 12.62 -7.54 -10.70
CA LYS A 22 11.97 -7.67 -9.37
C LYS A 22 10.70 -6.84 -9.31
N ARG A 23 10.75 -5.60 -9.69
CA ARG A 23 9.53 -4.76 -9.64
C ARG A 23 8.49 -5.29 -10.64
N LYS A 24 8.91 -5.62 -11.84
CA LYS A 24 7.95 -6.15 -12.85
C LYS A 24 7.29 -7.42 -12.35
N GLU A 25 8.06 -8.36 -11.89
CA GLU A 25 7.48 -9.65 -11.40
C GLU A 25 6.56 -9.38 -10.19
N PHE A 26 7.00 -8.54 -9.29
CA PHE A 26 6.17 -8.26 -8.09
C PHE A 26 4.81 -7.66 -8.49
N LEU A 27 4.81 -6.65 -9.32
CA LEU A 27 3.50 -6.02 -9.70
C LEU A 27 2.61 -7.06 -10.37
N ASP A 28 3.15 -7.84 -11.27
CA ASP A 28 2.32 -8.86 -11.95
C ASP A 28 1.76 -9.84 -10.92
N ASP A 29 2.55 -10.20 -9.93
CA ASP A 29 2.05 -11.16 -8.91
C ASP A 29 1.04 -10.46 -7.99
N LEU A 30 1.38 -9.31 -7.45
CA LEU A 30 0.41 -8.61 -6.56
C LEU A 30 -0.87 -8.30 -7.33
N PHE A 31 -0.77 -7.72 -8.48
CA PHE A 31 -2.01 -7.40 -9.25
C PHE A 31 -2.77 -8.71 -9.51
N SER A 32 -2.07 -9.79 -9.76
CA SER A 32 -2.78 -11.08 -10.04
C SER A 32 -3.65 -11.51 -8.85
N PHE A 33 -3.15 -11.46 -7.64
CA PHE A 33 -3.99 -11.88 -6.48
C PHE A 33 -5.23 -10.99 -6.42
N MET A 34 -5.05 -9.71 -6.38
CA MET A 34 -6.23 -8.79 -6.34
C MET A 34 -6.97 -8.80 -7.68
N GLN A 35 -6.35 -9.28 -8.72
CA GLN A 35 -7.03 -9.30 -10.05
C GLN A 35 -8.37 -10.03 -9.92
N LYS A 36 -8.56 -10.77 -8.85
CA LYS A 36 -9.86 -11.47 -8.71
C LYS A 36 -10.98 -10.42 -8.80
N ARG A 37 -10.77 -9.28 -8.22
CA ARG A 37 -11.80 -8.21 -8.35
C ARG A 37 -11.77 -7.76 -9.80
N GLY A 38 -10.59 -7.68 -10.37
CA GLY A 38 -10.43 -7.32 -11.82
C GLY A 38 -9.84 -5.91 -11.99
N THR A 39 -9.83 -5.09 -10.96
CA THR A 39 -9.26 -3.70 -11.10
C THR A 39 -7.98 -3.56 -10.23
N PRO A 40 -7.07 -2.69 -10.60
CA PRO A 40 -5.82 -2.48 -9.79
C PRO A 40 -6.14 -2.12 -8.33
N ILE A 41 -5.26 -1.41 -7.68
CA ILE A 41 -5.49 -1.01 -6.27
C ILE A 41 -6.67 -0.03 -6.21
N ASN A 42 -6.77 0.78 -5.19
CA ASN A 42 -7.92 1.73 -5.10
C ASN A 42 -7.64 2.98 -5.93
N ARG A 43 -6.49 3.61 -5.75
CA ARG A 43 -6.18 4.84 -6.54
C ARG A 43 -4.68 4.94 -6.80
N LEU A 44 -4.30 5.68 -7.80
CA LEU A 44 -2.86 5.84 -8.14
C LEU A 44 -2.56 7.32 -8.42
N PRO A 45 -2.52 8.15 -7.39
CA PRO A 45 -2.24 9.60 -7.59
C PRO A 45 -0.86 9.84 -8.22
N ILE A 46 -0.63 11.03 -8.72
CA ILE A 46 0.68 11.35 -9.35
C ILE A 46 1.35 12.45 -8.54
N MET A 47 2.57 12.24 -8.15
CA MET A 47 3.30 13.28 -7.36
C MET A 47 4.06 14.17 -8.33
N ALA A 48 3.53 15.33 -8.63
CA ALA A 48 4.21 16.27 -9.57
C ALA A 48 4.80 15.49 -10.75
N LYS A 49 6.04 15.06 -10.64
CA LYS A 49 6.68 14.30 -11.75
C LYS A 49 6.80 12.82 -11.38
N SER A 50 6.78 12.50 -10.10
CA SER A 50 6.91 11.07 -9.67
C SER A 50 5.53 10.44 -9.47
N VAL A 51 5.45 9.13 -9.61
CA VAL A 51 4.15 8.42 -9.43
C VAL A 51 4.18 7.67 -8.09
N LEU A 52 3.09 7.66 -7.38
CA LEU A 52 3.07 6.95 -6.06
C LEU A 52 3.38 5.47 -6.28
N ASP A 53 4.61 5.08 -6.08
CA ASP A 53 5.00 3.65 -6.27
C ASP A 53 4.41 2.79 -5.13
N LEU A 54 3.56 1.86 -5.44
CA LEU A 54 2.99 0.98 -4.38
C LEU A 54 4.13 0.23 -3.69
N TYR A 55 5.17 -0.09 -4.43
CA TYR A 55 6.30 -0.87 -3.86
C TYR A 55 6.94 -0.11 -2.68
N GLU A 56 7.10 1.19 -2.80
CA GLU A 56 7.76 1.94 -1.68
C GLU A 56 6.96 1.78 -0.39
N LEU A 57 5.65 1.84 -0.45
CA LEU A 57 4.84 1.69 0.79
C LEU A 57 5.11 0.32 1.42
N TYR A 58 5.08 -0.72 0.64
CA TYR A 58 5.29 -2.10 1.21
C TYR A 58 6.66 -2.21 1.88
N ASN A 59 7.73 -1.81 1.23
CA ASN A 59 9.08 -1.96 1.87
C ASN A 59 9.14 -1.18 3.18
N LEU A 60 8.58 0.00 3.23
CA LEU A 60 8.62 0.78 4.50
C LEU A 60 7.92 -0.02 5.59
N VAL A 61 6.83 -0.65 5.26
CA VAL A 61 6.07 -1.44 6.28
C VAL A 61 6.91 -2.64 6.76
N ILE A 62 7.25 -3.55 5.87
CA ILE A 62 8.05 -4.74 6.30
C ILE A 62 9.40 -4.28 6.85
N ALA A 63 10.01 -3.31 6.23
CA ALA A 63 11.35 -2.82 6.71
C ALA A 63 11.26 -2.46 8.20
N ARG A 64 10.09 -2.22 8.71
CA ARG A 64 9.95 -1.84 10.16
C ARG A 64 9.60 -3.06 11.01
N GLY A 65 8.98 -4.07 10.44
CA GLY A 65 8.64 -5.28 11.26
C GLY A 65 7.30 -5.89 10.82
N GLY A 66 6.48 -5.15 10.11
CA GLY A 66 5.15 -5.71 9.68
C GLY A 66 4.06 -4.65 9.83
N LEU A 67 3.03 -4.73 9.05
CA LEU A 67 1.94 -3.72 9.18
C LEU A 67 1.34 -3.78 10.58
N VAL A 68 1.04 -4.95 11.06
CA VAL A 68 0.44 -5.06 12.42
C VAL A 68 1.42 -4.49 13.43
N ASP A 69 2.68 -4.74 13.27
CA ASP A 69 3.68 -4.20 14.23
C ASP A 69 3.65 -2.67 14.19
N VAL A 70 3.52 -2.10 13.02
CA VAL A 70 3.48 -0.62 12.92
C VAL A 70 2.21 -0.07 13.59
N ILE A 71 1.07 -0.63 13.32
CA ILE A 71 -0.18 -0.11 13.95
C ILE A 71 -0.10 -0.20 15.47
N ASN A 72 0.25 -1.34 16.00
CA ASN A 72 0.32 -1.48 17.48
C ASN A 72 1.35 -0.51 18.06
N LYS A 73 2.49 -0.38 17.44
CA LYS A 73 3.55 0.53 17.98
C LYS A 73 3.37 1.95 17.41
N LYS A 74 2.38 2.14 16.58
CA LYS A 74 2.12 3.49 15.99
C LYS A 74 3.33 4.04 15.24
N LEU A 75 3.96 3.26 14.39
CA LEU A 75 5.12 3.81 13.62
C LEU A 75 4.59 4.47 12.34
N TRP A 76 3.32 4.74 12.31
CA TRP A 76 2.73 5.39 11.10
C TRP A 76 3.41 6.74 10.89
N GLN A 77 3.85 7.36 11.95
CA GLN A 77 4.49 8.69 11.82
C GLN A 77 5.73 8.56 10.93
N GLU A 78 6.48 7.50 11.08
CA GLU A 78 7.67 7.34 10.20
C GLU A 78 7.21 7.31 8.74
N ILE A 79 6.12 6.66 8.45
CA ILE A 79 5.62 6.63 7.04
C ILE A 79 5.14 8.02 6.67
N ILE A 80 4.46 8.70 7.56
CA ILE A 80 3.96 10.06 7.25
C ILE A 80 5.17 10.98 6.97
N LYS A 81 6.20 10.89 7.76
CA LYS A 81 7.39 11.75 7.52
C LYS A 81 7.95 11.44 6.13
N GLY A 82 7.96 10.18 5.76
CA GLY A 82 8.46 9.81 4.42
C GLY A 82 7.44 10.22 3.37
N LEU A 83 6.27 10.60 3.81
CA LEU A 83 5.19 11.03 2.86
C LEU A 83 4.46 12.24 3.47
N HIS A 84 5.19 13.29 3.77
CA HIS A 84 4.56 14.50 4.39
C HIS A 84 3.22 14.81 3.72
N LEU A 85 2.29 15.34 4.48
CA LEU A 85 0.95 15.65 3.91
C LEU A 85 1.12 16.45 2.60
N PRO A 86 0.59 15.99 1.47
CA PRO A 86 0.74 16.77 0.21
C PRO A 86 0.07 18.16 0.32
N SER A 87 -1.23 18.18 0.34
CA SER A 87 -1.96 19.48 0.44
C SER A 87 -3.46 19.23 0.22
N SER A 88 -3.92 18.05 0.55
CA SER A 88 -5.36 17.73 0.37
C SER A 88 -5.71 16.48 1.18
N ILE A 89 -4.75 15.61 1.37
CA ILE A 89 -5.00 14.37 2.16
C ILE A 89 -4.49 14.55 3.58
N THR A 90 -5.38 14.61 4.52
CA THR A 90 -4.96 14.78 5.93
C THR A 90 -4.60 13.40 6.47
N SER A 91 -4.44 13.30 7.77
CA SER A 91 -4.07 12.00 8.45
C SER A 91 -3.84 10.86 7.45
N ALA A 92 -2.88 11.02 6.58
CA ALA A 92 -2.60 9.96 5.58
C ALA A 92 -2.52 8.61 6.27
N ALA A 93 -2.13 8.59 7.51
CA ALA A 93 -2.05 7.29 8.24
C ALA A 93 -3.39 6.58 8.09
N PHE A 94 -4.45 7.23 8.44
CA PHE A 94 -5.80 6.59 8.31
C PHE A 94 -6.06 6.23 6.84
N THR A 95 -5.77 7.13 5.94
CA THR A 95 -6.02 6.82 4.50
C THR A 95 -5.11 5.67 4.04
N LEU A 96 -3.88 5.67 4.47
CA LEU A 96 -2.94 4.59 4.04
C LEU A 96 -3.41 3.21 4.54
N ARG A 97 -3.68 3.09 5.82
CA ARG A 97 -4.10 1.76 6.36
C ARG A 97 -5.41 1.26 5.72
N THR A 98 -6.36 2.11 5.48
CA THR A 98 -7.63 1.63 4.89
C THR A 98 -7.40 1.14 3.45
N GLN A 99 -6.60 1.84 2.68
CA GLN A 99 -6.33 1.39 1.29
C GLN A 99 -5.48 0.12 1.32
N TYR A 100 -4.51 0.09 2.19
CA TYR A 100 -3.65 -1.12 2.30
C TYR A 100 -4.51 -2.32 2.66
N MET A 101 -5.33 -2.19 3.66
CA MET A 101 -6.19 -3.32 4.08
C MET A 101 -7.18 -3.69 2.97
N LYS A 102 -7.64 -2.75 2.22
CA LYS A 102 -8.62 -3.10 1.15
C LYS A 102 -8.02 -4.10 0.16
N TYR A 103 -6.75 -3.97 -0.21
CA TYR A 103 -6.15 -4.92 -1.21
C TYR A 103 -4.79 -5.51 -0.76
N LEU A 104 -4.14 -4.96 0.25
CA LEU A 104 -2.78 -5.48 0.64
C LEU A 104 -2.77 -6.28 1.95
N TYR A 105 -3.78 -6.22 2.78
CA TYR A 105 -3.69 -7.03 4.04
C TYR A 105 -3.73 -8.53 3.72
N PRO A 106 -4.52 -8.98 2.75
CA PRO A 106 -4.54 -10.43 2.43
C PRO A 106 -3.22 -10.85 1.77
N TYR A 107 -2.69 -10.00 0.94
CA TYR A 107 -1.40 -10.31 0.25
C TYR A 107 -0.28 -10.31 1.30
N GLU A 108 -0.28 -9.33 2.17
CA GLU A 108 0.77 -9.24 3.23
C GLU A 108 0.77 -10.54 4.06
N CYS A 109 -0.37 -10.92 4.58
CA CYS A 109 -0.43 -12.17 5.39
C CYS A 109 -0.02 -13.37 4.54
N GLU A 110 -0.43 -13.41 3.31
CA GLU A 110 -0.06 -14.54 2.44
C GLU A 110 1.45 -14.48 2.16
N LYS A 111 1.97 -13.30 1.96
CA LYS A 111 3.42 -13.16 1.68
C LYS A 111 4.26 -13.69 2.86
N LYS A 112 3.96 -13.27 4.08
CA LYS A 112 4.78 -13.75 5.25
C LYS A 112 3.88 -14.21 6.41
N ASN A 113 2.61 -13.95 6.37
CA ASN A 113 1.75 -14.38 7.51
C ASN A 113 2.31 -13.75 8.80
N LEU A 114 2.53 -12.46 8.78
CA LEU A 114 3.08 -11.78 9.97
C LEU A 114 2.14 -11.95 11.16
N SER A 115 0.87 -11.86 10.94
CA SER A 115 -0.11 -12.01 12.06
C SER A 115 -1.44 -12.54 11.51
N THR A 116 -2.33 -12.93 12.38
CA THR A 116 -3.66 -13.45 11.94
C THR A 116 -4.72 -12.40 12.29
N PRO A 117 -5.83 -12.33 11.57
CA PRO A 117 -6.86 -11.32 11.89
C PRO A 117 -7.19 -11.29 13.39
N ALA A 118 -6.88 -12.34 14.10
CA ALA A 118 -7.16 -12.36 15.56
C ALA A 118 -6.25 -11.38 16.30
N GLU A 119 -4.96 -11.56 16.19
CA GLU A 119 -4.02 -10.64 16.88
C GLU A 119 -4.13 -9.25 16.23
N LEU A 120 -4.60 -9.20 15.02
CA LEU A 120 -4.76 -7.87 14.37
C LEU A 120 -5.73 -7.03 15.18
N GLN A 121 -6.79 -7.64 15.65
CA GLN A 121 -7.77 -6.89 16.47
C GLN A 121 -7.04 -6.37 17.71
N ALA A 122 -6.18 -7.18 18.28
CA ALA A 122 -5.43 -6.71 19.47
C ALA A 122 -4.59 -5.49 19.05
N ALA A 123 -4.02 -5.53 17.88
CA ALA A 123 -3.21 -4.39 17.39
C ALA A 123 -4.12 -3.19 17.12
N ILE A 124 -5.27 -3.43 16.56
CA ILE A 124 -6.20 -2.30 16.26
C ILE A 124 -6.74 -1.73 17.58
N ASP A 125 -7.14 -2.57 18.49
CA ASP A 125 -7.66 -2.06 19.80
C ASP A 125 -6.57 -1.27 20.51
N GLY A 126 -5.35 -1.74 20.45
CA GLY A 126 -4.24 -1.03 21.14
C GLY A 126 -4.11 0.39 20.59
N ASN A 127 -4.42 0.59 19.34
CA ASN A 127 -4.31 1.96 18.76
C ASN A 127 -5.23 2.92 19.52
N ARG A 128 -6.40 2.49 19.89
CA ARG A 128 -7.34 3.39 20.63
C ARG A 128 -7.05 3.28 22.13
N GLY A 1 -13.20 14.59 -15.71
CA GLY A 1 -13.47 13.96 -14.39
C GLY A 1 -12.56 12.75 -14.20
N TRP A 2 -12.95 11.82 -13.36
CA TRP A 2 -12.12 10.60 -13.11
C TRP A 2 -12.83 9.38 -13.70
N SER A 3 -12.07 8.44 -14.21
CA SER A 3 -12.67 7.21 -14.82
C SER A 3 -11.84 5.99 -14.44
N PHE A 4 -12.43 4.83 -14.43
CA PHE A 4 -11.68 3.60 -14.06
C PHE A 4 -10.57 3.34 -15.07
N GLU A 5 -10.84 3.53 -16.32
CA GLU A 5 -9.79 3.26 -17.35
C GLU A 5 -8.62 4.23 -17.17
N GLU A 6 -8.87 5.40 -16.68
CA GLU A 6 -7.77 6.39 -16.47
C GLU A 6 -6.79 5.82 -15.46
N GLN A 7 -7.29 5.18 -14.43
CA GLN A 7 -6.40 4.58 -13.40
C GLN A 7 -5.64 3.41 -14.03
N PHE A 8 -6.18 2.84 -15.06
CA PHE A 8 -5.51 1.66 -15.70
C PHE A 8 -4.15 2.09 -16.29
N LYS A 9 -4.13 3.07 -17.15
CA LYS A 9 -2.82 3.50 -17.73
C LYS A 9 -1.88 3.96 -16.63
N GLN A 10 -2.40 4.46 -15.53
CA GLN A 10 -1.50 4.91 -14.44
C GLN A 10 -0.68 3.69 -13.98
N VAL A 11 -1.29 2.55 -13.92
CA VAL A 11 -0.54 1.33 -13.49
C VAL A 11 0.62 1.09 -14.45
N ARG A 12 0.42 1.29 -15.72
CA ARG A 12 1.53 1.08 -16.68
C ARG A 12 2.73 1.92 -16.22
N GLN A 13 2.51 3.12 -15.75
CA GLN A 13 3.67 3.95 -15.31
C GLN A 13 4.42 3.21 -14.19
N LEU A 14 3.72 2.44 -13.39
CA LEU A 14 4.42 1.71 -12.27
C LEU A 14 5.45 0.76 -12.87
N TYR A 15 5.08 0.07 -13.92
CA TYR A 15 6.05 -0.87 -14.57
C TYR A 15 7.16 -0.06 -15.25
N GLU A 16 6.83 1.08 -15.79
CA GLU A 16 7.87 1.90 -16.49
C GLU A 16 8.83 2.54 -15.48
N ILE A 17 8.59 2.40 -14.20
CA ILE A 17 9.53 3.02 -13.22
C ILE A 17 10.96 2.54 -13.50
N ASN A 18 11.13 1.27 -13.78
CA ASN A 18 12.50 0.74 -14.07
C ASN A 18 12.37 -0.63 -14.71
N ASP A 19 13.45 -1.17 -15.21
CA ASP A 19 13.40 -2.51 -15.86
C ASP A 19 13.73 -3.59 -14.82
N ASP A 20 13.67 -3.26 -13.57
CA ASP A 20 13.98 -4.27 -12.53
C ASP A 20 13.08 -5.50 -12.76
N PRO A 21 13.61 -6.67 -13.11
CA PRO A 21 12.73 -7.85 -13.35
C PRO A 21 11.92 -8.24 -12.10
N LYS A 22 12.52 -8.17 -10.94
CA LYS A 22 11.78 -8.54 -9.71
C LYS A 22 10.56 -7.64 -9.54
N ARG A 23 10.70 -6.37 -9.79
CA ARG A 23 9.54 -5.44 -9.65
C ARG A 23 8.44 -5.85 -10.62
N LYS A 24 8.79 -6.18 -11.82
CA LYS A 24 7.76 -6.58 -12.83
C LYS A 24 7.00 -7.80 -12.33
N GLU A 25 7.69 -8.79 -11.82
CA GLU A 25 7.00 -10.01 -11.31
C GLU A 25 6.11 -9.67 -10.11
N PHE A 26 6.58 -8.83 -9.23
CA PHE A 26 5.77 -8.48 -8.04
C PHE A 26 4.45 -7.82 -8.47
N LEU A 27 4.51 -6.83 -9.33
CA LEU A 27 3.26 -6.15 -9.75
C LEU A 27 2.34 -7.17 -10.41
N ASP A 28 2.86 -7.99 -11.27
CA ASP A 28 2.00 -9.01 -11.92
C ASP A 28 1.39 -9.88 -10.82
N ASP A 29 2.18 -10.21 -9.83
CA ASP A 29 1.65 -11.06 -8.71
C ASP A 29 0.64 -10.27 -7.88
N LEU A 30 0.99 -9.09 -7.40
CA LEU A 30 0.02 -8.31 -6.58
C LEU A 30 -1.24 -8.02 -7.40
N PHE A 31 -1.10 -7.51 -8.60
CA PHE A 31 -2.31 -7.23 -9.41
C PHE A 31 -3.04 -8.56 -9.67
N SER A 32 -2.31 -9.63 -9.84
CA SER A 32 -2.97 -10.94 -10.10
C SER A 32 -3.88 -11.33 -8.91
N PHE A 33 -3.37 -11.26 -7.71
CA PHE A 33 -4.20 -11.65 -6.52
C PHE A 33 -5.45 -10.76 -6.42
N MET A 34 -5.28 -9.47 -6.35
CA MET A 34 -6.47 -8.58 -6.25
C MET A 34 -7.31 -8.68 -7.53
N GLN A 35 -6.77 -9.29 -8.55
CA GLN A 35 -7.53 -9.42 -9.83
C GLN A 35 -8.91 -10.01 -9.55
N LYS A 36 -9.12 -10.51 -8.35
CA LYS A 36 -10.45 -11.11 -8.04
C LYS A 36 -11.54 -10.12 -8.42
N ARG A 37 -11.43 -8.89 -7.99
CA ARG A 37 -12.45 -7.88 -8.39
C ARG A 37 -12.25 -7.59 -9.87
N GLY A 38 -11.01 -7.64 -10.32
CA GLY A 38 -10.71 -7.41 -11.76
C GLY A 38 -10.10 -6.01 -11.98
N THR A 39 -10.17 -5.15 -11.00
CA THR A 39 -9.60 -3.76 -11.17
C THR A 39 -8.37 -3.56 -10.26
N PRO A 40 -7.45 -2.67 -10.64
CA PRO A 40 -6.25 -2.42 -9.80
C PRO A 40 -6.61 -1.99 -8.37
N ILE A 41 -5.72 -1.27 -7.73
CA ILE A 41 -5.99 -0.79 -6.34
C ILE A 41 -7.09 0.27 -6.38
N ASN A 42 -7.15 1.14 -5.41
CA ASN A 42 -8.22 2.19 -5.42
C ASN A 42 -7.77 3.37 -6.28
N ARG A 43 -6.80 4.13 -5.82
CA ARG A 43 -6.33 5.31 -6.64
C ARG A 43 -4.83 5.52 -6.46
N LEU A 44 -4.19 6.06 -7.46
CA LEU A 44 -2.71 6.31 -7.40
C LEU A 44 -2.45 7.75 -7.88
N PRO A 45 -2.51 8.74 -7.01
CA PRO A 45 -2.29 10.13 -7.47
C PRO A 45 -0.88 10.33 -8.05
N ILE A 46 -0.66 11.38 -8.80
CA ILE A 46 0.68 11.62 -9.41
C ILE A 46 1.39 12.70 -8.60
N MET A 47 2.61 12.43 -8.21
CA MET A 47 3.39 13.43 -7.39
C MET A 47 4.55 14.01 -8.22
N ALA A 48 4.45 15.26 -8.55
CA ALA A 48 5.52 15.97 -9.33
C ALA A 48 6.17 15.04 -10.37
N LYS A 49 5.53 14.86 -11.50
CA LYS A 49 6.11 14.00 -12.58
C LYS A 49 6.36 12.58 -12.07
N SER A 50 6.45 12.39 -10.78
CA SER A 50 6.66 11.02 -10.22
C SER A 50 5.29 10.52 -9.77
N VAL A 51 5.18 9.28 -9.37
CA VAL A 51 3.84 8.76 -8.94
C VAL A 51 3.97 7.95 -7.64
N LEU A 52 2.94 7.96 -6.84
CA LEU A 52 2.99 7.21 -5.56
C LEU A 52 3.11 5.71 -5.85
N ASP A 53 4.31 5.20 -5.83
CA ASP A 53 4.50 3.75 -6.11
C ASP A 53 3.99 2.93 -4.92
N LEU A 54 2.89 2.24 -5.08
CA LEU A 54 2.36 1.43 -3.94
C LEU A 54 3.47 0.48 -3.45
N TYR A 55 4.50 0.29 -4.24
CA TYR A 55 5.61 -0.60 -3.82
C TYR A 55 6.32 0.03 -2.62
N GLU A 56 6.56 1.31 -2.66
CA GLU A 56 7.26 1.99 -1.54
C GLU A 56 6.47 1.82 -0.25
N LEU A 57 5.17 1.91 -0.29
CA LEU A 57 4.39 1.75 0.96
C LEU A 57 4.67 0.36 1.52
N TYR A 58 4.69 -0.64 0.68
CA TYR A 58 4.95 -2.02 1.18
C TYR A 58 6.36 -2.13 1.78
N ASN A 59 7.38 -1.70 1.08
CA ASN A 59 8.76 -1.82 1.64
C ASN A 59 8.86 -1.04 2.95
N LEU A 60 8.26 0.12 3.02
CA LEU A 60 8.31 0.93 4.27
C LEU A 60 7.65 0.14 5.41
N VAL A 61 6.55 -0.51 5.12
CA VAL A 61 5.85 -1.28 6.18
C VAL A 61 6.71 -2.46 6.63
N ILE A 62 7.08 -3.34 5.73
CA ILE A 62 7.92 -4.50 6.12
C ILE A 62 9.24 -3.99 6.68
N ALA A 63 9.79 -2.98 6.08
CA ALA A 63 11.09 -2.43 6.58
C ALA A 63 10.96 -2.10 8.06
N ARG A 64 9.75 -1.94 8.54
CA ARG A 64 9.54 -1.61 9.99
C ARG A 64 9.18 -2.86 10.78
N GLY A 65 9.11 -4.01 10.14
CA GLY A 65 8.80 -5.28 10.88
C GLY A 65 7.43 -5.87 10.48
N GLY A 66 6.54 -5.08 9.93
CA GLY A 66 5.20 -5.64 9.54
C GLY A 66 4.09 -4.61 9.77
N LEU A 67 3.01 -4.72 9.04
CA LEU A 67 1.90 -3.75 9.23
C LEU A 67 1.39 -3.83 10.67
N VAL A 68 1.24 -5.01 11.20
CA VAL A 68 0.74 -5.13 12.59
C VAL A 68 1.73 -4.42 13.53
N ASP A 69 3.00 -4.56 13.28
CA ASP A 69 3.98 -3.85 14.16
C ASP A 69 3.80 -2.34 13.97
N VAL A 70 3.58 -1.92 12.76
CA VAL A 70 3.37 -0.46 12.52
C VAL A 70 2.15 0.01 13.30
N ILE A 71 1.05 -0.68 13.17
CA ILE A 71 -0.18 -0.27 13.90
C ILE A 71 0.06 -0.32 15.42
N ASN A 72 0.54 -1.42 15.92
CA ASN A 72 0.80 -1.51 17.39
C ASN A 72 1.80 -0.43 17.80
N LYS A 73 2.80 -0.22 16.99
CA LYS A 73 3.83 0.80 17.32
C LYS A 73 3.37 2.19 16.84
N LYS A 74 2.31 2.23 16.08
CA LYS A 74 1.79 3.54 15.58
C LYS A 74 2.95 4.29 14.90
N LEU A 75 3.52 3.71 13.89
CA LEU A 75 4.66 4.38 13.16
C LEU A 75 4.16 4.95 11.83
N TRP A 76 2.88 5.14 11.70
CA TRP A 76 2.35 5.71 10.42
C TRP A 76 3.08 7.02 10.15
N GLN A 77 3.55 7.67 11.18
CA GLN A 77 4.28 8.95 10.99
C GLN A 77 5.51 8.71 10.12
N GLU A 78 6.20 7.62 10.32
CA GLU A 78 7.41 7.34 9.51
C GLU A 78 7.00 7.25 8.04
N ILE A 79 5.97 6.52 7.73
CA ILE A 79 5.53 6.40 6.31
C ILE A 79 5.11 7.78 5.81
N ILE A 80 4.29 8.47 6.56
CA ILE A 80 3.84 9.82 6.13
C ILE A 80 5.04 10.78 6.11
N LYS A 81 5.91 10.67 7.07
CA LYS A 81 7.09 11.58 7.08
C LYS A 81 7.99 11.25 5.89
N GLY A 82 8.17 10.00 5.58
CA GLY A 82 9.03 9.64 4.42
C GLY A 82 8.28 10.01 3.15
N LEU A 83 7.05 10.43 3.31
CA LEU A 83 6.20 10.81 2.15
C LEU A 83 5.23 11.91 2.64
N HIS A 84 5.73 13.00 3.14
CA HIS A 84 4.85 14.08 3.66
C HIS A 84 3.63 14.30 2.74
N LEU A 85 2.44 14.10 3.27
CA LEU A 85 1.20 14.30 2.46
C LEU A 85 0.39 15.54 2.90
N PRO A 86 0.35 15.88 4.17
CA PRO A 86 -0.48 17.03 4.63
C PRO A 86 -0.17 18.35 3.95
N SER A 87 0.46 18.33 2.82
CA SER A 87 0.67 19.59 2.09
C SER A 87 -0.73 20.05 1.70
N SER A 88 -1.65 19.11 1.65
CA SER A 88 -3.06 19.44 1.29
C SER A 88 -4.00 18.34 1.80
N ILE A 89 -3.56 17.52 2.72
CA ILE A 89 -4.44 16.41 3.23
C ILE A 89 -4.02 16.03 4.67
N THR A 90 -4.71 16.55 5.66
CA THR A 90 -4.34 16.25 7.09
C THR A 90 -5.06 15.00 7.60
N SER A 91 -5.18 13.97 6.80
CA SER A 91 -5.87 12.74 7.29
C SER A 91 -5.52 11.55 6.39
N ALA A 92 -4.46 11.65 5.64
CA ALA A 92 -4.07 10.51 4.76
C ALA A 92 -3.76 9.28 5.62
N ALA A 93 -3.17 9.49 6.77
CA ALA A 93 -2.86 8.33 7.67
C ALA A 93 -4.07 7.40 7.72
N PHE A 94 -5.22 7.94 7.98
CA PHE A 94 -6.45 7.11 8.02
C PHE A 94 -6.65 6.45 6.66
N THR A 95 -6.40 7.16 5.60
CA THR A 95 -6.59 6.59 4.24
C THR A 95 -5.59 5.46 4.00
N LEU A 96 -4.37 5.61 4.44
CA LEU A 96 -3.35 4.54 4.20
C LEU A 96 -3.76 3.24 4.93
N ARG A 97 -4.08 3.32 6.19
CA ARG A 97 -4.45 2.08 6.93
C ARG A 97 -5.67 1.39 6.31
N THR A 98 -6.66 2.14 5.89
CA THR A 98 -7.88 1.48 5.32
C THR A 98 -7.65 1.01 3.87
N GLN A 99 -7.05 1.81 3.04
CA GLN A 99 -6.84 1.38 1.61
C GLN A 99 -5.90 0.17 1.59
N TYR A 100 -4.85 0.20 2.35
CA TYR A 100 -3.91 -0.94 2.37
C TYR A 100 -4.68 -2.18 2.84
N MET A 101 -5.51 -2.00 3.82
CA MET A 101 -6.33 -3.13 4.34
C MET A 101 -7.26 -3.67 3.25
N LYS A 102 -7.79 -2.81 2.44
CA LYS A 102 -8.75 -3.25 1.39
C LYS A 102 -8.13 -4.26 0.41
N TYR A 103 -6.89 -4.09 -0.01
CA TYR A 103 -6.29 -5.09 -1.00
C TYR A 103 -4.88 -5.56 -0.60
N LEU A 104 -4.21 -4.90 0.30
CA LEU A 104 -2.80 -5.31 0.62
C LEU A 104 -2.68 -6.08 1.94
N TYR A 105 -3.67 -6.05 2.80
CA TYR A 105 -3.51 -6.84 4.06
C TYR A 105 -3.57 -8.35 3.75
N PRO A 106 -4.38 -8.79 2.80
CA PRO A 106 -4.43 -10.25 2.49
C PRO A 106 -3.17 -10.69 1.71
N TYR A 107 -2.70 -9.85 0.83
CA TYR A 107 -1.49 -10.20 0.02
C TYR A 107 -0.26 -10.28 0.96
N GLU A 108 -0.10 -9.32 1.82
CA GLU A 108 1.06 -9.33 2.77
C GLU A 108 1.07 -10.63 3.57
N CYS A 109 -0.04 -10.99 4.13
CA CYS A 109 -0.12 -12.22 4.96
C CYS A 109 0.26 -13.46 4.14
N GLU A 110 -0.16 -13.54 2.92
CA GLU A 110 0.16 -14.75 2.11
C GLU A 110 1.67 -14.89 1.90
N LYS A 111 2.33 -13.86 1.43
CA LYS A 111 3.79 -13.97 1.19
C LYS A 111 4.59 -14.03 2.51
N LYS A 112 4.21 -13.25 3.50
CA LYS A 112 4.99 -13.25 4.80
C LYS A 112 4.16 -13.88 5.94
N ASN A 113 2.86 -13.78 5.91
CA ASN A 113 2.07 -14.38 7.03
C ASN A 113 2.60 -13.82 8.36
N LEU A 114 2.73 -12.52 8.44
CA LEU A 114 3.28 -11.88 9.67
C LEU A 114 2.40 -12.18 10.89
N SER A 115 1.11 -12.17 10.73
CA SER A 115 0.22 -12.41 11.90
C SER A 115 -1.13 -12.99 11.43
N THR A 116 -2.09 -13.06 12.32
CA THR A 116 -3.45 -13.59 11.97
C THR A 116 -4.49 -12.56 12.41
N PRO A 117 -5.63 -12.49 11.75
CA PRO A 117 -6.65 -11.49 12.14
C PRO A 117 -6.93 -11.50 13.66
N ALA A 118 -6.62 -12.59 14.32
CA ALA A 118 -6.86 -12.66 15.79
C ALA A 118 -5.89 -11.73 16.52
N GLU A 119 -4.61 -11.93 16.33
CA GLU A 119 -3.62 -11.07 17.01
C GLU A 119 -3.68 -9.67 16.42
N LEU A 120 -4.19 -9.54 15.23
CA LEU A 120 -4.32 -8.19 14.61
C LEU A 120 -5.20 -7.34 15.52
N GLN A 121 -6.30 -7.89 15.96
CA GLN A 121 -7.20 -7.13 16.85
C GLN A 121 -6.43 -6.76 18.12
N ALA A 122 -5.62 -7.64 18.61
CA ALA A 122 -4.83 -7.32 19.83
C ALA A 122 -3.95 -6.11 19.50
N ALA A 123 -3.45 -6.05 18.30
CA ALA A 123 -2.61 -4.88 17.90
C ALA A 123 -3.47 -3.63 17.89
N ILE A 124 -4.65 -3.72 17.32
CA ILE A 124 -5.55 -2.53 17.28
C ILE A 124 -6.06 -2.24 18.69
N ASP A 125 -6.42 -3.26 19.43
CA ASP A 125 -6.93 -3.05 20.81
C ASP A 125 -5.87 -2.34 21.67
N GLY A 126 -4.62 -2.70 21.52
CA GLY A 126 -3.57 -2.05 22.34
C GLY A 126 -3.58 -0.55 22.08
N ASN A 127 -3.74 -0.15 20.84
CA ASN A 127 -3.78 1.30 20.50
C ASN A 127 -5.21 1.68 20.09
N ARG A 128 -5.95 2.26 20.98
CA ARG A 128 -7.36 2.65 20.64
C ARG A 128 -7.34 3.87 19.73
N GLY A 1 -18.13 8.33 -9.47
CA GLY A 1 -17.40 9.62 -9.56
C GLY A 1 -15.99 9.39 -10.11
N TRP A 2 -15.19 8.64 -9.41
CA TRP A 2 -13.81 8.37 -9.88
C TRP A 2 -13.85 7.43 -11.10
N SER A 3 -13.03 7.68 -12.08
CA SER A 3 -13.04 6.80 -13.29
C SER A 3 -12.09 5.61 -13.06
N PHE A 4 -12.61 4.42 -13.07
CA PHE A 4 -11.74 3.23 -12.86
C PHE A 4 -10.75 3.10 -14.03
N GLU A 5 -11.21 3.35 -15.22
CA GLU A 5 -10.30 3.22 -16.40
C GLU A 5 -9.12 4.21 -16.27
N GLU A 6 -9.35 5.33 -15.64
CA GLU A 6 -8.27 6.33 -15.46
C GLU A 6 -7.17 5.67 -14.62
N GLN A 7 -7.56 4.92 -13.64
CA GLN A 7 -6.55 4.24 -12.79
C GLN A 7 -5.85 3.17 -13.61
N PHE A 8 -6.44 2.79 -14.72
CA PHE A 8 -5.81 1.75 -15.58
C PHE A 8 -4.50 2.27 -16.17
N LYS A 9 -4.53 3.37 -16.88
CA LYS A 9 -3.26 3.88 -17.47
C LYS A 9 -2.27 4.17 -16.34
N GLN A 10 -2.76 4.50 -15.19
CA GLN A 10 -1.83 4.79 -14.05
C GLN A 10 -1.00 3.52 -13.76
N VAL A 11 -1.54 2.36 -13.98
CA VAL A 11 -0.73 1.13 -13.71
C VAL A 11 0.34 0.97 -14.80
N ARG A 12 0.03 1.29 -16.03
CA ARG A 12 1.06 1.16 -17.10
C ARG A 12 2.28 2.00 -16.71
N GLN A 13 2.08 3.24 -16.37
CA GLN A 13 3.24 4.09 -15.98
C GLN A 13 3.96 3.48 -14.77
N LEU A 14 3.26 2.73 -13.94
CA LEU A 14 3.94 2.11 -12.76
C LEU A 14 4.89 1.01 -13.28
N TYR A 15 4.48 0.26 -14.26
CA TYR A 15 5.39 -0.81 -14.81
C TYR A 15 6.55 -0.14 -15.55
N GLU A 16 6.30 0.99 -16.16
CA GLU A 16 7.38 1.67 -16.93
C GLU A 16 8.34 2.43 -16.01
N ILE A 17 8.23 2.28 -14.71
CA ILE A 17 9.17 3.00 -13.81
C ILE A 17 10.61 2.64 -14.18
N ASN A 18 10.88 1.39 -14.48
CA ASN A 18 12.26 0.98 -14.85
C ASN A 18 12.21 -0.40 -15.51
N ASP A 19 13.35 -0.89 -15.93
CA ASP A 19 13.40 -2.23 -16.58
C ASP A 19 13.62 -3.31 -15.52
N ASP A 20 13.59 -2.94 -14.27
CA ASP A 20 13.81 -3.94 -13.18
C ASP A 20 12.84 -5.13 -13.40
N PRO A 21 13.31 -6.33 -13.74
CA PRO A 21 12.39 -7.47 -13.94
C PRO A 21 11.66 -7.87 -12.63
N LYS A 22 12.34 -7.83 -11.52
CA LYS A 22 11.69 -8.22 -10.25
C LYS A 22 10.49 -7.30 -9.98
N ARG A 23 10.64 -6.02 -10.18
CA ARG A 23 9.50 -5.11 -9.95
C ARG A 23 8.36 -5.53 -10.88
N LYS A 24 8.67 -5.80 -12.11
CA LYS A 24 7.61 -6.24 -13.06
C LYS A 24 6.98 -7.53 -12.53
N GLU A 25 7.80 -8.44 -12.07
CA GLU A 25 7.26 -9.72 -11.53
C GLU A 25 6.44 -9.43 -10.26
N PHE A 26 6.94 -8.57 -9.41
CA PHE A 26 6.17 -8.24 -8.18
C PHE A 26 4.81 -7.65 -8.54
N LEU A 27 4.79 -6.68 -9.41
CA LEU A 27 3.49 -6.06 -9.77
C LEU A 27 2.58 -7.14 -10.36
N ASP A 28 3.11 -8.00 -11.19
CA ASP A 28 2.26 -9.07 -11.76
C ASP A 28 1.68 -9.93 -10.63
N ASP A 29 2.47 -10.23 -9.62
CA ASP A 29 1.96 -11.08 -8.52
C ASP A 29 0.94 -10.31 -7.67
N LEU A 30 1.30 -9.14 -7.18
CA LEU A 30 0.35 -8.37 -6.34
C LEU A 30 -0.93 -8.05 -7.11
N PHE A 31 -0.82 -7.43 -8.24
CA PHE A 31 -2.04 -7.09 -9.03
C PHE A 31 -2.80 -8.38 -9.38
N SER A 32 -2.10 -9.43 -9.73
CA SER A 32 -2.80 -10.71 -10.08
C SER A 32 -3.62 -11.21 -8.89
N PHE A 33 -3.08 -11.21 -7.71
CA PHE A 33 -3.87 -11.72 -6.54
C PHE A 33 -5.14 -10.89 -6.36
N MET A 34 -5.00 -9.60 -6.22
CA MET A 34 -6.20 -8.72 -6.04
C MET A 34 -7.03 -8.68 -7.33
N GLN A 35 -6.49 -9.19 -8.40
CA GLN A 35 -7.26 -9.17 -9.69
C GLN A 35 -8.63 -9.82 -9.48
N LYS A 36 -8.84 -10.45 -8.35
CA LYS A 36 -10.15 -11.09 -8.09
C LYS A 36 -11.26 -10.11 -8.46
N ARG A 37 -11.13 -8.87 -8.04
CA ARG A 37 -12.15 -7.85 -8.42
C ARG A 37 -12.02 -7.57 -9.92
N GLY A 38 -10.80 -7.51 -10.39
CA GLY A 38 -10.55 -7.25 -11.84
C GLY A 38 -10.03 -5.82 -12.06
N THR A 39 -10.07 -4.99 -11.03
CA THR A 39 -9.59 -3.57 -11.17
C THR A 39 -8.30 -3.37 -10.34
N PRO A 40 -7.48 -2.40 -10.70
CA PRO A 40 -6.22 -2.12 -9.94
C PRO A 40 -6.48 -1.90 -8.44
N ILE A 41 -5.59 -1.20 -7.79
CA ILE A 41 -5.76 -0.93 -6.33
C ILE A 41 -6.92 0.07 -6.12
N ASN A 42 -6.89 0.84 -5.07
CA ASN A 42 -8.00 1.81 -4.84
C ASN A 42 -7.71 3.11 -5.59
N ARG A 43 -6.61 3.75 -5.28
CA ARG A 43 -6.27 5.03 -5.98
C ARG A 43 -4.76 5.23 -5.98
N LEU A 44 -4.24 5.89 -6.98
CA LEU A 44 -2.75 6.11 -7.06
C LEU A 44 -2.47 7.57 -7.46
N PRO A 45 -2.39 8.48 -6.51
CA PRO A 45 -2.12 9.91 -6.86
C PRO A 45 -0.78 10.07 -7.59
N ILE A 46 -0.73 10.93 -8.57
CA ILE A 46 0.54 11.15 -9.32
C ILE A 46 1.31 12.28 -8.65
N MET A 47 2.51 12.02 -8.24
CA MET A 47 3.33 13.07 -7.59
C MET A 47 4.03 13.90 -8.66
N ALA A 48 3.57 15.09 -8.89
CA ALA A 48 4.21 15.97 -9.91
C ALA A 48 4.62 15.16 -11.14
N LYS A 49 5.81 14.62 -11.14
CA LYS A 49 6.30 13.80 -12.30
C LYS A 49 6.43 12.33 -11.90
N SER A 50 6.51 12.06 -10.62
CA SER A 50 6.66 10.64 -10.16
C SER A 50 5.29 10.07 -9.75
N VAL A 51 5.15 8.77 -9.83
CA VAL A 51 3.85 8.11 -9.45
C VAL A 51 4.04 7.45 -8.08
N LEU A 52 3.05 7.54 -7.22
CA LEU A 52 3.20 6.94 -5.88
C LEU A 52 3.45 5.43 -6.03
N ASP A 53 4.68 5.01 -5.94
CA ASP A 53 5.02 3.57 -6.09
C ASP A 53 4.52 2.78 -4.87
N LEU A 54 3.61 1.86 -5.09
CA LEU A 54 3.12 1.03 -3.95
C LEU A 54 4.29 0.26 -3.35
N TYR A 55 5.19 -0.20 -4.19
CA TYR A 55 6.36 -0.98 -3.69
C TYR A 55 7.05 -0.19 -2.55
N GLU A 56 7.20 1.10 -2.72
CA GLU A 56 7.87 1.89 -1.66
C GLU A 56 7.09 1.78 -0.35
N LEU A 57 5.79 1.90 -0.39
CA LEU A 57 5.00 1.78 0.87
C LEU A 57 5.24 0.40 1.47
N TYR A 58 5.16 -0.64 0.67
CA TYR A 58 5.33 -2.01 1.21
C TYR A 58 6.71 -2.20 1.85
N ASN A 59 7.78 -1.84 1.19
CA ASN A 59 9.12 -2.05 1.81
C ASN A 59 9.23 -1.27 3.13
N LEU A 60 8.73 -0.06 3.18
CA LEU A 60 8.82 0.71 4.45
C LEU A 60 8.00 -0.03 5.52
N VAL A 61 6.86 -0.55 5.15
CA VAL A 61 6.00 -1.26 6.14
C VAL A 61 6.74 -2.46 6.73
N ILE A 62 7.32 -3.30 5.92
CA ILE A 62 8.04 -4.49 6.46
C ILE A 62 9.31 -4.02 7.18
N ALA A 63 9.99 -3.05 6.63
CA ALA A 63 11.22 -2.54 7.28
C ALA A 63 10.93 -2.15 8.73
N ARG A 64 9.67 -2.01 9.08
CA ARG A 64 9.32 -1.62 10.48
C ARG A 64 8.88 -2.85 11.28
N GLY A 65 9.07 -4.03 10.73
CA GLY A 65 8.70 -5.28 11.47
C GLY A 65 7.35 -5.83 10.99
N GLY A 66 6.57 -5.05 10.28
CA GLY A 66 5.25 -5.55 9.78
C GLY A 66 4.16 -4.49 9.95
N LEU A 67 3.14 -4.57 9.15
CA LEU A 67 2.03 -3.57 9.27
C LEU A 67 1.40 -3.65 10.67
N VAL A 68 1.11 -4.83 11.14
CA VAL A 68 0.49 -4.93 12.50
C VAL A 68 1.45 -4.30 13.50
N ASP A 69 2.72 -4.52 13.34
CA ASP A 69 3.67 -3.90 14.29
C ASP A 69 3.53 -2.38 14.19
N VAL A 70 3.35 -1.89 12.99
CA VAL A 70 3.20 -0.42 12.78
C VAL A 70 1.90 0.06 13.43
N ILE A 71 0.80 -0.60 13.18
CA ILE A 71 -0.50 -0.14 13.77
C ILE A 71 -0.43 -0.18 15.30
N ASN A 72 -0.06 -1.29 15.87
CA ASN A 72 0.03 -1.38 17.36
C ASN A 72 1.03 -0.35 17.90
N LYS A 73 2.22 -0.31 17.34
CA LYS A 73 3.24 0.66 17.82
C LYS A 73 2.98 2.04 17.20
N LYS A 74 2.10 2.12 16.24
CA LYS A 74 1.78 3.42 15.60
C LYS A 74 3.06 4.05 15.04
N LEU A 75 3.63 3.47 14.01
CA LEU A 75 4.88 4.03 13.40
C LEU A 75 4.53 4.70 12.07
N TRP A 76 3.29 5.07 11.89
CA TRP A 76 2.88 5.72 10.61
C TRP A 76 3.68 7.01 10.40
N GLN A 77 4.15 7.62 11.44
CA GLN A 77 4.90 8.90 11.27
C GLN A 77 6.13 8.67 10.39
N GLU A 78 6.83 7.58 10.58
CA GLU A 78 8.02 7.31 9.73
C GLU A 78 7.59 7.19 8.27
N ILE A 79 6.51 6.49 8.01
CA ILE A 79 6.04 6.36 6.59
C ILE A 79 5.51 7.72 6.12
N ILE A 80 4.73 8.37 6.94
CA ILE A 80 4.19 9.70 6.56
C ILE A 80 5.34 10.70 6.42
N LYS A 81 6.31 10.64 7.28
CA LYS A 81 7.45 11.58 7.17
C LYS A 81 8.10 11.40 5.80
N GLY A 82 8.41 10.19 5.44
CA GLY A 82 9.01 9.95 4.10
C GLY A 82 7.98 10.39 3.04
N LEU A 83 6.73 10.12 3.29
CA LEU A 83 5.65 10.50 2.34
C LEU A 83 4.98 11.80 2.82
N HIS A 84 5.75 12.85 2.96
CA HIS A 84 5.20 14.16 3.45
C HIS A 84 3.77 14.39 2.91
N LEU A 85 3.00 15.20 3.59
CA LEU A 85 1.60 15.46 3.14
C LEU A 85 1.61 16.28 1.83
N PRO A 86 0.97 15.83 0.76
CA PRO A 86 0.95 16.63 -0.51
C PRO A 86 0.24 17.98 -0.33
N SER A 87 0.23 18.51 0.88
CA SER A 87 -0.45 19.82 1.11
C SER A 87 -1.91 19.73 0.64
N SER A 88 -2.56 18.62 0.90
CA SER A 88 -3.98 18.48 0.46
C SER A 88 -4.71 17.51 1.39
N ILE A 89 -4.02 16.53 1.91
CA ILE A 89 -4.67 15.53 2.83
C ILE A 89 -3.96 15.58 4.19
N THR A 90 -4.69 15.89 5.23
CA THR A 90 -4.09 15.95 6.60
C THR A 90 -4.48 14.70 7.38
N SER A 91 -4.70 13.62 6.68
CA SER A 91 -5.08 12.35 7.35
C SER A 91 -4.50 11.17 6.57
N ALA A 92 -3.26 11.28 6.18
CA ALA A 92 -2.61 10.18 5.41
C ALA A 92 -2.61 8.90 6.25
N ALA A 93 -2.43 9.01 7.54
CA ALA A 93 -2.42 7.79 8.39
C ALA A 93 -3.69 6.98 8.15
N PHE A 94 -4.82 7.59 8.32
CA PHE A 94 -6.11 6.86 8.10
C PHE A 94 -6.23 6.39 6.65
N THR A 95 -5.82 7.19 5.70
CA THR A 95 -5.94 6.78 4.27
C THR A 95 -4.97 5.62 3.97
N LEU A 96 -3.79 5.66 4.51
CA LEU A 96 -2.81 4.57 4.22
C LEU A 96 -3.29 3.23 4.80
N ARG A 97 -3.67 3.21 6.05
CA ARG A 97 -4.09 1.92 6.69
C ARG A 97 -5.31 1.28 5.98
N THR A 98 -6.27 2.06 5.56
CA THR A 98 -7.46 1.45 4.91
C THR A 98 -7.12 0.98 3.49
N GLN A 99 -6.45 1.78 2.72
CA GLN A 99 -6.11 1.35 1.33
C GLN A 99 -5.22 0.11 1.39
N TYR A 100 -4.24 0.13 2.24
CA TYR A 100 -3.34 -1.04 2.37
C TYR A 100 -4.20 -2.25 2.77
N MET A 101 -5.00 -2.09 3.77
CA MET A 101 -5.86 -3.20 4.24
C MET A 101 -6.82 -3.64 3.13
N LYS A 102 -7.23 -2.72 2.29
CA LYS A 102 -8.20 -3.09 1.22
C LYS A 102 -7.63 -4.19 0.29
N TYR A 103 -6.36 -4.14 -0.06
CA TYR A 103 -5.81 -5.22 -0.97
C TYR A 103 -4.38 -5.64 -0.62
N LEU A 104 -3.74 -5.01 0.35
CA LEU A 104 -2.32 -5.40 0.67
C LEU A 104 -2.23 -6.20 1.98
N TYR A 105 -3.21 -6.13 2.85
CA TYR A 105 -3.09 -6.93 4.10
C TYR A 105 -3.24 -8.44 3.78
N PRO A 106 -4.08 -8.83 2.84
CA PRO A 106 -4.21 -10.27 2.52
C PRO A 106 -2.97 -10.74 1.75
N TYR A 107 -2.47 -9.89 0.90
CA TYR A 107 -1.26 -10.23 0.11
C TYR A 107 -0.07 -10.33 1.06
N GLU A 108 0.18 -9.30 1.83
CA GLU A 108 1.31 -9.32 2.79
C GLU A 108 1.23 -10.58 3.66
N CYS A 109 0.09 -10.84 4.22
CA CYS A 109 -0.09 -12.05 5.08
C CYS A 109 0.12 -13.33 4.25
N GLU A 110 -0.32 -13.33 3.03
CA GLU A 110 -0.20 -14.55 2.18
C GLU A 110 1.28 -14.95 1.98
N LYS A 111 2.13 -14.02 1.62
CA LYS A 111 3.57 -14.40 1.38
C LYS A 111 4.39 -14.40 2.69
N LYS A 112 4.08 -13.54 3.64
CA LYS A 112 4.89 -13.52 4.92
C LYS A 112 4.05 -14.02 6.11
N ASN A 113 2.75 -13.93 6.04
CA ASN A 113 1.92 -14.39 7.19
C ASN A 113 2.41 -13.71 8.47
N LEU A 114 2.57 -12.42 8.43
CA LEU A 114 3.06 -11.68 9.63
C LEU A 114 2.11 -11.88 10.81
N SER A 115 0.82 -11.87 10.56
CA SER A 115 -0.16 -12.01 11.69
C SER A 115 -1.45 -12.66 11.20
N THR A 116 -2.32 -13.01 12.12
CA THR A 116 -3.63 -13.64 11.77
C THR A 116 -4.74 -12.69 12.26
N PRO A 117 -5.91 -12.75 11.68
CA PRO A 117 -7.01 -11.84 12.11
C PRO A 117 -7.16 -11.78 13.64
N ALA A 118 -6.73 -12.79 14.34
CA ALA A 118 -6.85 -12.79 15.83
C ALA A 118 -5.92 -11.73 16.43
N GLU A 119 -4.65 -11.82 16.16
CA GLU A 119 -3.69 -10.83 16.73
C GLU A 119 -3.90 -9.47 16.05
N LEU A 120 -4.38 -9.45 14.84
CA LEU A 120 -4.60 -8.15 14.17
C LEU A 120 -5.59 -7.34 15.01
N GLN A 121 -6.63 -7.98 15.47
CA GLN A 121 -7.63 -7.28 16.30
C GLN A 121 -6.95 -6.72 17.55
N ALA A 122 -6.05 -7.47 18.13
CA ALA A 122 -5.34 -6.97 19.34
C ALA A 122 -4.65 -5.66 19.00
N ALA A 123 -4.08 -5.57 17.83
CA ALA A 123 -3.41 -4.31 17.41
C ALA A 123 -4.47 -3.22 17.22
N ILE A 124 -5.60 -3.57 16.68
CA ILE A 124 -6.67 -2.56 16.46
C ILE A 124 -7.27 -2.16 17.82
N ASP A 125 -7.46 -3.10 18.71
CA ASP A 125 -8.04 -2.77 20.04
C ASP A 125 -7.10 -1.81 20.79
N GLY A 126 -5.82 -2.03 20.69
CA GLY A 126 -4.84 -1.14 21.40
C GLY A 126 -4.99 0.31 20.92
N ASN A 127 -5.20 0.50 19.65
CA ASN A 127 -5.33 1.89 19.12
C ASN A 127 -6.53 2.58 19.79
N ARG A 128 -7.60 1.85 19.98
CA ARG A 128 -8.80 2.47 20.62
C ARG A 128 -8.57 2.54 22.14
N GLY A 1 -11.58 15.57 -11.97
CA GLY A 1 -11.61 14.94 -13.32
C GLY A 1 -10.94 13.57 -13.27
N TRP A 2 -11.42 12.70 -12.41
CA TRP A 2 -10.82 11.34 -12.31
C TRP A 2 -11.59 10.40 -13.25
N SER A 3 -10.92 9.82 -14.21
CA SER A 3 -11.61 8.90 -15.18
C SER A 3 -11.23 7.45 -14.90
N PHE A 4 -12.03 6.52 -15.33
CA PHE A 4 -11.73 5.08 -15.10
C PHE A 4 -10.39 4.69 -15.74
N GLU A 5 -10.20 5.03 -16.98
CA GLU A 5 -8.92 4.65 -17.66
C GLU A 5 -7.75 5.35 -16.96
N GLU A 6 -7.99 6.40 -16.23
CA GLU A 6 -6.87 7.08 -15.54
C GLU A 6 -6.23 6.10 -14.56
N GLN A 7 -7.02 5.35 -13.86
CA GLN A 7 -6.43 4.38 -12.90
C GLN A 7 -5.71 3.29 -13.69
N PHE A 8 -6.29 2.87 -14.78
CA PHE A 8 -5.66 1.80 -15.60
C PHE A 8 -4.34 2.29 -16.21
N LYS A 9 -4.32 3.42 -16.87
CA LYS A 9 -3.04 3.91 -17.46
C LYS A 9 -2.02 4.16 -16.34
N GLN A 10 -2.47 4.54 -15.17
CA GLN A 10 -1.51 4.78 -14.06
C GLN A 10 -0.74 3.48 -13.79
N VAL A 11 -1.35 2.36 -14.03
CA VAL A 11 -0.62 1.08 -13.81
C VAL A 11 0.47 0.95 -14.89
N ARG A 12 0.18 1.33 -16.10
CA ARG A 12 1.22 1.23 -17.17
C ARG A 12 2.49 1.98 -16.73
N GLN A 13 2.36 3.18 -16.25
CA GLN A 13 3.58 3.91 -15.81
C GLN A 13 4.26 3.18 -14.64
N LEU A 14 3.54 2.39 -13.87
CA LEU A 14 4.22 1.68 -12.73
C LEU A 14 5.27 0.72 -13.29
N TYR A 15 4.94 -0.02 -14.31
CA TYR A 15 5.93 -0.98 -14.88
C TYR A 15 7.03 -0.19 -15.59
N GLU A 16 6.69 0.87 -16.24
CA GLU A 16 7.72 1.68 -16.97
C GLU A 16 8.77 2.23 -15.99
N ILE A 17 8.52 2.18 -14.71
CA ILE A 17 9.51 2.73 -13.74
C ILE A 17 10.89 2.10 -13.99
N ASN A 18 10.96 0.81 -14.18
CA ASN A 18 12.26 0.17 -14.42
C ASN A 18 12.04 -1.29 -14.83
N ASP A 19 13.05 -1.93 -15.33
CA ASP A 19 12.90 -3.36 -15.76
C ASP A 19 13.31 -4.27 -14.60
N ASP A 20 13.31 -3.76 -13.40
CA ASP A 20 13.70 -4.62 -12.24
C ASP A 20 12.82 -5.88 -12.25
N PRO A 21 13.38 -7.09 -12.34
CA PRO A 21 12.52 -8.31 -12.37
C PRO A 21 11.63 -8.45 -11.11
N LYS A 22 12.19 -8.20 -9.95
CA LYS A 22 11.37 -8.34 -8.71
C LYS A 22 10.18 -7.39 -8.76
N ARG A 23 10.38 -6.17 -9.17
CA ARG A 23 9.25 -5.21 -9.24
C ARG A 23 8.31 -5.63 -10.37
N LYS A 24 8.83 -5.94 -11.53
CA LYS A 24 7.95 -6.36 -12.65
C LYS A 24 7.20 -7.62 -12.23
N GLU A 25 7.90 -8.60 -11.73
CA GLU A 25 7.24 -9.86 -11.29
C GLU A 25 6.31 -9.57 -10.11
N PHE A 26 6.75 -8.77 -9.18
CA PHE A 26 5.90 -8.45 -8.00
C PHE A 26 4.59 -7.78 -8.43
N LEU A 27 4.66 -6.77 -9.25
CA LEU A 27 3.41 -6.08 -9.66
C LEU A 27 2.49 -7.10 -10.33
N ASP A 28 3.03 -7.95 -11.15
CA ASP A 28 2.18 -8.97 -11.81
C ASP A 28 1.50 -9.84 -10.74
N ASP A 29 2.23 -10.21 -9.72
CA ASP A 29 1.63 -11.07 -8.65
C ASP A 29 0.64 -10.28 -7.80
N LEU A 30 1.00 -9.11 -7.32
CA LEU A 30 0.04 -8.35 -6.47
C LEU A 30 -1.23 -8.04 -7.29
N PHE A 31 -1.08 -7.51 -8.47
CA PHE A 31 -2.31 -7.23 -9.28
C PHE A 31 -3.06 -8.56 -9.52
N SER A 32 -2.36 -9.64 -9.63
CA SER A 32 -3.05 -10.95 -9.87
C SER A 32 -3.96 -11.31 -8.69
N PHE A 33 -3.47 -11.27 -7.48
CA PHE A 33 -4.31 -11.64 -6.31
C PHE A 33 -5.53 -10.72 -6.20
N MET A 34 -5.33 -9.43 -6.18
CA MET A 34 -6.49 -8.49 -6.07
C MET A 34 -7.33 -8.57 -7.36
N GLN A 35 -6.80 -9.22 -8.36
CA GLN A 35 -7.55 -9.33 -9.65
C GLN A 35 -8.96 -9.86 -9.39
N LYS A 36 -9.23 -10.28 -8.18
CA LYS A 36 -10.59 -10.81 -7.89
C LYS A 36 -11.62 -9.78 -8.37
N ARG A 37 -11.49 -8.55 -7.99
CA ARG A 37 -12.45 -7.52 -8.50
C ARG A 37 -12.16 -7.31 -9.98
N GLY A 38 -10.90 -7.30 -10.34
CA GLY A 38 -10.51 -7.12 -11.77
C GLY A 38 -9.91 -5.73 -11.99
N THR A 39 -10.01 -4.85 -11.03
CA THR A 39 -9.45 -3.46 -11.19
C THR A 39 -8.24 -3.26 -10.24
N PRO A 40 -7.35 -2.34 -10.58
CA PRO A 40 -6.15 -2.08 -9.73
C PRO A 40 -6.51 -1.77 -8.26
N ILE A 41 -5.63 -1.08 -7.58
CA ILE A 41 -5.85 -0.73 -6.15
C ILE A 41 -6.94 0.35 -6.04
N ASN A 42 -6.91 1.16 -5.03
CA ASN A 42 -7.94 2.23 -4.89
C ASN A 42 -7.55 3.42 -5.77
N ARG A 43 -6.38 3.96 -5.57
CA ARG A 43 -5.94 5.12 -6.40
C ARG A 43 -4.42 5.15 -6.51
N LEU A 44 -3.90 5.81 -7.50
CA LEU A 44 -2.43 5.92 -7.68
C LEU A 44 -2.07 7.39 -7.96
N PRO A 45 -2.03 8.23 -6.96
CA PRO A 45 -1.69 9.65 -7.19
C PRO A 45 -0.29 9.81 -7.79
N ILE A 46 -0.04 10.89 -8.47
CA ILE A 46 1.30 11.08 -9.11
C ILE A 46 2.13 12.02 -8.24
N MET A 47 3.27 11.57 -7.83
CA MET A 47 4.16 12.42 -7.00
C MET A 47 4.93 13.36 -7.92
N ALA A 48 4.50 14.58 -8.00
CA ALA A 48 5.18 15.58 -8.88
C ALA A 48 5.51 14.95 -10.23
N LYS A 49 6.66 14.34 -10.35
CA LYS A 49 7.06 13.70 -11.65
C LYS A 49 7.10 12.18 -11.48
N SER A 50 7.09 11.70 -10.25
CA SER A 50 7.13 10.22 -10.02
C SER A 50 5.72 9.71 -9.75
N VAL A 51 5.55 8.41 -9.79
CA VAL A 51 4.21 7.79 -9.56
C VAL A 51 4.26 7.03 -8.23
N LEU A 52 3.25 7.15 -7.41
CA LEU A 52 3.28 6.45 -6.10
C LEU A 52 3.36 4.93 -6.35
N ASP A 53 4.54 4.40 -6.35
CA ASP A 53 4.70 2.93 -6.58
C ASP A 53 4.17 2.16 -5.37
N LEU A 54 3.25 1.26 -5.58
CA LEU A 54 2.71 0.46 -4.45
C LEU A 54 3.86 -0.28 -3.79
N TYR A 55 4.78 -0.76 -4.58
CA TYR A 55 5.93 -1.51 -4.04
C TYR A 55 6.63 -0.65 -2.98
N GLU A 56 6.74 0.63 -3.21
CA GLU A 56 7.44 1.49 -2.21
C GLU A 56 6.69 1.46 -0.87
N LEU A 57 5.39 1.54 -0.88
CA LEU A 57 4.64 1.49 0.40
C LEU A 57 4.96 0.15 1.08
N TYR A 58 4.88 -0.91 0.34
CA TYR A 58 5.14 -2.25 0.92
C TYR A 58 6.56 -2.33 1.50
N ASN A 59 7.56 -1.95 0.73
CA ASN A 59 8.96 -2.05 1.24
C ASN A 59 9.13 -1.20 2.52
N LEU A 60 8.55 -0.04 2.57
CA LEU A 60 8.70 0.80 3.80
C LEU A 60 7.99 0.11 4.96
N VAL A 61 6.85 -0.46 4.73
CA VAL A 61 6.10 -1.14 5.83
C VAL A 61 6.93 -2.29 6.43
N ILE A 62 7.43 -3.17 5.62
CA ILE A 62 8.23 -4.31 6.16
C ILE A 62 9.45 -3.77 6.92
N ALA A 63 10.08 -2.75 6.40
CA ALA A 63 11.28 -2.19 7.09
C ALA A 63 10.93 -1.84 8.54
N ARG A 64 9.67 -1.69 8.86
CA ARG A 64 9.28 -1.34 10.26
C ARG A 64 8.92 -2.61 11.04
N GLY A 65 8.97 -3.75 10.39
CA GLY A 65 8.66 -5.04 11.10
C GLY A 65 7.35 -5.66 10.56
N GLY A 66 6.55 -4.89 9.86
CA GLY A 66 5.26 -5.45 9.31
C GLY A 66 4.16 -4.40 9.43
N LEU A 67 3.11 -4.56 8.68
CA LEU A 67 2.00 -3.58 8.77
C LEU A 67 1.48 -3.54 10.20
N VAL A 68 1.29 -4.68 10.80
CA VAL A 68 0.78 -4.71 12.20
C VAL A 68 1.78 -3.99 13.11
N ASP A 69 3.05 -4.17 12.88
CA ASP A 69 4.06 -3.48 13.74
C ASP A 69 3.91 -1.97 13.57
N VAL A 70 3.60 -1.51 12.39
CA VAL A 70 3.43 -0.06 12.19
C VAL A 70 2.17 0.41 12.94
N ILE A 71 1.12 -0.37 12.90
CA ILE A 71 -0.15 0.04 13.58
C ILE A 71 0.01 0.02 15.11
N ASN A 72 0.42 -1.08 15.69
CA ASN A 72 0.56 -1.12 17.18
C ASN A 72 1.57 -0.07 17.65
N LYS A 73 2.65 0.10 16.95
CA LYS A 73 3.67 1.12 17.38
C LYS A 73 3.32 2.47 16.75
N LYS A 74 2.29 2.51 15.94
CA LYS A 74 1.87 3.80 15.30
C LYS A 74 3.05 4.45 14.59
N LEU A 75 3.77 3.70 13.78
CA LEU A 75 4.92 4.31 13.03
C LEU A 75 4.41 4.87 11.70
N TRP A 76 3.16 5.25 11.68
CA TRP A 76 2.57 5.81 10.42
C TRP A 76 3.19 7.17 10.14
N GLN A 77 3.73 7.81 11.13
CA GLN A 77 4.33 9.16 10.91
C GLN A 77 5.46 9.06 9.89
N GLU A 78 6.26 8.04 9.94
CA GLU A 78 7.36 7.91 8.94
C GLU A 78 6.75 7.81 7.54
N ILE A 79 5.75 7.00 7.36
CA ILE A 79 5.11 6.88 6.02
C ILE A 79 4.38 8.17 5.68
N ILE A 80 3.64 8.71 6.61
CA ILE A 80 2.91 9.98 6.34
C ILE A 80 3.92 11.07 6.00
N LYS A 81 5.06 11.07 6.64
CA LYS A 81 6.07 12.13 6.33
C LYS A 81 6.34 12.08 4.82
N GLY A 82 6.46 10.91 4.26
CA GLY A 82 6.69 10.81 2.79
C GLY A 82 5.48 11.43 2.07
N LEU A 83 4.30 11.17 2.58
CA LEU A 83 3.05 11.72 1.96
C LEU A 83 2.51 12.85 2.85
N HIS A 84 3.32 13.86 3.09
CA HIS A 84 2.89 14.99 3.97
C HIS A 84 1.42 15.34 3.76
N LEU A 85 0.78 15.87 4.78
CA LEU A 85 -0.66 16.23 4.66
C LEU A 85 -0.81 17.45 3.72
N PRO A 86 -1.72 17.42 2.76
CA PRO A 86 -1.87 18.62 1.88
C PRO A 86 -2.20 19.88 2.70
N SER A 87 -3.39 19.94 3.25
CA SER A 87 -3.77 21.13 4.06
C SER A 87 -5.20 20.98 4.60
N SER A 88 -5.72 19.79 4.67
CA SER A 88 -7.11 19.63 5.18
C SER A 88 -7.38 18.19 5.65
N ILE A 89 -6.60 17.23 5.22
CA ILE A 89 -6.85 15.81 5.64
C ILE A 89 -5.98 15.48 6.85
N THR A 90 -6.59 15.37 8.01
CA THR A 90 -5.80 15.04 9.24
C THR A 90 -6.06 13.57 9.60
N SER A 91 -6.35 12.76 8.62
CA SER A 91 -6.63 11.32 8.86
C SER A 91 -5.89 10.49 7.81
N ALA A 92 -4.73 10.93 7.41
CA ALA A 92 -3.95 10.16 6.39
C ALA A 92 -3.65 8.77 6.92
N ALA A 93 -3.33 8.65 8.18
CA ALA A 93 -3.04 7.30 8.75
C ALA A 93 -4.26 6.42 8.54
N PHE A 94 -5.41 6.91 8.92
CA PHE A 94 -6.66 6.11 8.75
C PHE A 94 -6.86 5.81 7.26
N THR A 95 -6.70 6.80 6.43
CA THR A 95 -6.88 6.59 4.96
C THR A 95 -5.81 5.62 4.44
N LEU A 96 -4.60 5.76 4.90
CA LEU A 96 -3.52 4.86 4.41
C LEU A 96 -3.77 3.40 4.85
N ARG A 97 -3.95 3.17 6.11
CA ARG A 97 -4.15 1.77 6.60
C ARG A 97 -5.39 1.13 5.97
N THR A 98 -6.47 1.85 5.81
CA THR A 98 -7.70 1.24 5.22
C THR A 98 -7.43 0.75 3.79
N GLN A 99 -6.69 1.51 3.01
CA GLN A 99 -6.42 1.05 1.61
C GLN A 99 -5.49 -0.16 1.67
N TYR A 100 -4.53 -0.14 2.55
CA TYR A 100 -3.60 -1.29 2.67
C TYR A 100 -4.41 -2.53 3.02
N MET A 101 -5.26 -2.40 3.99
CA MET A 101 -6.11 -3.55 4.41
C MET A 101 -7.02 -3.98 3.27
N LYS A 102 -7.43 -3.06 2.45
CA LYS A 102 -8.36 -3.41 1.34
C LYS A 102 -7.74 -4.46 0.40
N TYR A 103 -6.46 -4.38 0.08
CA TYR A 103 -5.86 -5.40 -0.86
C TYR A 103 -4.44 -5.81 -0.44
N LEU A 104 -3.82 -5.16 0.51
CA LEU A 104 -2.39 -5.54 0.87
C LEU A 104 -2.32 -6.32 2.18
N TYR A 105 -3.26 -6.22 3.08
CA TYR A 105 -3.13 -7.03 4.34
C TYR A 105 -3.26 -8.53 3.99
N PRO A 106 -4.11 -8.92 3.06
CA PRO A 106 -4.22 -10.36 2.70
C PRO A 106 -3.00 -10.79 1.89
N TYR A 107 -2.58 -9.96 0.97
CA TYR A 107 -1.39 -10.27 0.13
C TYR A 107 -0.16 -10.37 1.04
N GLU A 108 0.03 -9.40 1.88
CA GLU A 108 1.19 -9.42 2.81
C GLU A 108 1.19 -10.72 3.61
N CYS A 109 0.05 -11.08 4.14
CA CYS A 109 -0.03 -12.33 4.93
C CYS A 109 0.33 -13.54 4.07
N GLU A 110 -0.09 -13.57 2.85
CA GLU A 110 0.22 -14.74 1.99
C GLU A 110 1.73 -14.83 1.73
N LYS A 111 2.38 -13.73 1.47
CA LYS A 111 3.84 -13.77 1.17
C LYS A 111 4.65 -14.11 2.43
N LYS A 112 4.31 -13.56 3.57
CA LYS A 112 5.12 -13.84 4.82
C LYS A 112 4.22 -14.26 5.99
N ASN A 113 2.92 -14.14 5.87
CA ASN A 113 2.04 -14.54 7.02
C ASN A 113 2.54 -13.84 8.28
N LEU A 114 2.72 -12.54 8.20
CA LEU A 114 3.23 -11.77 9.38
C LEU A 114 2.27 -11.93 10.56
N SER A 115 0.99 -11.89 10.31
CA SER A 115 0.01 -11.99 11.44
C SER A 115 -1.35 -12.47 10.91
N THR A 116 -2.32 -12.61 11.78
CA THR A 116 -3.68 -13.06 11.37
C THR A 116 -4.69 -11.98 11.78
N PRO A 117 -5.82 -11.87 11.11
CA PRO A 117 -6.81 -10.84 11.50
C PRO A 117 -7.14 -10.87 13.00
N ALA A 118 -6.87 -11.98 13.64
CA ALA A 118 -7.14 -12.09 15.10
C ALA A 118 -6.19 -11.20 15.88
N GLU A 119 -4.92 -11.42 15.74
CA GLU A 119 -3.92 -10.60 16.49
C GLU A 119 -3.96 -9.17 15.95
N LEU A 120 -4.43 -8.99 14.75
CA LEU A 120 -4.51 -7.60 14.21
C LEU A 120 -5.41 -6.78 15.13
N GLN A 121 -6.54 -7.32 15.49
CA GLN A 121 -7.45 -6.57 16.41
C GLN A 121 -6.71 -6.31 17.71
N ALA A 122 -5.94 -7.26 18.17
CA ALA A 122 -5.17 -7.04 19.42
C ALA A 122 -4.23 -5.86 19.17
N ALA A 123 -3.80 -5.70 17.95
CA ALA A 123 -2.89 -4.57 17.62
C ALA A 123 -3.67 -3.27 17.79
N ILE A 124 -4.92 -3.26 17.39
CA ILE A 124 -5.73 -2.02 17.53
C ILE A 124 -6.06 -1.80 19.01
N ASP A 125 -6.50 -2.83 19.68
CA ASP A 125 -6.84 -2.69 21.13
C ASP A 125 -5.55 -2.50 21.92
N GLY A 126 -4.52 -3.23 21.56
CA GLY A 126 -3.22 -3.09 22.28
C GLY A 126 -2.72 -1.65 22.14
N ASN A 127 -3.13 -0.98 21.10
CA ASN A 127 -2.69 0.42 20.90
C ASN A 127 -3.15 1.26 22.10
N ARG A 128 -4.34 1.01 22.57
CA ARG A 128 -4.85 1.77 23.76
C ARG A 128 -4.52 3.27 23.60
N GLY A 1 -16.57 13.07 -10.64
CA GLY A 1 -16.68 11.59 -10.79
C GLY A 1 -15.34 11.01 -11.23
N TRP A 2 -14.68 10.29 -10.36
CA TRP A 2 -13.36 9.68 -10.71
C TRP A 2 -13.60 8.29 -11.30
N SER A 3 -13.20 8.07 -12.52
CA SER A 3 -13.41 6.73 -13.15
C SER A 3 -12.31 5.77 -12.73
N PHE A 4 -12.66 4.54 -12.42
CA PHE A 4 -11.63 3.55 -12.01
C PHE A 4 -10.76 3.18 -13.22
N GLU A 5 -11.31 3.28 -14.41
CA GLU A 5 -10.50 2.94 -15.61
C GLU A 5 -9.30 3.89 -15.66
N GLU A 6 -9.47 5.08 -15.18
CA GLU A 6 -8.34 6.06 -15.18
C GLU A 6 -7.21 5.47 -14.34
N GLN A 7 -7.54 4.83 -13.27
CA GLN A 7 -6.48 4.21 -12.42
C GLN A 7 -5.81 3.08 -13.22
N PHE A 8 -6.48 2.60 -14.23
CA PHE A 8 -5.91 1.51 -15.08
C PHE A 8 -4.66 2.02 -15.79
N LYS A 9 -4.78 3.07 -16.55
CA LYS A 9 -3.58 3.61 -17.26
C LYS A 9 -2.53 4.00 -16.24
N GLN A 10 -2.93 4.38 -15.05
CA GLN A 10 -1.93 4.74 -14.02
C GLN A 10 -1.08 3.51 -13.72
N VAL A 11 -1.62 2.34 -13.89
CA VAL A 11 -0.81 1.10 -13.62
C VAL A 11 0.29 0.98 -14.66
N ARG A 12 0.00 1.29 -15.91
CA ARG A 12 1.06 1.16 -16.93
C ARG A 12 2.26 2.04 -16.55
N GLN A 13 2.03 3.26 -16.14
CA GLN A 13 3.18 4.12 -15.75
C GLN A 13 3.92 3.51 -14.55
N LEU A 14 3.27 2.72 -13.71
CA LEU A 14 4.03 2.10 -12.57
C LEU A 14 5.08 1.14 -13.15
N TYR A 15 4.68 0.28 -14.06
CA TYR A 15 5.65 -0.68 -14.67
C TYR A 15 6.74 0.11 -15.41
N GLU A 16 6.38 1.15 -16.09
CA GLU A 16 7.39 1.93 -16.86
C GLU A 16 8.45 2.52 -15.93
N ILE A 17 8.22 2.52 -14.64
CA ILE A 17 9.25 3.10 -13.73
C ILE A 17 10.60 2.44 -14.03
N ASN A 18 10.60 1.15 -14.25
CA ASN A 18 11.88 0.44 -14.56
C ASN A 18 11.55 -0.95 -15.08
N ASP A 19 12.42 -1.52 -15.86
CA ASP A 19 12.17 -2.90 -16.40
C ASP A 19 12.81 -3.91 -15.45
N ASP A 20 12.98 -3.55 -14.21
CA ASP A 20 13.60 -4.49 -13.25
C ASP A 20 12.75 -5.78 -13.18
N PRO A 21 13.33 -6.97 -13.32
CA PRO A 21 12.51 -8.21 -13.26
C PRO A 21 11.75 -8.36 -11.94
N LYS A 22 12.42 -8.12 -10.83
CA LYS A 22 11.74 -8.28 -9.51
C LYS A 22 10.53 -7.33 -9.43
N ARG A 23 10.72 -6.07 -9.73
CA ARG A 23 9.57 -5.13 -9.68
C ARG A 23 8.47 -5.59 -10.63
N LYS A 24 8.83 -5.92 -11.84
CA LYS A 24 7.80 -6.38 -12.82
C LYS A 24 7.12 -7.63 -12.28
N GLU A 25 7.90 -8.59 -11.83
CA GLU A 25 7.29 -9.84 -11.28
C GLU A 25 6.42 -9.51 -10.06
N PHE A 26 6.90 -8.65 -9.19
CA PHE A 26 6.08 -8.31 -7.98
C PHE A 26 4.74 -7.70 -8.39
N LEU A 27 4.75 -6.72 -9.26
CA LEU A 27 3.47 -6.07 -9.66
C LEU A 27 2.54 -7.11 -10.27
N ASP A 28 3.05 -7.93 -11.14
CA ASP A 28 2.17 -8.96 -11.78
C ASP A 28 1.60 -9.87 -10.69
N ASP A 29 2.38 -10.22 -9.70
CA ASP A 29 1.86 -11.12 -8.63
C ASP A 29 0.86 -10.36 -7.76
N LEU A 30 1.22 -9.18 -7.28
CA LEU A 30 0.27 -8.42 -6.43
C LEU A 30 -1.01 -8.13 -7.23
N PHE A 31 -0.89 -7.61 -8.42
CA PHE A 31 -2.12 -7.34 -9.22
C PHE A 31 -2.89 -8.65 -9.41
N SER A 32 -2.19 -9.74 -9.63
CA SER A 32 -2.87 -11.05 -9.86
C SER A 32 -3.74 -11.45 -8.66
N PHE A 33 -3.21 -11.41 -7.46
CA PHE A 33 -4.03 -11.82 -6.27
C PHE A 33 -5.28 -10.93 -6.15
N MET A 34 -5.09 -9.65 -6.13
CA MET A 34 -6.25 -8.71 -6.01
C MET A 34 -7.10 -8.75 -7.29
N GLN A 35 -6.60 -9.35 -8.33
CA GLN A 35 -7.36 -9.40 -9.62
C GLN A 35 -8.74 -10.01 -9.40
N LYS A 36 -8.98 -10.60 -8.26
CA LYS A 36 -10.34 -11.21 -8.03
C LYS A 36 -11.39 -10.14 -8.34
N ARG A 37 -11.20 -8.95 -7.84
CA ARG A 37 -12.16 -7.85 -8.15
C ARG A 37 -11.98 -7.48 -9.62
N GLY A 38 -10.75 -7.47 -10.08
CA GLY A 38 -10.48 -7.15 -11.52
C GLY A 38 -9.98 -5.71 -11.66
N THR A 39 -9.97 -4.94 -10.60
CA THR A 39 -9.49 -3.52 -10.69
C THR A 39 -8.16 -3.35 -9.91
N PRO A 40 -7.32 -2.41 -10.31
CA PRO A 40 -6.02 -2.19 -9.59
C PRO A 40 -6.20 -1.98 -8.08
N ILE A 41 -5.26 -1.31 -7.47
CA ILE A 41 -5.35 -1.04 -6.02
C ILE A 41 -6.46 -0.01 -5.77
N ASN A 42 -6.36 0.80 -4.76
CA ASN A 42 -7.45 1.79 -4.49
C ASN A 42 -7.25 3.03 -5.37
N ARG A 43 -6.09 3.65 -5.33
CA ARG A 43 -5.88 4.86 -6.19
C ARG A 43 -4.38 5.08 -6.42
N LEU A 44 -4.02 5.62 -7.55
CA LEU A 44 -2.57 5.87 -7.87
C LEU A 44 -2.40 7.30 -8.43
N PRO A 45 -2.36 8.29 -7.58
CA PRO A 45 -2.20 9.70 -8.05
C PRO A 45 -0.82 9.95 -8.67
N ILE A 46 -0.57 11.14 -9.15
CA ILE A 46 0.75 11.47 -9.75
C ILE A 46 1.50 12.40 -8.80
N MET A 47 2.72 12.10 -8.48
CA MET A 47 3.50 12.96 -7.54
C MET A 47 4.48 13.83 -8.34
N ALA A 48 4.44 15.11 -8.09
CA ALA A 48 5.34 16.06 -8.79
C ALA A 48 5.48 15.69 -10.27
N LYS A 49 6.48 14.90 -10.59
CA LYS A 49 6.72 14.50 -12.01
C LYS A 49 6.65 12.98 -12.13
N SER A 50 6.83 12.28 -11.03
CA SER A 50 6.79 10.79 -11.07
C SER A 50 5.42 10.32 -10.59
N VAL A 51 5.29 9.05 -10.30
CA VAL A 51 3.99 8.50 -9.82
C VAL A 51 4.16 7.90 -8.43
N LEU A 52 3.13 7.92 -7.64
CA LEU A 52 3.23 7.36 -6.26
C LEU A 52 3.56 5.87 -6.36
N ASP A 53 4.80 5.52 -6.12
CA ASP A 53 5.20 4.09 -6.20
C ASP A 53 4.58 3.29 -5.05
N LEU A 54 3.55 2.56 -5.31
CA LEU A 54 2.91 1.75 -4.22
C LEU A 54 3.95 0.81 -3.61
N TYR A 55 4.97 0.49 -4.36
CA TYR A 55 6.01 -0.44 -3.85
C TYR A 55 6.66 0.11 -2.58
N GLU A 56 6.94 1.39 -2.54
CA GLU A 56 7.61 1.95 -1.33
C GLU A 56 6.71 1.83 -0.10
N LEU A 57 5.41 1.90 -0.28
CA LEU A 57 4.54 1.75 0.92
C LEU A 57 4.80 0.37 1.53
N TYR A 58 4.77 -0.65 0.72
CA TYR A 58 5.00 -2.03 1.23
C TYR A 58 6.41 -2.17 1.83
N ASN A 59 7.43 -1.77 1.12
CA ASN A 59 8.82 -1.94 1.69
C ASN A 59 8.91 -1.17 3.01
N LEU A 60 8.32 0.00 3.10
CA LEU A 60 8.39 0.77 4.37
C LEU A 60 7.59 0.02 5.45
N VAL A 61 6.47 -0.54 5.08
CA VAL A 61 5.64 -1.28 6.08
C VAL A 61 6.45 -2.47 6.64
N ILE A 62 6.98 -3.31 5.80
CA ILE A 62 7.77 -4.47 6.32
C ILE A 62 9.01 -3.95 7.06
N ALA A 63 9.64 -2.93 6.53
CA ALA A 63 10.86 -2.38 7.19
C ALA A 63 10.56 -2.05 8.66
N ARG A 64 9.30 -2.02 9.05
CA ARG A 64 8.96 -1.69 10.47
C ARG A 64 8.67 -2.98 11.25
N GLY A 65 8.94 -4.12 10.67
CA GLY A 65 8.69 -5.41 11.39
C GLY A 65 7.33 -5.99 10.98
N GLY A 66 6.56 -5.26 10.22
CA GLY A 66 5.22 -5.79 9.78
C GLY A 66 4.13 -4.74 9.98
N LEU A 67 3.09 -4.81 9.20
CA LEU A 67 1.98 -3.83 9.35
C LEU A 67 1.41 -3.92 10.76
N VAL A 68 1.25 -5.12 11.28
CA VAL A 68 0.69 -5.25 12.66
C VAL A 68 1.59 -4.52 13.64
N ASP A 69 2.89 -4.62 13.48
CA ASP A 69 3.78 -3.90 14.43
C ASP A 69 3.56 -2.40 14.28
N VAL A 70 3.38 -1.94 13.08
CA VAL A 70 3.14 -0.48 12.86
C VAL A 70 1.85 -0.05 13.56
N ILE A 71 0.78 -0.75 13.34
CA ILE A 71 -0.51 -0.35 13.99
C ILE A 71 -0.38 -0.40 15.52
N ASN A 72 0.11 -1.48 16.04
CA ASN A 72 0.27 -1.60 17.52
C ASN A 72 1.21 -0.49 18.03
N LYS A 73 2.28 -0.25 17.33
CA LYS A 73 3.26 0.80 17.77
C LYS A 73 2.86 2.16 17.19
N LYS A 74 1.87 2.18 16.33
CA LYS A 74 1.44 3.47 15.73
C LYS A 74 2.63 4.17 15.10
N LEU A 75 3.27 3.53 14.13
CA LEU A 75 4.45 4.14 13.45
C LEU A 75 3.99 4.72 12.11
N TRP A 76 2.73 4.99 11.97
CA TRP A 76 2.20 5.56 10.70
C TRP A 76 2.87 6.91 10.41
N GLN A 77 3.08 7.70 11.43
CA GLN A 77 3.69 9.05 11.22
C GLN A 77 5.03 8.91 10.49
N GLU A 78 5.80 7.92 10.82
CA GLU A 78 7.12 7.75 10.13
C GLU A 78 6.91 7.59 8.62
N ILE A 79 5.84 6.93 8.22
CA ILE A 79 5.58 6.74 6.77
C ILE A 79 5.23 8.09 6.11
N ILE A 80 4.13 8.68 6.51
CA ILE A 80 3.73 9.98 5.91
C ILE A 80 4.79 11.03 6.16
N LYS A 81 5.37 11.04 7.32
CA LYS A 81 6.43 12.04 7.61
C LYS A 81 7.56 11.82 6.62
N GLY A 82 7.74 10.61 6.19
CA GLY A 82 8.82 10.30 5.22
C GLY A 82 8.69 11.18 3.97
N LEU A 83 7.62 11.06 3.23
CA LEU A 83 7.50 11.91 2.00
C LEU A 83 6.11 11.78 1.36
N HIS A 84 5.06 12.04 2.09
CA HIS A 84 3.68 11.95 1.49
C HIS A 84 2.79 13.07 2.06
N LEU A 85 3.37 14.19 2.43
CA LEU A 85 2.56 15.33 2.99
C LEU A 85 2.93 16.63 2.28
N PRO A 86 2.42 16.85 1.08
CA PRO A 86 2.73 18.11 0.35
C PRO A 86 2.15 19.34 1.08
N SER A 87 0.87 19.35 1.31
CA SER A 87 0.24 20.50 2.02
C SER A 87 -1.29 20.44 1.85
N SER A 88 -1.77 19.69 0.90
CA SER A 88 -3.24 19.60 0.67
C SER A 88 -3.81 18.38 1.39
N ILE A 89 -2.96 17.58 2.00
CA ILE A 89 -3.44 16.35 2.72
C ILE A 89 -3.06 16.45 4.19
N THR A 90 -4.01 16.34 5.08
CA THR A 90 -3.72 16.40 6.54
C THR A 90 -4.24 15.13 7.21
N SER A 91 -4.29 14.06 6.47
CA SER A 91 -4.79 12.77 7.06
C SER A 91 -4.35 11.62 6.15
N ALA A 92 -3.17 11.72 5.60
CA ALA A 92 -2.67 10.63 4.70
C ALA A 92 -2.57 9.31 5.44
N ALA A 93 -2.13 9.33 6.67
CA ALA A 93 -2.00 8.04 7.43
C ALA A 93 -3.36 7.33 7.45
N PHE A 94 -4.42 8.03 7.72
CA PHE A 94 -5.76 7.39 7.75
C PHE A 94 -6.08 6.79 6.38
N THR A 95 -5.81 7.50 5.32
CA THR A 95 -6.09 6.96 3.97
C THR A 95 -5.17 5.76 3.67
N LEU A 96 -3.92 5.86 4.05
CA LEU A 96 -2.96 4.76 3.77
C LEU A 96 -3.38 3.45 4.47
N ARG A 97 -3.67 3.51 5.74
CA ARG A 97 -4.04 2.27 6.48
C ARG A 97 -5.28 1.58 5.87
N THR A 98 -6.26 2.32 5.44
CA THR A 98 -7.49 1.67 4.88
C THR A 98 -7.20 1.05 3.49
N GLN A 99 -6.54 1.75 2.60
CA GLN A 99 -6.29 1.17 1.26
C GLN A 99 -5.35 -0.03 1.38
N TYR A 100 -4.39 0.03 2.26
CA TYR A 100 -3.46 -1.12 2.41
C TYR A 100 -4.28 -2.36 2.80
N MET A 101 -5.11 -2.23 3.79
CA MET A 101 -5.94 -3.39 4.22
C MET A 101 -6.89 -3.80 3.10
N LYS A 102 -7.29 -2.87 2.29
CA LYS A 102 -8.24 -3.23 1.20
C LYS A 102 -7.65 -4.29 0.25
N TYR A 103 -6.38 -4.18 -0.13
CA TYR A 103 -5.81 -5.21 -1.09
C TYR A 103 -4.40 -5.66 -0.68
N LEU A 104 -3.77 -5.07 0.31
CA LEU A 104 -2.36 -5.49 0.66
C LEU A 104 -2.29 -6.32 1.95
N TYR A 105 -3.31 -6.32 2.78
CA TYR A 105 -3.20 -7.16 4.01
C TYR A 105 -3.24 -8.66 3.65
N PRO A 106 -4.02 -9.07 2.66
CA PRO A 106 -4.05 -10.52 2.29
C PRO A 106 -2.76 -10.90 1.58
N TYR A 107 -2.27 -10.03 0.73
CA TYR A 107 -1.02 -10.31 -0.03
C TYR A 107 0.16 -10.33 0.94
N GLU A 108 0.20 -9.42 1.87
CA GLU A 108 1.33 -9.39 2.84
C GLU A 108 1.38 -10.71 3.62
N CYS A 109 0.27 -11.12 4.16
CA CYS A 109 0.25 -12.40 4.93
C CYS A 109 0.49 -13.58 3.98
N GLU A 110 0.17 -13.44 2.74
CA GLU A 110 0.38 -14.57 1.80
C GLU A 110 1.87 -14.84 1.63
N LYS A 111 2.63 -13.85 1.30
CA LYS A 111 4.10 -14.05 1.09
C LYS A 111 4.83 -14.32 2.42
N LYS A 112 4.49 -13.64 3.49
CA LYS A 112 5.22 -13.85 4.79
C LYS A 112 4.32 -14.35 5.91
N ASN A 113 3.01 -14.27 5.78
CA ASN A 113 2.14 -14.74 6.89
C ASN A 113 2.61 -14.10 8.20
N LEU A 114 2.74 -12.81 8.21
CA LEU A 114 3.23 -12.10 9.43
C LEU A 114 2.29 -12.35 10.61
N SER A 115 1.00 -12.36 10.38
CA SER A 115 0.05 -12.56 11.50
C SER A 115 -1.32 -12.98 10.95
N THR A 116 -2.35 -12.99 11.78
CA THR A 116 -3.72 -13.41 11.30
C THR A 116 -4.74 -12.32 11.68
N PRO A 117 -5.81 -12.15 10.95
CA PRO A 117 -6.80 -11.10 11.29
C PRO A 117 -7.21 -11.19 12.77
N ALA A 118 -7.00 -12.31 13.40
CA ALA A 118 -7.38 -12.45 14.85
C ALA A 118 -6.47 -11.57 15.70
N GLU A 119 -5.19 -11.82 15.66
CA GLU A 119 -4.25 -11.02 16.47
C GLU A 119 -4.26 -9.56 15.98
N LEU A 120 -4.63 -9.35 14.75
CA LEU A 120 -4.66 -7.95 14.22
C LEU A 120 -5.65 -7.16 15.08
N GLN A 121 -6.75 -7.75 15.42
CA GLN A 121 -7.73 -7.03 16.26
C GLN A 121 -7.04 -6.68 17.58
N ALA A 122 -6.24 -7.59 18.10
CA ALA A 122 -5.51 -7.29 19.35
C ALA A 122 -4.61 -6.07 19.10
N ALA A 123 -3.99 -6.02 17.94
CA ALA A 123 -3.11 -4.86 17.62
C ALA A 123 -3.98 -3.60 17.52
N ILE A 124 -5.15 -3.73 16.95
CA ILE A 124 -6.04 -2.54 16.82
C ILE A 124 -6.57 -2.16 18.21
N ASP A 125 -6.88 -3.12 19.02
CA ASP A 125 -7.39 -2.81 20.39
C ASP A 125 -6.32 -2.03 21.14
N GLY A 126 -5.09 -2.39 20.99
CA GLY A 126 -4.01 -1.65 21.69
C GLY A 126 -4.05 -0.19 21.23
N ASN A 127 -4.38 0.03 19.98
CA ASN A 127 -4.45 1.42 19.44
C ASN A 127 -5.92 1.79 19.17
N ARG A 128 -6.53 2.52 20.05
CA ARG A 128 -7.95 2.92 19.84
C ARG A 128 -8.05 3.80 18.59
N GLY A 1 -15.75 13.25 -14.37
CA GLY A 1 -14.36 13.53 -14.82
C GLY A 1 -13.49 12.30 -14.61
N TRP A 2 -13.32 11.87 -13.38
CA TRP A 2 -12.48 10.66 -13.12
C TRP A 2 -13.14 9.45 -13.78
N SER A 3 -12.34 8.56 -14.29
CA SER A 3 -12.89 7.32 -14.96
C SER A 3 -12.06 6.12 -14.53
N PHE A 4 -12.60 4.94 -14.66
CA PHE A 4 -11.83 3.73 -14.24
C PHE A 4 -10.56 3.57 -15.08
N GLU A 5 -10.64 3.85 -16.35
CA GLU A 5 -9.43 3.71 -17.21
C GLU A 5 -8.37 4.72 -16.79
N GLU A 6 -8.75 5.77 -16.11
CA GLU A 6 -7.76 6.79 -15.69
C GLU A 6 -6.70 6.14 -14.78
N GLN A 7 -7.14 5.43 -13.78
CA GLN A 7 -6.16 4.77 -12.87
C GLN A 7 -5.48 3.62 -13.61
N PHE A 8 -6.12 3.10 -14.63
CA PHE A 8 -5.55 1.96 -15.39
C PHE A 8 -4.26 2.37 -16.11
N LYS A 9 -4.30 3.39 -16.92
CA LYS A 9 -3.05 3.81 -17.63
C LYS A 9 -1.99 4.20 -16.60
N GLN A 10 -2.39 4.71 -15.48
CA GLN A 10 -1.37 5.09 -14.46
C GLN A 10 -0.59 3.84 -14.08
N VAL A 11 -1.24 2.72 -13.97
CA VAL A 11 -0.50 1.48 -13.60
C VAL A 11 0.58 1.21 -14.65
N ARG A 12 0.28 1.43 -15.90
CA ARG A 12 1.33 1.18 -16.93
C ARG A 12 2.59 1.98 -16.58
N GLN A 13 2.44 3.19 -16.11
CA GLN A 13 3.65 3.98 -15.77
C GLN A 13 4.45 3.28 -14.65
N LEU A 14 3.79 2.58 -13.74
CA LEU A 14 4.55 1.89 -12.66
C LEU A 14 5.46 0.83 -13.30
N TYR A 15 4.92 0.05 -14.19
CA TYR A 15 5.75 -1.00 -14.87
C TYR A 15 6.90 -0.31 -15.61
N GLU A 16 6.63 0.80 -16.24
CA GLU A 16 7.70 1.51 -17.02
C GLU A 16 8.76 2.12 -16.09
N ILE A 17 8.58 2.09 -14.80
CA ILE A 17 9.62 2.69 -13.91
C ILE A 17 10.98 2.04 -14.20
N ASN A 18 10.99 0.75 -14.42
CA ASN A 18 12.27 0.06 -14.71
C ASN A 18 11.99 -1.37 -15.12
N ASP A 19 12.98 -2.06 -15.61
CA ASP A 19 12.79 -3.47 -16.03
C ASP A 19 13.20 -4.39 -14.89
N ASP A 20 13.16 -3.89 -13.68
CA ASP A 20 13.54 -4.73 -12.51
C ASP A 20 12.63 -5.98 -12.45
N PRO A 21 13.15 -7.19 -12.46
CA PRO A 21 12.25 -8.38 -12.39
C PRO A 21 11.40 -8.39 -11.12
N LYS A 22 11.94 -7.95 -10.02
CA LYS A 22 11.15 -7.94 -8.76
C LYS A 22 9.92 -7.05 -8.91
N ARG A 23 10.10 -5.85 -9.40
CA ARG A 23 8.93 -4.95 -9.57
C ARG A 23 7.98 -5.52 -10.63
N LYS A 24 8.48 -5.89 -11.78
CA LYS A 24 7.58 -6.46 -12.83
C LYS A 24 6.92 -7.73 -12.27
N GLU A 25 7.72 -8.61 -11.73
CA GLU A 25 7.16 -9.88 -11.16
C GLU A 25 6.20 -9.54 -10.02
N PHE A 26 6.61 -8.69 -9.12
CA PHE A 26 5.74 -8.33 -7.97
C PHE A 26 4.42 -7.72 -8.45
N LEU A 27 4.48 -6.76 -9.32
CA LEU A 27 3.22 -6.10 -9.79
C LEU A 27 2.32 -7.15 -10.46
N ASP A 28 2.85 -7.96 -11.32
CA ASP A 28 2.00 -8.99 -11.96
C ASP A 28 1.43 -9.91 -10.88
N ASP A 29 2.22 -10.22 -9.88
CA ASP A 29 1.74 -11.11 -8.80
C ASP A 29 0.66 -10.41 -7.95
N LEU A 30 0.96 -9.25 -7.42
CA LEU A 30 -0.05 -8.55 -6.57
C LEU A 30 -1.33 -8.26 -7.36
N PHE A 31 -1.23 -7.72 -8.55
CA PHE A 31 -2.48 -7.42 -9.31
C PHE A 31 -3.30 -8.71 -9.48
N SER A 32 -2.65 -9.83 -9.69
CA SER A 32 -3.41 -11.10 -9.90
C SER A 32 -4.29 -11.44 -8.68
N PHE A 33 -3.74 -11.39 -7.49
CA PHE A 33 -4.56 -11.74 -6.29
C PHE A 33 -5.76 -10.78 -6.18
N MET A 34 -5.51 -9.51 -6.17
CA MET A 34 -6.62 -8.51 -6.07
C MET A 34 -7.46 -8.53 -7.35
N GLN A 35 -6.98 -9.16 -8.38
CA GLN A 35 -7.74 -9.20 -9.67
C GLN A 35 -9.15 -9.73 -9.41
N LYS A 36 -9.41 -10.27 -8.24
CA LYS A 36 -10.77 -10.81 -7.97
C LYS A 36 -11.80 -9.74 -8.39
N ARG A 37 -11.60 -8.52 -7.97
CA ARG A 37 -12.54 -7.44 -8.38
C ARG A 37 -12.31 -7.19 -9.87
N GLY A 38 -11.06 -7.26 -10.31
CA GLY A 38 -10.73 -7.07 -11.76
C GLY A 38 -10.12 -5.67 -12.00
N THR A 39 -10.18 -4.80 -11.02
CA THR A 39 -9.61 -3.42 -11.22
C THR A 39 -8.36 -3.26 -10.33
N PRO A 40 -7.45 -2.35 -10.66
CA PRO A 40 -6.22 -2.16 -9.84
C PRO A 40 -6.55 -1.86 -8.38
N ILE A 41 -5.65 -1.20 -7.70
CA ILE A 41 -5.88 -0.87 -6.27
C ILE A 41 -6.97 0.21 -6.15
N ASN A 42 -6.92 1.04 -5.14
CA ASN A 42 -7.99 2.07 -4.99
C ASN A 42 -7.66 3.29 -5.86
N ARG A 43 -6.49 3.85 -5.72
CA ARG A 43 -6.14 5.04 -6.56
C ARG A 43 -4.62 5.21 -6.60
N LEU A 44 -4.12 5.87 -7.62
CA LEU A 44 -2.64 6.09 -7.73
C LEU A 44 -2.36 7.55 -8.11
N PRO A 45 -2.36 8.45 -7.15
CA PRO A 45 -2.11 9.90 -7.46
C PRO A 45 -0.71 10.12 -8.07
N ILE A 46 -0.49 11.29 -8.62
CA ILE A 46 0.84 11.61 -9.24
C ILE A 46 1.47 12.76 -8.46
N MET A 47 2.72 12.60 -8.08
CA MET A 47 3.41 13.68 -7.32
C MET A 47 4.25 14.53 -8.28
N ALA A 48 3.77 15.69 -8.62
CA ALA A 48 4.52 16.58 -9.54
C ALA A 48 4.96 15.78 -10.78
N LYS A 49 6.20 15.35 -10.79
CA LYS A 49 6.72 14.56 -11.95
C LYS A 49 6.96 13.11 -11.52
N SER A 50 6.86 12.83 -10.25
CA SER A 50 7.06 11.43 -9.77
C SER A 50 5.70 10.74 -9.63
N VAL A 51 5.69 9.43 -9.58
CA VAL A 51 4.41 8.66 -9.46
C VAL A 51 4.43 7.89 -8.13
N LEU A 52 3.35 7.93 -7.39
CA LEU A 52 3.35 7.20 -6.08
C LEU A 52 3.50 5.70 -6.33
N ASP A 53 4.71 5.20 -6.24
CA ASP A 53 4.93 3.75 -6.46
C ASP A 53 4.39 2.95 -5.26
N LEU A 54 3.31 2.22 -5.43
CA LEU A 54 2.76 1.45 -4.28
C LEU A 54 3.85 0.55 -3.69
N TYR A 55 4.88 0.27 -4.43
CA TYR A 55 5.98 -0.61 -3.92
C TYR A 55 6.67 0.09 -2.74
N GLU A 56 6.85 1.38 -2.84
CA GLU A 56 7.55 2.13 -1.75
C GLU A 56 6.78 1.97 -0.44
N LEU A 57 5.47 2.02 -0.49
CA LEU A 57 4.69 1.87 0.78
C LEU A 57 5.01 0.50 1.40
N TYR A 58 5.04 -0.54 0.61
CA TYR A 58 5.31 -1.89 1.18
C TYR A 58 6.72 -1.96 1.79
N ASN A 59 7.74 -1.50 1.11
CA ASN A 59 9.11 -1.59 1.69
C ASN A 59 9.21 -0.84 3.02
N LEU A 60 8.62 0.33 3.11
CA LEU A 60 8.70 1.09 4.39
C LEU A 60 8.05 0.29 5.52
N VAL A 61 6.95 -0.35 5.24
CA VAL A 61 6.23 -1.12 6.31
C VAL A 61 7.08 -2.31 6.79
N ILE A 62 7.52 -3.17 5.92
CA ILE A 62 8.34 -4.33 6.38
C ILE A 62 9.62 -3.82 7.04
N ALA A 63 10.21 -2.80 6.49
CA ALA A 63 11.47 -2.26 7.08
C ALA A 63 11.28 -1.97 8.57
N ARG A 64 10.05 -1.86 9.03
CA ARG A 64 9.81 -1.57 10.48
C ARG A 64 9.60 -2.87 11.27
N GLY A 65 9.07 -3.89 10.65
CA GLY A 65 8.86 -5.18 11.39
C GLY A 65 7.54 -5.84 10.97
N GLY A 66 6.69 -5.13 10.27
CA GLY A 66 5.40 -5.73 9.83
C GLY A 66 4.27 -4.71 9.98
N LEU A 67 3.26 -4.80 9.16
CA LEU A 67 2.14 -3.83 9.25
C LEU A 67 1.53 -3.89 10.65
N VAL A 68 1.27 -5.06 11.17
CA VAL A 68 0.67 -5.15 12.52
C VAL A 68 1.59 -4.48 13.54
N ASP A 69 2.87 -4.65 13.41
CA ASP A 69 3.79 -3.99 14.38
C ASP A 69 3.64 -2.48 14.21
N VAL A 70 3.52 -2.03 13.00
CA VAL A 70 3.36 -0.57 12.74
C VAL A 70 2.05 -0.06 13.36
N ILE A 71 0.96 -0.74 13.14
CA ILE A 71 -0.34 -0.29 13.71
C ILE A 71 -0.25 -0.25 15.24
N ASN A 72 0.17 -1.33 15.84
CA ASN A 72 0.28 -1.36 17.34
C ASN A 72 1.24 -0.27 17.81
N LYS A 73 2.36 -0.11 17.15
CA LYS A 73 3.32 0.95 17.57
C LYS A 73 2.84 2.30 17.04
N LYS A 74 1.89 2.26 16.13
CA LYS A 74 1.35 3.53 15.58
C LYS A 74 2.49 4.37 14.99
N LEU A 75 3.25 3.82 14.09
CA LEU A 75 4.39 4.57 13.47
C LEU A 75 3.96 5.11 12.11
N TRP A 76 2.68 5.31 11.90
CA TRP A 76 2.21 5.82 10.58
C TRP A 76 2.84 7.19 10.31
N GLN A 77 3.18 7.92 11.34
CA GLN A 77 3.79 9.26 11.13
C GLN A 77 5.09 9.10 10.35
N GLU A 78 5.85 8.08 10.63
CA GLU A 78 7.13 7.89 9.90
C GLU A 78 6.84 7.72 8.41
N ILE A 79 5.80 7.01 8.07
CA ILE A 79 5.48 6.84 6.62
C ILE A 79 5.00 8.18 6.06
N ILE A 80 4.22 8.91 6.82
CA ILE A 80 3.71 10.23 6.34
C ILE A 80 4.88 11.18 6.12
N LYS A 81 5.86 11.17 6.99
CA LYS A 81 7.01 12.11 6.78
C LYS A 81 7.66 11.79 5.45
N GLY A 82 7.83 10.54 5.15
CA GLY A 82 8.41 10.16 3.84
C GLY A 82 7.37 10.51 2.76
N LEU A 83 6.15 10.15 3.01
CA LEU A 83 5.04 10.44 2.05
C LEU A 83 4.32 11.72 2.52
N HIS A 84 5.05 12.80 2.63
CA HIS A 84 4.47 14.09 3.12
C HIS A 84 3.03 14.28 2.62
N LEU A 85 2.29 15.15 3.27
CA LEU A 85 0.88 15.39 2.87
C LEU A 85 0.86 15.90 1.40
N PRO A 86 0.22 15.20 0.47
CA PRO A 86 0.19 15.69 -0.94
C PRO A 86 -0.51 17.04 -1.13
N SER A 87 -1.72 17.16 -0.63
CA SER A 87 -2.49 18.44 -0.78
C SER A 87 -2.95 18.87 0.60
N SER A 88 -2.08 18.70 1.56
CA SER A 88 -2.44 19.05 2.96
C SER A 88 -3.48 18.06 3.45
N ILE A 89 -3.48 16.87 2.89
CA ILE A 89 -4.46 15.84 3.34
C ILE A 89 -3.92 15.24 4.63
N THR A 90 -4.51 15.60 5.73
CA THR A 90 -4.05 15.10 7.05
C THR A 90 -4.80 13.80 7.35
N SER A 91 -5.18 13.11 6.32
CA SER A 91 -5.93 11.83 6.47
C SER A 91 -5.14 10.73 5.73
N ALA A 92 -3.91 11.02 5.39
CA ALA A 92 -3.09 10.02 4.64
C ALA A 92 -2.95 8.73 5.45
N ALA A 93 -2.72 8.83 6.72
CA ALA A 93 -2.58 7.59 7.53
C ALA A 93 -3.87 6.78 7.38
N PHE A 94 -4.99 7.43 7.58
CA PHE A 94 -6.29 6.71 7.45
C PHE A 94 -6.41 6.15 6.02
N THR A 95 -6.14 6.96 5.04
CA THR A 95 -6.24 6.49 3.63
C THR A 95 -5.26 5.33 3.39
N LEU A 96 -4.08 5.43 3.91
CA LEU A 96 -3.08 4.33 3.70
C LEU A 96 -3.51 3.04 4.42
N ARG A 97 -3.73 3.11 5.71
CA ARG A 97 -4.11 1.86 6.44
C ARG A 97 -5.40 1.25 5.89
N THR A 98 -6.38 2.05 5.55
CA THR A 98 -7.65 1.47 5.03
C THR A 98 -7.43 0.88 3.62
N GLN A 99 -6.78 1.60 2.75
CA GLN A 99 -6.56 1.05 1.38
C GLN A 99 -5.65 -0.17 1.47
N TYR A 100 -4.65 -0.10 2.30
CA TYR A 100 -3.72 -1.25 2.45
C TYR A 100 -4.52 -2.47 2.92
N MET A 101 -5.30 -2.29 3.95
CA MET A 101 -6.10 -3.43 4.49
C MET A 101 -7.09 -3.94 3.45
N LYS A 102 -7.62 -3.07 2.61
CA LYS A 102 -8.62 -3.53 1.63
C LYS A 102 -8.01 -4.60 0.70
N TYR A 103 -6.79 -4.43 0.22
CA TYR A 103 -6.19 -5.44 -0.73
C TYR A 103 -4.78 -5.89 -0.31
N LEU A 104 -4.14 -5.25 0.65
CA LEU A 104 -2.72 -5.67 1.00
C LEU A 104 -2.62 -6.37 2.37
N TYR A 105 -3.58 -6.28 3.25
CA TYR A 105 -3.41 -7.00 4.55
C TYR A 105 -3.36 -8.52 4.31
N PRO A 106 -4.14 -9.06 3.41
CA PRO A 106 -4.08 -10.53 3.14
C PRO A 106 -2.82 -10.86 2.34
N TYR A 107 -2.43 -9.94 1.50
CA TYR A 107 -1.21 -10.13 0.66
C TYR A 107 0.02 -10.12 1.58
N GLU A 108 0.08 -9.20 2.51
CA GLU A 108 1.22 -9.14 3.44
C GLU A 108 1.39 -10.51 4.11
N CYS A 109 0.32 -11.02 4.67
CA CYS A 109 0.39 -12.34 5.34
C CYS A 109 0.57 -13.45 4.29
N GLU A 110 0.25 -13.18 3.06
CA GLU A 110 0.39 -14.24 2.01
C GLU A 110 1.86 -14.58 1.81
N LYS A 111 2.67 -13.61 1.51
CA LYS A 111 4.11 -13.88 1.27
C LYS A 111 4.87 -14.26 2.56
N LYS A 112 4.59 -13.64 3.68
CA LYS A 112 5.35 -13.96 4.94
C LYS A 112 4.44 -14.40 6.09
N ASN A 113 3.15 -14.35 5.94
CA ASN A 113 2.27 -14.77 7.08
C ASN A 113 2.70 -14.02 8.35
N LEU A 114 2.86 -12.72 8.24
CA LEU A 114 3.30 -11.94 9.43
C LEU A 114 2.29 -12.06 10.56
N SER A 115 1.01 -12.06 10.25
CA SER A 115 0.00 -12.12 11.34
C SER A 115 -1.32 -12.71 10.84
N THR A 116 -2.35 -12.66 11.66
CA THR A 116 -3.68 -13.21 11.27
C THR A 116 -4.75 -12.22 11.76
N PRO A 117 -5.90 -12.15 11.13
CA PRO A 117 -6.95 -11.20 11.58
C PRO A 117 -7.21 -11.32 13.10
N ALA A 118 -6.89 -12.44 13.68
CA ALA A 118 -7.11 -12.63 15.14
C ALA A 118 -6.16 -11.72 15.92
N GLU A 119 -4.88 -11.89 15.72
CA GLU A 119 -3.90 -11.04 16.45
C GLU A 119 -4.01 -9.61 15.96
N LEU A 120 -4.49 -9.39 14.76
CA LEU A 120 -4.64 -8.00 14.27
C LEU A 120 -5.59 -7.27 15.21
N GLN A 121 -6.67 -7.90 15.60
CA GLN A 121 -7.62 -7.25 16.52
C GLN A 121 -6.88 -6.92 17.81
N ALA A 122 -6.04 -7.81 18.26
CA ALA A 122 -5.26 -7.55 19.50
C ALA A 122 -4.38 -6.33 19.26
N ALA A 123 -3.91 -6.19 18.05
CA ALA A 123 -3.03 -5.03 17.70
C ALA A 123 -3.85 -3.74 17.78
N ILE A 124 -5.08 -3.77 17.32
CA ILE A 124 -5.91 -2.52 17.37
C ILE A 124 -6.24 -2.21 18.82
N ASP A 125 -6.59 -3.20 19.59
CA ASP A 125 -6.94 -2.97 21.02
C ASP A 125 -5.69 -2.53 21.79
N GLY A 126 -4.56 -3.12 21.48
CA GLY A 126 -3.31 -2.74 22.19
C GLY A 126 -3.08 -1.24 22.03
N ASN A 127 -3.48 -0.68 20.92
CA ASN A 127 -3.29 0.78 20.71
C ASN A 127 -4.05 1.55 21.80
N ARG A 128 -5.23 1.09 22.15
CA ARG A 128 -6.01 1.78 23.20
C ARG A 128 -5.12 2.00 24.43
N GLY A 1 -17.86 10.63 -9.88
CA GLY A 1 -16.86 10.63 -8.77
C GLY A 1 -15.46 10.43 -9.35
N TRP A 2 -14.73 9.48 -8.83
CA TRP A 2 -13.36 9.23 -9.35
C TRP A 2 -13.45 8.64 -10.76
N SER A 3 -12.51 8.94 -11.61
CA SER A 3 -12.55 8.38 -12.98
C SER A 3 -12.48 6.86 -12.90
N PHE A 4 -11.95 6.18 -13.88
CA PHE A 4 -11.88 4.71 -13.84
C PHE A 4 -10.82 4.24 -14.83
N GLU A 5 -11.04 4.45 -16.10
CA GLU A 5 -10.03 4.04 -17.09
C GLU A 5 -8.77 4.88 -16.86
N GLU A 6 -8.91 5.99 -16.16
CA GLU A 6 -7.71 6.85 -15.89
C GLU A 6 -6.77 6.12 -14.94
N GLN A 7 -7.29 5.44 -13.97
CA GLN A 7 -6.41 4.68 -13.03
C GLN A 7 -5.78 3.52 -13.78
N PHE A 8 -6.39 3.11 -14.86
CA PHE A 8 -5.85 1.97 -15.64
C PHE A 8 -4.48 2.35 -16.23
N LYS A 9 -4.40 3.39 -17.02
CA LYS A 9 -3.08 3.76 -17.60
C LYS A 9 -2.10 4.07 -16.46
N GLN A 10 -2.58 4.52 -15.34
CA GLN A 10 -1.65 4.83 -14.21
C GLN A 10 -0.91 3.54 -13.80
N VAL A 11 -1.51 2.39 -13.97
CA VAL A 11 -0.78 1.14 -13.60
C VAL A 11 0.30 0.88 -14.66
N ARG A 12 0.04 1.24 -15.89
CA ARG A 12 1.06 1.02 -16.95
C ARG A 12 2.35 1.77 -16.60
N GLN A 13 2.23 3.01 -16.20
CA GLN A 13 3.47 3.77 -15.85
C GLN A 13 4.19 3.08 -14.69
N LEU A 14 3.49 2.36 -13.83
CA LEU A 14 4.21 1.68 -12.72
C LEU A 14 5.23 0.70 -13.30
N TYR A 15 4.80 -0.09 -14.25
CA TYR A 15 5.73 -1.07 -14.88
C TYR A 15 6.83 -0.34 -15.64
N GLU A 16 6.49 0.73 -16.31
CA GLU A 16 7.51 1.49 -17.10
C GLU A 16 8.50 2.21 -16.19
N ILE A 17 8.33 2.18 -14.89
CA ILE A 17 9.29 2.90 -14.00
C ILE A 17 10.72 2.44 -14.34
N ASN A 18 10.89 1.17 -14.61
CA ASN A 18 12.25 0.67 -14.93
C ASN A 18 12.13 -0.79 -15.41
N ASP A 19 13.23 -1.38 -15.82
CA ASP A 19 13.20 -2.79 -16.29
C ASP A 19 13.50 -3.73 -15.12
N ASP A 20 13.36 -3.25 -13.91
CA ASP A 20 13.66 -4.12 -12.74
C ASP A 20 12.86 -5.44 -12.89
N PRO A 21 13.49 -6.60 -13.05
CA PRO A 21 12.73 -7.87 -13.21
C PRO A 21 11.84 -8.20 -12.00
N LYS A 22 12.38 -8.16 -10.82
CA LYS A 22 11.55 -8.50 -9.63
C LYS A 22 10.37 -7.54 -9.53
N ARG A 23 10.58 -6.28 -9.79
CA ARG A 23 9.45 -5.31 -9.73
C ARG A 23 8.40 -5.76 -10.75
N LYS A 24 8.85 -6.14 -11.92
CA LYS A 24 7.88 -6.61 -12.97
C LYS A 24 7.12 -7.82 -12.43
N GLU A 25 7.83 -8.79 -11.90
CA GLU A 25 7.16 -10.00 -11.36
C GLU A 25 6.32 -9.64 -10.13
N PHE A 26 6.85 -8.79 -9.27
CA PHE A 26 6.08 -8.41 -8.05
C PHE A 26 4.75 -7.76 -8.43
N LEU A 27 4.77 -6.78 -9.29
CA LEU A 27 3.50 -6.12 -9.67
C LEU A 27 2.55 -7.14 -10.27
N ASP A 28 3.05 -8.00 -11.11
CA ASP A 28 2.17 -9.04 -11.72
C ASP A 28 1.57 -9.91 -10.61
N ASP A 29 2.35 -10.25 -9.62
CA ASP A 29 1.82 -11.12 -8.52
C ASP A 29 0.85 -10.35 -7.62
N LEU A 30 1.26 -9.23 -7.09
CA LEU A 30 0.35 -8.46 -6.19
C LEU A 30 -0.92 -8.07 -6.92
N PHE A 31 -0.82 -7.44 -8.05
CA PHE A 31 -2.06 -7.06 -8.77
C PHE A 31 -2.86 -8.31 -9.12
N SER A 32 -2.20 -9.38 -9.51
CA SER A 32 -2.95 -10.62 -9.89
C SER A 32 -3.80 -11.14 -8.72
N PHE A 33 -3.24 -11.24 -7.54
CA PHE A 33 -4.05 -11.76 -6.41
C PHE A 33 -5.29 -10.88 -6.25
N MET A 34 -5.09 -9.61 -6.07
CA MET A 34 -6.26 -8.69 -5.93
C MET A 34 -6.99 -8.55 -7.28
N GLN A 35 -6.37 -8.93 -8.37
CA GLN A 35 -7.05 -8.81 -9.70
C GLN A 35 -8.33 -9.64 -9.69
N LYS A 36 -8.52 -10.45 -8.69
CA LYS A 36 -9.76 -11.28 -8.65
C LYS A 36 -10.96 -10.36 -8.93
N ARG A 37 -10.96 -9.17 -8.39
CA ARG A 37 -12.08 -8.24 -8.70
C ARG A 37 -11.94 -7.83 -10.18
N GLY A 38 -10.72 -7.59 -10.62
CA GLY A 38 -10.47 -7.22 -12.05
C GLY A 38 -9.95 -5.79 -12.19
N THR A 39 -10.04 -4.97 -11.16
CA THR A 39 -9.55 -3.55 -11.27
C THR A 39 -8.31 -3.31 -10.39
N PRO A 40 -7.44 -2.38 -10.75
CA PRO A 40 -6.22 -2.10 -9.94
C PRO A 40 -6.54 -1.80 -8.46
N ILE A 41 -5.57 -1.32 -7.73
CA ILE A 41 -5.78 -1.00 -6.28
C ILE A 41 -6.91 0.03 -6.15
N ASN A 42 -6.90 0.83 -5.11
CA ASN A 42 -7.98 1.84 -4.94
C ASN A 42 -7.67 3.05 -5.82
N ARG A 43 -6.55 3.70 -5.59
CA ARG A 43 -6.18 4.88 -6.42
C ARG A 43 -4.66 4.96 -6.52
N LEU A 44 -4.19 5.65 -7.52
CA LEU A 44 -2.71 5.81 -7.72
C LEU A 44 -2.42 7.31 -7.92
N PRO A 45 -2.36 8.08 -6.86
CA PRO A 45 -2.12 9.54 -7.00
C PRO A 45 -0.79 9.83 -7.71
N ILE A 46 -0.79 10.78 -8.61
CA ILE A 46 0.45 11.12 -9.36
C ILE A 46 1.07 12.37 -8.76
N MET A 47 2.30 12.28 -8.37
CA MET A 47 2.99 13.47 -7.78
C MET A 47 3.64 14.28 -8.89
N ALA A 48 3.03 15.37 -9.26
CA ALA A 48 3.58 16.23 -10.33
C ALA A 48 4.11 15.38 -11.50
N LYS A 49 5.37 15.02 -11.46
CA LYS A 49 5.96 14.20 -12.58
C LYS A 49 6.31 12.80 -12.06
N SER A 50 6.21 12.58 -10.78
CA SER A 50 6.52 11.23 -10.22
C SER A 50 5.22 10.47 -9.96
N VAL A 51 5.30 9.16 -9.87
CA VAL A 51 4.07 8.33 -9.62
C VAL A 51 4.22 7.61 -8.28
N LEU A 52 3.23 7.69 -7.44
CA LEU A 52 3.34 7.02 -6.11
C LEU A 52 3.53 5.52 -6.31
N ASP A 53 4.76 5.06 -6.25
CA ASP A 53 5.02 3.60 -6.44
C ASP A 53 4.54 2.81 -5.20
N LEU A 54 3.61 1.91 -5.38
CA LEU A 54 3.11 1.11 -4.22
C LEU A 54 4.25 0.32 -3.59
N TYR A 55 5.13 -0.22 -4.39
CA TYR A 55 6.26 -1.04 -3.84
C TYR A 55 6.90 -0.30 -2.65
N GLU A 56 7.08 0.99 -2.77
CA GLU A 56 7.72 1.74 -1.66
C GLU A 56 6.88 1.64 -0.38
N LEU A 57 5.58 1.70 -0.48
CA LEU A 57 4.76 1.58 0.76
C LEU A 57 5.04 0.22 1.40
N TYR A 58 4.98 -0.83 0.62
CA TYR A 58 5.23 -2.19 1.19
C TYR A 58 6.65 -2.29 1.77
N ASN A 59 7.66 -1.90 1.04
CA ASN A 59 9.05 -2.04 1.58
C ASN A 59 9.17 -1.22 2.88
N LEU A 60 8.61 -0.04 2.92
CA LEU A 60 8.70 0.78 4.16
C LEU A 60 8.00 0.05 5.31
N VAL A 61 6.89 -0.58 5.03
CA VAL A 61 6.14 -1.29 6.11
C VAL A 61 6.93 -2.49 6.65
N ILE A 62 7.44 -3.33 5.80
CA ILE A 62 8.21 -4.50 6.30
C ILE A 62 9.53 -4.00 6.90
N ALA A 63 10.15 -3.05 6.26
CA ALA A 63 11.44 -2.53 6.79
C ALA A 63 11.28 -2.17 8.26
N ARG A 64 10.07 -2.05 8.74
CA ARG A 64 9.85 -1.70 10.18
C ARG A 64 9.65 -2.98 11.01
N GLY A 65 9.22 -4.05 10.38
CA GLY A 65 9.00 -5.33 11.14
C GLY A 65 7.67 -5.96 10.74
N GLY A 66 6.78 -5.20 10.14
CA GLY A 66 5.45 -5.77 9.73
C GLY A 66 4.36 -4.74 9.94
N LEU A 67 3.29 -4.81 9.19
CA LEU A 67 2.19 -3.82 9.37
C LEU A 67 1.67 -3.90 10.81
N VAL A 68 1.54 -5.09 11.34
CA VAL A 68 1.06 -5.20 12.74
C VAL A 68 2.05 -4.47 13.66
N ASP A 69 3.32 -4.59 13.38
CA ASP A 69 4.34 -3.89 14.22
C ASP A 69 4.21 -2.38 14.00
N VAL A 70 3.82 -1.97 12.83
CA VAL A 70 3.68 -0.52 12.55
C VAL A 70 2.50 0.06 13.33
N ILE A 71 1.37 -0.62 13.34
CA ILE A 71 0.18 -0.08 14.06
C ILE A 71 0.39 -0.13 15.58
N ASN A 72 0.75 -1.26 16.11
CA ASN A 72 0.91 -1.38 17.58
C ASN A 72 1.99 -0.40 18.06
N LYS A 73 3.06 -0.24 17.34
CA LYS A 73 4.13 0.72 17.78
C LYS A 73 3.74 2.12 17.32
N LYS A 74 2.66 2.24 16.60
CA LYS A 74 2.21 3.58 16.12
C LYS A 74 3.33 4.26 15.34
N LEU A 75 3.86 3.59 14.34
CA LEU A 75 4.98 4.18 13.53
C LEU A 75 4.43 4.78 12.23
N TRP A 76 3.14 5.00 12.15
CA TRP A 76 2.57 5.60 10.90
C TRP A 76 3.22 6.96 10.65
N GLN A 77 3.66 7.60 11.69
CA GLN A 77 4.28 8.96 11.52
C GLN A 77 5.51 8.85 10.61
N GLU A 78 6.29 7.83 10.75
CA GLU A 78 7.49 7.69 9.88
C GLU A 78 7.05 7.64 8.41
N ILE A 79 6.11 6.80 8.08
CA ILE A 79 5.65 6.72 6.66
C ILE A 79 5.03 8.07 6.26
N ILE A 80 4.13 8.57 7.07
CA ILE A 80 3.47 9.86 6.75
C ILE A 80 4.51 10.98 6.66
N LYS A 81 5.38 11.08 7.62
CA LYS A 81 6.42 12.15 7.57
C LYS A 81 7.27 11.95 6.31
N GLY A 82 7.38 10.73 5.85
CA GLY A 82 8.21 10.47 4.64
C GLY A 82 7.76 11.38 3.50
N LEU A 83 6.57 11.18 2.99
CA LEU A 83 6.09 12.05 1.85
C LEU A 83 4.68 11.66 1.41
N HIS A 84 3.73 11.61 2.31
CA HIS A 84 2.32 11.24 1.92
C HIS A 84 1.35 12.36 2.32
N LEU A 85 1.80 13.60 2.26
CA LEU A 85 0.90 14.74 2.64
C LEU A 85 0.99 15.85 1.58
N PRO A 86 0.34 15.69 0.45
CA PRO A 86 0.38 16.72 -0.63
C PRO A 86 -0.29 18.04 -0.19
N SER A 87 -0.17 18.40 1.06
CA SER A 87 -0.79 19.67 1.53
C SER A 87 -2.24 19.74 1.07
N SER A 88 -2.83 18.60 0.74
CA SER A 88 -4.26 18.58 0.29
C SER A 88 -5.09 17.68 1.21
N ILE A 89 -4.43 16.81 1.97
CA ILE A 89 -5.19 15.89 2.89
C ILE A 89 -4.50 15.87 4.26
N THR A 90 -5.26 16.07 5.31
CA THR A 90 -4.68 16.05 6.70
C THR A 90 -5.13 14.77 7.41
N SER A 91 -5.37 13.73 6.66
CA SER A 91 -5.82 12.44 7.27
C SER A 91 -5.22 11.29 6.47
N ALA A 92 -4.03 11.45 5.98
CA ALA A 92 -3.37 10.38 5.18
C ALA A 92 -3.22 9.11 6.00
N ALA A 93 -3.02 9.23 7.29
CA ALA A 93 -2.85 8.00 8.12
C ALA A 93 -4.07 7.09 7.94
N PHE A 94 -5.23 7.63 8.10
CA PHE A 94 -6.47 6.81 7.95
C PHE A 94 -6.55 6.23 6.53
N THR A 95 -6.22 7.01 5.52
CA THR A 95 -6.29 6.49 4.13
C THR A 95 -5.23 5.40 3.89
N LEU A 96 -4.03 5.60 4.36
CA LEU A 96 -2.96 4.58 4.14
C LEU A 96 -3.31 3.25 4.84
N ARG A 97 -3.62 3.29 6.10
CA ARG A 97 -3.93 2.03 6.83
C ARG A 97 -5.14 1.28 6.23
N THR A 98 -6.17 1.98 5.82
CA THR A 98 -7.36 1.26 5.26
C THR A 98 -7.12 0.74 3.83
N GLN A 99 -6.59 1.56 2.95
CA GLN A 99 -6.37 1.08 1.56
C GLN A 99 -5.44 -0.13 1.59
N TYR A 100 -4.43 -0.06 2.40
CA TYR A 100 -3.48 -1.19 2.50
C TYR A 100 -4.26 -2.44 2.94
N MET A 101 -5.05 -2.29 3.95
CA MET A 101 -5.86 -3.44 4.46
C MET A 101 -6.81 -3.93 3.37
N LYS A 102 -7.33 -3.06 2.56
CA LYS A 102 -8.30 -3.48 1.52
C LYS A 102 -7.71 -4.52 0.55
N TYR A 103 -6.47 -4.38 0.12
CA TYR A 103 -5.91 -5.39 -0.86
C TYR A 103 -4.47 -5.81 -0.54
N LEU A 104 -3.80 -5.15 0.39
CA LEU A 104 -2.37 -5.53 0.68
C LEU A 104 -2.25 -6.35 1.97
N TYR A 105 -3.21 -6.31 2.86
CA TYR A 105 -3.06 -7.13 4.10
C TYR A 105 -3.17 -8.64 3.76
N PRO A 106 -4.03 -9.05 2.85
CA PRO A 106 -4.10 -10.50 2.53
C PRO A 106 -2.81 -10.93 1.81
N TYR A 107 -2.33 -10.07 0.95
CA TYR A 107 -1.07 -10.38 0.21
C TYR A 107 0.09 -10.41 1.20
N GLU A 108 0.19 -9.43 2.05
CA GLU A 108 1.30 -9.42 3.05
C GLU A 108 1.24 -10.71 3.87
N CYS A 109 0.07 -11.05 4.35
CA CYS A 109 -0.09 -12.30 5.15
C CYS A 109 0.24 -13.52 4.29
N GLU A 110 -0.15 -13.52 3.05
CA GLU A 110 0.13 -14.70 2.20
C GLU A 110 1.63 -14.94 2.08
N LYS A 111 2.40 -13.93 1.75
CA LYS A 111 3.88 -14.15 1.61
C LYS A 111 4.56 -14.31 2.98
N LYS A 112 4.18 -13.57 3.98
CA LYS A 112 4.87 -13.68 5.32
C LYS A 112 3.93 -14.16 6.43
N ASN A 113 2.64 -14.12 6.23
CA ASN A 113 1.72 -14.59 7.31
C ASN A 113 2.10 -13.91 8.64
N LEU A 114 2.25 -12.62 8.62
CA LEU A 114 2.65 -11.90 9.86
C LEU A 114 1.60 -12.07 10.96
N SER A 115 0.34 -12.04 10.62
CA SER A 115 -0.71 -12.19 11.67
C SER A 115 -2.07 -12.47 11.05
N THR A 116 -3.06 -12.78 11.87
CA THR A 116 -4.44 -13.06 11.35
C THR A 116 -5.38 -11.95 11.88
N PRO A 117 -6.49 -11.71 11.22
CA PRO A 117 -7.43 -10.65 11.68
C PRO A 117 -7.72 -10.76 13.19
N ALA A 118 -7.54 -11.91 13.77
CA ALA A 118 -7.81 -12.08 15.23
C ALA A 118 -6.79 -11.29 16.05
N GLU A 119 -5.53 -11.60 15.90
CA GLU A 119 -4.46 -10.89 16.67
C GLU A 119 -4.29 -9.46 16.14
N LEU A 120 -4.43 -9.27 14.86
CA LEU A 120 -4.30 -7.90 14.30
C LEU A 120 -5.34 -6.99 14.95
N GLN A 121 -6.57 -7.42 14.97
CA GLN A 121 -7.63 -6.58 15.59
C GLN A 121 -7.24 -6.32 17.04
N ALA A 122 -6.71 -7.30 17.71
CA ALA A 122 -6.29 -7.08 19.12
C ALA A 122 -5.26 -5.95 19.15
N ALA A 123 -4.41 -5.90 18.16
CA ALA A 123 -3.39 -4.81 18.10
C ALA A 123 -4.07 -3.46 17.90
N ILE A 124 -5.01 -3.41 16.99
CA ILE A 124 -5.70 -2.12 16.71
C ILE A 124 -6.54 -1.68 17.92
N ASP A 125 -7.35 -2.55 18.47
CA ASP A 125 -8.19 -2.13 19.62
C ASP A 125 -7.34 -1.95 20.88
N GLY A 126 -6.40 -2.80 21.11
CA GLY A 126 -5.55 -2.63 22.31
C GLY A 126 -4.69 -1.39 22.11
N ASN A 127 -4.76 -0.81 20.94
CA ASN A 127 -3.93 0.39 20.65
C ASN A 127 -2.50 -0.01 20.90
N ARG A 128 -2.21 -1.26 20.68
CA ARG A 128 -0.83 -1.78 20.90
C ARG A 128 -0.77 -3.22 20.40
N GLY A 1 -10.72 16.22 -14.14
CA GLY A 1 -11.42 15.09 -14.81
C GLY A 1 -10.76 13.77 -14.40
N TRP A 2 -11.43 13.02 -13.55
CA TRP A 2 -10.86 11.70 -13.08
C TRP A 2 -11.77 10.57 -13.58
N SER A 3 -11.19 9.49 -14.04
CA SER A 3 -12.01 8.34 -14.54
C SER A 3 -11.36 7.04 -14.06
N PHE A 4 -12.12 5.98 -13.98
CA PHE A 4 -11.52 4.70 -13.51
C PHE A 4 -10.43 4.23 -14.49
N GLU A 5 -10.64 4.36 -15.77
CA GLU A 5 -9.57 3.93 -16.73
C GLU A 5 -8.33 4.79 -16.53
N GLU A 6 -8.51 6.01 -16.12
CA GLU A 6 -7.34 6.89 -15.92
C GLU A 6 -6.44 6.27 -14.84
N GLN A 7 -7.02 5.72 -13.82
CA GLN A 7 -6.18 5.09 -12.76
C GLN A 7 -5.52 3.83 -13.33
N PHE A 8 -6.19 3.17 -14.24
CA PHE A 8 -5.64 1.93 -14.84
C PHE A 8 -4.34 2.22 -15.64
N LYS A 9 -4.35 3.16 -16.55
CA LYS A 9 -3.11 3.44 -17.32
C LYS A 9 -1.99 3.88 -16.37
N GLN A 10 -2.34 4.54 -15.30
CA GLN A 10 -1.29 4.99 -14.34
C GLN A 10 -0.57 3.75 -13.81
N VAL A 11 -1.28 2.69 -13.54
CA VAL A 11 -0.61 1.46 -13.05
C VAL A 11 0.46 1.07 -14.06
N ARG A 12 0.18 1.18 -15.33
CA ARG A 12 1.23 0.83 -16.33
C ARG A 12 2.49 1.63 -16.00
N GLN A 13 2.35 2.84 -15.54
CA GLN A 13 3.56 3.64 -15.22
C GLN A 13 4.37 2.90 -14.12
N LEU A 14 3.69 2.20 -13.23
CA LEU A 14 4.43 1.48 -12.15
C LEU A 14 5.40 0.49 -12.79
N TYR A 15 4.94 -0.28 -13.75
CA TYR A 15 5.85 -1.24 -14.43
C TYR A 15 6.97 -0.47 -15.13
N GLU A 16 6.65 0.65 -15.72
CA GLU A 16 7.69 1.44 -16.46
C GLU A 16 8.65 2.17 -15.51
N ILE A 17 8.53 2.01 -14.23
CA ILE A 17 9.47 2.72 -13.30
C ILE A 17 10.92 2.37 -13.67
N ASN A 18 11.18 1.14 -14.00
CA ASN A 18 12.58 0.76 -14.36
C ASN A 18 12.59 -0.64 -14.96
N ASP A 19 13.73 -1.14 -15.33
CA ASP A 19 13.80 -2.50 -15.94
C ASP A 19 14.02 -3.54 -14.84
N ASP A 20 13.99 -3.12 -13.60
CA ASP A 20 14.20 -4.08 -12.48
C ASP A 20 13.28 -5.31 -12.67
N PRO A 21 13.78 -6.49 -12.99
CA PRO A 21 12.89 -7.67 -13.18
C PRO A 21 12.16 -8.05 -11.88
N LYS A 22 12.78 -7.85 -10.75
CA LYS A 22 12.11 -8.22 -9.48
C LYS A 22 10.81 -7.42 -9.33
N ARG A 23 10.84 -6.16 -9.66
CA ARG A 23 9.60 -5.34 -9.53
C ARG A 23 8.50 -5.92 -10.44
N LYS A 24 8.86 -6.35 -11.63
CA LYS A 24 7.82 -6.90 -12.54
C LYS A 24 7.16 -8.11 -11.87
N GLU A 25 7.94 -8.97 -11.27
CA GLU A 25 7.37 -10.16 -10.60
C GLU A 25 6.46 -9.73 -9.45
N PHE A 26 6.87 -8.74 -8.69
CA PHE A 26 6.04 -8.28 -7.55
C PHE A 26 4.72 -7.69 -8.04
N LEU A 27 4.77 -6.76 -8.96
CA LEU A 27 3.51 -6.14 -9.46
C LEU A 27 2.61 -7.20 -10.06
N ASP A 28 3.14 -8.05 -10.90
CA ASP A 28 2.30 -9.11 -11.51
C ASP A 28 1.69 -9.97 -10.41
N ASP A 29 2.46 -10.30 -9.41
CA ASP A 29 1.92 -11.16 -8.31
C ASP A 29 0.89 -10.40 -7.48
N LEU A 30 1.23 -9.23 -7.00
CA LEU A 30 0.27 -8.45 -6.17
C LEU A 30 -0.99 -8.11 -6.98
N PHE A 31 -0.84 -7.46 -8.10
CA PHE A 31 -2.05 -7.10 -8.89
C PHE A 31 -2.82 -8.37 -9.28
N SER A 32 -2.13 -9.42 -9.65
CA SER A 32 -2.84 -10.68 -10.06
C SER A 32 -3.66 -11.23 -8.88
N PHE A 33 -3.09 -11.27 -7.71
CA PHE A 33 -3.85 -11.82 -6.55
C PHE A 33 -5.16 -11.03 -6.37
N MET A 34 -5.05 -9.75 -6.21
CA MET A 34 -6.28 -8.90 -6.04
C MET A 34 -7.08 -8.84 -7.35
N GLN A 35 -6.50 -9.25 -8.45
CA GLN A 35 -7.22 -9.18 -9.76
C GLN A 35 -8.52 -9.99 -9.74
N LYS A 36 -8.74 -10.80 -8.73
CA LYS A 36 -10.00 -11.60 -8.70
C LYS A 36 -11.18 -10.71 -9.08
N ARG A 37 -11.24 -9.53 -8.53
CA ARG A 37 -12.34 -8.61 -8.93
C ARG A 37 -12.14 -8.23 -10.40
N GLY A 38 -10.91 -8.01 -10.80
CA GLY A 38 -10.61 -7.68 -12.23
C GLY A 38 -10.03 -6.27 -12.34
N THR A 39 -10.09 -5.46 -11.31
CA THR A 39 -9.54 -4.06 -11.39
C THR A 39 -8.28 -3.93 -10.51
N PRO A 40 -7.38 -3.02 -10.86
CA PRO A 40 -6.14 -2.83 -10.05
C PRO A 40 -6.48 -2.44 -8.59
N ILE A 41 -5.58 -1.73 -7.94
CA ILE A 41 -5.84 -1.27 -6.54
C ILE A 41 -7.08 -0.37 -6.55
N ASN A 42 -7.27 0.44 -5.56
CA ASN A 42 -8.46 1.34 -5.57
C ASN A 42 -8.15 2.54 -6.46
N ARG A 43 -7.15 3.30 -6.11
CA ARG A 43 -6.77 4.46 -6.96
C ARG A 43 -5.39 4.97 -6.52
N LEU A 44 -4.53 5.28 -7.45
CA LEU A 44 -3.17 5.79 -7.11
C LEU A 44 -3.04 7.21 -7.68
N PRO A 45 -3.23 8.25 -6.90
CA PRO A 45 -3.12 9.63 -7.45
C PRO A 45 -1.72 9.93 -7.99
N ILE A 46 -1.53 11.07 -8.62
CA ILE A 46 -0.21 11.42 -9.18
C ILE A 46 0.39 12.55 -8.34
N MET A 47 1.61 12.39 -7.92
CA MET A 47 2.27 13.45 -7.09
C MET A 47 3.22 14.27 -7.95
N ALA A 48 3.03 15.55 -7.95
CA ALA A 48 3.89 16.48 -8.74
C ALA A 48 4.26 15.89 -10.11
N LYS A 49 5.40 15.26 -10.21
CA LYS A 49 5.85 14.67 -11.51
C LYS A 49 6.02 13.16 -11.37
N SER A 50 5.82 12.65 -10.19
CA SER A 50 5.94 11.17 -9.95
C SER A 50 4.59 10.65 -9.48
N VAL A 51 4.46 9.36 -9.30
CA VAL A 51 3.15 8.78 -8.85
C VAL A 51 3.36 8.01 -7.55
N LEU A 52 2.32 7.85 -6.79
CA LEU A 52 2.46 7.12 -5.49
C LEU A 52 2.91 5.68 -5.77
N ASP A 53 4.19 5.42 -5.70
CA ASP A 53 4.68 4.04 -5.95
C ASP A 53 4.26 3.14 -4.78
N LEU A 54 3.18 2.42 -4.93
CA LEU A 54 2.73 1.55 -3.81
C LEU A 54 3.86 0.61 -3.40
N TYR A 55 4.77 0.32 -4.29
CA TYR A 55 5.90 -0.58 -3.94
C TYR A 55 6.68 0.04 -2.77
N GLU A 56 6.92 1.32 -2.84
CA GLU A 56 7.69 1.99 -1.74
C GLU A 56 6.93 1.83 -0.42
N LEU A 57 5.63 1.98 -0.44
CA LEU A 57 4.86 1.81 0.82
C LEU A 57 5.08 0.39 1.33
N TYR A 58 4.91 -0.58 0.49
CA TYR A 58 5.09 -1.99 0.93
C TYR A 58 6.52 -2.24 1.43
N ASN A 59 7.51 -1.87 0.67
CA ASN A 59 8.91 -2.12 1.12
C ASN A 59 9.12 -1.46 2.49
N LEU A 60 8.72 -0.23 2.63
CA LEU A 60 8.89 0.47 3.94
C LEU A 60 8.10 -0.27 5.02
N VAL A 61 6.91 -0.69 4.72
CA VAL A 61 6.08 -1.40 5.73
C VAL A 61 6.76 -2.69 6.20
N ILE A 62 7.21 -3.51 5.30
CA ILE A 62 7.88 -4.78 5.73
C ILE A 62 9.17 -4.45 6.49
N ALA A 63 9.92 -3.51 6.01
CA ALA A 63 11.19 -3.14 6.70
C ALA A 63 10.89 -2.69 8.13
N ARG A 64 9.64 -2.50 8.45
CA ARG A 64 9.28 -2.02 9.83
C ARG A 64 8.81 -3.20 10.70
N GLY A 65 8.98 -4.41 10.23
CA GLY A 65 8.57 -5.60 11.05
C GLY A 65 7.16 -6.08 10.66
N GLY A 66 6.47 -5.39 9.78
CA GLY A 66 5.10 -5.83 9.37
C GLY A 66 4.09 -4.72 9.62
N LEU A 67 3.02 -4.71 8.86
CA LEU A 67 1.98 -3.65 9.07
C LEU A 67 1.42 -3.75 10.50
N VAL A 68 1.13 -4.94 10.97
CA VAL A 68 0.58 -5.07 12.34
C VAL A 68 1.58 -4.48 13.34
N ASP A 69 2.84 -4.74 13.15
CA ASP A 69 3.85 -4.16 14.07
C ASP A 69 3.81 -2.64 13.94
N VAL A 70 3.69 -2.15 12.73
CA VAL A 70 3.63 -0.68 12.52
C VAL A 70 2.42 -0.10 13.28
N ILE A 71 1.26 -0.66 13.10
CA ILE A 71 0.06 -0.13 13.81
C ILE A 71 0.27 -0.23 15.32
N ASN A 72 0.65 -1.38 15.80
CA ASN A 72 0.88 -1.54 17.27
C ASN A 72 1.98 -0.57 17.72
N LYS A 73 3.03 -0.45 16.96
CA LYS A 73 4.13 0.48 17.34
C LYS A 73 3.71 1.91 16.99
N LYS A 74 2.67 2.04 16.20
CA LYS A 74 2.18 3.40 15.81
C LYS A 74 3.29 4.16 15.07
N LEU A 75 3.89 3.54 14.09
CA LEU A 75 4.99 4.21 13.32
C LEU A 75 4.39 4.82 12.04
N TRP A 76 3.11 5.06 12.03
CA TRP A 76 2.48 5.66 10.82
C TRP A 76 3.17 7.00 10.53
N GLN A 77 3.61 7.67 11.56
CA GLN A 77 4.29 8.99 11.36
C GLN A 77 5.53 8.81 10.49
N GLU A 78 6.26 7.75 10.67
CA GLU A 78 7.48 7.54 9.84
C GLU A 78 7.09 7.42 8.36
N ILE A 79 6.09 6.64 8.05
CA ILE A 79 5.69 6.50 6.62
C ILE A 79 5.05 7.81 6.14
N ILE A 80 4.24 8.42 6.95
CA ILE A 80 3.59 9.71 6.54
C ILE A 80 4.66 10.78 6.35
N LYS A 81 5.62 10.85 7.24
CA LYS A 81 6.69 11.88 7.10
C LYS A 81 7.42 11.65 5.77
N GLY A 82 7.66 10.42 5.42
CA GLY A 82 8.35 10.14 4.13
C GLY A 82 7.45 10.61 2.98
N LEU A 83 6.17 10.36 3.11
CA LEU A 83 5.19 10.78 2.05
C LEU A 83 4.47 12.04 2.54
N HIS A 84 5.21 13.07 2.88
CA HIS A 84 4.59 14.33 3.40
C HIS A 84 3.30 14.64 2.62
N LEU A 85 2.37 15.27 3.27
CA LEU A 85 1.08 15.58 2.60
C LEU A 85 1.32 16.67 1.53
N PRO A 86 0.90 16.47 0.30
CA PRO A 86 1.13 17.53 -0.73
C PRO A 86 0.45 18.84 -0.32
N SER A 87 -0.85 18.93 -0.48
CA SER A 87 -1.57 20.16 -0.08
C SER A 87 -3.08 19.93 -0.27
N SER A 88 -3.50 18.69 -0.30
CA SER A 88 -4.96 18.41 -0.49
C SER A 88 -5.36 17.17 0.33
N ILE A 89 -4.43 16.55 1.02
CA ILE A 89 -4.76 15.35 1.85
C ILE A 89 -4.45 15.66 3.30
N THR A 90 -5.43 15.60 4.17
CA THR A 90 -5.21 15.88 5.62
C THR A 90 -5.57 14.64 6.42
N SER A 91 -5.42 13.50 5.83
CA SER A 91 -5.76 12.23 6.53
C SER A 91 -4.98 11.08 5.88
N ALA A 92 -3.71 11.30 5.64
CA ALA A 92 -2.88 10.24 5.00
C ALA A 92 -2.84 8.98 5.87
N ALA A 93 -2.73 9.14 7.16
CA ALA A 93 -2.68 7.95 8.06
C ALA A 93 -3.92 7.08 7.83
N PHE A 94 -5.08 7.65 7.98
CA PHE A 94 -6.33 6.87 7.78
C PHE A 94 -6.42 6.37 6.34
N THR A 95 -6.04 7.18 5.39
CA THR A 95 -6.12 6.75 3.96
C THR A 95 -5.14 5.61 3.69
N LEU A 96 -3.93 5.71 4.17
CA LEU A 96 -2.94 4.63 3.89
C LEU A 96 -3.38 3.30 4.54
N ARG A 97 -3.71 3.30 5.80
CA ARG A 97 -4.12 2.02 6.46
C ARG A 97 -5.36 1.41 5.79
N THR A 98 -6.32 2.22 5.42
CA THR A 98 -7.55 1.64 4.79
C THR A 98 -7.26 1.14 3.37
N GLN A 99 -6.57 1.93 2.58
CA GLN A 99 -6.28 1.47 1.19
C GLN A 99 -5.42 0.22 1.25
N TYR A 100 -4.46 0.22 2.13
CA TYR A 100 -3.57 -0.96 2.28
C TYR A 100 -4.43 -2.18 2.65
N MET A 101 -5.26 -2.02 3.64
CA MET A 101 -6.13 -3.15 4.06
C MET A 101 -7.06 -3.54 2.91
N LYS A 102 -7.33 -2.62 2.03
CA LYS A 102 -8.25 -2.93 0.90
C LYS A 102 -7.70 -4.10 0.06
N TYR A 103 -6.43 -4.09 -0.31
CA TYR A 103 -5.89 -5.24 -1.12
C TYR A 103 -4.43 -5.57 -0.77
N LEU A 104 -3.88 -4.99 0.26
CA LEU A 104 -2.44 -5.30 0.61
C LEU A 104 -2.36 -6.07 1.93
N TYR A 105 -3.41 -6.07 2.74
CA TYR A 105 -3.32 -6.84 4.02
C TYR A 105 -3.44 -8.35 3.72
N PRO A 106 -4.26 -8.76 2.76
CA PRO A 106 -4.37 -10.22 2.44
C PRO A 106 -3.11 -10.68 1.69
N TYR A 107 -2.69 -9.89 0.74
CA TYR A 107 -1.47 -10.26 -0.06
C TYR A 107 -0.26 -10.33 0.87
N GLU A 108 -0.05 -9.32 1.67
CA GLU A 108 1.11 -9.33 2.60
C GLU A 108 1.08 -10.60 3.46
N CYS A 109 -0.04 -10.85 4.08
CA CYS A 109 -0.18 -12.06 4.94
C CYS A 109 -0.17 -13.34 4.10
N GLU A 110 -0.69 -13.28 2.90
CA GLU A 110 -0.73 -14.51 2.07
C GLU A 110 0.70 -15.03 1.84
N LYS A 111 1.61 -14.17 1.46
CA LYS A 111 3.01 -14.64 1.20
C LYS A 111 3.81 -14.76 2.51
N LYS A 112 3.63 -13.84 3.43
CA LYS A 112 4.42 -13.88 4.71
C LYS A 112 3.55 -14.33 5.89
N ASN A 113 2.26 -14.14 5.83
CA ASN A 113 1.41 -14.56 6.98
C ASN A 113 1.96 -13.92 8.26
N LEU A 114 2.12 -12.63 8.23
CA LEU A 114 2.68 -11.90 9.41
C LEU A 114 1.80 -12.10 10.64
N SER A 115 0.51 -11.99 10.48
CA SER A 115 -0.39 -12.13 11.66
C SER A 115 -1.77 -12.60 11.20
N THR A 116 -2.70 -12.76 12.13
CA THR A 116 -4.08 -13.19 11.77
C THR A 116 -5.04 -12.05 12.12
N PRO A 117 -6.16 -11.93 11.44
CA PRO A 117 -7.11 -10.83 11.76
C PRO A 117 -7.43 -10.79 13.25
N ALA A 118 -7.23 -11.88 13.94
CA ALA A 118 -7.51 -11.92 15.41
C ALA A 118 -6.50 -11.04 16.14
N GLU A 119 -5.24 -11.32 15.96
CA GLU A 119 -4.19 -10.51 16.65
C GLU A 119 -4.17 -9.11 16.04
N LEU A 120 -4.69 -8.96 14.86
CA LEU A 120 -4.73 -7.61 14.24
C LEU A 120 -5.54 -6.70 15.16
N GLN A 121 -6.68 -7.16 15.59
CA GLN A 121 -7.52 -6.34 16.52
C GLN A 121 -6.72 -6.06 17.78
N ALA A 122 -6.00 -7.03 18.27
CA ALA A 122 -5.19 -6.80 19.50
C ALA A 122 -4.19 -5.69 19.19
N ALA A 123 -3.74 -5.62 17.97
CA ALA A 123 -2.76 -4.56 17.59
C ALA A 123 -3.46 -3.20 17.71
N ILE A 124 -4.69 -3.11 17.28
CA ILE A 124 -5.42 -1.82 17.38
C ILE A 124 -5.73 -1.52 18.85
N ASP A 125 -6.13 -2.52 19.59
CA ASP A 125 -6.44 -2.31 21.03
C ASP A 125 -5.15 -1.97 21.78
N GLY A 126 -4.07 -2.63 21.44
CA GLY A 126 -2.78 -2.35 22.11
C GLY A 126 -2.36 -0.91 21.83
N ASN A 127 -2.82 -0.36 20.75
CA ASN A 127 -2.44 1.05 20.41
C ASN A 127 -2.90 1.99 21.52
N ARG A 128 -4.07 1.77 22.06
CA ARG A 128 -4.56 2.65 23.15
C ARG A 128 -5.73 1.98 23.87
N GLY A 1 -14.83 13.25 -11.78
CA GLY A 1 -14.74 12.48 -13.05
C GLY A 1 -13.84 11.26 -12.84
N TRP A 2 -13.78 10.74 -11.66
CA TRP A 2 -12.92 9.54 -11.41
C TRP A 2 -13.61 8.29 -11.95
N SER A 3 -12.87 7.44 -12.61
CA SER A 3 -13.46 6.18 -13.17
C SER A 3 -12.49 5.03 -12.91
N PHE A 4 -12.98 3.83 -12.93
CA PHE A 4 -12.08 2.67 -12.66
C PHE A 4 -11.02 2.52 -13.74
N GLU A 5 -11.37 2.72 -14.99
CA GLU A 5 -10.35 2.57 -16.06
C GLU A 5 -9.28 3.66 -15.94
N GLU A 6 -9.60 4.76 -15.30
CA GLU A 6 -8.60 5.87 -15.16
C GLU A 6 -7.44 5.39 -14.29
N GLN A 7 -7.72 4.74 -13.19
CA GLN A 7 -6.62 4.27 -12.30
C GLN A 7 -5.92 3.09 -12.98
N PHE A 8 -6.56 2.45 -13.92
CA PHE A 8 -5.93 1.29 -14.62
C PHE A 8 -4.72 1.79 -15.43
N LYS A 9 -4.93 2.75 -16.30
CA LYS A 9 -3.79 3.26 -17.12
C LYS A 9 -2.70 3.83 -16.22
N GLN A 10 -3.04 4.37 -15.09
CA GLN A 10 -1.98 4.91 -14.20
C GLN A 10 -1.06 3.76 -13.83
N VAL A 11 -1.59 2.60 -13.58
CA VAL A 11 -0.72 1.44 -13.24
C VAL A 11 0.24 1.19 -14.39
N ARG A 12 -0.21 1.34 -15.61
CA ARG A 12 0.71 1.09 -16.75
C ARG A 12 1.94 1.99 -16.63
N GLN A 13 1.78 3.22 -16.22
CA GLN A 13 2.97 4.12 -16.10
C GLN A 13 3.92 3.54 -15.02
N LEU A 14 3.41 2.85 -14.02
CA LEU A 14 4.34 2.28 -12.98
C LEU A 14 5.29 1.28 -13.66
N TYR A 15 4.77 0.40 -14.47
CA TYR A 15 5.67 -0.57 -15.15
C TYR A 15 6.67 0.22 -16.02
N GLU A 16 6.20 1.25 -16.66
CA GLU A 16 7.09 2.07 -17.54
C GLU A 16 8.22 2.70 -16.72
N ILE A 17 8.06 2.82 -15.42
CA ILE A 17 9.15 3.44 -14.61
C ILE A 17 10.47 2.73 -14.93
N ASN A 18 10.44 1.44 -15.08
CA ASN A 18 11.69 0.70 -15.42
C ASN A 18 11.35 -0.76 -15.73
N ASP A 19 12.15 -1.41 -16.52
CA ASP A 19 11.87 -2.83 -16.86
C ASP A 19 12.59 -3.72 -15.85
N ASP A 20 12.76 -3.23 -14.65
CA ASP A 20 13.46 -4.03 -13.61
C ASP A 20 12.72 -5.37 -13.43
N PRO A 21 13.39 -6.51 -13.49
CA PRO A 21 12.67 -7.82 -13.33
C PRO A 21 11.90 -7.93 -11.99
N LYS A 22 12.51 -7.59 -10.89
CA LYS A 22 11.79 -7.75 -9.59
C LYS A 22 10.56 -6.84 -9.53
N ARG A 23 10.68 -5.60 -9.90
CA ARG A 23 9.47 -4.71 -9.83
C ARG A 23 8.45 -5.18 -10.86
N LYS A 24 8.87 -5.50 -12.04
CA LYS A 24 7.91 -6.00 -13.06
C LYS A 24 7.26 -7.28 -12.54
N GLU A 25 8.05 -8.20 -12.07
CA GLU A 25 7.48 -9.47 -11.55
C GLU A 25 6.66 -9.18 -10.28
N PHE A 26 7.12 -8.32 -9.43
CA PHE A 26 6.35 -8.02 -8.19
C PHE A 26 4.96 -7.47 -8.57
N LEU A 27 4.92 -6.49 -9.42
CA LEU A 27 3.59 -5.93 -9.81
C LEU A 27 2.76 -7.04 -10.44
N ASP A 28 3.35 -7.84 -11.27
CA ASP A 28 2.59 -8.95 -11.89
C ASP A 28 2.07 -9.87 -10.79
N ASP A 29 2.85 -10.13 -9.78
CA ASP A 29 2.39 -11.03 -8.69
C ASP A 29 1.34 -10.34 -7.81
N LEU A 30 1.62 -9.16 -7.31
CA LEU A 30 0.62 -8.47 -6.44
C LEU A 30 -0.69 -8.26 -7.20
N PHE A 31 -0.64 -7.64 -8.35
CA PHE A 31 -1.90 -7.42 -9.11
C PHE A 31 -2.53 -8.77 -9.42
N SER A 32 -1.74 -9.78 -9.65
CA SER A 32 -2.32 -11.12 -9.93
C SER A 32 -3.15 -11.60 -8.74
N PHE A 33 -2.62 -11.49 -7.55
CA PHE A 33 -3.40 -11.96 -6.35
C PHE A 33 -4.73 -11.21 -6.23
N MET A 34 -4.68 -9.90 -6.12
CA MET A 34 -5.95 -9.11 -5.99
C MET A 34 -6.79 -9.27 -7.27
N GLN A 35 -6.22 -9.80 -8.30
CA GLN A 35 -6.98 -9.97 -9.58
C GLN A 35 -8.27 -10.74 -9.29
N LYS A 36 -8.39 -11.33 -8.14
CA LYS A 36 -9.64 -12.08 -7.83
C LYS A 36 -10.83 -11.14 -8.05
N ARG A 37 -10.79 -9.97 -7.49
CA ARG A 37 -11.91 -9.02 -7.74
C ARG A 37 -11.86 -8.61 -9.21
N GLY A 38 -10.67 -8.48 -9.75
CA GLY A 38 -10.51 -8.13 -11.20
C GLY A 38 -10.15 -6.65 -11.40
N THR A 39 -10.14 -5.85 -10.36
CA THR A 39 -9.80 -4.39 -10.54
C THR A 39 -8.43 -4.07 -9.91
N PRO A 40 -7.71 -3.09 -10.43
CA PRO A 40 -6.39 -2.71 -9.87
C PRO A 40 -6.49 -2.36 -8.37
N ILE A 41 -5.60 -1.51 -7.89
CA ILE A 41 -5.63 -1.10 -6.46
C ILE A 41 -6.69 0.02 -6.33
N ASN A 42 -6.59 0.88 -5.34
CA ASN A 42 -7.62 1.96 -5.20
C ASN A 42 -7.20 3.22 -5.96
N ARG A 43 -6.32 4.02 -5.39
CA ARG A 43 -5.90 5.30 -6.06
C ARG A 43 -4.38 5.36 -6.22
N LEU A 44 -3.93 5.88 -7.34
CA LEU A 44 -2.47 6.03 -7.61
C LEU A 44 -2.22 7.46 -8.10
N PRO A 45 -2.15 8.42 -7.21
CA PRO A 45 -1.95 9.84 -7.64
C PRO A 45 -0.59 10.07 -8.31
N ILE A 46 -0.36 11.25 -8.80
CA ILE A 46 0.94 11.57 -9.45
C ILE A 46 1.69 12.54 -8.54
N MET A 47 2.92 12.24 -8.25
CA MET A 47 3.71 13.15 -7.35
C MET A 47 4.53 14.11 -8.19
N ALA A 48 4.25 15.37 -8.06
CA ALA A 48 5.01 16.41 -8.82
C ALA A 48 5.29 15.92 -10.25
N LYS A 49 6.40 15.26 -10.44
CA LYS A 49 6.76 14.74 -11.80
C LYS A 49 6.82 13.20 -11.74
N SER A 50 6.96 12.66 -10.55
CA SER A 50 7.05 11.17 -10.40
C SER A 50 5.68 10.61 -10.02
N VAL A 51 5.54 9.30 -10.04
CA VAL A 51 4.24 8.66 -9.68
C VAL A 51 4.41 7.93 -8.35
N LEU A 52 3.44 8.00 -7.48
CA LEU A 52 3.58 7.32 -6.16
C LEU A 52 3.76 5.82 -6.40
N ASP A 53 4.99 5.36 -6.34
CA ASP A 53 5.25 3.90 -6.56
C ASP A 53 4.70 3.10 -5.37
N LEU A 54 3.64 2.37 -5.58
CA LEU A 54 3.06 1.56 -4.46
C LEU A 54 4.11 0.61 -3.90
N TYR A 55 5.10 0.28 -4.67
CA TYR A 55 6.15 -0.66 -4.18
C TYR A 55 6.82 -0.05 -2.95
N GLU A 56 7.09 1.22 -2.98
CA GLU A 56 7.75 1.88 -1.82
C GLU A 56 6.88 1.73 -0.57
N LEU A 57 5.59 1.82 -0.71
CA LEU A 57 4.72 1.70 0.49
C LEU A 57 4.95 0.33 1.14
N TYR A 58 5.01 -0.72 0.37
CA TYR A 58 5.21 -2.07 0.97
C TYR A 58 6.62 -2.21 1.55
N ASN A 59 7.64 -1.76 0.87
CA ASN A 59 9.01 -1.93 1.43
C ASN A 59 9.12 -1.21 2.78
N LEU A 60 8.61 -0.01 2.88
CA LEU A 60 8.69 0.73 4.17
C LEU A 60 7.97 -0.05 5.26
N VAL A 61 6.84 -0.63 4.96
CA VAL A 61 6.08 -1.39 5.99
C VAL A 61 6.91 -2.56 6.54
N ILE A 62 7.42 -3.40 5.68
CA ILE A 62 8.24 -4.54 6.18
C ILE A 62 9.47 -3.99 6.89
N ALA A 63 10.06 -2.95 6.35
CA ALA A 63 11.25 -2.36 7.02
C ALA A 63 10.91 -2.04 8.48
N ARG A 64 9.65 -1.98 8.80
CA ARG A 64 9.25 -1.67 10.21
C ARG A 64 8.98 -2.98 10.97
N GLY A 65 9.12 -4.10 10.31
CA GLY A 65 8.90 -5.41 10.99
C GLY A 65 7.51 -5.98 10.70
N GLY A 66 6.64 -5.22 10.08
CA GLY A 66 5.26 -5.76 9.76
C GLY A 66 4.21 -4.67 9.95
N LEU A 67 3.17 -4.69 9.14
CA LEU A 67 2.10 -3.67 9.28
C LEU A 67 1.48 -3.76 10.67
N VAL A 68 1.23 -4.94 11.17
CA VAL A 68 0.60 -5.06 12.51
C VAL A 68 1.51 -4.39 13.55
N ASP A 69 2.79 -4.58 13.46
CA ASP A 69 3.69 -3.92 14.45
C ASP A 69 3.57 -2.40 14.26
N VAL A 70 3.51 -1.97 13.02
CA VAL A 70 3.40 -0.50 12.74
C VAL A 70 2.10 0.06 13.33
N ILE A 71 0.98 -0.56 13.07
CA ILE A 71 -0.31 -0.03 13.60
C ILE A 71 -0.30 -0.01 15.13
N ASN A 72 0.00 -1.13 15.74
CA ASN A 72 0.01 -1.19 17.23
C ASN A 72 1.02 -0.18 17.81
N LYS A 73 2.15 -0.04 17.19
CA LYS A 73 3.17 0.91 17.72
C LYS A 73 2.96 2.30 17.10
N LYS A 74 2.01 2.41 16.20
CA LYS A 74 1.73 3.73 15.57
C LYS A 74 3.01 4.32 14.97
N LEU A 75 3.78 3.52 14.27
CA LEU A 75 5.03 4.04 13.64
C LEU A 75 4.67 4.70 12.32
N TRP A 76 3.39 4.89 12.08
CA TRP A 76 2.97 5.53 10.80
C TRP A 76 3.77 6.81 10.58
N GLN A 77 4.33 7.35 11.63
CA GLN A 77 5.13 8.60 11.49
C GLN A 77 6.29 8.34 10.53
N GLU A 78 6.91 7.19 10.61
CA GLU A 78 8.04 6.90 9.69
C GLU A 78 7.55 6.96 8.25
N ILE A 79 6.48 6.28 7.95
CA ILE A 79 5.94 6.30 6.56
C ILE A 79 5.49 7.72 6.21
N ILE A 80 4.72 8.32 7.07
CA ILE A 80 4.23 9.71 6.80
C ILE A 80 5.42 10.67 6.74
N LYS A 81 6.33 10.57 7.67
CA LYS A 81 7.51 11.48 7.64
C LYS A 81 8.26 11.26 6.32
N GLY A 82 8.37 10.03 5.90
CA GLY A 82 9.06 9.77 4.61
C GLY A 82 8.17 10.31 3.48
N LEU A 83 6.89 10.13 3.60
CA LEU A 83 5.93 10.64 2.58
C LEU A 83 5.31 11.92 3.13
N HIS A 84 6.12 12.88 3.47
CA HIS A 84 5.60 14.16 4.05
C HIS A 84 4.33 14.62 3.34
N LEU A 85 3.52 15.39 4.03
CA LEU A 85 2.24 15.92 3.46
C LEU A 85 2.38 17.44 3.37
N PRO A 86 1.57 18.12 2.58
CA PRO A 86 1.71 19.60 2.51
C PRO A 86 1.34 20.28 3.84
N SER A 87 1.61 19.63 4.94
CA SER A 87 1.29 20.23 6.27
C SER A 87 -0.16 20.72 6.25
N SER A 88 -0.93 20.30 5.28
CA SER A 88 -2.37 20.73 5.19
C SER A 88 -3.28 19.54 5.46
N ILE A 89 -2.75 18.35 5.39
CA ILE A 89 -3.58 17.12 5.64
C ILE A 89 -3.00 16.35 6.83
N THR A 90 -3.79 16.17 7.86
CA THR A 90 -3.33 15.43 9.06
C THR A 90 -4.15 14.15 9.18
N SER A 91 -4.62 13.65 8.08
CA SER A 91 -5.44 12.41 8.08
C SER A 91 -4.85 11.43 7.05
N ALA A 92 -3.64 11.69 6.63
CA ALA A 92 -3.00 10.79 5.64
C ALA A 92 -2.78 9.42 6.28
N ALA A 93 -2.51 9.39 7.56
CA ALA A 93 -2.30 8.09 8.24
C ALA A 93 -3.55 7.22 8.06
N PHE A 94 -4.70 7.79 8.32
CA PHE A 94 -5.96 7.03 8.17
C PHE A 94 -6.12 6.56 6.72
N THR A 95 -5.77 7.40 5.78
CA THR A 95 -5.91 7.01 4.35
C THR A 95 -4.95 5.86 4.01
N LEU A 96 -3.75 5.91 4.51
CA LEU A 96 -2.77 4.82 4.19
C LEU A 96 -3.20 3.47 4.77
N ARG A 97 -3.52 3.42 6.04
CA ARG A 97 -3.89 2.11 6.66
C ARG A 97 -5.13 1.47 6.00
N THR A 98 -6.12 2.24 5.65
CA THR A 98 -7.34 1.62 5.05
C THR A 98 -7.10 1.15 3.61
N GLN A 99 -6.49 1.95 2.78
CA GLN A 99 -6.26 1.52 1.37
C GLN A 99 -5.37 0.27 1.36
N TYR A 100 -4.37 0.26 2.19
CA TYR A 100 -3.45 -0.91 2.26
C TYR A 100 -4.26 -2.16 2.65
N MET A 101 -5.03 -2.06 3.69
CA MET A 101 -5.82 -3.22 4.15
C MET A 101 -6.83 -3.66 3.09
N LYS A 102 -7.35 -2.75 2.31
CA LYS A 102 -8.36 -3.16 1.31
C LYS A 102 -7.74 -4.15 0.29
N TYR A 103 -6.50 -3.95 -0.11
CA TYR A 103 -5.88 -4.88 -1.12
C TYR A 103 -4.50 -5.42 -0.70
N LEU A 104 -3.82 -4.82 0.26
CA LEU A 104 -2.43 -5.29 0.60
C LEU A 104 -2.36 -6.10 1.91
N TYR A 105 -3.38 -6.11 2.74
CA TYR A 105 -3.25 -6.92 3.99
C TYR A 105 -3.27 -8.43 3.64
N PRO A 106 -4.06 -8.88 2.68
CA PRO A 106 -4.07 -10.32 2.33
C PRO A 106 -2.79 -10.71 1.59
N TYR A 107 -2.33 -9.88 0.70
CA TYR A 107 -1.07 -10.18 -0.04
C TYR A 107 0.07 -10.27 0.96
N GLU A 108 0.21 -9.30 1.82
CA GLU A 108 1.30 -9.35 2.84
C GLU A 108 1.10 -10.61 3.69
N CYS A 109 -0.12 -10.84 4.10
CA CYS A 109 -0.43 -12.03 4.94
C CYS A 109 -0.15 -13.33 4.18
N GLU A 110 -0.48 -13.40 2.93
CA GLU A 110 -0.25 -14.66 2.18
C GLU A 110 1.26 -14.92 2.07
N LYS A 111 1.98 -13.96 1.56
CA LYS A 111 3.46 -14.16 1.41
C LYS A 111 4.16 -14.18 2.77
N LYS A 112 3.75 -13.34 3.71
CA LYS A 112 4.44 -13.29 5.05
C LYS A 112 3.57 -13.86 6.17
N ASN A 113 2.27 -13.76 6.08
CA ASN A 113 1.42 -14.29 7.18
C ASN A 113 1.88 -13.70 8.51
N LEU A 114 2.10 -12.42 8.55
CA LEU A 114 2.57 -11.78 9.82
C LEU A 114 1.54 -11.97 10.93
N SER A 115 0.28 -11.86 10.61
CA SER A 115 -0.76 -12.01 11.67
C SER A 115 -2.08 -12.52 11.09
N THR A 116 -3.06 -12.70 11.93
CA THR A 116 -4.40 -13.20 11.49
C THR A 116 -5.44 -12.21 12.02
N PRO A 117 -6.59 -12.11 11.42
CA PRO A 117 -7.62 -11.14 11.91
C PRO A 117 -7.76 -11.19 13.45
N ALA A 118 -7.36 -12.28 14.06
CA ALA A 118 -7.47 -12.38 15.55
C ALA A 118 -6.50 -11.41 16.23
N GLU A 119 -5.22 -11.58 16.02
CA GLU A 119 -4.22 -10.67 16.67
C GLU A 119 -4.28 -9.28 16.02
N LEU A 120 -4.56 -9.21 14.75
CA LEU A 120 -4.64 -7.87 14.08
C LEU A 120 -5.72 -7.04 14.76
N GLN A 121 -6.86 -7.64 15.03
CA GLN A 121 -7.95 -6.88 15.71
C GLN A 121 -7.41 -6.37 17.04
N ALA A 122 -6.63 -7.17 17.72
CA ALA A 122 -6.07 -6.72 19.01
C ALA A 122 -5.23 -5.46 18.75
N ALA A 123 -4.50 -5.44 17.67
CA ALA A 123 -3.68 -4.23 17.35
C ALA A 123 -4.61 -3.06 17.02
N ILE A 124 -5.67 -3.33 16.30
CA ILE A 124 -6.62 -2.23 15.95
C ILE A 124 -7.35 -1.78 17.22
N ASP A 125 -7.83 -2.71 18.01
CA ASP A 125 -8.53 -2.34 19.26
C ASP A 125 -7.53 -1.89 20.32
N GLY A 126 -6.39 -2.53 20.37
CA GLY A 126 -5.37 -2.19 21.39
C GLY A 126 -4.93 -0.72 21.24
N ASN A 127 -5.15 -0.13 20.10
CA ASN A 127 -4.73 1.29 19.91
C ASN A 127 -5.45 2.17 20.94
N ARG A 128 -6.64 1.80 21.35
CA ARG A 128 -7.36 2.64 22.35
C ARG A 128 -6.52 2.79 23.62
N GLY A 1 -12.41 14.88 -14.99
CA GLY A 1 -12.31 14.66 -13.52
C GLY A 1 -11.69 13.28 -13.27
N TRP A 2 -12.49 12.25 -13.34
CA TRP A 2 -11.95 10.87 -13.09
C TRP A 2 -12.63 9.88 -14.04
N SER A 3 -11.88 8.98 -14.62
CA SER A 3 -12.45 7.96 -15.55
C SER A 3 -11.80 6.61 -15.29
N PHE A 4 -12.42 5.55 -15.70
CA PHE A 4 -11.83 4.20 -15.44
C PHE A 4 -10.47 4.05 -16.11
N GLU A 5 -10.34 4.39 -17.36
CA GLU A 5 -9.02 4.22 -18.03
C GLU A 5 -7.96 5.10 -17.34
N GLU A 6 -8.35 6.17 -16.72
CA GLU A 6 -7.34 7.03 -16.05
C GLU A 6 -6.61 6.20 -15.01
N GLN A 7 -7.31 5.42 -14.25
CA GLN A 7 -6.65 4.56 -13.23
C GLN A 7 -5.87 3.46 -13.95
N PHE A 8 -6.38 3.04 -15.08
CA PHE A 8 -5.71 1.96 -15.86
C PHE A 8 -4.33 2.42 -16.36
N LYS A 9 -4.25 3.55 -17.02
CA LYS A 9 -2.92 3.99 -17.51
C LYS A 9 -1.99 4.22 -16.32
N GLN A 10 -2.52 4.57 -15.18
CA GLN A 10 -1.65 4.78 -13.98
C GLN A 10 -0.92 3.46 -13.69
N VAL A 11 -1.51 2.36 -14.06
CA VAL A 11 -0.81 1.07 -13.83
C VAL A 11 0.38 1.01 -14.80
N ARG A 12 0.19 1.46 -16.00
CA ARG A 12 1.30 1.43 -17.01
C ARG A 12 2.51 2.19 -16.46
N GLN A 13 2.34 3.39 -15.97
CA GLN A 13 3.51 4.13 -15.46
C GLN A 13 4.17 3.38 -14.30
N LEU A 14 3.45 2.54 -13.59
CA LEU A 14 4.11 1.80 -12.47
C LEU A 14 5.13 0.81 -13.05
N TYR A 15 4.79 0.12 -14.11
CA TYR A 15 5.77 -0.83 -14.72
C TYR A 15 6.91 -0.05 -15.37
N GLU A 16 6.61 1.09 -15.95
CA GLU A 16 7.67 1.90 -16.62
C GLU A 16 8.70 2.40 -15.61
N ILE A 17 8.47 2.20 -14.34
CA ILE A 17 9.43 2.71 -13.32
C ILE A 17 10.83 2.15 -13.61
N ASN A 18 10.96 0.89 -13.89
CA ASN A 18 12.30 0.33 -14.18
C ASN A 18 12.16 -1.10 -14.71
N ASP A 19 13.22 -1.67 -15.20
CA ASP A 19 13.15 -3.06 -15.74
C ASP A 19 13.51 -4.05 -14.64
N ASP A 20 13.45 -3.63 -13.41
CA ASP A 20 13.80 -4.57 -12.30
C ASP A 20 12.89 -5.81 -12.38
N PRO A 21 13.41 -7.02 -12.44
CA PRO A 21 12.52 -8.21 -12.52
C PRO A 21 11.61 -8.32 -11.28
N LYS A 22 12.13 -8.01 -10.14
CA LYS A 22 11.31 -8.11 -8.88
C LYS A 22 10.08 -7.21 -8.97
N ARG A 23 10.25 -5.96 -9.33
CA ARG A 23 9.08 -5.05 -9.42
C ARG A 23 8.08 -5.60 -10.45
N LYS A 24 8.54 -5.97 -11.61
CA LYS A 24 7.60 -6.52 -12.64
C LYS A 24 6.91 -7.77 -12.07
N GLU A 25 7.68 -8.69 -11.55
CA GLU A 25 7.09 -9.93 -10.98
C GLU A 25 6.18 -9.56 -9.81
N PHE A 26 6.63 -8.67 -8.95
CA PHE A 26 5.79 -8.26 -7.79
C PHE A 26 4.47 -7.65 -8.28
N LEU A 27 4.53 -6.72 -9.19
CA LEU A 27 3.28 -6.08 -9.67
C LEU A 27 2.36 -7.15 -10.27
N ASP A 28 2.91 -8.01 -11.10
CA ASP A 28 2.07 -9.08 -11.71
C ASP A 28 1.45 -9.95 -10.61
N ASP A 29 2.21 -10.26 -9.58
CA ASP A 29 1.66 -11.11 -8.49
C ASP A 29 0.63 -10.34 -7.67
N LEU A 30 0.96 -9.17 -7.20
CA LEU A 30 0.00 -8.39 -6.38
C LEU A 30 -1.28 -8.11 -7.19
N PHE A 31 -1.16 -7.61 -8.39
CA PHE A 31 -2.40 -7.33 -9.18
C PHE A 31 -3.20 -8.64 -9.33
N SER A 32 -2.54 -9.75 -9.48
CA SER A 32 -3.25 -11.05 -9.65
C SER A 32 -4.15 -11.36 -8.45
N PHE A 33 -3.65 -11.28 -7.24
CA PHE A 33 -4.50 -11.60 -6.05
C PHE A 33 -5.71 -10.67 -5.99
N MET A 34 -5.47 -9.38 -6.02
CA MET A 34 -6.59 -8.40 -5.97
C MET A 34 -7.42 -8.49 -7.26
N GLN A 35 -6.93 -9.17 -8.24
CA GLN A 35 -7.67 -9.29 -9.53
C GLN A 35 -9.10 -9.76 -9.28
N LYS A 36 -9.40 -10.20 -8.08
CA LYS A 36 -10.79 -10.65 -7.80
C LYS A 36 -11.75 -9.55 -8.29
N ARG A 37 -11.41 -8.32 -8.01
CA ARG A 37 -12.25 -7.20 -8.50
C ARG A 37 -12.06 -7.12 -10.02
N GLY A 38 -10.84 -7.34 -10.46
CA GLY A 38 -10.52 -7.32 -11.92
C GLY A 38 -9.88 -5.97 -12.28
N THR A 39 -9.98 -5.00 -11.41
CA THR A 39 -9.38 -3.65 -11.68
C THR A 39 -8.23 -3.39 -10.68
N PRO A 40 -7.30 -2.51 -11.02
CA PRO A 40 -6.17 -2.20 -10.11
C PRO A 40 -6.63 -1.84 -8.68
N ILE A 41 -5.76 -1.27 -7.90
CA ILE A 41 -6.14 -0.88 -6.52
C ILE A 41 -7.29 0.14 -6.59
N ASN A 42 -7.46 0.96 -5.60
CA ASN A 42 -8.58 1.94 -5.66
C ASN A 42 -8.14 3.17 -6.46
N ARG A 43 -7.12 3.87 -6.03
CA ARG A 43 -6.65 5.06 -6.80
C ARG A 43 -5.13 5.23 -6.65
N LEU A 44 -4.50 5.70 -7.69
CA LEU A 44 -3.02 5.91 -7.67
C LEU A 44 -2.73 7.34 -8.16
N PRO A 45 -2.87 8.34 -7.32
CA PRO A 45 -2.63 9.74 -7.75
C PRO A 45 -1.16 9.99 -8.16
N ILE A 46 -0.87 11.14 -8.69
CA ILE A 46 0.53 11.46 -9.11
C ILE A 46 1.14 12.43 -8.11
N MET A 47 2.36 12.18 -7.72
CA MET A 47 3.04 13.10 -6.74
C MET A 47 4.23 13.78 -7.42
N ALA A 48 4.25 15.08 -7.36
CA ALA A 48 5.36 15.84 -8.01
C ALA A 48 5.56 15.36 -9.45
N LYS A 49 6.58 14.57 -9.65
CA LYS A 49 6.88 14.04 -11.03
C LYS A 49 6.79 12.52 -11.00
N SER A 50 6.85 11.94 -9.83
CA SER A 50 6.77 10.45 -9.71
C SER A 50 5.34 10.07 -9.35
N VAL A 51 5.03 8.80 -9.36
CA VAL A 51 3.65 8.34 -9.02
C VAL A 51 3.68 7.54 -7.71
N LEU A 52 2.61 7.56 -6.97
CA LEU A 52 2.61 6.80 -5.69
C LEU A 52 2.98 5.35 -5.99
N ASP A 53 4.22 5.01 -5.82
CA ASP A 53 4.69 3.62 -6.11
C ASP A 53 4.11 2.64 -5.09
N LEU A 54 3.33 1.69 -5.55
CA LEU A 54 2.74 0.67 -4.63
C LEU A 54 3.88 -0.10 -3.95
N TYR A 55 4.91 -0.41 -4.68
CA TYR A 55 6.05 -1.17 -4.09
C TYR A 55 6.63 -0.41 -2.90
N GLU A 56 6.75 0.88 -3.01
CA GLU A 56 7.33 1.68 -1.88
C GLU A 56 6.46 1.56 -0.63
N LEU A 57 5.15 1.58 -0.77
CA LEU A 57 4.30 1.46 0.44
C LEU A 57 4.63 0.13 1.13
N TYR A 58 4.65 -0.93 0.38
CA TYR A 58 4.93 -2.25 0.99
C TYR A 58 6.35 -2.34 1.55
N ASN A 59 7.35 -1.98 0.77
CA ASN A 59 8.74 -2.09 1.28
C ASN A 59 8.92 -1.22 2.53
N LEU A 60 8.39 -0.04 2.55
CA LEU A 60 8.55 0.82 3.76
C LEU A 60 7.92 0.12 4.97
N VAL A 61 6.78 -0.49 4.79
CA VAL A 61 6.12 -1.17 5.94
C VAL A 61 7.00 -2.31 6.47
N ILE A 62 7.47 -3.17 5.60
CA ILE A 62 8.33 -4.29 6.08
C ILE A 62 9.64 -3.73 6.66
N ALA A 63 10.17 -2.70 6.05
CA ALA A 63 11.46 -2.12 6.55
C ALA A 63 11.36 -1.86 8.06
N ARG A 64 10.17 -1.77 8.60
CA ARG A 64 10.04 -1.53 10.08
C ARG A 64 9.93 -2.88 10.79
N GLY A 65 9.15 -3.79 10.28
CA GLY A 65 9.02 -5.12 10.94
C GLY A 65 7.69 -5.78 10.60
N GLY A 66 6.77 -5.07 9.98
CA GLY A 66 5.46 -5.68 9.62
C GLY A 66 4.33 -4.66 9.78
N LEU A 67 3.27 -4.81 9.03
CA LEU A 67 2.14 -3.86 9.15
C LEU A 67 1.58 -3.91 10.58
N VAL A 68 1.49 -5.07 11.16
CA VAL A 68 0.95 -5.16 12.55
C VAL A 68 1.86 -4.33 13.47
N ASP A 69 3.14 -4.40 13.25
CA ASP A 69 4.08 -3.61 14.11
C ASP A 69 3.84 -2.12 13.89
N VAL A 70 3.61 -1.71 12.67
CA VAL A 70 3.39 -0.26 12.40
C VAL A 70 2.14 0.23 13.15
N ILE A 71 1.08 -0.54 13.12
CA ILE A 71 -0.18 -0.10 13.81
C ILE A 71 0.02 -0.03 15.32
N ASN A 72 0.47 -1.10 15.95
CA ASN A 72 0.64 -1.08 17.43
C ASN A 72 1.67 0.00 17.83
N LYS A 73 2.72 0.17 17.10
CA LYS A 73 3.74 1.20 17.44
C LYS A 73 3.37 2.54 16.80
N LYS A 74 2.38 2.53 15.94
CA LYS A 74 1.95 3.80 15.26
C LYS A 74 3.14 4.44 14.55
N LEU A 75 3.86 3.68 13.77
CA LEU A 75 5.02 4.25 13.04
C LEU A 75 4.53 4.88 11.74
N TRP A 76 3.24 5.02 11.59
CA TRP A 76 2.70 5.63 10.34
C TRP A 76 3.37 6.97 10.11
N GLN A 77 3.82 7.60 11.17
CA GLN A 77 4.50 8.91 11.01
C GLN A 77 5.72 8.73 10.12
N GLU A 78 6.45 7.66 10.28
CA GLU A 78 7.64 7.44 9.42
C GLU A 78 7.22 7.38 7.95
N ILE A 79 6.14 6.70 7.64
CA ILE A 79 5.68 6.63 6.24
C ILE A 79 5.15 8.00 5.80
N ILE A 80 4.43 8.66 6.67
CA ILE A 80 3.87 9.99 6.32
C ILE A 80 4.99 11.02 6.11
N LYS A 81 6.00 11.01 6.95
CA LYS A 81 7.11 11.99 6.75
C LYS A 81 7.73 11.78 5.38
N GLY A 82 7.91 10.55 4.96
CA GLY A 82 8.49 10.30 3.61
C GLY A 82 7.52 10.83 2.55
N LEU A 83 6.25 10.62 2.76
CA LEU A 83 5.22 11.09 1.78
C LEU A 83 4.54 12.36 2.33
N HIS A 84 5.30 13.38 2.61
CA HIS A 84 4.71 14.65 3.17
C HIS A 84 3.36 14.94 2.52
N LEU A 85 2.49 15.62 3.23
CA LEU A 85 1.16 15.95 2.65
C LEU A 85 1.31 17.15 1.70
N PRO A 86 0.55 17.21 0.64
CA PRO A 86 0.67 18.37 -0.30
C PRO A 86 0.54 19.71 0.45
N SER A 87 -0.60 20.01 0.98
CA SER A 87 -0.77 21.29 1.72
C SER A 87 -2.22 21.42 2.24
N SER A 88 -2.96 20.34 2.29
CA SER A 88 -4.36 20.46 2.79
C SER A 88 -4.91 19.09 3.18
N ILE A 89 -4.06 18.10 3.33
CA ILE A 89 -4.54 16.74 3.72
C ILE A 89 -4.01 16.43 5.12
N THR A 90 -4.89 16.17 6.05
CA THR A 90 -4.46 15.88 7.46
C THR A 90 -5.08 14.55 7.90
N SER A 91 -5.32 13.66 6.97
CA SER A 91 -5.91 12.34 7.33
C SER A 91 -5.30 11.26 6.44
N ALA A 92 -4.12 11.50 5.94
CA ALA A 92 -3.46 10.49 5.04
C ALA A 92 -3.19 9.21 5.83
N ALA A 93 -2.86 9.32 7.09
CA ALA A 93 -2.58 8.09 7.90
C ALA A 93 -3.81 7.17 7.85
N PHE A 94 -4.94 7.70 8.15
CA PHE A 94 -6.19 6.87 8.13
C PHE A 94 -6.41 6.33 6.71
N THR A 95 -6.17 7.14 5.71
CA THR A 95 -6.36 6.67 4.31
C THR A 95 -5.36 5.56 3.96
N LEU A 96 -4.15 5.69 4.40
CA LEU A 96 -3.13 4.64 4.07
C LEU A 96 -3.48 3.29 4.73
N ARG A 97 -3.70 3.29 6.02
CA ARG A 97 -4.00 2.01 6.72
C ARG A 97 -5.27 1.33 6.17
N THR A 98 -6.30 2.09 5.86
CA THR A 98 -7.55 1.44 5.36
C THR A 98 -7.34 0.89 3.94
N GLN A 99 -6.77 1.66 3.05
CA GLN A 99 -6.56 1.16 1.65
C GLN A 99 -5.67 -0.07 1.70
N TYR A 100 -4.67 -0.05 2.53
CA TYR A 100 -3.75 -1.22 2.64
C TYR A 100 -4.60 -2.44 3.03
N MET A 101 -5.38 -2.29 4.04
CA MET A 101 -6.23 -3.42 4.51
C MET A 101 -7.20 -3.84 3.41
N LYS A 102 -7.59 -2.93 2.56
CA LYS A 102 -8.55 -3.28 1.47
C LYS A 102 -8.01 -4.38 0.55
N TYR A 103 -6.77 -4.30 0.10
CA TYR A 103 -6.24 -5.38 -0.83
C TYR A 103 -4.78 -5.76 -0.52
N LEU A 104 -4.17 -5.20 0.49
CA LEU A 104 -2.73 -5.55 0.78
C LEU A 104 -2.57 -6.32 2.09
N TYR A 105 -3.56 -6.34 2.96
CA TYR A 105 -3.38 -7.11 4.22
C TYR A 105 -3.41 -8.63 3.94
N PRO A 106 -4.22 -9.11 3.02
CA PRO A 106 -4.24 -10.56 2.73
C PRO A 106 -2.96 -10.94 1.96
N TYR A 107 -2.48 -10.02 1.18
CA TYR A 107 -1.22 -10.26 0.39
C TYR A 107 -0.05 -10.32 1.38
N GLU A 108 -0.05 -9.45 2.35
CA GLU A 108 1.04 -9.44 3.36
C GLU A 108 1.10 -10.81 4.04
N CYS A 109 -0.03 -11.31 4.46
CA CYS A 109 -0.07 -12.63 5.15
C CYS A 109 0.45 -13.74 4.22
N GLU A 110 0.09 -13.70 2.97
CA GLU A 110 0.52 -14.77 2.02
C GLU A 110 2.04 -14.76 1.78
N LYS A 111 2.62 -13.63 1.54
CA LYS A 111 4.08 -13.60 1.24
C LYS A 111 4.95 -13.94 2.47
N LYS A 112 4.60 -13.47 3.65
CA LYS A 112 5.44 -13.77 4.86
C LYS A 112 4.60 -14.33 6.01
N ASN A 113 3.30 -14.23 5.96
CA ASN A 113 2.49 -14.75 7.10
C ASN A 113 3.03 -14.14 8.40
N LEU A 114 3.15 -12.84 8.43
CA LEU A 114 3.71 -12.15 9.64
C LEU A 114 2.84 -12.44 10.88
N SER A 115 1.55 -12.46 10.72
CA SER A 115 0.67 -12.70 11.90
C SER A 115 -0.72 -13.15 11.42
N THR A 116 -1.71 -13.19 12.30
CA THR A 116 -3.07 -13.66 11.89
C THR A 116 -4.10 -12.53 12.13
N PRO A 117 -5.18 -12.47 11.37
CA PRO A 117 -6.19 -11.41 11.60
C PRO A 117 -6.66 -11.37 13.06
N ALA A 118 -6.43 -12.42 13.80
CA ALA A 118 -6.87 -12.44 15.23
C ALA A 118 -5.98 -11.48 16.04
N GLU A 119 -4.71 -11.72 16.07
CA GLU A 119 -3.79 -10.83 16.84
C GLU A 119 -3.83 -9.42 16.27
N LEU A 120 -4.14 -9.28 15.01
CA LEU A 120 -4.22 -7.92 14.41
C LEU A 120 -5.27 -7.10 15.16
N GLN A 121 -6.42 -7.68 15.39
CA GLN A 121 -7.48 -6.94 16.13
C GLN A 121 -6.92 -6.58 17.51
N ALA A 122 -6.20 -7.49 18.10
CA ALA A 122 -5.60 -7.18 19.43
C ALA A 122 -4.68 -5.98 19.27
N ALA A 123 -3.98 -5.91 18.17
CA ALA A 123 -3.08 -4.74 17.93
C ALA A 123 -3.92 -3.47 17.82
N ILE A 124 -4.98 -3.52 17.05
CA ILE A 124 -5.85 -2.32 16.91
C ILE A 124 -6.59 -2.05 18.23
N ASP A 125 -7.09 -3.08 18.84
CA ASP A 125 -7.82 -2.91 20.13
C ASP A 125 -6.83 -2.53 21.23
N GLY A 126 -5.64 -3.06 21.18
CA GLY A 126 -4.63 -2.74 22.23
C GLY A 126 -4.45 -1.22 22.35
N ASN A 127 -4.23 -0.53 21.26
CA ASN A 127 -4.05 0.94 21.34
C ASN A 127 -5.38 1.61 21.69
N ARG A 128 -6.48 0.93 21.45
CA ARG A 128 -7.81 1.53 21.77
C ARG A 128 -7.88 2.92 21.13
N GLY A 1 -13.84 14.77 -16.02
CA GLY A 1 -12.49 15.02 -15.45
C GLY A 1 -11.82 13.67 -15.15
N TRP A 2 -12.33 12.93 -14.19
CA TRP A 2 -11.73 11.61 -13.84
C TRP A 2 -12.52 10.52 -14.56
N SER A 3 -11.83 9.62 -15.23
CA SER A 3 -12.54 8.52 -15.98
C SER A 3 -11.88 7.17 -15.69
N PHE A 4 -12.57 6.11 -15.96
CA PHE A 4 -12.03 4.74 -15.69
C PHE A 4 -10.74 4.48 -16.50
N GLU A 5 -10.73 4.83 -17.76
CA GLU A 5 -9.50 4.57 -18.58
C GLU A 5 -8.30 5.35 -18.04
N GLU A 6 -8.52 6.50 -17.47
CA GLU A 6 -7.36 7.29 -16.93
C GLU A 6 -6.75 6.55 -15.74
N GLN A 7 -7.56 5.97 -14.91
CA GLN A 7 -7.01 5.21 -13.74
C GLN A 7 -6.29 3.96 -14.24
N PHE A 8 -6.86 3.32 -15.23
CA PHE A 8 -6.26 2.07 -15.78
C PHE A 8 -4.88 2.33 -16.40
N LYS A 9 -4.75 3.31 -17.25
CA LYS A 9 -3.40 3.55 -17.85
C LYS A 9 -2.39 3.89 -16.76
N GLN A 10 -2.83 4.47 -15.67
CA GLN A 10 -1.85 4.80 -14.60
C GLN A 10 -1.19 3.51 -14.11
N VAL A 11 -1.92 2.44 -13.98
CA VAL A 11 -1.25 1.19 -13.52
C VAL A 11 -0.17 0.84 -14.55
N ARG A 12 -0.41 1.13 -15.80
CA ARG A 12 0.63 0.83 -16.83
C ARG A 12 1.90 1.57 -16.47
N GLN A 13 1.78 2.77 -15.94
CA GLN A 13 3.01 3.53 -15.58
C GLN A 13 3.82 2.75 -14.54
N LEU A 14 3.17 1.99 -13.69
CA LEU A 14 3.94 1.21 -12.67
C LEU A 14 4.82 0.19 -13.40
N TYR A 15 4.29 -0.46 -14.40
CA TYR A 15 5.11 -1.46 -15.15
C TYR A 15 6.18 -0.74 -15.98
N GLU A 16 5.88 0.44 -16.46
CA GLU A 16 6.88 1.16 -17.30
C GLU A 16 7.97 1.80 -16.43
N ILE A 17 7.96 1.58 -15.14
CA ILE A 17 9.02 2.20 -14.29
C ILE A 17 10.41 1.74 -14.75
N ASN A 18 10.57 0.47 -15.04
CA ASN A 18 11.91 -0.02 -15.51
C ASN A 18 11.79 -1.46 -16.01
N ASP A 19 12.86 -2.01 -16.51
CA ASP A 19 12.82 -3.41 -17.03
C ASP A 19 13.24 -4.38 -15.92
N ASP A 20 13.24 -3.93 -14.69
CA ASP A 20 13.64 -4.83 -13.57
C ASP A 20 12.71 -6.06 -13.53
N PRO A 21 13.21 -7.29 -13.66
CA PRO A 21 12.31 -8.47 -13.61
C PRO A 21 11.55 -8.60 -12.28
N LYS A 22 12.21 -8.35 -11.18
CA LYS A 22 11.52 -8.48 -9.86
C LYS A 22 10.32 -7.52 -9.80
N ARG A 23 10.50 -6.30 -10.18
CA ARG A 23 9.35 -5.35 -10.14
C ARG A 23 8.23 -5.87 -11.03
N LYS A 24 8.56 -6.29 -12.23
CA LYS A 24 7.52 -6.82 -13.13
C LYS A 24 6.87 -8.03 -12.46
N GLU A 25 7.67 -8.93 -11.97
CA GLU A 25 7.10 -10.13 -11.28
C GLU A 25 6.34 -9.70 -10.04
N PHE A 26 6.88 -8.79 -9.26
CA PHE A 26 6.15 -8.36 -8.04
C PHE A 26 4.79 -7.77 -8.44
N LEU A 27 4.77 -6.85 -9.37
CA LEU A 27 3.47 -6.25 -9.76
C LEU A 27 2.57 -7.35 -10.30
N ASP A 28 3.09 -8.21 -11.13
CA ASP A 28 2.26 -9.32 -11.67
C ASP A 28 1.75 -10.18 -10.51
N ASP A 29 2.58 -10.42 -9.53
CA ASP A 29 2.15 -11.26 -8.39
C ASP A 29 1.15 -10.50 -7.51
N LEU A 30 1.48 -9.32 -7.06
CA LEU A 30 0.54 -8.55 -6.19
C LEU A 30 -0.77 -8.27 -6.93
N PHE A 31 -0.72 -7.73 -8.11
CA PHE A 31 -2.01 -7.43 -8.80
C PHE A 31 -2.81 -8.72 -8.98
N SER A 32 -2.16 -9.81 -9.30
CA SER A 32 -2.92 -11.08 -9.51
C SER A 32 -3.66 -11.48 -8.22
N PHE A 33 -3.04 -11.37 -7.09
CA PHE A 33 -3.74 -11.76 -5.83
C PHE A 33 -5.00 -10.90 -5.66
N MET A 34 -4.84 -9.61 -5.60
CA MET A 34 -6.02 -8.72 -5.44
C MET A 34 -6.82 -8.62 -6.75
N GLN A 35 -6.27 -9.10 -7.85
CA GLN A 35 -7.02 -9.02 -9.14
C GLN A 35 -8.42 -9.62 -8.96
N LYS A 36 -8.67 -10.25 -7.84
CA LYS A 36 -10.01 -10.85 -7.62
C LYS A 36 -11.09 -9.83 -8.00
N ARG A 37 -10.92 -8.59 -7.65
CA ARG A 37 -11.91 -7.56 -8.05
C ARG A 37 -11.81 -7.37 -9.56
N GLY A 38 -10.61 -7.50 -10.09
CA GLY A 38 -10.39 -7.35 -11.56
C GLY A 38 -9.74 -6.00 -11.87
N THR A 39 -9.75 -5.09 -10.92
CA THR A 39 -9.13 -3.74 -11.14
C THR A 39 -7.90 -3.59 -10.23
N PRO A 40 -6.98 -2.70 -10.56
CA PRO A 40 -5.77 -2.48 -9.71
C PRO A 40 -6.15 -2.18 -8.25
N ILE A 41 -5.33 -1.45 -7.55
CA ILE A 41 -5.66 -1.12 -6.13
C ILE A 41 -6.89 -0.22 -6.10
N ASN A 42 -7.01 0.64 -5.12
CA ASN A 42 -8.22 1.52 -5.05
C ASN A 42 -8.01 2.71 -5.98
N ARG A 43 -6.90 3.40 -5.86
CA ARG A 43 -6.62 4.56 -6.74
C ARG A 43 -5.12 4.74 -6.91
N LEU A 44 -4.71 5.44 -7.93
CA LEU A 44 -3.25 5.68 -8.19
C LEU A 44 -3.02 7.19 -8.29
N PRO A 45 -2.83 7.88 -7.19
CA PRO A 45 -2.62 9.35 -7.25
C PRO A 45 -1.32 9.70 -7.99
N ILE A 46 -1.26 10.86 -8.58
CA ILE A 46 -0.05 11.27 -9.34
C ILE A 46 0.67 12.37 -8.56
N MET A 47 1.94 12.20 -8.36
CA MET A 47 2.73 13.23 -7.61
C MET A 47 3.37 14.19 -8.59
N ALA A 48 3.01 15.44 -8.51
CA ALA A 48 3.62 16.46 -9.41
C ALA A 48 3.79 15.89 -10.83
N LYS A 49 4.94 15.30 -11.09
CA LYS A 49 5.22 14.70 -12.42
C LYS A 49 5.53 13.22 -12.22
N SER A 50 5.74 12.82 -10.99
CA SER A 50 6.05 11.38 -10.69
C SER A 50 4.76 10.69 -10.23
N VAL A 51 4.80 9.40 -10.07
CA VAL A 51 3.59 8.64 -9.63
C VAL A 51 3.87 7.92 -8.31
N LEU A 52 2.91 7.90 -7.43
CA LEU A 52 3.11 7.22 -6.11
C LEU A 52 3.35 5.73 -6.34
N ASP A 53 4.58 5.29 -6.25
CA ASP A 53 4.88 3.85 -6.47
C ASP A 53 4.32 3.01 -5.32
N LEU A 54 3.45 2.07 -5.60
CA LEU A 54 2.88 1.21 -4.53
C LEU A 54 4.00 0.45 -3.82
N TYR A 55 4.99 0.06 -4.56
CA TYR A 55 6.12 -0.73 -3.98
C TYR A 55 6.76 0.05 -2.81
N GLU A 56 6.89 1.35 -2.93
CA GLU A 56 7.54 2.12 -1.83
C GLU A 56 6.77 1.98 -0.51
N LEU A 57 5.47 2.01 -0.53
CA LEU A 57 4.74 1.88 0.76
C LEU A 57 5.09 0.53 1.39
N TYR A 58 5.07 -0.52 0.62
CA TYR A 58 5.37 -1.87 1.19
C TYR A 58 6.78 -1.95 1.80
N ASN A 59 7.79 -1.55 1.09
CA ASN A 59 9.18 -1.65 1.64
C ASN A 59 9.34 -0.84 2.94
N LEU A 60 8.75 0.33 3.01
CA LEU A 60 8.90 1.13 4.26
C LEU A 60 8.27 0.40 5.45
N VAL A 61 7.15 -0.23 5.23
CA VAL A 61 6.47 -0.95 6.35
C VAL A 61 7.30 -2.17 6.80
N ILE A 62 7.62 -3.07 5.91
CA ILE A 62 8.40 -4.27 6.32
C ILE A 62 9.78 -3.82 6.82
N ALA A 63 10.39 -2.87 6.18
CA ALA A 63 11.73 -2.41 6.63
C ALA A 63 11.69 -2.06 8.11
N ARG A 64 10.52 -1.82 8.66
CA ARG A 64 10.43 -1.46 10.11
C ARG A 64 10.07 -2.69 10.94
N GLY A 65 9.42 -3.68 10.37
CA GLY A 65 9.08 -4.90 11.17
C GLY A 65 7.77 -5.54 10.69
N GLY A 66 6.86 -4.78 10.11
CA GLY A 66 5.58 -5.38 9.65
C GLY A 66 4.44 -4.37 9.79
N LEU A 67 3.43 -4.49 8.96
CA LEU A 67 2.29 -3.54 9.05
C LEU A 67 1.65 -3.63 10.44
N VAL A 68 1.42 -4.82 10.91
CA VAL A 68 0.79 -4.98 12.26
C VAL A 68 1.69 -4.34 13.32
N ASP A 69 2.98 -4.51 13.21
CA ASP A 69 3.88 -3.87 14.21
C ASP A 69 3.65 -2.37 14.17
N VAL A 70 3.50 -1.82 13.01
CA VAL A 70 3.28 -0.36 12.88
C VAL A 70 1.92 0.01 13.48
N ILE A 71 0.88 -0.70 13.12
CA ILE A 71 -0.47 -0.39 13.66
C ILE A 71 -0.50 -0.57 15.18
N ASN A 72 -0.07 -1.71 15.66
CA ASN A 72 -0.08 -1.95 17.13
C ASN A 72 0.77 -0.92 17.86
N LYS A 73 1.97 -0.68 17.39
CA LYS A 73 2.85 0.32 18.07
C LYS A 73 2.59 1.70 17.49
N LYS A 74 1.69 1.80 16.54
CA LYS A 74 1.38 3.12 15.93
C LYS A 74 2.67 3.82 15.51
N LEU A 75 3.41 3.23 14.60
CA LEU A 75 4.68 3.88 14.14
C LEU A 75 4.39 4.71 12.89
N TRP A 76 3.13 4.88 12.57
CA TRP A 76 2.78 5.68 11.37
C TRP A 76 3.53 7.00 11.41
N GLN A 77 4.02 7.38 12.55
CA GLN A 77 4.77 8.65 12.66
C GLN A 77 5.99 8.60 11.72
N GLU A 78 6.65 7.47 11.66
CA GLU A 78 7.84 7.36 10.77
C GLU A 78 7.43 7.59 9.31
N ILE A 79 6.42 6.92 8.83
CA ILE A 79 5.99 7.13 7.42
C ILE A 79 5.53 8.58 7.27
N ILE A 80 4.69 9.04 8.16
CA ILE A 80 4.24 10.45 8.08
C ILE A 80 5.49 11.33 8.19
N LYS A 81 6.41 10.97 9.05
CA LYS A 81 7.67 11.73 9.16
C LYS A 81 8.42 11.56 7.85
N GLY A 82 8.17 10.46 7.17
CA GLY A 82 8.80 10.20 5.85
C GLY A 82 7.92 10.86 4.80
N LEU A 83 6.98 11.64 5.28
CA LEU A 83 5.97 12.38 4.45
C LEU A 83 6.08 12.10 2.94
N HIS A 84 6.01 10.85 2.55
CA HIS A 84 6.03 10.54 1.10
C HIS A 84 4.65 10.91 0.55
N LEU A 85 3.78 11.30 1.44
CA LEU A 85 2.40 11.70 1.07
C LEU A 85 2.45 13.02 0.30
N PRO A 86 1.48 13.28 -0.56
CA PRO A 86 1.48 14.55 -1.34
C PRO A 86 1.68 15.80 -0.47
N SER A 87 0.67 16.23 0.25
CA SER A 87 0.79 17.44 1.12
C SER A 87 0.78 17.00 2.56
N SER A 88 1.54 15.99 2.88
CA SER A 88 1.55 15.49 4.29
C SER A 88 0.10 15.22 4.70
N ILE A 89 -0.58 14.37 3.97
CA ILE A 89 -2.00 14.04 4.27
C ILE A 89 -2.20 13.93 5.79
N THR A 90 -2.90 14.87 6.33
CA THR A 90 -3.16 14.87 7.80
C THR A 90 -4.08 13.71 8.17
N SER A 91 -4.03 12.64 7.42
CA SER A 91 -4.90 11.47 7.72
C SER A 91 -4.28 10.23 7.05
N ALA A 92 -3.01 10.29 6.74
CA ALA A 92 -2.34 9.15 6.07
C ALA A 92 -2.40 7.90 6.95
N ALA A 93 -2.20 8.03 8.23
CA ALA A 93 -2.26 6.84 9.10
C ALA A 93 -3.61 6.17 8.94
N PHE A 94 -4.67 6.93 9.03
CA PHE A 94 -6.02 6.35 8.86
C PHE A 94 -6.22 5.88 7.40
N THR A 95 -5.83 6.67 6.45
CA THR A 95 -6.00 6.26 5.03
C THR A 95 -5.07 5.10 4.67
N LEU A 96 -3.85 5.13 5.14
CA LEU A 96 -2.91 4.02 4.79
C LEU A 96 -3.37 2.70 5.44
N ARG A 97 -3.66 2.71 6.71
CA ARG A 97 -4.09 1.44 7.37
C ARG A 97 -5.37 0.90 6.72
N THR A 98 -6.31 1.73 6.36
CA THR A 98 -7.57 1.21 5.76
C THR A 98 -7.34 0.79 4.29
N GLN A 99 -6.62 1.58 3.52
CA GLN A 99 -6.40 1.21 2.10
C GLN A 99 -5.47 0.00 2.02
N TYR A 100 -4.45 0.00 2.83
CA TYR A 100 -3.52 -1.16 2.83
C TYR A 100 -4.33 -2.40 3.20
N MET A 101 -5.17 -2.27 4.19
CA MET A 101 -6.02 -3.40 4.64
C MET A 101 -6.97 -3.81 3.51
N LYS A 102 -7.41 -2.87 2.72
CA LYS A 102 -8.39 -3.19 1.65
C LYS A 102 -7.82 -4.22 0.66
N TYR A 103 -6.55 -4.15 0.29
CA TYR A 103 -6.00 -5.16 -0.69
C TYR A 103 -4.56 -5.56 -0.40
N LEU A 104 -3.90 -4.98 0.57
CA LEU A 104 -2.45 -5.35 0.83
C LEU A 104 -2.27 -6.14 2.13
N TYR A 105 -3.26 -6.20 3.00
CA TYR A 105 -3.05 -6.99 4.25
C TYR A 105 -3.05 -8.50 3.96
N PRO A 106 -3.87 -8.99 3.06
CA PRO A 106 -3.87 -10.45 2.77
C PRO A 106 -2.61 -10.83 1.98
N TYR A 107 -2.18 -9.96 1.10
CA TYR A 107 -0.96 -10.23 0.30
C TYR A 107 0.25 -10.27 1.24
N GLU A 108 0.37 -9.31 2.10
CA GLU A 108 1.52 -9.28 3.06
C GLU A 108 1.53 -10.58 3.86
N CYS A 109 0.38 -11.04 4.28
CA CYS A 109 0.29 -12.30 5.06
C CYS A 109 0.76 -13.49 4.20
N GLU A 110 0.39 -13.53 2.95
CA GLU A 110 0.78 -14.68 2.11
C GLU A 110 2.30 -14.74 1.93
N LYS A 111 2.96 -13.62 1.75
CA LYS A 111 4.43 -13.67 1.55
C LYS A 111 5.18 -14.07 2.83
N LYS A 112 4.77 -13.57 3.99
CA LYS A 112 5.50 -13.94 5.25
C LYS A 112 4.53 -14.30 6.39
N ASN A 113 3.25 -14.18 6.18
CA ASN A 113 2.28 -14.54 7.27
C ASN A 113 2.68 -13.80 8.56
N LEU A 114 2.77 -12.51 8.49
CA LEU A 114 3.17 -11.73 9.70
C LEU A 114 2.16 -11.96 10.83
N SER A 115 0.89 -12.02 10.51
CA SER A 115 -0.13 -12.20 11.58
C SER A 115 -1.45 -12.70 10.97
N THR A 116 -2.52 -12.71 11.74
CA THR A 116 -3.85 -13.17 11.22
C THR A 116 -4.88 -12.07 11.47
N PRO A 117 -5.93 -11.98 10.68
CA PRO A 117 -6.94 -10.92 10.91
C PRO A 117 -7.39 -10.90 12.38
N ALA A 118 -7.17 -11.99 13.08
CA ALA A 118 -7.57 -12.07 14.51
C ALA A 118 -6.71 -11.14 15.37
N GLU A 119 -5.43 -11.36 15.37
CA GLU A 119 -4.52 -10.53 16.19
C GLU A 119 -4.46 -9.12 15.61
N LEU A 120 -4.72 -8.97 14.34
CA LEU A 120 -4.72 -7.62 13.73
C LEU A 120 -5.77 -6.77 14.43
N GLN A 121 -6.91 -7.35 14.71
CA GLN A 121 -7.96 -6.59 15.42
C GLN A 121 -7.40 -6.16 16.77
N ALA A 122 -6.65 -7.03 17.40
CA ALA A 122 -6.04 -6.67 18.70
C ALA A 122 -5.12 -5.47 18.48
N ALA A 123 -4.42 -5.45 17.37
CA ALA A 123 -3.50 -4.31 17.09
C ALA A 123 -4.33 -3.05 16.82
N ILE A 124 -5.42 -3.16 16.11
CA ILE A 124 -6.24 -1.94 15.86
C ILE A 124 -6.90 -1.51 17.16
N ASP A 125 -7.35 -2.46 17.94
CA ASP A 125 -7.99 -2.12 19.24
C ASP A 125 -6.96 -1.38 20.10
N GLY A 126 -5.73 -1.82 20.08
CA GLY A 126 -4.67 -1.16 20.88
C GLY A 126 -4.64 0.34 20.58
N ASN A 127 -4.82 0.71 19.34
CA ASN A 127 -4.81 2.17 19.01
C ASN A 127 -5.93 2.87 19.78
N ARG A 128 -7.07 2.25 19.88
CA ARG A 128 -8.21 2.88 20.63
C ARG A 128 -8.31 2.26 22.02
N GLY A 1 -11.16 15.29 -14.56
CA GLY A 1 -12.00 14.59 -13.54
C GLY A 1 -11.51 13.14 -13.38
N TRP A 2 -12.03 12.44 -12.40
CA TRP A 2 -11.60 11.03 -12.20
C TRP A 2 -12.37 10.12 -13.15
N SER A 3 -11.70 9.24 -13.84
CA SER A 3 -12.38 8.32 -14.79
C SER A 3 -11.83 6.90 -14.62
N PHE A 4 -12.53 5.92 -15.11
CA PHE A 4 -12.06 4.52 -14.99
C PHE A 4 -10.70 4.36 -15.67
N GLU A 5 -10.57 4.80 -16.89
CA GLU A 5 -9.27 4.65 -17.60
C GLU A 5 -8.17 5.47 -16.93
N GLU A 6 -8.52 6.54 -16.25
CA GLU A 6 -7.45 7.37 -15.60
C GLU A 6 -6.71 6.52 -14.57
N GLN A 7 -7.42 5.74 -13.82
CA GLN A 7 -6.75 4.89 -12.80
C GLN A 7 -5.96 3.80 -13.52
N PHE A 8 -6.52 3.25 -14.56
CA PHE A 8 -5.85 2.17 -15.31
C PHE A 8 -4.55 2.66 -15.97
N LYS A 9 -4.58 3.75 -16.68
CA LYS A 9 -3.32 4.24 -17.32
C LYS A 9 -2.28 4.52 -16.24
N GLN A 10 -2.70 4.92 -15.07
CA GLN A 10 -1.71 5.18 -13.98
C GLN A 10 -0.95 3.88 -13.70
N VAL A 11 -1.57 2.76 -13.90
CA VAL A 11 -0.84 1.48 -13.65
C VAL A 11 0.26 1.34 -14.69
N ARG A 12 0.00 1.70 -15.92
CA ARG A 12 1.05 1.57 -16.96
C ARG A 12 2.31 2.31 -16.53
N GLN A 13 2.19 3.53 -16.08
CA GLN A 13 3.41 4.27 -15.66
C GLN A 13 4.10 3.52 -14.51
N LEU A 14 3.38 2.73 -13.72
CA LEU A 14 4.07 2.01 -12.62
C LEU A 14 5.07 1.03 -13.23
N TYR A 15 4.67 0.31 -14.23
CA TYR A 15 5.59 -0.65 -14.89
C TYR A 15 6.73 0.10 -15.59
N GLU A 16 6.43 1.21 -16.20
CA GLU A 16 7.48 1.98 -16.93
C GLU A 16 8.52 2.55 -15.94
N ILE A 17 8.29 2.40 -14.66
CA ILE A 17 9.29 2.95 -13.68
C ILE A 17 10.67 2.39 -14.00
N ASN A 18 10.74 1.13 -14.35
CA ASN A 18 12.07 0.55 -14.69
C ASN A 18 11.85 -0.84 -15.30
N ASP A 19 12.86 -1.39 -15.90
CA ASP A 19 12.72 -2.74 -16.53
C ASP A 19 13.19 -3.79 -15.55
N ASP A 20 13.24 -3.46 -14.28
CA ASP A 20 13.69 -4.46 -13.28
C ASP A 20 12.74 -5.69 -13.34
N PRO A 21 13.22 -6.89 -13.61
CA PRO A 21 12.29 -8.07 -13.67
C PRO A 21 11.52 -8.29 -12.36
N LYS A 22 12.17 -8.16 -11.23
CA LYS A 22 11.44 -8.38 -9.94
C LYS A 22 10.28 -7.39 -9.84
N ARG A 23 10.53 -6.15 -10.12
CA ARG A 23 9.43 -5.14 -10.04
C ARG A 23 8.33 -5.55 -11.03
N LYS A 24 8.70 -5.84 -12.24
CA LYS A 24 7.69 -6.26 -13.24
C LYS A 24 6.99 -7.52 -12.75
N GLU A 25 7.75 -8.50 -12.34
CA GLU A 25 7.13 -9.76 -11.84
C GLU A 25 6.33 -9.47 -10.56
N PHE A 26 6.86 -8.66 -9.69
CA PHE A 26 6.12 -8.32 -8.45
C PHE A 26 4.78 -7.67 -8.79
N LEU A 27 4.80 -6.66 -9.64
CA LEU A 27 3.53 -5.97 -9.98
C LEU A 27 2.58 -6.99 -10.61
N ASP A 28 3.05 -7.76 -11.54
CA ASP A 28 2.17 -8.78 -12.17
C ASP A 28 1.68 -9.74 -11.08
N ASP A 29 2.54 -10.10 -10.17
CA ASP A 29 2.14 -11.04 -9.10
C ASP A 29 1.13 -10.34 -8.16
N LEU A 30 1.48 -9.20 -7.63
CA LEU A 30 0.53 -8.50 -6.71
C LEU A 30 -0.78 -8.18 -7.45
N PHE A 31 -0.71 -7.60 -8.61
CA PHE A 31 -1.98 -7.28 -9.34
C PHE A 31 -2.77 -8.58 -9.55
N SER A 32 -2.08 -9.67 -9.81
CA SER A 32 -2.80 -10.95 -10.06
C SER A 32 -3.65 -11.38 -8.84
N PHE A 33 -3.09 -11.41 -7.67
CA PHE A 33 -3.90 -11.84 -6.48
C PHE A 33 -5.11 -10.91 -6.28
N MET A 34 -4.87 -9.63 -6.22
CA MET A 34 -6.00 -8.67 -6.02
C MET A 34 -6.93 -8.67 -7.24
N GLN A 35 -6.49 -9.28 -8.31
CA GLN A 35 -7.33 -9.31 -9.55
C GLN A 35 -8.71 -9.86 -9.23
N LYS A 36 -8.92 -10.37 -8.04
CA LYS A 36 -10.26 -10.94 -7.70
C LYS A 36 -11.33 -9.93 -8.14
N ARG A 37 -11.23 -8.70 -7.74
CA ARG A 37 -12.21 -7.69 -8.21
C ARG A 37 -11.94 -7.47 -9.71
N GLY A 38 -10.69 -7.60 -10.10
CA GLY A 38 -10.31 -7.43 -11.54
C GLY A 38 -9.75 -6.03 -11.79
N THR A 39 -9.85 -5.13 -10.83
CA THR A 39 -9.32 -3.74 -11.02
C THR A 39 -8.11 -3.50 -10.11
N PRO A 40 -7.24 -2.56 -10.46
CA PRO A 40 -6.03 -2.27 -9.63
C PRO A 40 -6.36 -1.99 -8.17
N ILE A 41 -5.46 -1.33 -7.49
CA ILE A 41 -5.67 -1.01 -6.05
C ILE A 41 -6.76 0.06 -5.93
N ASN A 42 -6.67 0.93 -4.95
CA ASN A 42 -7.72 1.97 -4.77
C ASN A 42 -7.37 3.22 -5.59
N ARG A 43 -6.43 4.01 -5.11
CA ARG A 43 -6.04 5.27 -5.85
C ARG A 43 -4.53 5.27 -6.11
N LEU A 44 -4.11 5.94 -7.15
CA LEU A 44 -2.65 6.02 -7.49
C LEU A 44 -2.26 7.49 -7.71
N PRO A 45 -2.05 8.26 -6.66
CA PRO A 45 -1.68 9.69 -6.82
C PRO A 45 -0.32 9.87 -7.50
N ILE A 46 -0.08 11.05 -8.05
CA ILE A 46 1.23 11.32 -8.74
C ILE A 46 2.02 12.30 -7.89
N MET A 47 3.22 11.94 -7.53
CA MET A 47 4.07 12.85 -6.69
C MET A 47 5.09 13.58 -7.55
N ALA A 48 4.80 14.81 -7.90
CA ALA A 48 5.77 15.62 -8.70
C ALA A 48 6.38 14.77 -9.81
N LYS A 49 5.71 14.66 -10.92
CA LYS A 49 6.28 13.87 -12.07
C LYS A 49 6.55 12.42 -11.65
N SER A 50 6.54 12.12 -10.38
CA SER A 50 6.79 10.71 -9.93
C SER A 50 5.44 10.03 -9.66
N VAL A 51 5.44 8.74 -9.47
CA VAL A 51 4.16 8.00 -9.22
C VAL A 51 4.28 7.25 -7.89
N LEU A 52 3.26 7.29 -7.07
CA LEU A 52 3.35 6.57 -5.77
C LEU A 52 3.55 5.09 -6.02
N ASP A 53 4.79 4.65 -5.92
CA ASP A 53 5.09 3.21 -6.15
C ASP A 53 4.51 2.38 -5.01
N LEU A 54 3.60 1.49 -5.32
CA LEU A 54 3.02 0.62 -4.26
C LEU A 54 4.14 -0.17 -3.61
N TYR A 55 5.14 -0.50 -4.38
CA TYR A 55 6.28 -1.29 -3.84
C TYR A 55 6.95 -0.53 -2.68
N GLU A 56 7.11 0.76 -2.81
CA GLU A 56 7.77 1.54 -1.73
C GLU A 56 6.98 1.41 -0.42
N LEU A 57 5.68 1.46 -0.49
CA LEU A 57 4.89 1.33 0.78
C LEU A 57 5.21 -0.02 1.42
N TYR A 58 5.19 -1.09 0.65
CA TYR A 58 5.44 -2.43 1.23
C TYR A 58 6.85 -2.53 1.85
N ASN A 59 7.88 -2.14 1.14
CA ASN A 59 9.24 -2.26 1.75
C ASN A 59 9.33 -1.42 3.03
N LEU A 60 8.75 -0.25 3.04
CA LEU A 60 8.80 0.58 4.27
C LEU A 60 8.06 -0.14 5.40
N VAL A 61 6.95 -0.76 5.09
CA VAL A 61 6.16 -1.46 6.14
C VAL A 61 6.97 -2.64 6.69
N ILE A 62 7.38 -3.57 5.87
CA ILE A 62 8.15 -4.73 6.39
C ILE A 62 9.43 -4.23 7.07
N ALA A 63 10.12 -3.30 6.46
CA ALA A 63 11.37 -2.78 7.07
C ALA A 63 11.08 -2.28 8.50
N ARG A 64 9.84 -2.02 8.81
CA ARG A 64 9.50 -1.52 10.19
C ARG A 64 8.96 -2.67 11.06
N GLY A 65 9.06 -3.89 10.60
CA GLY A 65 8.59 -5.07 11.43
C GLY A 65 7.30 -5.67 10.87
N GLY A 66 6.54 -4.94 10.10
CA GLY A 66 5.26 -5.50 9.54
C GLY A 66 4.15 -4.46 9.59
N LEU A 67 3.09 -4.70 8.89
CA LEU A 67 1.96 -3.72 8.88
C LEU A 67 1.42 -3.55 10.31
N VAL A 68 1.18 -4.63 11.00
CA VAL A 68 0.65 -4.51 12.39
C VAL A 68 1.71 -3.85 13.28
N ASP A 69 2.96 -4.14 13.05
CA ASP A 69 4.02 -3.49 13.88
C ASP A 69 3.92 -1.98 13.71
N VAL A 70 3.66 -1.53 12.52
CA VAL A 70 3.53 -0.07 12.30
C VAL A 70 2.24 0.44 12.97
N ILE A 71 1.19 -0.31 12.88
CA ILE A 71 -0.11 0.13 13.50
C ILE A 71 -0.03 0.10 15.04
N ASN A 72 0.31 -1.02 15.61
CA ASN A 72 0.36 -1.11 17.11
C ASN A 72 1.39 -0.12 17.67
N LYS A 73 2.52 0.04 17.02
CA LYS A 73 3.54 1.01 17.53
C LYS A 73 3.20 2.41 17.00
N LYS A 74 2.27 2.49 16.09
CA LYS A 74 1.88 3.83 15.53
C LYS A 74 3.07 4.51 14.86
N LEU A 75 3.72 3.84 13.95
CA LEU A 75 4.90 4.45 13.23
C LEU A 75 4.45 4.95 11.87
N TRP A 76 3.16 5.06 11.66
CA TRP A 76 2.64 5.56 10.34
C TRP A 76 3.19 6.94 10.05
N GLN A 77 3.63 7.65 11.07
CA GLN A 77 4.17 9.01 10.83
C GLN A 77 5.37 8.90 9.89
N GLU A 78 6.19 7.90 10.07
CA GLU A 78 7.38 7.75 9.18
C GLU A 78 6.90 7.58 7.73
N ILE A 79 5.86 6.81 7.51
CA ILE A 79 5.36 6.62 6.12
C ILE A 79 4.73 7.92 5.63
N ILE A 80 4.01 8.60 6.48
CA ILE A 80 3.36 9.88 6.09
C ILE A 80 4.44 10.91 5.72
N LYS A 81 5.52 10.96 6.43
CA LYS A 81 6.58 11.95 6.10
C LYS A 81 7.08 11.68 4.67
N GLY A 82 7.23 10.44 4.31
CA GLY A 82 7.71 10.11 2.94
C GLY A 82 6.67 10.56 1.91
N LEU A 83 5.42 10.58 2.29
CA LEU A 83 4.33 10.99 1.35
C LEU A 83 4.06 12.50 1.50
N HIS A 84 5.10 13.28 1.76
CA HIS A 84 4.97 14.78 1.95
C HIS A 84 3.51 15.25 1.83
N LEU A 85 2.80 15.26 2.93
CA LEU A 85 1.38 15.70 2.91
C LEU A 85 1.35 17.21 2.62
N PRO A 86 0.26 17.72 2.08
CA PRO A 86 0.17 19.17 1.76
C PRO A 86 0.51 20.04 2.97
N SER A 87 -0.40 20.12 3.89
CA SER A 87 -0.21 20.93 5.11
C SER A 87 -1.50 20.85 5.92
N SER A 88 -2.21 19.77 5.76
CA SER A 88 -3.49 19.56 6.49
C SER A 88 -3.64 18.06 6.69
N ILE A 89 -2.79 17.50 7.51
CA ILE A 89 -2.83 16.03 7.71
C ILE A 89 -4.22 15.61 8.22
N THR A 90 -5.09 15.31 7.30
CA THR A 90 -6.45 14.86 7.69
C THR A 90 -6.34 13.39 8.10
N SER A 91 -7.37 12.61 7.88
CA SER A 91 -7.30 11.18 8.24
C SER A 91 -6.26 10.48 7.34
N ALA A 92 -5.14 11.11 7.11
CA ALA A 92 -4.09 10.50 6.23
C ALA A 92 -3.64 9.16 6.82
N ALA A 93 -3.29 9.11 8.07
CA ALA A 93 -2.84 7.81 8.67
C ALA A 93 -3.97 6.78 8.54
N PHE A 94 -5.14 7.14 8.96
CA PHE A 94 -6.30 6.20 8.86
C PHE A 94 -6.56 5.84 7.39
N THR A 95 -6.46 6.79 6.51
CA THR A 95 -6.72 6.51 5.07
C THR A 95 -5.66 5.55 4.50
N LEU A 96 -4.43 5.72 4.86
CA LEU A 96 -3.35 4.82 4.32
C LEU A 96 -3.56 3.38 4.79
N ARG A 97 -3.73 3.17 6.06
CA ARG A 97 -3.89 1.79 6.59
C ARG A 97 -5.11 1.07 5.99
N THR A 98 -6.21 1.76 5.80
CA THR A 98 -7.41 1.05 5.26
C THR A 98 -7.16 0.58 3.81
N GLN A 99 -6.50 1.37 3.02
CA GLN A 99 -6.24 0.94 1.61
C GLN A 99 -5.42 -0.34 1.64
N TYR A 100 -4.40 -0.37 2.44
CA TYR A 100 -3.54 -1.58 2.55
C TYR A 100 -4.41 -2.75 3.02
N MET A 101 -5.23 -2.51 4.00
CA MET A 101 -6.09 -3.58 4.55
C MET A 101 -7.04 -4.14 3.48
N LYS A 102 -7.59 -3.29 2.65
CA LYS A 102 -8.57 -3.77 1.63
C LYS A 102 -7.97 -4.79 0.65
N TYR A 103 -6.79 -4.55 0.10
CA TYR A 103 -6.21 -5.51 -0.91
C TYR A 103 -4.84 -6.08 -0.50
N LEU A 104 -4.14 -5.49 0.44
CA LEU A 104 -2.77 -6.01 0.79
C LEU A 104 -2.76 -6.81 2.09
N TYR A 105 -3.86 -6.97 2.78
CA TYR A 105 -3.80 -7.78 4.03
C TYR A 105 -3.59 -9.27 3.67
N PRO A 106 -4.22 -9.77 2.63
CA PRO A 106 -4.05 -11.20 2.26
C PRO A 106 -2.71 -11.42 1.56
N TYR A 107 -2.26 -10.46 0.81
CA TYR A 107 -0.97 -10.60 0.09
C TYR A 107 0.18 -10.65 1.11
N GLU A 108 0.27 -9.65 1.94
CA GLU A 108 1.35 -9.64 2.97
C GLU A 108 1.21 -10.89 3.83
N CYS A 109 0.02 -11.16 4.30
CA CYS A 109 -0.21 -12.36 5.15
C CYS A 109 0.13 -13.64 4.39
N GLU A 110 -0.28 -13.76 3.16
CA GLU A 110 0.02 -15.01 2.40
C GLU A 110 1.53 -15.11 2.11
N LYS A 111 2.14 -14.05 1.67
CA LYS A 111 3.60 -14.14 1.37
C LYS A 111 4.45 -14.32 2.65
N LYS A 112 4.10 -13.64 3.73
CA LYS A 112 4.93 -13.78 4.99
C LYS A 112 4.07 -14.24 6.19
N ASN A 113 2.78 -14.11 6.14
CA ASN A 113 1.97 -14.56 7.32
C ASN A 113 2.56 -13.93 8.59
N LEU A 114 2.73 -12.63 8.56
CA LEU A 114 3.33 -11.92 9.73
C LEU A 114 2.48 -12.12 11.00
N SER A 115 1.18 -12.09 10.87
CA SER A 115 0.33 -12.22 12.08
C SER A 115 -1.05 -12.78 11.70
N THR A 116 -2.01 -12.74 12.62
CA THR A 116 -3.37 -13.29 12.31
C THR A 116 -4.42 -12.22 12.68
N PRO A 117 -5.58 -12.22 12.04
CA PRO A 117 -6.61 -11.21 12.37
C PRO A 117 -6.90 -11.12 13.89
N ALA A 118 -6.54 -12.13 14.63
CA ALA A 118 -6.79 -12.09 16.10
C ALA A 118 -5.91 -11.02 16.76
N GLU A 119 -4.62 -11.14 16.60
CA GLU A 119 -3.71 -10.14 17.20
C GLU A 119 -3.92 -8.80 16.52
N LEU A 120 -4.43 -8.81 15.32
CA LEU A 120 -4.68 -7.52 14.60
C LEU A 120 -5.70 -6.74 15.40
N GLN A 121 -6.70 -7.40 15.91
CA GLN A 121 -7.74 -6.70 16.69
C GLN A 121 -7.06 -6.03 17.89
N ALA A 122 -6.12 -6.70 18.50
CA ALA A 122 -5.42 -6.07 19.66
C ALA A 122 -4.75 -4.79 19.17
N ALA A 123 -4.13 -4.85 18.00
CA ALA A 123 -3.47 -3.64 17.46
C ALA A 123 -4.54 -2.59 17.15
N ILE A 124 -5.64 -3.00 16.59
CA ILE A 124 -6.73 -2.03 16.27
C ILE A 124 -7.38 -1.52 17.56
N ASP A 125 -7.59 -2.37 18.52
CA ASP A 125 -8.24 -1.89 19.79
C ASP A 125 -7.51 -0.64 20.26
N GLY A 126 -6.24 -0.56 19.97
CA GLY A 126 -5.44 0.62 20.40
C GLY A 126 -4.11 0.09 20.91
N ASN A 127 -3.40 -0.61 20.07
CA ASN A 127 -2.11 -1.18 20.52
C ASN A 127 -2.43 -2.07 21.73
N ARG A 128 -3.62 -2.62 21.75
CA ARG A 128 -4.02 -3.48 22.90
C ARG A 128 -5.27 -4.28 22.53
N GLY A 1 -13.80 14.58 -15.38
CA GLY A 1 -14.48 13.33 -15.79
C GLY A 1 -13.59 12.13 -15.48
N TRP A 2 -13.55 11.71 -14.25
CA TRP A 2 -12.71 10.54 -13.87
C TRP A 2 -13.32 9.28 -14.49
N SER A 3 -12.50 8.34 -14.90
CA SER A 3 -13.04 7.09 -15.53
C SER A 3 -12.27 5.87 -15.02
N PHE A 4 -12.86 4.71 -15.14
CA PHE A 4 -12.18 3.47 -14.66
C PHE A 4 -10.88 3.25 -15.44
N GLU A 5 -10.88 3.47 -16.71
CA GLU A 5 -9.63 3.24 -17.49
C GLU A 5 -8.56 4.23 -17.05
N GLU A 6 -8.96 5.36 -16.51
CA GLU A 6 -7.95 6.34 -16.05
C GLU A 6 -7.13 5.70 -14.94
N GLN A 7 -7.75 4.95 -14.09
CA GLN A 7 -7.00 4.27 -13.01
C GLN A 7 -6.09 3.22 -13.65
N PHE A 8 -6.59 2.57 -14.67
CA PHE A 8 -5.80 1.51 -15.36
C PHE A 8 -4.58 2.10 -16.10
N LYS A 9 -4.76 3.14 -16.86
CA LYS A 9 -3.59 3.70 -17.61
C LYS A 9 -2.49 4.19 -16.65
N GLN A 10 -2.84 4.83 -15.57
CA GLN A 10 -1.76 5.30 -14.65
C GLN A 10 -1.03 4.09 -14.07
N VAL A 11 -1.66 2.96 -14.04
CA VAL A 11 -0.97 1.74 -13.52
C VAL A 11 0.13 1.35 -14.51
N ARG A 12 -0.13 1.43 -15.79
CA ARG A 12 0.91 1.05 -16.78
C ARG A 12 2.18 1.87 -16.55
N GLN A 13 2.07 3.16 -16.36
CA GLN A 13 3.31 3.95 -16.13
C GLN A 13 4.04 3.44 -14.88
N LEU A 14 3.36 2.87 -13.91
CA LEU A 14 4.12 2.35 -12.73
C LEU A 14 5.07 1.25 -13.22
N TYR A 15 4.59 0.38 -14.08
CA TYR A 15 5.47 -0.70 -14.62
C TYR A 15 6.63 -0.06 -15.38
N GLU A 16 6.35 0.98 -16.13
CA GLU A 16 7.42 1.64 -16.94
C GLU A 16 8.44 2.37 -16.07
N ILE A 17 8.29 2.35 -14.77
CA ILE A 17 9.28 3.05 -13.91
C ILE A 17 10.68 2.53 -14.23
N ASN A 18 10.80 1.24 -14.44
CA ASN A 18 12.14 0.66 -14.77
C ASN A 18 11.93 -0.78 -15.26
N ASP A 19 12.95 -1.38 -15.82
CA ASP A 19 12.80 -2.78 -16.31
C ASP A 19 13.18 -3.74 -15.19
N ASP A 20 13.21 -3.23 -13.97
CA ASP A 20 13.57 -4.10 -12.82
C ASP A 20 12.68 -5.36 -12.86
N PRO A 21 13.21 -6.54 -13.13
CA PRO A 21 12.35 -7.76 -13.18
C PRO A 21 11.66 -8.03 -11.83
N LYS A 22 12.31 -7.73 -10.74
CA LYS A 22 11.69 -7.97 -9.42
C LYS A 22 10.41 -7.12 -9.27
N ARG A 23 10.49 -5.85 -9.60
CA ARG A 23 9.27 -4.99 -9.48
C ARG A 23 8.18 -5.50 -10.42
N LYS A 24 8.52 -5.83 -11.63
CA LYS A 24 7.48 -6.34 -12.58
C LYS A 24 6.89 -7.61 -11.99
N GLU A 25 7.72 -8.44 -11.43
CA GLU A 25 7.22 -9.70 -10.81
C GLU A 25 6.27 -9.37 -9.64
N PHE A 26 6.69 -8.49 -8.77
CA PHE A 26 5.81 -8.13 -7.60
C PHE A 26 4.48 -7.56 -8.08
N LEU A 27 4.50 -6.60 -8.96
CA LEU A 27 3.21 -6.01 -9.41
C LEU A 27 2.37 -7.10 -10.06
N ASP A 28 2.97 -7.91 -10.88
CA ASP A 28 2.21 -9.00 -11.53
C ASP A 28 1.62 -9.92 -10.45
N ASP A 29 2.37 -10.22 -9.44
CA ASP A 29 1.85 -11.12 -8.37
C ASP A 29 0.79 -10.39 -7.53
N LEU A 30 1.09 -9.21 -7.06
CA LEU A 30 0.07 -8.49 -6.23
C LEU A 30 -1.20 -8.26 -7.05
N PHE A 31 -1.09 -7.74 -8.25
CA PHE A 31 -2.32 -7.52 -9.05
C PHE A 31 -3.05 -8.85 -9.23
N SER A 32 -2.33 -9.92 -9.42
CA SER A 32 -2.99 -11.24 -9.62
C SER A 32 -3.84 -11.62 -8.40
N PHE A 33 -3.34 -11.43 -7.21
CA PHE A 33 -4.14 -11.80 -6.01
C PHE A 33 -5.44 -10.98 -5.99
N MET A 34 -5.32 -9.68 -6.02
CA MET A 34 -6.51 -8.79 -6.01
C MET A 34 -7.26 -8.88 -7.36
N GLN A 35 -6.65 -9.44 -8.36
CA GLN A 35 -7.32 -9.53 -9.70
C GLN A 35 -8.69 -10.18 -9.51
N LYS A 36 -8.96 -10.71 -8.35
CA LYS A 36 -10.28 -11.36 -8.11
C LYS A 36 -11.38 -10.42 -8.62
N ARG A 37 -11.34 -9.18 -8.22
CA ARG A 37 -12.37 -8.22 -8.73
C ARG A 37 -12.08 -7.98 -10.22
N GLY A 38 -10.81 -7.85 -10.56
CA GLY A 38 -10.43 -7.63 -12.00
C GLY A 38 -9.85 -6.22 -12.22
N THR A 39 -9.95 -5.35 -11.24
CA THR A 39 -9.41 -3.95 -11.43
C THR A 39 -8.18 -3.73 -10.50
N PRO A 40 -7.29 -2.81 -10.85
CA PRO A 40 -6.09 -2.54 -10.01
C PRO A 40 -6.46 -2.18 -8.56
N ILE A 41 -5.60 -1.46 -7.89
CA ILE A 41 -5.88 -1.06 -6.48
C ILE A 41 -7.03 -0.05 -6.46
N ASN A 42 -7.05 0.85 -5.52
CA ASN A 42 -8.16 1.85 -5.46
C ASN A 42 -7.82 3.05 -6.35
N ARG A 43 -6.92 3.91 -5.90
CA ARG A 43 -6.53 5.09 -6.74
C ARG A 43 -5.02 5.31 -6.63
N LEU A 44 -4.41 5.70 -7.72
CA LEU A 44 -2.94 5.95 -7.75
C LEU A 44 -2.68 7.32 -8.38
N PRO A 45 -2.80 8.41 -7.64
CA PRO A 45 -2.60 9.75 -8.24
C PRO A 45 -1.22 9.90 -8.91
N ILE A 46 -0.96 11.01 -9.55
CA ILE A 46 0.34 11.22 -10.25
C ILE A 46 1.16 12.24 -9.49
N MET A 47 2.34 11.87 -9.09
CA MET A 47 3.23 12.82 -8.35
C MET A 47 3.91 13.76 -9.35
N ALA A 48 4.38 14.88 -8.86
CA ALA A 48 5.06 15.87 -9.74
C ALA A 48 5.99 15.17 -10.73
N LYS A 49 5.53 14.96 -11.95
CA LYS A 49 6.37 14.29 -12.97
C LYS A 49 6.72 12.88 -12.48
N SER A 50 5.96 12.37 -11.56
CA SER A 50 6.22 11.00 -11.03
C SER A 50 4.90 10.33 -10.71
N VAL A 51 4.94 9.12 -10.24
CA VAL A 51 3.68 8.38 -9.90
C VAL A 51 3.79 7.82 -8.48
N LEU A 52 2.71 7.79 -7.76
CA LEU A 52 2.76 7.27 -6.38
C LEU A 52 3.18 5.80 -6.42
N ASP A 53 4.43 5.52 -6.19
CA ASP A 53 4.91 4.11 -6.22
C ASP A 53 4.38 3.35 -5.02
N LEU A 54 3.26 2.67 -5.18
CA LEU A 54 2.69 1.91 -4.04
C LEU A 54 3.75 0.95 -3.49
N TYR A 55 4.73 0.61 -4.29
CA TYR A 55 5.80 -0.31 -3.81
C TYR A 55 6.51 0.31 -2.60
N GLU A 56 6.74 1.59 -2.63
CA GLU A 56 7.45 2.24 -1.49
C GLU A 56 6.65 2.08 -0.20
N LEU A 57 5.35 2.19 -0.25
CA LEU A 57 4.56 2.03 0.99
C LEU A 57 4.82 0.64 1.57
N TYR A 58 4.72 -0.38 0.77
CA TYR A 58 4.95 -1.76 1.28
C TYR A 58 6.37 -1.89 1.84
N ASN A 59 7.37 -1.49 1.10
CA ASN A 59 8.77 -1.65 1.59
C ASN A 59 8.96 -0.91 2.92
N LEU A 60 8.52 0.32 3.01
CA LEU A 60 8.69 1.07 4.29
C LEU A 60 7.96 0.36 5.42
N VAL A 61 6.80 -0.16 5.17
CA VAL A 61 6.03 -0.85 6.24
C VAL A 61 6.81 -2.07 6.74
N ILE A 62 7.16 -2.97 5.87
CA ILE A 62 7.92 -4.18 6.31
C ILE A 62 9.27 -3.74 6.91
N ALA A 63 9.90 -2.77 6.31
CA ALA A 63 11.21 -2.30 6.84
C ALA A 63 11.09 -1.99 8.33
N ARG A 64 9.88 -1.86 8.85
CA ARG A 64 9.71 -1.56 10.30
C ARG A 64 9.46 -2.86 11.09
N GLY A 65 9.20 -3.95 10.41
CA GLY A 65 8.97 -5.25 11.12
C GLY A 65 7.64 -5.88 10.69
N GLY A 66 6.71 -5.10 10.18
CA GLY A 66 5.40 -5.69 9.75
C GLY A 66 4.27 -4.68 9.94
N LEU A 67 3.24 -4.77 9.12
CA LEU A 67 2.11 -3.82 9.25
C LEU A 67 1.48 -3.94 10.64
N VAL A 68 1.25 -5.14 11.10
CA VAL A 68 0.64 -5.30 12.45
C VAL A 68 1.57 -4.65 13.46
N ASP A 69 2.86 -4.82 13.30
CA ASP A 69 3.81 -4.19 14.24
C ASP A 69 3.63 -2.67 14.19
N VAL A 70 3.44 -2.14 13.01
CA VAL A 70 3.25 -0.65 12.88
C VAL A 70 1.99 -0.23 13.63
N ILE A 71 0.90 -0.90 13.41
CA ILE A 71 -0.38 -0.52 14.10
C ILE A 71 -0.23 -0.64 15.62
N ASN A 72 0.25 -1.75 16.10
CA ASN A 72 0.39 -1.91 17.58
C ASN A 72 1.32 -0.84 18.14
N LYS A 73 2.43 -0.60 17.50
CA LYS A 73 3.38 0.44 17.99
C LYS A 73 2.97 1.80 17.42
N LYS A 74 1.99 1.81 16.56
CA LYS A 74 1.54 3.10 15.95
C LYS A 74 2.75 3.82 15.35
N LEU A 75 3.39 3.24 14.37
CA LEU A 75 4.58 3.89 13.75
C LEU A 75 4.15 4.63 12.48
N TRP A 76 2.86 4.80 12.28
CA TRP A 76 2.40 5.53 11.07
C TRP A 76 3.11 6.87 11.04
N GLN A 77 3.52 7.35 12.18
CA GLN A 77 4.24 8.65 12.24
C GLN A 77 5.52 8.56 11.41
N GLU A 78 6.16 7.42 11.41
CA GLU A 78 7.42 7.28 10.63
C GLU A 78 7.10 7.55 9.15
N ILE A 79 6.07 6.94 8.64
CA ILE A 79 5.69 7.19 7.22
C ILE A 79 5.33 8.67 7.05
N ILE A 80 4.52 9.18 7.93
CA ILE A 80 4.16 10.63 7.82
C ILE A 80 5.48 11.40 7.94
N LYS A 81 6.34 10.97 8.82
CA LYS A 81 7.67 11.62 8.92
C LYS A 81 8.43 11.27 7.65
N GLY A 82 7.96 10.26 6.96
CA GLY A 82 8.58 9.82 5.68
C GLY A 82 7.97 10.68 4.58
N LEU A 83 7.24 11.69 5.01
CA LEU A 83 6.52 12.66 4.12
C LEU A 83 6.62 12.33 2.62
N HIS A 84 6.22 11.14 2.23
CA HIS A 84 6.25 10.77 0.78
C HIS A 84 4.85 10.97 0.20
N LEU A 85 3.96 11.56 0.95
CA LEU A 85 2.58 11.78 0.46
C LEU A 85 2.60 12.89 -0.61
N PRO A 86 1.71 12.86 -1.58
CA PRO A 86 1.68 13.91 -2.64
C PRO A 86 1.66 15.35 -2.08
N SER A 87 0.57 15.76 -1.49
CA SER A 87 0.48 17.15 -0.94
C SER A 87 0.67 17.06 0.56
N SER A 88 1.60 16.26 0.99
CA SER A 88 1.83 16.11 2.45
C SER A 88 0.49 15.78 3.11
N ILE A 89 -0.23 14.84 2.53
CA ILE A 89 -1.57 14.44 3.09
C ILE A 89 -1.50 14.43 4.62
N THR A 90 -2.09 15.42 5.20
CA THR A 90 -2.08 15.56 6.68
C THR A 90 -3.04 14.55 7.31
N SER A 91 -3.25 13.43 6.67
CA SER A 91 -4.16 12.40 7.24
C SER A 91 -3.91 11.08 6.50
N ALA A 92 -2.69 10.83 6.12
CA ALA A 92 -2.37 9.57 5.39
C ALA A 92 -2.48 8.36 6.31
N ALA A 93 -2.13 8.49 7.56
CA ALA A 93 -2.21 7.31 8.47
C ALA A 93 -3.59 6.66 8.35
N PHE A 94 -4.62 7.41 8.57
CA PHE A 94 -6.00 6.83 8.47
C PHE A 94 -6.27 6.36 7.03
N THR A 95 -5.90 7.13 6.05
CA THR A 95 -6.17 6.73 4.64
C THR A 95 -5.31 5.52 4.26
N LEU A 96 -4.08 5.47 4.68
CA LEU A 96 -3.21 4.33 4.30
C LEU A 96 -3.71 3.02 4.92
N ARG A 97 -4.04 3.01 6.18
CA ARG A 97 -4.51 1.74 6.82
C ARG A 97 -5.78 1.20 6.13
N THR A 98 -6.66 2.05 5.68
CA THR A 98 -7.90 1.53 5.03
C THR A 98 -7.63 1.01 3.62
N GLN A 99 -6.92 1.76 2.80
CA GLN A 99 -6.65 1.28 1.42
C GLN A 99 -5.73 0.05 1.47
N TYR A 100 -4.76 0.09 2.33
CA TYR A 100 -3.83 -1.06 2.44
C TYR A 100 -4.63 -2.30 2.83
N MET A 101 -5.43 -2.18 3.85
CA MET A 101 -6.25 -3.34 4.31
C MET A 101 -7.22 -3.76 3.21
N LYS A 102 -7.67 -2.86 2.40
CA LYS A 102 -8.66 -3.22 1.35
C LYS A 102 -8.05 -4.27 0.39
N TYR A 103 -6.79 -4.17 0.02
CA TYR A 103 -6.19 -5.19 -0.91
C TYR A 103 -4.76 -5.61 -0.52
N LEU A 104 -4.14 -4.97 0.45
CA LEU A 104 -2.71 -5.35 0.79
C LEU A 104 -2.60 -6.13 2.11
N TYR A 105 -3.62 -6.17 2.93
CA TYR A 105 -3.47 -6.94 4.20
C TYR A 105 -3.45 -8.45 3.89
N PRO A 106 -4.22 -8.94 2.94
CA PRO A 106 -4.20 -10.40 2.63
C PRO A 106 -2.91 -10.77 1.88
N TYR A 107 -2.47 -9.88 1.02
CA TYR A 107 -1.24 -10.16 0.24
C TYR A 107 -0.02 -10.18 1.17
N GLU A 108 0.10 -9.22 2.04
CA GLU A 108 1.25 -9.19 2.98
C GLU A 108 1.33 -10.50 3.76
N CYS A 109 0.23 -10.93 4.33
CA CYS A 109 0.25 -12.21 5.11
C CYS A 109 0.52 -13.41 4.21
N GLU A 110 0.08 -13.39 2.98
CA GLU A 110 0.32 -14.58 2.11
C GLU A 110 1.82 -14.77 1.88
N LYS A 111 2.52 -13.72 1.54
CA LYS A 111 3.99 -13.86 1.28
C LYS A 111 4.78 -14.13 2.58
N LYS A 112 4.44 -13.48 3.67
CA LYS A 112 5.23 -13.68 4.94
C LYS A 112 4.36 -14.22 6.09
N ASN A 113 3.06 -14.20 5.97
CA ASN A 113 2.21 -14.71 7.10
C ASN A 113 2.63 -14.01 8.40
N LEU A 114 2.72 -12.72 8.38
CA LEU A 114 3.12 -11.96 9.59
C LEU A 114 2.13 -12.20 10.73
N SER A 115 0.86 -12.25 10.44
CA SER A 115 -0.13 -12.44 11.53
C SER A 115 -1.47 -12.94 10.98
N THR A 116 -2.47 -13.03 11.83
CA THR A 116 -3.82 -13.48 11.39
C THR A 116 -4.85 -12.44 11.84
N PRO A 117 -5.96 -12.28 11.16
CA PRO A 117 -6.96 -11.25 11.58
C PRO A 117 -7.27 -11.29 13.09
N ALA A 118 -7.01 -12.39 13.74
CA ALA A 118 -7.30 -12.47 15.21
C ALA A 118 -6.35 -11.55 15.98
N GLU A 119 -5.08 -11.77 15.86
CA GLU A 119 -4.10 -10.92 16.59
C GLU A 119 -4.13 -9.51 16.02
N LEU A 120 -4.53 -9.36 14.79
CA LEU A 120 -4.61 -8.00 14.20
C LEU A 120 -5.56 -7.16 15.03
N GLN A 121 -6.68 -7.73 15.40
CA GLN A 121 -7.65 -6.97 16.23
C GLN A 121 -6.96 -6.56 17.53
N ALA A 122 -6.23 -7.46 18.12
CA ALA A 122 -5.50 -7.10 19.37
C ALA A 122 -4.53 -5.98 19.03
N ALA A 123 -3.90 -6.05 17.88
CA ALA A 123 -2.94 -4.99 17.48
C ALA A 123 -3.71 -3.69 17.24
N ILE A 124 -4.86 -3.76 16.66
CA ILE A 124 -5.65 -2.52 16.41
C ILE A 124 -6.18 -1.96 17.73
N ASP A 125 -6.59 -2.80 18.63
CA ASP A 125 -7.12 -2.30 19.94
C ASP A 125 -6.04 -1.49 20.66
N GLY A 126 -4.86 -2.02 20.77
CA GLY A 126 -3.76 -1.27 21.46
C GLY A 126 -3.53 0.05 20.72
N ASN A 127 -3.77 0.07 19.44
CA ASN A 127 -3.55 1.31 18.64
C ASN A 127 -4.61 2.35 19.00
N ARG A 128 -5.50 2.03 19.89
CA ARG A 128 -6.55 3.00 20.30
C ARG A 128 -7.30 3.49 19.05
N GLY A 1 -10.88 15.66 -12.32
CA GLY A 1 -11.18 14.88 -13.56
C GLY A 1 -10.73 13.43 -13.36
N TRP A 2 -11.43 12.69 -12.54
CA TRP A 2 -11.05 11.27 -12.30
C TRP A 2 -11.94 10.35 -13.15
N SER A 3 -11.34 9.38 -13.81
CA SER A 3 -12.14 8.44 -14.66
C SER A 3 -11.64 7.01 -14.42
N PHE A 4 -12.40 6.04 -14.83
CA PHE A 4 -11.98 4.62 -14.62
C PHE A 4 -10.66 4.34 -15.33
N GLU A 5 -10.57 4.62 -16.60
CA GLU A 5 -9.31 4.30 -17.31
C GLU A 5 -8.17 5.19 -16.81
N GLU A 6 -8.47 6.33 -16.26
CA GLU A 6 -7.38 7.22 -15.76
C GLU A 6 -6.63 6.51 -14.63
N GLN A 7 -7.34 5.85 -13.75
CA GLN A 7 -6.65 5.15 -12.64
C GLN A 7 -5.90 3.93 -13.23
N PHE A 8 -6.51 3.27 -14.16
CA PHE A 8 -5.89 2.07 -14.78
C PHE A 8 -4.62 2.45 -15.57
N LYS A 9 -4.69 3.43 -16.43
CA LYS A 9 -3.46 3.77 -17.22
C LYS A 9 -2.34 4.18 -16.26
N GLN A 10 -2.67 4.73 -15.12
CA GLN A 10 -1.59 5.10 -14.17
C GLN A 10 -0.82 3.83 -13.80
N VAL A 11 -1.48 2.73 -13.61
CA VAL A 11 -0.71 1.49 -13.27
C VAL A 11 0.28 1.25 -14.42
N ARG A 12 -0.06 1.64 -15.61
CA ARG A 12 0.87 1.45 -16.75
C ARG A 12 2.21 2.10 -16.41
N GLN A 13 2.19 3.33 -15.98
CA GLN A 13 3.47 4.02 -15.66
C GLN A 13 4.20 3.27 -14.52
N LEU A 14 3.51 2.56 -13.67
CA LEU A 14 4.23 1.83 -12.58
C LEU A 14 5.12 0.75 -13.22
N TYR A 15 4.58 -0.02 -14.12
CA TYR A 15 5.40 -1.07 -14.78
C TYR A 15 6.54 -0.41 -15.56
N GLU A 16 6.28 0.69 -16.21
CA GLU A 16 7.36 1.36 -17.01
C GLU A 16 8.42 1.99 -16.10
N ILE A 17 8.31 1.86 -14.80
CA ILE A 17 9.34 2.48 -13.91
C ILE A 17 10.73 1.92 -14.26
N ASN A 18 10.85 0.64 -14.48
CA ASN A 18 12.20 0.09 -14.82
C ASN A 18 12.05 -1.36 -15.28
N ASP A 19 13.14 -1.98 -15.68
CA ASP A 19 13.08 -3.39 -16.16
C ASP A 19 13.40 -4.35 -15.03
N ASP A 20 13.29 -3.92 -13.79
CA ASP A 20 13.58 -4.85 -12.67
C ASP A 20 12.68 -6.10 -12.82
N PRO A 21 13.21 -7.31 -12.95
CA PRO A 21 12.32 -8.50 -13.09
C PRO A 21 11.41 -8.67 -11.86
N LYS A 22 11.96 -8.52 -10.69
CA LYS A 22 11.13 -8.69 -9.46
C LYS A 22 9.99 -7.66 -9.44
N ARG A 23 10.27 -6.43 -9.78
CA ARG A 23 9.19 -5.41 -9.76
C ARG A 23 8.09 -5.83 -10.72
N LYS A 24 8.43 -6.17 -11.93
CA LYS A 24 7.39 -6.61 -12.89
C LYS A 24 6.71 -7.87 -12.34
N GLU A 25 7.50 -8.84 -11.95
CA GLU A 25 6.93 -10.09 -11.40
C GLU A 25 6.12 -9.81 -10.14
N PHE A 26 6.64 -9.00 -9.25
CA PHE A 26 5.88 -8.69 -8.01
C PHE A 26 4.55 -8.05 -8.37
N LEU A 27 4.57 -7.05 -9.21
CA LEU A 27 3.30 -6.36 -9.58
C LEU A 27 2.35 -7.36 -10.23
N ASP A 28 2.84 -8.23 -11.07
CA ASP A 28 1.94 -9.24 -11.71
C ASP A 28 1.26 -10.09 -10.64
N ASP A 29 1.97 -10.46 -9.62
CA ASP A 29 1.37 -11.32 -8.55
C ASP A 29 0.39 -10.52 -7.68
N LEU A 30 0.81 -9.42 -7.13
CA LEU A 30 -0.11 -8.62 -6.25
C LEU A 30 -1.35 -8.18 -7.03
N PHE A 31 -1.17 -7.51 -8.13
CA PHE A 31 -2.37 -7.03 -8.88
C PHE A 31 -3.22 -8.22 -9.31
N SER A 32 -2.61 -9.30 -9.74
CA SER A 32 -3.41 -10.48 -10.17
C SER A 32 -4.22 -11.02 -8.97
N PHE A 33 -3.63 -11.11 -7.81
CA PHE A 33 -4.39 -11.64 -6.65
C PHE A 33 -5.62 -10.77 -6.36
N MET A 34 -5.42 -9.50 -6.13
CA MET A 34 -6.58 -8.60 -5.83
C MET A 34 -7.43 -8.38 -7.08
N GLN A 35 -6.91 -8.74 -8.22
CA GLN A 35 -7.69 -8.54 -9.50
C GLN A 35 -9.06 -9.20 -9.39
N LYS A 36 -9.31 -9.96 -8.36
CA LYS A 36 -10.64 -10.62 -8.25
C LYS A 36 -11.74 -9.59 -8.51
N ARG A 37 -11.66 -8.43 -7.90
CA ARG A 37 -12.71 -7.40 -8.17
C ARG A 37 -12.61 -6.99 -9.64
N GLY A 38 -11.41 -6.86 -10.15
CA GLY A 38 -11.21 -6.48 -11.59
C GLY A 38 -10.46 -5.15 -11.72
N THR A 39 -10.30 -4.40 -10.65
CA THR A 39 -9.57 -3.08 -10.75
C THR A 39 -8.20 -3.19 -10.06
N PRO A 40 -7.21 -2.43 -10.51
CA PRO A 40 -5.84 -2.50 -9.90
C PRO A 40 -5.85 -2.24 -8.38
N ILE A 41 -6.11 -1.02 -7.96
CA ILE A 41 -6.13 -0.71 -6.49
C ILE A 41 -7.08 0.46 -6.25
N ASN A 42 -6.79 1.31 -5.30
CA ASN A 42 -7.69 2.47 -5.03
C ASN A 42 -7.25 3.66 -5.87
N ARG A 43 -6.22 4.38 -5.45
CA ARG A 43 -5.77 5.57 -6.24
C ARG A 43 -4.23 5.63 -6.24
N LEU A 44 -3.67 6.11 -7.32
CA LEU A 44 -2.18 6.24 -7.44
C LEU A 44 -1.85 7.65 -7.92
N PRO A 45 -1.87 8.64 -7.05
CA PRO A 45 -1.59 10.04 -7.47
C PRO A 45 -0.15 10.24 -7.97
N ILE A 46 0.14 11.40 -8.48
CA ILE A 46 1.51 11.71 -9.00
C ILE A 46 2.15 12.74 -8.09
N MET A 47 3.36 12.51 -7.66
CA MET A 47 4.05 13.49 -6.75
C MET A 47 5.51 13.69 -7.15
N ALA A 48 5.95 14.93 -7.13
CA ALA A 48 7.37 15.26 -7.48
C ALA A 48 7.75 14.66 -8.83
N LYS A 49 6.97 14.84 -9.84
CA LYS A 49 7.33 14.27 -11.16
C LYS A 49 7.47 12.74 -11.04
N SER A 50 7.40 12.23 -9.84
CA SER A 50 7.51 10.76 -9.62
C SER A 50 6.10 10.22 -9.40
N VAL A 51 5.97 8.92 -9.32
CA VAL A 51 4.62 8.31 -9.12
C VAL A 51 4.63 7.48 -7.84
N LEU A 52 3.61 7.59 -7.04
CA LEU A 52 3.59 6.84 -5.76
C LEU A 52 3.63 5.34 -6.05
N ASP A 53 4.80 4.78 -6.06
CA ASP A 53 4.94 3.32 -6.32
C ASP A 53 4.44 2.54 -5.09
N LEU A 54 3.46 1.71 -5.25
CA LEU A 54 2.97 0.93 -4.06
C LEU A 54 4.15 0.17 -3.46
N TYR A 55 5.01 -0.35 -4.30
CA TYR A 55 6.17 -1.13 -3.79
C TYR A 55 6.87 -0.32 -2.69
N GLU A 56 7.00 0.96 -2.85
CA GLU A 56 7.68 1.78 -1.80
C GLU A 56 6.91 1.65 -0.48
N LEU A 57 5.61 1.73 -0.52
CA LEU A 57 4.84 1.58 0.76
C LEU A 57 5.12 0.21 1.37
N TYR A 58 5.08 -0.83 0.57
CA TYR A 58 5.33 -2.19 1.12
C TYR A 58 6.73 -2.29 1.74
N ASN A 59 7.76 -1.89 1.05
CA ASN A 59 9.13 -2.02 1.65
C ASN A 59 9.22 -1.22 2.95
N LEU A 60 8.67 -0.04 2.99
CA LEU A 60 8.75 0.75 4.26
C LEU A 60 7.99 -0.02 5.35
N VAL A 61 6.88 -0.61 4.99
CA VAL A 61 6.07 -1.35 5.98
C VAL A 61 6.86 -2.55 6.55
N ILE A 62 7.38 -3.40 5.72
CA ILE A 62 8.16 -4.56 6.25
C ILE A 62 9.38 -4.04 6.99
N ALA A 63 10.04 -3.05 6.47
CA ALA A 63 11.25 -2.51 7.15
C ALA A 63 10.89 -2.06 8.57
N ARG A 64 9.63 -1.90 8.86
CA ARG A 64 9.20 -1.45 10.22
C ARG A 64 8.74 -2.67 11.05
N GLY A 65 9.12 -3.84 10.64
CA GLY A 65 8.73 -5.07 11.41
C GLY A 65 7.41 -5.64 10.89
N GLY A 66 6.71 -4.92 10.04
CA GLY A 66 5.41 -5.44 9.49
C GLY A 66 4.31 -4.40 9.66
N LEU A 67 3.25 -4.53 8.90
CA LEU A 67 2.13 -3.56 9.02
C LEU A 67 1.59 -3.59 10.44
N VAL A 68 1.42 -4.76 10.99
CA VAL A 68 0.89 -4.84 12.38
C VAL A 68 1.84 -4.11 13.31
N ASP A 69 3.12 -4.25 13.10
CA ASP A 69 4.10 -3.55 13.98
C ASP A 69 3.87 -2.04 13.87
N VAL A 70 3.62 -1.56 12.69
CA VAL A 70 3.39 -0.10 12.48
C VAL A 70 2.13 0.36 13.24
N ILE A 71 1.04 -0.32 13.07
CA ILE A 71 -0.23 0.08 13.75
C ILE A 71 -0.08 0.08 15.27
N ASN A 72 0.46 -0.96 15.83
CA ASN A 72 0.58 -1.03 17.32
C ASN A 72 1.43 0.13 17.86
N LYS A 73 2.52 0.46 17.21
CA LYS A 73 3.38 1.59 17.71
C LYS A 73 3.04 2.88 16.97
N LYS A 74 2.01 2.86 16.16
CA LYS A 74 1.59 4.08 15.41
C LYS A 74 2.78 4.73 14.69
N LEU A 75 3.43 4.03 13.80
CA LEU A 75 4.58 4.62 13.06
C LEU A 75 4.04 5.23 11.76
N TRP A 76 2.76 5.48 11.70
CA TRP A 76 2.16 6.08 10.46
C TRP A 76 2.81 7.43 10.17
N GLN A 77 3.28 8.11 11.17
CA GLN A 77 3.90 9.44 10.93
C GLN A 77 5.09 9.28 9.98
N GLU A 78 5.89 8.27 10.17
CA GLU A 78 7.07 8.08 9.26
C GLU A 78 6.57 7.89 7.82
N ILE A 79 5.63 7.01 7.62
CA ILE A 79 5.09 6.78 6.24
C ILE A 79 4.41 8.07 5.76
N ILE A 80 3.56 8.63 6.58
CA ILE A 80 2.86 9.88 6.18
C ILE A 80 3.90 10.99 5.94
N LYS A 81 4.93 11.02 6.73
CA LYS A 81 5.97 12.07 6.53
C LYS A 81 6.51 11.95 5.10
N GLY A 82 6.84 10.77 4.68
CA GLY A 82 7.34 10.58 3.29
C GLY A 82 6.24 11.01 2.32
N LEU A 83 5.02 10.65 2.66
CA LEU A 83 3.85 11.00 1.80
C LEU A 83 3.30 12.37 2.24
N HIS A 84 4.12 13.38 2.20
CA HIS A 84 3.67 14.74 2.64
C HIS A 84 2.23 15.00 2.17
N LEU A 85 1.49 15.78 2.91
CA LEU A 85 0.08 16.07 2.53
C LEU A 85 0.04 17.31 1.62
N PRO A 86 -0.43 17.21 0.38
CA PRO A 86 -0.50 18.42 -0.49
C PRO A 86 -1.46 19.48 0.07
N SER A 87 -1.66 19.50 1.37
CA SER A 87 -2.58 20.50 1.99
C SER A 87 -4.01 20.29 1.49
N SER A 88 -4.19 19.56 0.43
CA SER A 88 -5.57 19.32 -0.10
C SER A 88 -6.08 17.98 0.45
N ILE A 89 -5.23 17.25 1.13
CA ILE A 89 -5.63 15.92 1.70
C ILE A 89 -5.48 15.98 3.22
N THR A 90 -6.54 15.73 3.95
CA THR A 90 -6.46 15.75 5.45
C THR A 90 -6.85 14.37 6.00
N SER A 91 -6.62 13.33 5.24
CA SER A 91 -6.99 11.96 5.73
C SER A 91 -6.05 10.93 5.12
N ALA A 92 -4.82 11.29 4.85
CA ALA A 92 -3.87 10.32 4.24
C ALA A 92 -3.69 9.12 5.19
N ALA A 93 -3.62 9.36 6.47
CA ALA A 93 -3.45 8.23 7.43
C ALA A 93 -4.62 7.25 7.28
N PHE A 94 -5.81 7.76 7.28
CA PHE A 94 -7.01 6.88 7.16
C PHE A 94 -6.97 6.09 5.84
N THR A 95 -6.59 6.72 4.76
CA THR A 95 -6.57 5.98 3.47
C THR A 95 -5.50 4.88 3.51
N LEU A 96 -4.33 5.20 3.98
CA LEU A 96 -3.24 4.18 4.01
C LEU A 96 -3.63 2.97 4.86
N ARG A 97 -4.07 3.18 6.07
CA ARG A 97 -4.43 2.04 6.94
C ARG A 97 -5.56 1.20 6.32
N THR A 98 -6.54 1.82 5.73
CA THR A 98 -7.66 1.03 5.13
C THR A 98 -7.33 0.61 3.69
N GLN A 99 -6.67 1.45 2.94
CA GLN A 99 -6.33 1.07 1.53
C GLN A 99 -5.47 -0.19 1.56
N TYR A 100 -4.46 -0.19 2.36
CA TYR A 100 -3.56 -1.36 2.45
C TYR A 100 -4.39 -2.57 2.89
N MET A 101 -5.15 -2.44 3.93
CA MET A 101 -5.98 -3.57 4.41
C MET A 101 -6.98 -3.99 3.34
N LYS A 102 -7.43 -3.07 2.53
CA LYS A 102 -8.43 -3.43 1.49
C LYS A 102 -7.88 -4.50 0.54
N TYR A 103 -6.63 -4.43 0.13
CA TYR A 103 -6.09 -5.45 -0.83
C TYR A 103 -4.66 -5.90 -0.49
N LEU A 104 -4.00 -5.29 0.46
CA LEU A 104 -2.57 -5.69 0.77
C LEU A 104 -2.45 -6.48 2.08
N TYR A 105 -3.39 -6.41 2.99
CA TYR A 105 -3.23 -7.20 4.24
C TYR A 105 -3.26 -8.71 3.93
N PRO A 106 -4.09 -9.17 3.00
CA PRO A 106 -4.11 -10.62 2.67
C PRO A 106 -2.86 -11.01 1.87
N TYR A 107 -2.46 -10.16 0.96
CA TYR A 107 -1.26 -10.45 0.13
C TYR A 107 -0.02 -10.51 1.03
N GLU A 108 0.14 -9.52 1.87
CA GLU A 108 1.31 -9.50 2.79
C GLU A 108 1.32 -10.78 3.63
N CYS A 109 0.20 -11.16 4.17
CA CYS A 109 0.14 -12.39 5.01
C CYS A 109 0.49 -13.62 4.16
N GLU A 110 0.03 -13.68 2.95
CA GLU A 110 0.30 -14.88 2.11
C GLU A 110 1.81 -15.00 1.82
N LYS A 111 2.44 -13.94 1.39
CA LYS A 111 3.90 -14.03 1.08
C LYS A 111 4.76 -14.19 2.35
N LYS A 112 4.43 -13.50 3.43
CA LYS A 112 5.29 -13.61 4.67
C LYS A 112 4.47 -14.07 5.90
N ASN A 113 3.17 -14.04 5.85
CA ASN A 113 2.39 -14.48 7.06
C ASN A 113 2.92 -13.75 8.29
N LEU A 114 3.06 -12.45 8.21
CA LEU A 114 3.59 -11.66 9.37
C LEU A 114 2.70 -11.84 10.59
N SER A 115 1.40 -11.85 10.40
CA SER A 115 0.49 -11.97 11.57
C SER A 115 -0.84 -12.58 11.12
N THR A 116 -1.63 -13.07 12.06
CA THR A 116 -2.96 -13.66 11.72
C THR A 116 -4.03 -12.66 12.19
N PRO A 117 -5.20 -12.67 11.59
CA PRO A 117 -6.26 -11.72 12.01
C PRO A 117 -6.50 -11.77 13.52
N ALA A 118 -6.08 -12.84 14.16
CA ALA A 118 -6.27 -12.95 15.64
C ALA A 118 -5.36 -11.96 16.37
N GLU A 119 -4.08 -12.05 16.13
CA GLU A 119 -3.13 -11.14 16.80
C GLU A 119 -3.31 -9.72 16.26
N LEU A 120 -3.82 -9.59 15.07
CA LEU A 120 -4.02 -8.23 14.51
C LEU A 120 -4.98 -7.49 15.43
N GLN A 121 -6.03 -8.12 15.85
CA GLN A 121 -6.97 -7.47 16.78
C GLN A 121 -6.22 -7.09 18.04
N ALA A 122 -5.33 -7.94 18.49
CA ALA A 122 -4.55 -7.61 19.70
C ALA A 122 -3.80 -6.30 19.44
N ALA A 123 -3.31 -6.12 18.25
CA ALA A 123 -2.58 -4.87 17.92
C ALA A 123 -3.57 -3.70 17.98
N ILE A 124 -4.73 -3.86 17.40
CA ILE A 124 -5.74 -2.77 17.44
C ILE A 124 -6.26 -2.62 18.88
N ASP A 125 -6.50 -3.72 19.54
CA ASP A 125 -6.99 -3.66 20.94
C ASP A 125 -5.96 -2.93 21.78
N GLY A 126 -4.70 -3.19 21.55
CA GLY A 126 -3.64 -2.50 22.33
C GLY A 126 -3.80 -1.00 22.15
N ASN A 127 -4.21 -0.57 20.98
CA ASN A 127 -4.41 0.88 20.76
C ASN A 127 -5.44 1.40 21.76
N ARG A 128 -6.43 0.60 22.06
CA ARG A 128 -7.47 1.02 23.04
C ARG A 128 -8.06 2.38 22.61
N GLY A 1 -17.07 11.88 -9.85
CA GLY A 1 -17.01 11.55 -11.31
C GLY A 1 -15.66 10.95 -11.64
N TRP A 2 -15.05 10.28 -10.71
CA TRP A 2 -13.72 9.65 -10.98
C TRP A 2 -13.92 8.39 -11.82
N SER A 3 -13.25 8.29 -12.94
CA SER A 3 -13.41 7.08 -13.80
C SER A 3 -12.47 5.97 -13.31
N PHE A 4 -12.91 4.75 -13.35
CA PHE A 4 -12.06 3.62 -12.90
C PHE A 4 -10.87 3.43 -13.85
N GLU A 5 -11.10 3.58 -15.13
CA GLU A 5 -9.98 3.38 -16.10
C GLU A 5 -8.87 4.41 -15.85
N GLU A 6 -9.17 5.51 -15.24
CA GLU A 6 -8.11 6.52 -14.99
C GLU A 6 -7.02 5.88 -14.12
N GLN A 7 -7.39 5.14 -13.11
CA GLN A 7 -6.38 4.48 -12.25
C GLN A 7 -5.68 3.38 -13.04
N PHE A 8 -6.41 2.74 -13.92
CA PHE A 8 -5.85 1.61 -14.73
C PHE A 8 -4.67 2.08 -15.59
N LYS A 9 -4.81 3.13 -16.36
CA LYS A 9 -3.67 3.58 -17.20
C LYS A 9 -2.52 4.02 -16.29
N GLN A 10 -2.82 4.53 -15.13
CA GLN A 10 -1.73 4.96 -14.21
C GLN A 10 -0.90 3.74 -13.82
N VAL A 11 -1.51 2.58 -13.80
CA VAL A 11 -0.73 1.35 -13.45
C VAL A 11 0.26 1.07 -14.58
N ARG A 12 -0.13 1.26 -15.80
CA ARG A 12 0.81 0.99 -16.93
C ARG A 12 2.08 1.82 -16.71
N GLN A 13 1.97 3.09 -16.42
CA GLN A 13 3.21 3.89 -16.22
C GLN A 13 3.99 3.34 -15.01
N LEU A 14 3.34 2.66 -14.08
CA LEU A 14 4.14 2.11 -12.93
C LEU A 14 5.09 1.05 -13.48
N TYR A 15 4.61 0.20 -14.36
CA TYR A 15 5.49 -0.84 -14.94
C TYR A 15 6.60 -0.15 -15.75
N GLU A 16 6.24 0.90 -16.46
CA GLU A 16 7.26 1.62 -17.29
C GLU A 16 8.34 2.26 -16.41
N ILE A 17 8.18 2.25 -15.11
CA ILE A 17 9.22 2.88 -14.25
C ILE A 17 10.59 2.32 -14.61
N ASN A 18 10.68 1.03 -14.84
CA ASN A 18 11.99 0.44 -15.20
C ASN A 18 11.76 -0.98 -15.72
N ASP A 19 12.75 -1.54 -16.37
CA ASP A 19 12.62 -2.93 -16.90
C ASP A 19 13.15 -3.91 -15.86
N ASP A 20 13.29 -3.45 -14.64
CA ASP A 20 13.80 -4.35 -13.57
C ASP A 20 12.89 -5.59 -13.43
N PRO A 21 13.39 -6.80 -13.55
CA PRO A 21 12.50 -7.99 -13.40
C PRO A 21 11.84 -8.06 -12.01
N LYS A 22 12.57 -7.72 -10.98
CA LYS A 22 12.00 -7.80 -9.60
C LYS A 22 10.76 -6.89 -9.48
N ARG A 23 10.86 -5.66 -9.89
CA ARG A 23 9.68 -4.74 -9.78
C ARG A 23 8.54 -5.27 -10.66
N LYS A 24 8.83 -5.65 -11.87
CA LYS A 24 7.76 -6.17 -12.77
C LYS A 24 7.12 -7.39 -12.14
N GLU A 25 7.91 -8.32 -11.67
CA GLU A 25 7.35 -9.55 -11.06
C GLU A 25 6.48 -9.18 -9.85
N PHE A 26 6.94 -8.28 -9.01
CA PHE A 26 6.12 -7.90 -7.82
C PHE A 26 4.77 -7.34 -8.26
N LEU A 27 4.76 -6.37 -9.14
CA LEU A 27 3.47 -5.79 -9.58
C LEU A 27 2.63 -6.90 -10.21
N ASP A 28 3.24 -7.71 -11.02
CA ASP A 28 2.47 -8.81 -11.67
C ASP A 28 1.91 -9.73 -10.58
N ASP A 29 2.67 -9.97 -9.54
CA ASP A 29 2.18 -10.88 -8.45
C ASP A 29 1.12 -10.16 -7.59
N LEU A 30 1.42 -9.00 -7.09
CA LEU A 30 0.42 -8.28 -6.24
C LEU A 30 -0.86 -8.02 -7.02
N PHE A 31 -0.77 -7.41 -8.17
CA PHE A 31 -2.02 -7.17 -8.95
C PHE A 31 -2.67 -8.51 -9.27
N SER A 32 -1.90 -9.51 -9.58
CA SER A 32 -2.49 -10.85 -9.92
C SER A 32 -3.38 -11.37 -8.78
N PHE A 33 -2.90 -11.38 -7.57
CA PHE A 33 -3.76 -11.88 -6.47
C PHE A 33 -5.07 -11.10 -6.42
N MET A 34 -4.98 -9.80 -6.27
CA MET A 34 -6.22 -8.95 -6.23
C MET A 34 -6.88 -8.89 -7.61
N GLN A 35 -6.21 -9.31 -8.64
CA GLN A 35 -6.80 -9.26 -10.02
C GLN A 35 -8.17 -9.95 -10.03
N LYS A 36 -8.50 -10.65 -8.97
CA LYS A 36 -9.82 -11.35 -8.93
C LYS A 36 -10.91 -10.41 -9.43
N ARG A 37 -10.99 -9.22 -8.90
CA ARG A 37 -12.02 -8.26 -9.39
C ARG A 37 -11.65 -7.83 -10.81
N GLY A 38 -10.37 -7.71 -11.09
CA GLY A 38 -9.92 -7.32 -12.46
C GLY A 38 -9.64 -5.82 -12.53
N THR A 39 -9.81 -5.12 -11.43
CA THR A 39 -9.58 -3.63 -11.43
C THR A 39 -8.35 -3.29 -10.57
N PRO A 40 -7.74 -2.14 -10.81
CA PRO A 40 -6.54 -1.71 -10.03
C PRO A 40 -6.76 -1.76 -8.52
N ILE A 41 -5.76 -1.38 -7.77
CA ILE A 41 -5.88 -1.36 -6.29
C ILE A 41 -6.98 -0.38 -5.91
N ASN A 42 -6.84 0.32 -4.83
CA ASN A 42 -7.90 1.30 -4.45
C ASN A 42 -7.69 2.58 -5.26
N ARG A 43 -6.48 3.04 -5.34
CA ARG A 43 -6.19 4.27 -6.15
C ARG A 43 -4.68 4.42 -6.32
N LEU A 44 -4.28 5.14 -7.33
CA LEU A 44 -2.81 5.35 -7.61
C LEU A 44 -2.59 6.87 -7.82
N PRO A 45 -2.28 7.63 -6.79
CA PRO A 45 -2.09 9.10 -6.95
C PRO A 45 -0.91 9.46 -7.87
N ILE A 46 -0.82 10.71 -8.27
CA ILE A 46 0.27 11.16 -9.17
C ILE A 46 0.95 12.37 -8.54
N MET A 47 2.26 12.41 -8.57
CA MET A 47 3.01 13.57 -7.97
C MET A 47 4.11 14.05 -8.92
N ALA A 48 4.10 15.32 -9.22
CA ALA A 48 5.13 15.95 -10.11
C ALA A 48 5.59 14.98 -11.21
N LYS A 49 4.88 14.91 -12.30
CA LYS A 49 5.30 14.03 -13.43
C LYS A 49 5.81 12.68 -12.90
N SER A 50 5.40 12.31 -11.71
CA SER A 50 5.85 11.01 -11.13
C SER A 50 4.63 10.32 -10.52
N VAL A 51 4.73 9.05 -10.23
CA VAL A 51 3.57 8.31 -9.63
C VAL A 51 3.98 7.69 -8.30
N LEU A 52 3.05 7.60 -7.38
CA LEU A 52 3.39 7.02 -6.06
C LEU A 52 3.75 5.54 -6.24
N ASP A 53 4.98 5.19 -6.02
CA ASP A 53 5.40 3.77 -6.17
C ASP A 53 4.78 2.95 -5.03
N LEU A 54 3.88 2.07 -5.34
CA LEU A 54 3.24 1.23 -4.28
C LEU A 54 4.33 0.42 -3.57
N TYR A 55 5.36 0.06 -4.26
CA TYR A 55 6.44 -0.76 -3.65
C TYR A 55 7.04 -0.03 -2.44
N GLU A 56 7.24 1.25 -2.53
CA GLU A 56 7.85 2.00 -1.39
C GLU A 56 6.98 1.87 -0.13
N LEU A 57 5.69 1.93 -0.26
CA LEU A 57 4.83 1.80 0.96
C LEU A 57 5.10 0.44 1.61
N TYR A 58 5.07 -0.61 0.84
CA TYR A 58 5.29 -1.97 1.40
C TYR A 58 6.67 -2.09 2.09
N ASN A 59 7.74 -1.71 1.44
CA ASN A 59 9.07 -1.84 2.10
C ASN A 59 9.13 -1.01 3.39
N LEU A 60 8.57 0.16 3.39
CA LEU A 60 8.61 1.00 4.63
C LEU A 60 7.92 0.26 5.79
N VAL A 61 6.84 -0.40 5.51
CA VAL A 61 6.11 -1.13 6.58
C VAL A 61 6.99 -2.25 7.14
N ILE A 62 7.33 -3.25 6.36
CA ILE A 62 8.19 -4.34 6.89
C ILE A 62 9.54 -3.79 7.34
N ALA A 63 10.08 -2.84 6.64
CA ALA A 63 11.41 -2.28 7.05
C ALA A 63 11.39 -1.99 8.56
N ARG A 64 10.22 -1.94 9.14
CA ARG A 64 10.11 -1.69 10.61
C ARG A 64 9.74 -2.99 11.33
N GLY A 65 9.01 -3.86 10.70
CA GLY A 65 8.65 -5.15 11.37
C GLY A 65 7.38 -5.75 10.74
N GLY A 66 6.44 -4.94 10.36
CA GLY A 66 5.18 -5.49 9.75
C GLY A 66 4.03 -4.49 9.90
N LEU A 67 3.01 -4.60 9.08
CA LEU A 67 1.87 -3.65 9.19
C LEU A 67 1.26 -3.77 10.59
N VAL A 68 0.98 -4.96 11.04
CA VAL A 68 0.39 -5.11 12.39
C VAL A 68 1.36 -4.50 13.40
N ASP A 69 2.63 -4.72 13.22
CA ASP A 69 3.62 -4.13 14.17
C ASP A 69 3.48 -2.61 14.14
N VAL A 70 3.30 -2.04 12.98
CA VAL A 70 3.15 -0.56 12.87
C VAL A 70 1.88 -0.09 13.58
N ILE A 71 0.76 -0.72 13.33
CA ILE A 71 -0.51 -0.27 13.99
C ILE A 71 -0.39 -0.36 15.51
N ASN A 72 0.02 -1.49 16.03
CA ASN A 72 0.15 -1.61 17.50
C ASN A 72 1.15 -0.58 18.02
N LYS A 73 2.30 -0.50 17.40
CA LYS A 73 3.32 0.49 17.83
C LYS A 73 2.83 1.90 17.48
N LYS A 74 1.95 2.00 16.52
CA LYS A 74 1.44 3.34 16.12
C LYS A 74 2.58 4.15 15.50
N LEU A 75 3.25 3.58 14.53
CA LEU A 75 4.40 4.29 13.86
C LEU A 75 3.94 4.91 12.54
N TRP A 76 2.65 5.04 12.33
CA TRP A 76 2.17 5.65 11.06
C TRP A 76 2.86 7.02 10.88
N GLN A 77 3.27 7.62 11.96
CA GLN A 77 3.92 8.95 11.88
C GLN A 77 5.19 8.86 11.00
N GLU A 78 5.97 7.83 11.17
CA GLU A 78 7.22 7.71 10.35
C GLU A 78 6.84 7.68 8.86
N ILE A 79 5.81 6.96 8.50
CA ILE A 79 5.41 6.90 7.06
C ILE A 79 4.99 8.30 6.60
N ILE A 80 4.22 9.00 7.40
CA ILE A 80 3.78 10.36 7.00
C ILE A 80 5.01 11.26 6.79
N LYS A 81 5.94 11.22 7.71
CA LYS A 81 7.15 12.09 7.58
C LYS A 81 7.97 11.65 6.36
N GLY A 82 8.10 10.37 6.12
CA GLY A 82 8.89 9.90 4.95
C GLY A 82 8.17 10.27 3.64
N LEU A 83 6.91 9.94 3.54
CA LEU A 83 6.14 10.27 2.30
C LEU A 83 5.57 11.67 2.45
N HIS A 84 6.40 12.65 2.71
CA HIS A 84 5.95 14.07 2.90
C HIS A 84 4.66 14.37 2.13
N LEU A 85 3.65 14.83 2.81
CA LEU A 85 2.37 15.18 2.13
C LEU A 85 2.53 16.54 1.44
N PRO A 86 1.84 16.78 0.34
CA PRO A 86 1.95 18.11 -0.34
C PRO A 86 1.60 19.27 0.60
N SER A 87 1.46 19.00 1.87
CA SER A 87 1.11 20.07 2.85
C SER A 87 -0.36 20.46 2.64
N SER A 88 -1.04 19.83 1.73
CA SER A 88 -2.48 20.15 1.47
C SER A 88 -3.34 19.06 2.11
N ILE A 89 -2.71 18.04 2.67
CA ILE A 89 -3.46 16.93 3.32
C ILE A 89 -2.81 16.62 4.65
N THR A 90 -3.60 16.35 5.66
CA THR A 90 -3.05 16.03 7.02
C THR A 90 -3.69 14.75 7.54
N SER A 91 -4.06 13.86 6.66
CA SER A 91 -4.71 12.58 7.10
C SER A 91 -4.30 11.44 6.14
N ALA A 92 -3.11 11.49 5.62
CA ALA A 92 -2.67 10.42 4.68
C ALA A 92 -2.64 9.07 5.39
N ALA A 93 -2.26 9.05 6.64
CA ALA A 93 -2.20 7.75 7.37
C ALA A 93 -3.58 7.08 7.31
N PHE A 94 -4.63 7.83 7.52
CA PHE A 94 -5.99 7.21 7.46
C PHE A 94 -6.22 6.61 6.08
N THR A 95 -5.84 7.31 5.04
CA THR A 95 -6.05 6.78 3.68
C THR A 95 -5.12 5.58 3.44
N LEU A 96 -3.90 5.65 3.92
CA LEU A 96 -2.95 4.52 3.70
C LEU A 96 -3.45 3.24 4.40
N ARG A 97 -3.82 3.31 5.64
CA ARG A 97 -4.28 2.10 6.37
C ARG A 97 -5.53 1.48 5.71
N THR A 98 -6.41 2.28 5.16
CA THR A 98 -7.65 1.69 4.56
C THR A 98 -7.36 1.05 3.19
N GLN A 99 -6.69 1.74 2.30
CA GLN A 99 -6.43 1.12 0.98
C GLN A 99 -5.51 -0.08 1.16
N TYR A 100 -4.59 0.00 2.07
CA TYR A 100 -3.68 -1.16 2.28
C TYR A 100 -4.52 -2.39 2.67
N MET A 101 -5.37 -2.23 3.63
CA MET A 101 -6.20 -3.39 4.07
C MET A 101 -7.14 -3.82 2.94
N LYS A 102 -7.52 -2.91 2.10
CA LYS A 102 -8.46 -3.27 0.99
C LYS A 102 -7.85 -4.36 0.09
N TYR A 103 -6.56 -4.31 -0.23
CA TYR A 103 -5.98 -5.38 -1.12
C TYR A 103 -4.54 -5.75 -0.72
N LEU A 104 -3.97 -5.17 0.31
CA LEU A 104 -2.54 -5.52 0.68
C LEU A 104 -2.49 -6.33 1.98
N TYR A 105 -3.53 -6.37 2.77
CA TYR A 105 -3.45 -7.19 4.02
C TYR A 105 -3.45 -8.69 3.67
N PRO A 106 -4.17 -9.13 2.65
CA PRO A 106 -4.14 -10.57 2.30
C PRO A 106 -2.81 -10.91 1.63
N TYR A 107 -2.33 -10.02 0.80
CA TYR A 107 -1.04 -10.24 0.11
C TYR A 107 0.08 -10.26 1.16
N GLU A 108 0.11 -9.28 2.02
CA GLU A 108 1.15 -9.25 3.09
C GLU A 108 1.06 -10.55 3.87
N CYS A 109 -0.13 -10.89 4.31
CA CYS A 109 -0.33 -12.15 5.09
C CYS A 109 -0.08 -13.39 4.21
N GLU A 110 -0.52 -13.36 2.99
CA GLU A 110 -0.33 -14.57 2.12
C GLU A 110 1.17 -14.82 1.90
N LYS A 111 1.90 -13.81 1.51
CA LYS A 111 3.36 -14.01 1.25
C LYS A 111 4.15 -14.23 2.56
N LYS A 112 3.84 -13.52 3.62
CA LYS A 112 4.62 -13.67 4.90
C LYS A 112 3.75 -14.15 6.07
N ASN A 113 2.45 -14.06 5.97
CA ASN A 113 1.61 -14.51 7.11
C ASN A 113 2.10 -13.87 8.41
N LEU A 114 2.28 -12.57 8.40
CA LEU A 114 2.76 -11.86 9.62
C LEU A 114 1.81 -12.06 10.79
N SER A 115 0.53 -12.03 10.55
CA SER A 115 -0.44 -12.17 11.67
C SER A 115 -1.80 -12.65 11.15
N THR A 116 -2.82 -12.64 11.98
CA THR A 116 -4.18 -13.12 11.56
C THR A 116 -5.21 -12.04 11.93
N PRO A 117 -6.33 -11.96 11.23
CA PRO A 117 -7.35 -10.93 11.57
C PRO A 117 -7.70 -10.96 13.06
N ALA A 118 -7.43 -12.07 13.71
CA ALA A 118 -7.74 -12.18 15.16
C ALA A 118 -6.82 -11.30 15.98
N GLU A 119 -5.53 -11.54 15.88
CA GLU A 119 -4.56 -10.74 16.65
C GLU A 119 -4.53 -9.31 16.09
N LEU A 120 -4.96 -9.13 14.87
CA LEU A 120 -4.99 -7.76 14.29
C LEU A 120 -5.93 -6.91 15.14
N GLN A 121 -7.08 -7.44 15.49
CA GLN A 121 -8.03 -6.67 16.34
C GLN A 121 -7.34 -6.35 17.64
N ALA A 122 -6.62 -7.29 18.20
CA ALA A 122 -5.89 -7.02 19.46
C ALA A 122 -4.83 -5.96 19.15
N ALA A 123 -4.34 -5.97 17.94
CA ALA A 123 -3.30 -4.97 17.54
C ALA A 123 -3.95 -3.58 17.50
N ILE A 124 -5.15 -3.48 16.99
CA ILE A 124 -5.81 -2.15 16.94
C ILE A 124 -6.12 -1.70 18.37
N ASP A 125 -6.55 -2.61 19.19
CA ASP A 125 -6.87 -2.25 20.60
C ASP A 125 -5.57 -2.12 21.40
N GLY A 126 -4.53 -2.79 20.95
CA GLY A 126 -3.23 -2.72 21.68
C GLY A 126 -2.74 -1.27 21.74
N ASN A 127 -2.83 -0.54 20.66
CA ASN A 127 -2.35 0.87 20.69
C ASN A 127 -3.14 1.64 21.75
N ARG A 128 -4.39 1.30 21.94
CA ARG A 128 -5.22 2.00 22.96
C ARG A 128 -5.02 3.51 22.85
N GLY A 1 -13.29 14.24 -14.66
CA GLY A 1 -13.50 13.64 -13.31
C GLY A 1 -12.56 12.44 -13.12
N TRP A 2 -12.69 11.73 -12.03
CA TRP A 2 -11.81 10.55 -11.79
C TRP A 2 -12.52 9.29 -12.28
N SER A 3 -11.90 8.53 -13.15
CA SER A 3 -12.56 7.30 -13.70
C SER A 3 -11.69 6.07 -13.41
N PHE A 4 -12.30 4.91 -13.34
CA PHE A 4 -11.52 3.67 -13.07
C PHE A 4 -10.52 3.43 -14.21
N GLU A 5 -10.93 3.67 -15.42
CA GLU A 5 -10.00 3.43 -16.57
C GLU A 5 -8.76 4.34 -16.40
N GLU A 6 -8.95 5.51 -15.84
CA GLU A 6 -7.80 6.43 -15.65
C GLU A 6 -6.78 5.76 -14.73
N GLN A 7 -7.24 5.08 -13.72
CA GLN A 7 -6.30 4.38 -12.80
C GLN A 7 -5.60 3.28 -13.58
N PHE A 8 -6.17 2.87 -14.69
CA PHE A 8 -5.56 1.77 -15.50
C PHE A 8 -4.23 2.23 -16.11
N LYS A 9 -4.24 3.26 -16.90
CA LYS A 9 -2.95 3.71 -17.52
C LYS A 9 -1.96 4.09 -16.42
N GLN A 10 -2.43 4.58 -15.31
CA GLN A 10 -1.48 4.94 -14.23
C GLN A 10 -0.69 3.71 -13.80
N VAL A 11 -1.32 2.56 -13.71
CA VAL A 11 -0.56 1.34 -13.31
C VAL A 11 0.54 1.08 -14.34
N ARG A 12 0.28 1.37 -15.59
CA ARG A 12 1.34 1.12 -16.61
C ARG A 12 2.58 1.94 -16.25
N GLN A 13 2.43 3.15 -15.79
CA GLN A 13 3.64 3.93 -15.43
C GLN A 13 4.43 3.20 -14.33
N LEU A 14 3.75 2.50 -13.44
CA LEU A 14 4.51 1.78 -12.36
C LEU A 14 5.42 0.75 -13.04
N TYR A 15 4.90 0.04 -14.00
CA TYR A 15 5.73 -0.97 -14.72
C TYR A 15 6.86 -0.26 -15.47
N GLU A 16 6.59 0.89 -16.03
CA GLU A 16 7.64 1.62 -16.80
C GLU A 16 8.68 2.27 -15.88
N ILE A 17 8.53 2.16 -14.59
CA ILE A 17 9.55 2.80 -13.69
C ILE A 17 10.93 2.28 -14.06
N ASN A 18 11.04 1.02 -14.40
CA ASN A 18 12.37 0.46 -14.77
C ASN A 18 12.19 -0.95 -15.36
N ASP A 19 13.25 -1.52 -15.86
CA ASP A 19 13.16 -2.88 -16.44
C ASP A 19 13.47 -3.92 -15.36
N ASP A 20 13.48 -3.49 -14.12
CA ASP A 20 13.79 -4.44 -13.02
C ASP A 20 12.79 -5.62 -13.08
N PRO A 21 13.23 -6.85 -13.35
CA PRO A 21 12.27 -7.99 -13.40
C PRO A 21 11.59 -8.23 -12.04
N LYS A 22 12.30 -8.02 -10.96
CA LYS A 22 11.70 -8.26 -9.63
C LYS A 22 10.47 -7.35 -9.45
N ARG A 23 10.62 -6.09 -9.73
CA ARG A 23 9.46 -5.16 -9.60
C ARG A 23 8.34 -5.64 -10.52
N LYS A 24 8.67 -6.02 -11.73
CA LYS A 24 7.62 -6.51 -12.67
C LYS A 24 6.95 -7.73 -12.04
N GLU A 25 7.74 -8.63 -11.51
CA GLU A 25 7.18 -9.85 -10.88
C GLU A 25 6.27 -9.46 -9.71
N PHE A 26 6.70 -8.55 -8.87
CA PHE A 26 5.85 -8.16 -7.72
C PHE A 26 4.52 -7.59 -8.21
N LEU A 27 4.55 -6.66 -9.13
CA LEU A 27 3.28 -6.08 -9.63
C LEU A 27 2.44 -7.20 -10.26
N ASP A 28 3.05 -8.01 -11.08
CA ASP A 28 2.29 -9.12 -11.71
C ASP A 28 1.73 -10.04 -10.63
N ASP A 29 2.51 -10.36 -9.62
CA ASP A 29 2.01 -11.27 -8.55
C ASP A 29 0.99 -10.56 -7.66
N LEU A 30 1.29 -9.39 -7.17
CA LEU A 30 0.31 -8.69 -6.29
C LEU A 30 -0.99 -8.43 -7.05
N PHE A 31 -0.94 -7.73 -8.14
CA PHE A 31 -2.20 -7.44 -8.88
C PHE A 31 -2.88 -8.77 -9.25
N SER A 32 -2.14 -9.75 -9.65
CA SER A 32 -2.80 -11.03 -10.03
C SER A 32 -3.65 -11.54 -8.85
N PHE A 33 -3.13 -11.50 -7.65
CA PHE A 33 -3.93 -11.99 -6.49
C PHE A 33 -5.21 -11.15 -6.33
N MET A 34 -5.08 -9.86 -6.11
CA MET A 34 -6.31 -9.01 -5.93
C MET A 34 -7.08 -8.85 -7.26
N GLN A 35 -6.44 -9.06 -8.38
CA GLN A 35 -7.14 -8.91 -9.69
C GLN A 35 -8.44 -9.70 -9.69
N LYS A 36 -8.70 -10.49 -8.67
CA LYS A 36 -9.96 -11.28 -8.63
C LYS A 36 -11.14 -10.38 -9.06
N ARG A 37 -11.16 -9.16 -8.59
CA ARG A 37 -12.26 -8.25 -9.01
C ARG A 37 -12.06 -7.93 -10.50
N GLY A 38 -10.83 -7.74 -10.90
CA GLY A 38 -10.52 -7.45 -12.34
C GLY A 38 -10.04 -6.01 -12.52
N THR A 39 -10.14 -5.18 -11.50
CA THR A 39 -9.69 -3.74 -11.63
C THR A 39 -8.44 -3.50 -10.76
N PRO A 40 -7.61 -2.53 -11.10
CA PRO A 40 -6.38 -2.25 -10.30
C PRO A 40 -6.69 -1.96 -8.82
N ILE A 41 -5.77 -1.31 -8.13
CA ILE A 41 -6.00 -0.98 -6.70
C ILE A 41 -7.09 0.09 -6.60
N ASN A 42 -7.08 0.91 -5.58
CA ASN A 42 -8.13 1.95 -5.46
C ASN A 42 -7.75 3.15 -6.33
N ARG A 43 -6.58 3.68 -6.14
CA ARG A 43 -6.14 4.84 -6.97
C ARG A 43 -4.66 5.13 -6.70
N LEU A 44 -3.96 5.62 -7.70
CA LEU A 44 -2.51 5.94 -7.53
C LEU A 44 -2.36 7.48 -7.55
N PRO A 45 -2.10 8.13 -6.43
CA PRO A 45 -1.96 9.62 -6.46
C PRO A 45 -0.76 10.06 -7.29
N ILE A 46 -0.95 11.00 -8.19
CA ILE A 46 0.19 11.48 -9.02
C ILE A 46 0.78 12.73 -8.37
N MET A 47 1.98 12.64 -7.90
CA MET A 47 2.61 13.83 -7.25
C MET A 47 3.25 14.69 -8.34
N ALA A 48 2.71 15.86 -8.56
CA ALA A 48 3.25 16.78 -9.60
C ALA A 48 3.66 16.00 -10.85
N LYS A 49 4.88 15.54 -10.91
CA LYS A 49 5.38 14.77 -12.10
C LYS A 49 5.78 13.37 -11.65
N SER A 50 5.88 13.15 -10.37
CA SER A 50 6.27 11.80 -9.86
C SER A 50 5.02 10.99 -9.52
N VAL A 51 5.13 9.69 -9.54
CA VAL A 51 3.96 8.82 -9.23
C VAL A 51 4.27 8.00 -7.97
N LEU A 52 3.39 8.00 -7.02
CA LEU A 52 3.64 7.24 -5.75
C LEU A 52 3.66 5.74 -6.06
N ASP A 53 4.82 5.14 -6.12
CA ASP A 53 4.89 3.68 -6.37
C ASP A 53 4.41 2.92 -5.13
N LEU A 54 3.33 2.20 -5.23
CA LEU A 54 2.83 1.46 -4.03
C LEU A 54 3.95 0.56 -3.49
N TYR A 55 4.94 0.29 -4.29
CA TYR A 55 6.06 -0.58 -3.83
C TYR A 55 6.75 0.07 -2.63
N GLU A 56 6.92 1.36 -2.67
CA GLU A 56 7.62 2.06 -1.54
C GLU A 56 6.84 1.85 -0.24
N LEU A 57 5.55 1.93 -0.26
CA LEU A 57 4.77 1.74 0.98
C LEU A 57 5.05 0.33 1.54
N TYR A 58 4.96 -0.67 0.71
CA TYR A 58 5.20 -2.05 1.21
C TYR A 58 6.61 -2.20 1.77
N ASN A 59 7.62 -1.75 1.05
CA ASN A 59 9.01 -1.91 1.58
C ASN A 59 9.13 -1.21 2.94
N LEU A 60 8.61 -0.01 3.05
CA LEU A 60 8.70 0.71 4.35
C LEU A 60 7.94 -0.08 5.43
N VAL A 61 6.81 -0.63 5.08
CA VAL A 61 6.00 -1.39 6.08
C VAL A 61 6.79 -2.60 6.61
N ILE A 62 7.26 -3.46 5.75
CA ILE A 62 8.02 -4.64 6.24
C ILE A 62 9.27 -4.17 6.98
N ALA A 63 9.93 -3.16 6.48
CA ALA A 63 11.17 -2.66 7.16
C ALA A 63 10.87 -2.36 8.63
N ARG A 64 9.62 -2.20 8.98
CA ARG A 64 9.26 -1.88 10.41
C ARG A 64 8.91 -3.18 11.15
N GLY A 65 8.97 -4.30 10.47
CA GLY A 65 8.66 -5.61 11.14
C GLY A 65 7.28 -6.12 10.72
N GLY A 66 6.50 -5.32 10.03
CA GLY A 66 5.14 -5.79 9.59
C GLY A 66 4.11 -4.67 9.76
N LEU A 67 3.06 -4.71 8.98
CA LEU A 67 2.02 -3.65 9.09
C LEU A 67 1.45 -3.67 10.50
N VAL A 68 1.23 -4.84 11.05
CA VAL A 68 0.66 -4.90 12.42
C VAL A 68 1.59 -4.19 13.41
N ASP A 69 2.88 -4.36 13.28
CA ASP A 69 3.79 -3.67 14.24
C ASP A 69 3.61 -2.16 14.09
N VAL A 70 3.48 -1.69 12.88
CA VAL A 70 3.30 -0.24 12.66
C VAL A 70 2.02 0.24 13.36
N ILE A 71 0.93 -0.43 13.15
CA ILE A 71 -0.34 -0.01 13.80
C ILE A 71 -0.19 -0.07 15.32
N ASN A 72 0.25 -1.18 15.84
CA ASN A 72 0.43 -1.30 17.32
C ASN A 72 1.45 -0.26 17.81
N LYS A 73 2.50 -0.03 17.08
CA LYS A 73 3.54 0.95 17.52
C LYS A 73 3.23 2.33 16.94
N LYS A 74 2.18 2.45 16.17
CA LYS A 74 1.84 3.78 15.58
C LYS A 74 3.08 4.39 14.91
N LEU A 75 3.64 3.72 13.93
CA LEU A 75 4.85 4.29 13.23
C LEU A 75 4.42 4.89 11.89
N TRP A 76 3.15 5.19 11.74
CA TRP A 76 2.67 5.79 10.46
C TRP A 76 3.41 7.10 10.24
N GLN A 77 3.86 7.71 11.30
CA GLN A 77 4.60 9.00 11.17
C GLN A 77 5.84 8.79 10.31
N GLU A 78 6.52 7.68 10.48
CA GLU A 78 7.74 7.43 9.67
C GLU A 78 7.38 7.39 8.18
N ILE A 79 6.38 6.65 7.81
CA ILE A 79 5.99 6.59 6.35
C ILE A 79 5.61 8.01 5.88
N ILE A 80 4.75 8.66 6.60
CA ILE A 80 4.32 10.04 6.21
C ILE A 80 5.52 10.98 6.25
N LYS A 81 6.34 10.86 7.25
CA LYS A 81 7.53 11.77 7.36
C LYS A 81 8.42 11.59 6.13
N GLY A 82 8.54 10.38 5.64
CA GLY A 82 9.40 10.14 4.45
C GLY A 82 8.96 11.00 3.28
N LEU A 83 7.67 11.09 3.02
CA LEU A 83 7.19 11.91 1.85
C LEU A 83 6.05 12.85 2.29
N HIS A 84 6.12 13.35 3.50
CA HIS A 84 5.06 14.28 4.07
C HIS A 84 3.88 14.48 3.12
N LEU A 85 2.86 13.67 3.24
CA LEU A 85 1.68 13.81 2.34
C LEU A 85 0.79 14.99 2.79
N PRO A 86 0.60 15.21 4.08
CA PRO A 86 -0.29 16.30 4.54
C PRO A 86 0.12 17.69 4.06
N SER A 87 0.93 17.76 3.05
CA SER A 87 1.29 19.08 2.51
C SER A 87 0.01 19.59 1.84
N SER A 88 -0.88 18.66 1.57
CA SER A 88 -2.18 19.00 0.94
C SER A 88 -3.24 18.00 1.43
N ILE A 89 -2.93 17.23 2.44
CA ILE A 89 -3.90 16.22 2.98
C ILE A 89 -3.92 16.34 4.51
N THR A 90 -4.88 15.74 5.15
CA THR A 90 -4.97 15.81 6.65
C THR A 90 -5.54 14.51 7.21
N SER A 91 -5.22 13.42 6.59
CA SER A 91 -5.74 12.10 7.07
C SER A 91 -4.97 10.99 6.32
N ALA A 92 -3.73 11.24 6.03
CA ALA A 92 -2.91 10.25 5.29
C ALA A 92 -2.81 8.92 6.06
N ALA A 93 -2.51 8.97 7.32
CA ALA A 93 -2.39 7.70 8.09
C ALA A 93 -3.70 6.93 7.99
N PHE A 94 -4.81 7.60 8.08
CA PHE A 94 -6.13 6.89 7.98
C PHE A 94 -6.35 6.39 6.54
N THR A 95 -5.99 7.19 5.57
CA THR A 95 -6.19 6.76 4.16
C THR A 95 -5.28 5.57 3.81
N LEU A 96 -4.06 5.59 4.26
CA LEU A 96 -3.14 4.47 3.92
C LEU A 96 -3.64 3.15 4.52
N ARG A 97 -3.96 3.13 5.78
CA ARG A 97 -4.42 1.86 6.43
C ARG A 97 -5.67 1.29 5.75
N THR A 98 -6.62 2.11 5.38
CA THR A 98 -7.86 1.57 4.75
C THR A 98 -7.56 1.01 3.34
N GLN A 99 -6.80 1.72 2.55
CA GLN A 99 -6.51 1.21 1.18
C GLN A 99 -5.62 -0.03 1.27
N TYR A 100 -4.63 0.01 2.11
CA TYR A 100 -3.73 -1.16 2.26
C TYR A 100 -4.59 -2.35 2.71
N MET A 101 -5.47 -2.11 3.64
CA MET A 101 -6.36 -3.17 4.16
C MET A 101 -7.26 -3.73 3.05
N LYS A 102 -7.75 -2.87 2.19
CA LYS A 102 -8.68 -3.36 1.13
C LYS A 102 -8.05 -4.43 0.22
N TYR A 103 -6.79 -4.30 -0.16
CA TYR A 103 -6.19 -5.35 -1.08
C TYR A 103 -4.76 -5.75 -0.71
N LEU A 104 -4.10 -5.08 0.21
CA LEU A 104 -2.69 -5.46 0.54
C LEU A 104 -2.59 -6.21 1.88
N TYR A 105 -3.55 -6.08 2.75
CA TYR A 105 -3.45 -6.83 4.05
C TYR A 105 -3.51 -8.35 3.79
N PRO A 106 -4.30 -8.82 2.85
CA PRO A 106 -4.34 -10.28 2.59
C PRO A 106 -3.08 -10.73 1.84
N TYR A 107 -2.65 -9.95 0.87
CA TYR A 107 -1.42 -10.29 0.11
C TYR A 107 -0.24 -10.35 1.08
N GLU A 108 -0.07 -9.33 1.88
CA GLU A 108 1.05 -9.33 2.86
C GLU A 108 0.97 -10.59 3.71
N CYS A 109 -0.19 -10.86 4.26
CA CYS A 109 -0.36 -12.07 5.12
C CYS A 109 -0.16 -13.34 4.27
N GLU A 110 -0.67 -13.37 3.07
CA GLU A 110 -0.51 -14.59 2.24
C GLU A 110 0.97 -14.81 1.92
N LYS A 111 1.67 -13.78 1.54
CA LYS A 111 3.11 -13.94 1.17
C LYS A 111 3.99 -14.20 2.40
N LYS A 112 3.75 -13.52 3.51
CA LYS A 112 4.62 -13.72 4.72
C LYS A 112 3.82 -14.24 5.92
N ASN A 113 2.51 -14.17 5.90
CA ASN A 113 1.74 -14.68 7.08
C ASN A 113 2.29 -14.03 8.36
N LEU A 114 2.40 -12.73 8.36
CA LEU A 114 2.94 -12.02 9.55
C LEU A 114 2.04 -12.25 10.77
N SER A 115 0.74 -12.23 10.59
CA SER A 115 -0.17 -12.39 11.76
C SER A 115 -1.53 -12.92 11.30
N THR A 116 -2.50 -12.90 12.19
CA THR A 116 -3.88 -13.40 11.83
C THR A 116 -4.91 -12.37 12.34
N PRO A 117 -6.08 -12.28 11.74
CA PRO A 117 -7.08 -11.29 12.22
C PRO A 117 -7.23 -11.33 13.75
N ALA A 118 -6.83 -12.41 14.35
CA ALA A 118 -6.93 -12.53 15.83
C ALA A 118 -5.96 -11.57 16.53
N GLU A 119 -4.69 -11.71 16.27
CA GLU A 119 -3.70 -10.83 16.92
C GLU A 119 -3.84 -9.41 16.36
N LEU A 120 -4.36 -9.29 15.17
CA LEU A 120 -4.54 -7.94 14.57
C LEU A 120 -5.47 -7.15 15.48
N GLN A 121 -6.53 -7.78 15.94
CA GLN A 121 -7.46 -7.07 16.85
C GLN A 121 -6.68 -6.65 18.09
N ALA A 122 -5.81 -7.50 18.56
CA ALA A 122 -4.99 -7.13 19.75
C ALA A 122 -4.19 -5.88 19.38
N ALA A 123 -3.74 -5.83 18.15
CA ALA A 123 -2.95 -4.65 17.69
C ALA A 123 -3.86 -3.42 17.67
N ILE A 124 -5.05 -3.56 17.13
CA ILE A 124 -5.98 -2.40 17.09
C ILE A 124 -6.47 -2.09 18.51
N ASP A 125 -6.78 -3.10 19.26
CA ASP A 125 -7.25 -2.88 20.67
C ASP A 125 -6.13 -2.26 21.48
N GLY A 126 -4.92 -2.71 21.29
CA GLY A 126 -3.76 -2.16 22.06
C GLY A 126 -3.67 -0.65 21.80
N ASN A 127 -3.88 -0.23 20.58
CA ASN A 127 -3.80 1.22 20.25
C ASN A 127 -4.94 1.58 19.29
N ARG A 128 -5.93 2.29 19.78
CA ARG A 128 -7.09 2.68 18.92
C ARG A 128 -7.07 4.20 18.71
N GLY A 1 -13.83 13.43 -14.33
CA GLY A 1 -13.32 12.55 -15.43
C GLY A 1 -12.59 11.35 -14.82
N TRP A 2 -13.08 10.85 -13.71
CA TRP A 2 -12.42 9.67 -13.05
C TRP A 2 -13.17 8.40 -13.44
N SER A 3 -12.48 7.44 -14.00
CA SER A 3 -13.13 6.16 -14.41
C SER A 3 -12.18 5.00 -14.11
N PHE A 4 -12.68 3.79 -14.11
CA PHE A 4 -11.79 2.63 -13.81
C PHE A 4 -10.67 2.58 -14.86
N GLU A 5 -11.00 2.84 -16.09
CA GLU A 5 -9.96 2.81 -17.16
C GLU A 5 -8.86 3.84 -16.85
N GLU A 6 -9.21 4.99 -16.34
CA GLU A 6 -8.15 5.99 -16.04
C GLU A 6 -7.19 5.40 -15.01
N GLN A 7 -7.70 4.69 -14.04
CA GLN A 7 -6.81 4.07 -13.03
C GLN A 7 -5.89 3.07 -13.76
N PHE A 8 -6.32 2.64 -14.91
CA PHE A 8 -5.54 1.64 -15.70
C PHE A 8 -4.24 2.26 -16.24
N LYS A 9 -4.31 3.39 -16.91
CA LYS A 9 -3.06 3.98 -17.46
C LYS A 9 -2.05 4.30 -16.36
N GLN A 10 -2.48 4.79 -15.23
CA GLN A 10 -1.49 5.09 -14.16
C GLN A 10 -0.76 3.80 -13.77
N VAL A 11 -1.38 2.66 -13.96
CA VAL A 11 -0.68 1.39 -13.62
C VAL A 11 0.46 1.19 -14.63
N ARG A 12 0.23 1.49 -15.88
CA ARG A 12 1.30 1.29 -16.89
C ARG A 12 2.57 2.04 -16.46
N GLN A 13 2.44 3.27 -16.03
CA GLN A 13 3.68 3.99 -15.61
C GLN A 13 4.33 3.26 -14.43
N LEU A 14 3.59 2.53 -13.63
CA LEU A 14 4.25 1.81 -12.49
C LEU A 14 5.27 0.84 -13.05
N TYR A 15 4.89 0.08 -14.04
CA TYR A 15 5.84 -0.89 -14.65
C TYR A 15 6.99 -0.14 -15.32
N GLU A 16 6.69 0.95 -15.97
CA GLU A 16 7.76 1.71 -16.69
C GLU A 16 8.69 2.44 -15.70
N ILE A 17 8.44 2.35 -14.41
CA ILE A 17 9.34 3.06 -13.45
C ILE A 17 10.79 2.68 -13.76
N ASN A 18 11.03 1.46 -14.17
CA ASN A 18 12.41 1.04 -14.49
C ASN A 18 12.37 -0.35 -15.13
N ASP A 19 13.49 -0.85 -15.56
CA ASP A 19 13.50 -2.20 -16.21
C ASP A 19 13.76 -3.27 -15.15
N ASP A 20 13.65 -2.93 -13.90
CA ASP A 20 13.88 -3.95 -12.84
C ASP A 20 12.99 -5.17 -13.11
N PRO A 21 13.54 -6.33 -13.45
CA PRO A 21 12.67 -7.52 -13.73
C PRO A 21 11.87 -7.96 -12.49
N LYS A 22 12.47 -7.92 -11.34
CA LYS A 22 11.74 -8.36 -10.10
C LYS A 22 10.50 -7.49 -9.90
N ARG A 23 10.62 -6.20 -10.08
CA ARG A 23 9.42 -5.33 -9.88
C ARG A 23 8.33 -5.76 -10.86
N LYS A 24 8.69 -6.08 -12.07
CA LYS A 24 7.67 -6.52 -13.06
C LYS A 24 6.98 -7.78 -12.52
N GLU A 25 7.75 -8.71 -12.05
CA GLU A 25 7.16 -9.97 -11.50
C GLU A 25 6.27 -9.63 -10.30
N PHE A 26 6.74 -8.82 -9.39
CA PHE A 26 5.93 -8.48 -8.20
C PHE A 26 4.60 -7.82 -8.60
N LEU A 27 4.64 -6.80 -9.41
CA LEU A 27 3.38 -6.12 -9.79
C LEU A 27 2.45 -7.12 -10.45
N ASP A 28 2.98 -7.95 -11.30
CA ASP A 28 2.13 -8.96 -11.97
C ASP A 28 1.47 -9.84 -10.90
N ASP A 29 2.22 -10.24 -9.91
CA ASP A 29 1.63 -11.12 -8.84
C ASP A 29 0.67 -10.32 -7.95
N LEU A 30 1.06 -9.17 -7.46
CA LEU A 30 0.13 -8.40 -6.59
C LEU A 30 -1.15 -8.08 -7.37
N PHE A 31 -1.04 -7.54 -8.55
CA PHE A 31 -2.27 -7.22 -9.32
C PHE A 31 -3.07 -8.50 -9.55
N SER A 32 -2.42 -9.60 -9.83
CA SER A 32 -3.16 -10.87 -10.09
C SER A 32 -4.00 -11.28 -8.86
N PHE A 33 -3.43 -11.28 -7.69
CA PHE A 33 -4.22 -11.69 -6.49
C PHE A 33 -5.44 -10.78 -6.30
N MET A 34 -5.23 -9.50 -6.27
CA MET A 34 -6.36 -8.54 -6.10
C MET A 34 -7.23 -8.53 -7.35
N GLN A 35 -6.75 -9.08 -8.42
CA GLN A 35 -7.53 -9.09 -9.70
C GLN A 35 -8.92 -9.68 -9.45
N LYS A 36 -9.14 -10.24 -8.29
CA LYS A 36 -10.49 -10.82 -8.02
C LYS A 36 -11.55 -9.79 -8.42
N ARG A 37 -11.42 -8.58 -7.98
CA ARG A 37 -12.39 -7.53 -8.41
C ARG A 37 -12.17 -7.27 -9.90
N GLY A 38 -10.93 -7.24 -10.32
CA GLY A 38 -10.61 -7.03 -11.77
C GLY A 38 -9.98 -5.64 -11.99
N THR A 39 -10.04 -4.76 -11.01
CA THR A 39 -9.45 -3.40 -11.18
C THR A 39 -8.23 -3.23 -10.24
N PRO A 40 -7.32 -2.34 -10.58
CA PRO A 40 -6.12 -2.11 -9.72
C PRO A 40 -6.47 -1.82 -8.24
N ILE A 41 -5.55 -1.21 -7.55
CA ILE A 41 -5.75 -0.89 -6.11
C ILE A 41 -6.88 0.15 -5.96
N ASN A 42 -6.86 0.92 -4.90
CA ASN A 42 -7.94 1.94 -4.72
C ASN A 42 -7.60 3.18 -5.56
N ARG A 43 -6.57 3.90 -5.19
CA ARG A 43 -6.20 5.11 -5.98
C ARG A 43 -4.69 5.30 -5.95
N LEU A 44 -4.15 5.92 -6.97
CA LEU A 44 -2.68 6.17 -7.05
C LEU A 44 -2.43 7.65 -7.39
N PRO A 45 -2.21 8.51 -6.41
CA PRO A 45 -1.98 9.94 -6.73
C PRO A 45 -0.74 10.15 -7.61
N ILE A 46 -0.86 10.98 -8.61
CA ILE A 46 0.30 11.24 -9.51
C ILE A 46 0.95 12.55 -9.11
N MET A 47 2.21 12.52 -8.79
CA MET A 47 2.90 13.78 -8.38
C MET A 47 3.53 14.44 -9.62
N ALA A 48 2.75 15.24 -10.29
CA ALA A 48 3.24 15.96 -11.50
C ALA A 48 3.73 14.98 -12.58
N LYS A 49 5.01 14.67 -12.60
CA LYS A 49 5.56 13.75 -13.64
C LYS A 49 5.87 12.39 -13.01
N SER A 50 6.03 12.35 -11.72
CA SER A 50 6.34 11.06 -11.02
C SER A 50 5.03 10.48 -10.48
N VAL A 51 5.06 9.24 -10.05
CA VAL A 51 3.82 8.60 -9.50
C VAL A 51 4.16 7.85 -8.21
N LEU A 52 3.29 7.94 -7.23
CA LEU A 52 3.56 7.24 -5.94
C LEU A 52 3.55 5.72 -6.16
N ASP A 53 4.71 5.11 -6.22
CA ASP A 53 4.76 3.64 -6.43
C ASP A 53 4.27 2.93 -5.17
N LEU A 54 3.14 2.28 -5.23
CA LEU A 54 2.63 1.56 -4.03
C LEU A 54 3.72 0.62 -3.51
N TYR A 55 4.67 0.29 -4.34
CA TYR A 55 5.76 -0.64 -3.90
C TYR A 55 6.50 0.00 -2.71
N GLU A 56 6.75 1.27 -2.76
CA GLU A 56 7.50 1.91 -1.64
C GLU A 56 6.75 1.74 -0.33
N LEU A 57 5.45 1.86 -0.33
CA LEU A 57 4.71 1.70 0.94
C LEU A 57 4.97 0.30 1.50
N TYR A 58 4.87 -0.72 0.69
CA TYR A 58 5.08 -2.11 1.19
C TYR A 58 6.48 -2.28 1.77
N ASN A 59 7.52 -1.90 1.06
CA ASN A 59 8.89 -2.08 1.63
C ASN A 59 9.03 -1.31 2.95
N LEU A 60 8.49 -0.13 3.02
CA LEU A 60 8.59 0.66 4.28
C LEU A 60 7.81 -0.08 5.39
N VAL A 61 6.68 -0.66 5.05
CA VAL A 61 5.88 -1.37 6.08
C VAL A 61 6.70 -2.52 6.68
N ILE A 62 7.25 -3.38 5.87
CA ILE A 62 8.08 -4.48 6.43
C ILE A 62 9.26 -3.87 7.19
N ALA A 63 9.83 -2.82 6.65
CA ALA A 63 10.97 -2.16 7.33
C ALA A 63 10.59 -1.82 8.77
N ARG A 64 9.31 -1.79 9.05
CA ARG A 64 8.86 -1.45 10.44
C ARG A 64 8.57 -2.74 11.21
N GLY A 65 8.92 -3.87 10.65
CA GLY A 65 8.69 -5.17 11.36
C GLY A 65 7.36 -5.79 10.96
N GLY A 66 6.52 -5.08 10.25
CA GLY A 66 5.20 -5.67 9.83
C GLY A 66 4.09 -4.63 9.91
N LEU A 67 3.06 -4.78 9.11
CA LEU A 67 1.93 -3.81 9.14
C LEU A 67 1.30 -3.80 10.54
N VAL A 68 1.01 -4.95 11.08
CA VAL A 68 0.38 -5.00 12.42
C VAL A 68 1.32 -4.34 13.44
N ASP A 69 2.61 -4.53 13.29
CA ASP A 69 3.55 -3.89 14.26
C ASP A 69 3.40 -2.37 14.17
N VAL A 70 3.25 -1.85 12.98
CA VAL A 70 3.09 -0.37 12.82
C VAL A 70 1.80 0.10 13.51
N ILE A 71 0.71 -0.56 13.24
CA ILE A 71 -0.58 -0.14 13.85
C ILE A 71 -0.51 -0.22 15.38
N ASN A 72 -0.05 -1.32 15.90
CA ASN A 72 0.03 -1.45 17.38
C ASN A 72 0.97 -0.39 17.96
N LYS A 73 2.07 -0.13 17.30
CA LYS A 73 3.03 0.90 17.81
C LYS A 73 2.72 2.27 17.20
N LYS A 74 1.72 2.35 16.37
CA LYS A 74 1.37 3.67 15.75
C LYS A 74 2.60 4.31 15.13
N LEU A 75 3.23 3.65 14.19
CA LEU A 75 4.44 4.23 13.52
C LEU A 75 4.02 4.78 12.15
N TRP A 76 2.76 4.99 11.94
CA TRP A 76 2.27 5.52 10.64
C TRP A 76 2.90 6.90 10.38
N GLN A 77 3.08 7.68 11.40
CA GLN A 77 3.68 9.03 11.20
C GLN A 77 5.03 8.85 10.52
N GLU A 78 5.77 7.84 10.90
CA GLU A 78 7.10 7.61 10.28
C GLU A 78 6.96 7.40 8.76
N ILE A 79 5.96 6.68 8.32
CA ILE A 79 5.81 6.47 6.84
C ILE A 79 5.62 7.83 6.15
N ILE A 80 4.55 8.52 6.43
CA ILE A 80 4.33 9.85 5.80
C ILE A 80 5.44 10.81 6.21
N LYS A 81 5.75 10.90 7.48
CA LYS A 81 6.84 11.81 7.91
C LYS A 81 8.13 11.37 7.23
N GLY A 82 8.34 10.08 7.14
CA GLY A 82 9.58 9.56 6.50
C GLY A 82 9.77 10.21 5.13
N LEU A 83 8.71 10.41 4.38
CA LEU A 83 8.87 11.05 3.04
C LEU A 83 8.75 12.56 3.18
N HIS A 84 7.55 13.09 3.28
CA HIS A 84 7.38 14.57 3.43
C HIS A 84 5.88 14.93 3.48
N LEU A 85 5.47 15.76 4.41
CA LEU A 85 4.04 16.20 4.47
C LEU A 85 3.96 17.60 3.81
N PRO A 86 3.21 17.80 2.74
CA PRO A 86 3.17 19.15 2.11
C PRO A 86 2.69 20.25 3.09
N SER A 87 1.40 20.36 3.27
CA SER A 87 0.87 21.40 4.22
C SER A 87 0.52 20.69 5.52
N SER A 88 1.43 19.89 5.99
CA SER A 88 1.18 19.12 7.25
C SER A 88 0.29 17.93 6.89
N ILE A 89 -0.33 18.00 5.73
CA ILE A 89 -1.21 16.91 5.24
C ILE A 89 -2.28 16.59 6.29
N THR A 90 -3.42 16.16 5.83
CA THR A 90 -4.53 15.81 6.74
C THR A 90 -4.39 14.36 7.18
N SER A 91 -5.49 13.72 7.43
CA SER A 91 -5.46 12.31 7.88
C SER A 91 -4.86 11.42 6.78
N ALA A 92 -3.74 11.80 6.23
CA ALA A 92 -3.12 10.95 5.16
C ALA A 92 -2.81 9.57 5.73
N ALA A 93 -2.24 9.50 6.90
CA ALA A 93 -1.93 8.16 7.49
C ALA A 93 -3.22 7.34 7.52
N PHE A 94 -4.32 7.95 7.86
CA PHE A 94 -5.61 7.21 7.90
C PHE A 94 -5.92 6.66 6.50
N THR A 95 -5.65 7.42 5.49
CA THR A 95 -5.93 6.94 4.11
C THR A 95 -5.02 5.74 3.80
N LEU A 96 -3.79 5.80 4.21
CA LEU A 96 -2.86 4.68 3.90
C LEU A 96 -3.30 3.36 4.59
N ARG A 97 -3.57 3.40 5.88
CA ARG A 97 -3.95 2.14 6.59
C ARG A 97 -5.22 1.50 6.00
N THR A 98 -6.22 2.26 5.64
CA THR A 98 -7.45 1.62 5.09
C THR A 98 -7.17 1.07 3.69
N GLN A 99 -6.54 1.83 2.84
CA GLN A 99 -6.26 1.34 1.46
C GLN A 99 -5.40 0.09 1.52
N TYR A 100 -4.41 0.09 2.38
CA TYR A 100 -3.53 -1.10 2.49
C TYR A 100 -4.38 -2.30 2.87
N MET A 101 -5.18 -2.16 3.88
CA MET A 101 -6.04 -3.30 4.33
C MET A 101 -7.02 -3.67 3.21
N LYS A 102 -7.39 -2.74 2.38
CA LYS A 102 -8.37 -3.06 1.31
C LYS A 102 -7.83 -4.17 0.38
N TYR A 103 -6.55 -4.17 0.02
CA TYR A 103 -6.04 -5.24 -0.90
C TYR A 103 -4.62 -5.71 -0.53
N LEU A 104 -3.95 -5.05 0.39
CA LEU A 104 -2.54 -5.48 0.71
C LEU A 104 -2.46 -6.28 2.03
N TYR A 105 -3.46 -6.26 2.87
CA TYR A 105 -3.35 -7.07 4.13
C TYR A 105 -3.40 -8.57 3.81
N PRO A 106 -4.19 -9.01 2.83
CA PRO A 106 -4.23 -10.46 2.51
C PRO A 106 -2.96 -10.88 1.76
N TYR A 107 -2.45 -9.99 0.95
CA TYR A 107 -1.23 -10.30 0.16
C TYR A 107 -0.02 -10.42 1.11
N GLU A 108 0.18 -9.45 1.96
CA GLU A 108 1.32 -9.50 2.89
C GLU A 108 1.27 -10.80 3.70
N CYS A 109 0.13 -11.09 4.27
CA CYS A 109 -0.01 -12.33 5.08
C CYS A 109 0.14 -13.58 4.20
N GLU A 110 -0.44 -13.58 3.03
CA GLU A 110 -0.33 -14.80 2.17
C GLU A 110 1.13 -15.05 1.79
N LYS A 111 1.81 -14.06 1.31
CA LYS A 111 3.22 -14.26 0.90
C LYS A 111 4.17 -14.39 2.12
N LYS A 112 3.96 -13.62 3.17
CA LYS A 112 4.90 -13.70 4.36
C LYS A 112 4.17 -14.25 5.60
N ASN A 113 2.88 -14.14 5.69
CA ASN A 113 2.17 -14.68 6.90
C ASN A 113 2.77 -14.04 8.16
N LEU A 114 2.84 -12.73 8.19
CA LEU A 114 3.43 -12.05 9.38
C LEU A 114 2.56 -12.26 10.63
N SER A 115 1.26 -12.23 10.49
CA SER A 115 0.38 -12.38 11.68
C SER A 115 -0.95 -13.04 11.30
N THR A 116 -1.89 -13.06 12.22
CA THR A 116 -3.23 -13.67 11.95
C THR A 116 -4.32 -12.67 12.39
N PRO A 117 -5.48 -12.70 11.79
CA PRO A 117 -6.55 -11.74 12.18
C PRO A 117 -6.78 -11.73 13.70
N ALA A 118 -6.37 -12.75 14.38
CA ALA A 118 -6.56 -12.80 15.86
C ALA A 118 -5.70 -11.73 16.53
N GLU A 119 -4.42 -11.74 16.29
CA GLU A 119 -3.53 -10.72 16.91
C GLU A 119 -3.80 -9.36 16.27
N LEU A 120 -4.35 -9.36 15.09
CA LEU A 120 -4.67 -8.05 14.43
C LEU A 120 -5.65 -7.31 15.34
N GLN A 121 -6.64 -8.01 15.84
CA GLN A 121 -7.62 -7.37 16.75
C GLN A 121 -6.86 -6.85 17.97
N ALA A 122 -5.91 -7.62 18.44
CA ALA A 122 -5.11 -7.18 19.61
C ALA A 122 -4.42 -5.87 19.24
N ALA A 123 -3.93 -5.76 18.02
CA ALA A 123 -3.25 -4.50 17.60
C ALA A 123 -4.30 -3.39 17.57
N ILE A 124 -5.48 -3.67 17.07
CA ILE A 124 -6.54 -2.63 17.03
C ILE A 124 -7.02 -2.33 18.45
N ASP A 125 -7.19 -3.36 19.25
CA ASP A 125 -7.65 -3.15 20.65
C ASP A 125 -6.60 -2.38 21.44
N GLY A 126 -5.35 -2.69 21.22
CA GLY A 126 -4.26 -1.98 21.97
C GLY A 126 -4.32 -0.48 21.68
N ASN A 127 -4.76 -0.10 20.51
CA ASN A 127 -4.82 1.35 20.19
C ASN A 127 -5.76 2.03 21.19
N ARG A 128 -6.84 1.39 21.53
CA ARG A 128 -7.79 2.00 22.50
C ARG A 128 -8.04 3.47 22.16
N GLY A 1 -12.50 14.66 -15.11
CA GLY A 1 -11.92 14.65 -13.73
C GLY A 1 -11.33 13.28 -13.43
N TRP A 2 -11.72 12.66 -12.35
CA TRP A 2 -11.17 11.31 -12.02
C TRP A 2 -12.04 10.24 -12.67
N SER A 3 -11.43 9.28 -13.32
CA SER A 3 -12.21 8.20 -13.98
C SER A 3 -11.47 6.88 -13.82
N PHE A 4 -12.15 5.78 -14.01
CA PHE A 4 -11.46 4.46 -13.86
C PHE A 4 -10.35 4.36 -14.90
N GLU A 5 -10.54 4.94 -16.06
CA GLU A 5 -9.47 4.87 -17.10
C GLU A 5 -8.25 5.65 -16.60
N GLU A 6 -8.48 6.73 -15.92
CA GLU A 6 -7.33 7.56 -15.41
C GLU A 6 -6.49 6.70 -14.46
N GLN A 7 -7.12 6.01 -13.54
CA GLN A 7 -6.36 5.15 -12.59
C GLN A 7 -5.77 3.95 -13.36
N PHE A 8 -6.45 3.49 -14.36
CA PHE A 8 -5.95 2.31 -15.14
C PHE A 8 -4.64 2.64 -15.87
N LYS A 9 -4.61 3.69 -16.64
CA LYS A 9 -3.33 4.02 -17.37
C LYS A 9 -2.23 4.25 -16.34
N GLN A 10 -2.56 4.75 -15.19
CA GLN A 10 -1.52 4.98 -14.16
C GLN A 10 -0.85 3.65 -13.84
N VAL A 11 -1.59 2.58 -13.84
CA VAL A 11 -0.92 1.27 -13.53
C VAL A 11 0.17 1.04 -14.57
N ARG A 12 -0.08 1.40 -15.80
CA ARG A 12 0.96 1.21 -16.84
C ARG A 12 2.23 1.99 -16.46
N GLN A 13 2.09 3.19 -15.94
CA GLN A 13 3.30 3.98 -15.57
C GLN A 13 4.09 3.24 -14.48
N LEU A 14 3.43 2.43 -13.68
CA LEU A 14 4.17 1.70 -12.61
C LEU A 14 5.16 0.74 -13.25
N TYR A 15 4.70 -0.05 -14.19
CA TYR A 15 5.61 -1.02 -14.86
C TYR A 15 6.68 -0.27 -15.64
N GLU A 16 6.33 0.82 -16.27
CA GLU A 16 7.33 1.60 -17.07
C GLU A 16 8.41 2.21 -16.16
N ILE A 17 8.26 2.13 -14.86
CA ILE A 17 9.30 2.73 -13.97
C ILE A 17 10.67 2.16 -14.36
N ASN A 18 10.73 0.90 -14.66
CA ASN A 18 12.04 0.30 -15.04
C ASN A 18 11.80 -1.13 -15.54
N ASP A 19 12.82 -1.75 -16.07
CA ASP A 19 12.66 -3.14 -16.60
C ASP A 19 13.00 -4.14 -15.50
N ASP A 20 13.03 -3.70 -14.27
CA ASP A 20 13.36 -4.62 -13.14
C ASP A 20 12.42 -5.85 -13.21
N PRO A 21 12.92 -7.05 -13.51
CA PRO A 21 12.02 -8.23 -13.58
C PRO A 21 11.33 -8.55 -12.23
N LYS A 22 12.03 -8.39 -11.14
CA LYS A 22 11.42 -8.69 -9.82
C LYS A 22 10.19 -7.79 -9.61
N ARG A 23 10.32 -6.52 -9.88
CA ARG A 23 9.16 -5.60 -9.70
C ARG A 23 8.03 -6.05 -10.62
N LYS A 24 8.33 -6.42 -11.83
CA LYS A 24 7.25 -6.88 -12.75
C LYS A 24 6.57 -8.10 -12.13
N GLU A 25 7.35 -9.01 -11.61
CA GLU A 25 6.75 -10.22 -10.98
C GLU A 25 5.84 -9.79 -9.84
N PHE A 26 6.32 -8.92 -8.97
CA PHE A 26 5.47 -8.46 -7.84
C PHE A 26 4.20 -7.75 -8.36
N LEU A 27 4.34 -6.79 -9.23
CA LEU A 27 3.13 -6.08 -9.72
C LEU A 27 2.21 -7.09 -10.40
N ASP A 28 2.75 -7.88 -11.29
CA ASP A 28 1.90 -8.89 -11.98
C ASP A 28 1.30 -9.83 -10.94
N ASP A 29 2.07 -10.23 -9.96
CA ASP A 29 1.54 -11.15 -8.92
C ASP A 29 0.54 -10.42 -8.03
N LEU A 30 0.92 -9.30 -7.46
CA LEU A 30 -0.04 -8.57 -6.58
C LEU A 30 -1.28 -8.19 -7.38
N PHE A 31 -1.12 -7.58 -8.52
CA PHE A 31 -2.32 -7.23 -9.32
C PHE A 31 -3.09 -8.52 -9.64
N SER A 32 -2.39 -9.58 -9.94
CA SER A 32 -3.11 -10.85 -10.26
C SER A 32 -3.96 -11.30 -9.06
N PHE A 33 -3.44 -11.16 -7.87
CA PHE A 33 -4.23 -11.57 -6.67
C PHE A 33 -5.52 -10.74 -6.56
N MET A 34 -5.39 -9.44 -6.46
CA MET A 34 -6.60 -8.58 -6.35
C MET A 34 -7.38 -8.57 -7.67
N GLN A 35 -6.78 -9.08 -8.72
CA GLN A 35 -7.48 -9.09 -10.04
C GLN A 35 -8.87 -9.70 -9.86
N LYS A 36 -9.14 -10.29 -8.72
CA LYS A 36 -10.49 -10.88 -8.52
C LYS A 36 -11.53 -9.81 -8.87
N ARG A 37 -11.40 -8.63 -8.33
CA ARG A 37 -12.35 -7.55 -8.70
C ARG A 37 -12.06 -7.14 -10.14
N GLY A 38 -10.79 -7.09 -10.50
CA GLY A 38 -10.41 -6.75 -11.90
C GLY A 38 -9.76 -5.36 -11.99
N THR A 39 -9.81 -4.56 -10.93
CA THR A 39 -9.19 -3.19 -11.00
C THR A 39 -7.94 -3.10 -10.11
N PRO A 40 -7.01 -2.20 -10.41
CA PRO A 40 -5.78 -2.04 -9.57
C PRO A 40 -6.13 -1.73 -8.10
N ILE A 41 -5.29 -0.99 -7.43
CA ILE A 41 -5.54 -0.64 -6.01
C ILE A 41 -6.61 0.47 -5.95
N ASN A 42 -6.61 1.28 -4.92
CA ASN A 42 -7.65 2.34 -4.83
C ASN A 42 -7.21 3.60 -5.60
N ARG A 43 -6.25 4.33 -5.10
CA ARG A 43 -5.79 5.57 -5.81
C ARG A 43 -4.26 5.65 -5.79
N LEU A 44 -3.68 6.23 -6.81
CA LEU A 44 -2.19 6.36 -6.89
C LEU A 44 -1.82 7.78 -7.34
N PRO A 45 -1.57 8.71 -6.44
CA PRO A 45 -1.21 10.09 -6.87
C PRO A 45 0.10 10.13 -7.67
N ILE A 46 0.39 11.22 -8.33
CA ILE A 46 1.64 11.32 -9.15
C ILE A 46 2.62 12.24 -8.44
N MET A 47 3.81 11.76 -8.21
CA MET A 47 4.83 12.59 -7.50
C MET A 47 5.67 13.38 -8.52
N ALA A 48 5.20 14.54 -8.89
CA ALA A 48 5.95 15.43 -9.85
C ALA A 48 6.70 14.59 -10.90
N LYS A 49 6.03 14.23 -11.97
CA LYS A 49 6.72 13.44 -13.03
C LYS A 49 6.95 12.01 -12.53
N SER A 50 7.09 11.84 -11.24
CA SER A 50 7.31 10.47 -10.68
C SER A 50 5.95 9.91 -10.26
N VAL A 51 5.88 8.66 -9.89
CA VAL A 51 4.58 8.05 -9.48
C VAL A 51 4.73 7.34 -8.14
N LEU A 52 3.76 7.48 -7.28
CA LEU A 52 3.86 6.81 -5.95
C LEU A 52 3.85 5.30 -6.15
N ASP A 53 5.01 4.69 -6.18
CA ASP A 53 5.05 3.21 -6.36
C ASP A 53 4.53 2.55 -5.09
N LEU A 54 3.40 1.90 -5.16
CA LEU A 54 2.86 1.23 -3.94
C LEU A 54 3.93 0.32 -3.33
N TYR A 55 4.91 -0.05 -4.13
CA TYR A 55 5.99 -0.93 -3.61
C TYR A 55 6.71 -0.22 -2.45
N GLU A 56 6.92 1.06 -2.58
CA GLU A 56 7.62 1.81 -1.50
C GLU A 56 6.83 1.71 -0.19
N LEU A 57 5.53 1.84 -0.25
CA LEU A 57 4.74 1.72 1.00
C LEU A 57 4.98 0.33 1.57
N TYR A 58 4.85 -0.67 0.74
CA TYR A 58 5.04 -2.06 1.22
C TYR A 58 6.47 -2.25 1.78
N ASN A 59 7.48 -1.85 1.06
CA ASN A 59 8.88 -2.05 1.56
C ASN A 59 9.08 -1.31 2.90
N LEU A 60 8.63 -0.08 2.99
CA LEU A 60 8.80 0.67 4.27
C LEU A 60 8.09 -0.07 5.41
N VAL A 61 6.94 -0.61 5.13
CA VAL A 61 6.16 -1.33 6.18
C VAL A 61 6.98 -2.50 6.74
N ILE A 62 7.34 -3.45 5.92
CA ILE A 62 8.14 -4.61 6.44
C ILE A 62 9.45 -4.10 7.03
N ALA A 63 10.09 -3.15 6.40
CA ALA A 63 11.38 -2.64 6.92
C ALA A 63 11.22 -2.22 8.39
N ARG A 64 10.01 -1.98 8.83
CA ARG A 64 9.79 -1.59 10.25
C ARG A 64 9.42 -2.83 11.07
N GLY A 65 9.09 -3.91 10.43
CA GLY A 65 8.72 -5.16 11.17
C GLY A 65 7.41 -5.73 10.64
N GLY A 66 6.56 -4.91 10.07
CA GLY A 66 5.26 -5.42 9.54
C GLY A 66 4.16 -4.37 9.69
N LEU A 67 3.12 -4.48 8.91
CA LEU A 67 2.01 -3.49 9.03
C LEU A 67 1.47 -3.51 10.45
N VAL A 68 1.35 -4.68 11.02
CA VAL A 68 0.82 -4.79 12.41
C VAL A 68 1.76 -4.07 13.38
N ASP A 69 3.05 -4.20 13.20
CA ASP A 69 3.99 -3.51 14.12
C ASP A 69 3.79 -2.00 13.99
N VAL A 70 3.58 -1.53 12.80
CA VAL A 70 3.37 -0.07 12.60
C VAL A 70 2.12 0.39 13.37
N ILE A 71 1.04 -0.32 13.26
CA ILE A 71 -0.20 0.08 13.98
C ILE A 71 0.01 -0.03 15.50
N ASN A 72 0.50 -1.15 15.95
CA ASN A 72 0.73 -1.32 17.42
C ASN A 72 1.72 -0.26 17.92
N LYS A 73 2.74 0.03 17.16
CA LYS A 73 3.72 1.07 17.59
C LYS A 73 3.30 2.44 17.07
N LYS A 74 2.21 2.51 16.34
CA LYS A 74 1.74 3.83 15.82
C LYS A 74 2.89 4.53 15.09
N LEU A 75 3.53 3.87 14.16
CA LEU A 75 4.65 4.49 13.41
C LEU A 75 4.11 5.06 12.09
N TRP A 76 2.82 5.22 12.00
CA TRP A 76 2.23 5.78 10.75
C TRP A 76 2.88 7.14 10.48
N GLN A 77 3.39 7.78 11.50
CA GLN A 77 4.02 9.11 11.31
C GLN A 77 5.19 8.99 10.32
N GLU A 78 5.95 7.94 10.43
CA GLU A 78 7.10 7.77 9.48
C GLU A 78 6.58 7.70 8.05
N ILE A 79 5.58 6.88 7.80
CA ILE A 79 5.04 6.76 6.41
C ILE A 79 4.30 8.05 6.03
N ILE A 80 3.49 8.56 6.92
CA ILE A 80 2.74 9.81 6.61
C ILE A 80 3.72 10.97 6.37
N LYS A 81 4.77 11.04 7.15
CA LYS A 81 5.74 12.16 6.95
C LYS A 81 6.32 12.05 5.54
N GLY A 82 6.58 10.86 5.08
CA GLY A 82 7.12 10.70 3.70
C GLY A 82 6.02 11.10 2.71
N LEU A 83 4.81 10.73 3.00
CA LEU A 83 3.66 11.07 2.12
C LEU A 83 2.97 12.35 2.61
N HIS A 84 3.71 13.42 2.74
CA HIS A 84 3.11 14.70 3.23
C HIS A 84 1.76 14.95 2.55
N LEU A 85 0.86 15.61 3.23
CA LEU A 85 -0.46 15.90 2.62
C LEU A 85 -0.34 17.05 1.60
N PRO A 86 -0.65 16.86 0.33
CA PRO A 86 -0.54 17.97 -0.64
C PRO A 86 -1.46 19.15 -0.28
N SER A 87 -2.74 18.90 -0.15
CA SER A 87 -3.69 19.98 0.20
C SER A 87 -5.14 19.51 0.00
N SER A 88 -5.32 18.33 -0.56
CA SER A 88 -6.71 17.81 -0.79
C SER A 88 -6.94 16.52 -0.01
N ILE A 89 -5.88 15.87 0.42
CA ILE A 89 -6.03 14.61 1.20
C ILE A 89 -5.74 14.89 2.67
N THR A 90 -6.72 14.73 3.51
CA THR A 90 -6.50 14.97 4.96
C THR A 90 -6.15 13.63 5.60
N SER A 91 -6.14 13.59 6.91
CA SER A 91 -5.81 12.35 7.70
C SER A 91 -5.42 11.16 6.81
N ALA A 92 -4.38 11.30 6.04
CA ALA A 92 -3.94 10.18 5.17
C ALA A 92 -3.76 8.93 6.03
N ALA A 93 -3.60 9.11 7.32
CA ALA A 93 -3.42 7.93 8.21
C ALA A 93 -4.60 6.98 8.03
N PHE A 94 -5.79 7.47 8.23
CA PHE A 94 -6.99 6.61 8.07
C PHE A 94 -7.05 6.10 6.62
N THR A 95 -6.76 6.95 5.67
CA THR A 95 -6.81 6.52 4.24
C THR A 95 -5.71 5.48 3.96
N LEU A 96 -4.55 5.65 4.52
CA LEU A 96 -3.45 4.67 4.25
C LEU A 96 -3.78 3.29 4.83
N ARG A 97 -4.17 3.23 6.08
CA ARG A 97 -4.47 1.90 6.70
C ARG A 97 -5.61 1.16 5.97
N THR A 98 -6.64 1.85 5.55
CA THR A 98 -7.76 1.13 4.88
C THR A 98 -7.34 0.67 3.48
N GLN A 99 -6.68 1.49 2.72
CA GLN A 99 -6.26 1.06 1.36
C GLN A 99 -5.33 -0.14 1.51
N TYR A 100 -4.44 -0.08 2.46
CA TYR A 100 -3.51 -1.22 2.69
C TYR A 100 -4.35 -2.45 3.01
N MET A 101 -5.28 -2.31 3.92
CA MET A 101 -6.15 -3.44 4.31
C MET A 101 -7.00 -3.90 3.12
N LYS A 102 -7.31 -3.00 2.23
CA LYS A 102 -8.17 -3.37 1.08
C LYS A 102 -7.54 -4.49 0.23
N TYR A 103 -6.24 -4.42 -0.06
CA TYR A 103 -5.62 -5.52 -0.89
C TYR A 103 -4.22 -5.90 -0.41
N LEU A 104 -3.63 -5.17 0.52
CA LEU A 104 -2.23 -5.52 0.95
C LEU A 104 -2.22 -6.29 2.29
N TYR A 105 -3.23 -6.21 3.11
CA TYR A 105 -3.16 -6.98 4.38
C TYR A 105 -3.26 -8.50 4.11
N PRO A 106 -4.08 -8.93 3.18
CA PRO A 106 -4.18 -10.39 2.89
C PRO A 106 -2.96 -10.85 2.08
N TYR A 107 -2.56 -10.02 1.16
CA TYR A 107 -1.38 -10.34 0.30
C TYR A 107 -0.12 -10.35 1.17
N GLU A 108 0.00 -9.40 2.06
CA GLU A 108 1.18 -9.34 2.95
C GLU A 108 1.28 -10.64 3.75
N CYS A 109 0.17 -11.11 4.24
CA CYS A 109 0.16 -12.36 5.05
C CYS A 109 0.63 -13.55 4.21
N GLU A 110 0.23 -13.63 2.97
CA GLU A 110 0.65 -14.79 2.15
C GLU A 110 2.18 -14.75 1.92
N LYS A 111 2.74 -13.60 1.68
CA LYS A 111 4.21 -13.53 1.45
C LYS A 111 5.00 -13.95 2.70
N LYS A 112 4.69 -13.38 3.85
CA LYS A 112 5.46 -13.74 5.10
C LYS A 112 4.54 -14.13 6.25
N ASN A 113 3.24 -14.10 6.08
CA ASN A 113 2.35 -14.47 7.22
C ASN A 113 2.76 -13.67 8.45
N LEU A 114 2.88 -12.37 8.31
CA LEU A 114 3.32 -11.52 9.45
C LEU A 114 2.34 -11.65 10.61
N SER A 115 1.06 -11.71 10.36
CA SER A 115 0.09 -11.80 11.48
C SER A 115 -1.22 -12.45 11.03
N THR A 116 -2.13 -12.60 11.95
CA THR A 116 -3.45 -13.22 11.64
C THR A 116 -4.53 -12.38 12.34
N PRO A 117 -5.76 -12.42 11.89
CA PRO A 117 -6.83 -11.61 12.53
C PRO A 117 -6.77 -11.71 14.07
N ALA A 118 -6.22 -12.77 14.59
CA ALA A 118 -6.14 -12.92 16.07
C ALA A 118 -5.19 -11.88 16.67
N GLU A 119 -3.95 -11.90 16.28
CA GLU A 119 -2.98 -10.91 16.85
C GLU A 119 -3.28 -9.51 16.30
N LEU A 120 -3.81 -9.42 15.12
CA LEU A 120 -4.12 -8.06 14.56
C LEU A 120 -5.12 -7.38 15.50
N GLN A 121 -6.12 -8.09 15.93
CA GLN A 121 -7.10 -7.46 16.85
C GLN A 121 -6.36 -7.02 18.11
N ALA A 122 -5.44 -7.81 18.58
CA ALA A 122 -4.68 -7.40 19.79
C ALA A 122 -3.96 -6.09 19.47
N ALA A 123 -3.45 -5.96 18.27
CA ALA A 123 -2.75 -4.70 17.89
C ALA A 123 -3.77 -3.56 17.85
N ILE A 124 -4.89 -3.76 17.20
CA ILE A 124 -5.91 -2.67 17.15
C ILE A 124 -6.54 -2.50 18.54
N ASP A 125 -6.81 -3.58 19.21
CA ASP A 125 -7.40 -3.49 20.57
C ASP A 125 -6.43 -2.76 21.50
N GLY A 126 -5.16 -3.03 21.37
CA GLY A 126 -4.16 -2.35 22.25
C GLY A 126 -4.30 -0.83 22.10
N ASN A 127 -4.53 -0.36 20.89
CA ASN A 127 -4.69 1.11 20.66
C ASN A 127 -5.93 1.36 19.80
N ARG A 128 -6.98 1.87 20.39
CA ARG A 128 -8.22 2.14 19.60
C ARG A 128 -8.21 3.60 19.13
N GLY A 1 -13.41 14.44 -13.61
CA GLY A 1 -13.66 13.35 -14.58
C GLY A 1 -12.80 12.14 -14.23
N TRP A 2 -12.88 11.67 -13.01
CA TRP A 2 -12.07 10.49 -12.62
C TRP A 2 -12.70 9.23 -13.19
N SER A 3 -12.21 8.76 -14.31
CA SER A 3 -12.79 7.52 -14.93
C SER A 3 -12.01 6.30 -14.46
N PHE A 4 -12.60 5.14 -14.57
CA PHE A 4 -11.90 3.90 -14.11
C PHE A 4 -10.66 3.65 -14.98
N GLU A 5 -10.79 3.82 -16.27
CA GLU A 5 -9.61 3.57 -17.16
C GLU A 5 -8.48 4.52 -16.77
N GLU A 6 -8.77 5.56 -16.04
CA GLU A 6 -7.70 6.51 -15.63
C GLU A 6 -6.72 5.79 -14.70
N GLN A 7 -7.22 5.09 -13.73
CA GLN A 7 -6.32 4.36 -12.79
C GLN A 7 -5.62 3.24 -13.58
N PHE A 8 -6.23 2.79 -14.63
CA PHE A 8 -5.64 1.69 -15.45
C PHE A 8 -4.34 2.16 -16.13
N LYS A 9 -4.40 3.17 -16.95
CA LYS A 9 -3.15 3.64 -17.62
C LYS A 9 -2.14 4.07 -16.55
N GLN A 10 -2.61 4.53 -15.42
CA GLN A 10 -1.66 4.94 -14.34
C GLN A 10 -0.86 3.70 -13.91
N VAL A 11 -1.40 2.53 -14.09
CA VAL A 11 -0.64 1.31 -13.71
C VAL A 11 0.49 1.11 -14.73
N ARG A 12 0.21 1.35 -15.99
CA ARG A 12 1.26 1.17 -17.02
C ARG A 12 2.51 1.97 -16.64
N GLN A 13 2.35 3.23 -16.31
CA GLN A 13 3.54 4.05 -15.91
C GLN A 13 4.20 3.42 -14.68
N LEU A 14 3.43 2.76 -13.83
CA LEU A 14 4.05 2.12 -12.63
C LEU A 14 4.94 0.96 -13.11
N TYR A 15 4.64 0.40 -14.25
CA TYR A 15 5.49 -0.73 -14.77
C TYR A 15 6.68 -0.16 -15.56
N GLU A 16 6.46 0.90 -16.29
CA GLU A 16 7.56 1.48 -17.10
C GLU A 16 8.59 2.18 -16.20
N ILE A 17 8.40 2.17 -14.92
CA ILE A 17 9.39 2.84 -14.03
C ILE A 17 10.81 2.35 -14.39
N ASN A 18 10.94 1.09 -14.71
CA ASN A 18 12.28 0.55 -15.07
C ASN A 18 12.12 -0.88 -15.59
N ASP A 19 13.18 -1.46 -16.08
CA ASP A 19 13.10 -2.86 -16.60
C ASP A 19 13.44 -3.83 -15.47
N ASP A 20 13.42 -3.37 -14.25
CA ASP A 20 13.74 -4.25 -13.11
C ASP A 20 12.83 -5.49 -13.15
N PRO A 21 13.34 -6.70 -13.37
CA PRO A 21 12.44 -7.90 -13.42
C PRO A 21 11.74 -8.14 -12.08
N LYS A 22 12.42 -7.91 -11.00
CA LYS A 22 11.81 -8.15 -9.66
C LYS A 22 10.55 -7.27 -9.51
N ARG A 23 10.67 -6.00 -9.80
CA ARG A 23 9.49 -5.10 -9.69
C ARG A 23 8.39 -5.57 -10.63
N LYS A 24 8.73 -5.86 -11.86
CA LYS A 24 7.71 -6.32 -12.83
C LYS A 24 7.07 -7.60 -12.31
N GLU A 25 7.86 -8.52 -11.84
CA GLU A 25 7.31 -9.80 -11.32
C GLU A 25 6.43 -9.51 -10.10
N PHE A 26 6.87 -8.64 -9.22
CA PHE A 26 6.07 -8.34 -8.00
C PHE A 26 4.72 -7.70 -8.39
N LEU A 27 4.73 -6.69 -9.20
CA LEU A 27 3.44 -6.02 -9.55
C LEU A 27 2.51 -7.03 -10.21
N ASP A 28 3.00 -7.78 -11.15
CA ASP A 28 2.14 -8.79 -11.80
C ASP A 28 1.58 -9.73 -10.73
N ASP A 29 2.38 -10.06 -9.75
CA ASP A 29 1.91 -10.96 -8.67
C ASP A 29 0.89 -10.25 -7.79
N LEU A 30 1.21 -9.09 -7.27
CA LEU A 30 0.25 -8.37 -6.40
C LEU A 30 -1.04 -8.06 -7.17
N PHE A 31 -0.94 -7.48 -8.33
CA PHE A 31 -2.18 -7.16 -9.10
C PHE A 31 -2.96 -8.47 -9.32
N SER A 32 -2.29 -9.56 -9.55
CA SER A 32 -3.01 -10.85 -9.79
C SER A 32 -3.87 -11.24 -8.57
N PHE A 33 -3.32 -11.25 -7.39
CA PHE A 33 -4.13 -11.65 -6.19
C PHE A 33 -5.35 -10.74 -6.04
N MET A 34 -5.14 -9.45 -5.96
CA MET A 34 -6.27 -8.50 -5.82
C MET A 34 -7.15 -8.53 -7.07
N GLN A 35 -6.67 -9.14 -8.12
CA GLN A 35 -7.45 -9.19 -9.39
C GLN A 35 -8.84 -9.79 -9.11
N LYS A 36 -9.03 -10.34 -7.94
CA LYS A 36 -10.36 -10.96 -7.63
C LYS A 36 -11.47 -9.98 -8.07
N ARG A 37 -11.12 -8.73 -8.23
CA ARG A 37 -12.12 -7.71 -8.69
C ARG A 37 -11.83 -7.38 -10.16
N GLY A 38 -10.58 -7.46 -10.57
CA GLY A 38 -10.22 -7.16 -11.99
C GLY A 38 -9.69 -5.73 -12.12
N THR A 39 -9.79 -4.92 -11.10
CA THR A 39 -9.29 -3.50 -11.20
C THR A 39 -8.06 -3.32 -10.28
N PRO A 40 -7.19 -2.37 -10.59
CA PRO A 40 -5.98 -2.13 -9.74
C PRO A 40 -6.33 -1.89 -8.26
N ILE A 41 -5.48 -1.19 -7.56
CA ILE A 41 -5.73 -0.91 -6.12
C ILE A 41 -6.90 0.08 -5.98
N ASN A 42 -6.89 0.90 -4.97
CA ASN A 42 -8.01 1.87 -4.80
C ASN A 42 -7.75 3.13 -5.65
N ARG A 43 -6.59 3.73 -5.52
CA ARG A 43 -6.28 4.94 -6.33
C ARG A 43 -4.77 5.06 -6.52
N LEU A 44 -4.35 5.77 -7.54
CA LEU A 44 -2.89 5.94 -7.81
C LEU A 44 -2.57 7.42 -8.03
N PRO A 45 -2.45 8.20 -6.98
CA PRO A 45 -2.14 9.65 -7.14
C PRO A 45 -0.76 9.87 -7.79
N ILE A 46 -0.64 10.83 -8.66
CA ILE A 46 0.67 11.08 -9.31
C ILE A 46 1.45 12.10 -8.48
N MET A 47 2.61 11.72 -8.03
CA MET A 47 3.43 12.64 -7.21
C MET A 47 4.06 13.69 -8.13
N ALA A 48 3.42 14.81 -8.30
CA ALA A 48 3.97 15.88 -9.18
C ALA A 48 4.35 15.27 -10.54
N LYS A 49 5.56 14.78 -10.67
CA LYS A 49 6.01 14.17 -11.96
C LYS A 49 6.18 12.66 -11.78
N SER A 50 6.33 12.20 -10.56
CA SER A 50 6.51 10.74 -10.32
C SER A 50 5.18 10.10 -9.94
N VAL A 51 5.16 8.79 -9.77
CA VAL A 51 3.90 8.08 -9.40
C VAL A 51 4.07 7.41 -8.04
N LEU A 52 3.02 7.31 -7.28
CA LEU A 52 3.13 6.67 -5.94
C LEU A 52 3.53 5.21 -6.13
N ASP A 53 4.78 4.90 -6.01
CA ASP A 53 5.22 3.49 -6.19
C ASP A 53 4.68 2.66 -5.02
N LEU A 54 3.63 1.92 -5.26
CA LEU A 54 3.04 1.09 -4.15
C LEU A 54 4.16 0.23 -3.56
N TYR A 55 5.08 -0.19 -4.37
CA TYR A 55 6.20 -1.03 -3.88
C TYR A 55 6.81 -0.39 -2.63
N GLU A 56 6.95 0.91 -2.63
CA GLU A 56 7.56 1.60 -1.45
C GLU A 56 6.65 1.45 -0.22
N LEU A 57 5.37 1.55 -0.39
CA LEU A 57 4.46 1.41 0.79
C LEU A 57 4.77 0.08 1.46
N TYR A 58 5.10 -0.92 0.68
CA TYR A 58 5.41 -2.26 1.25
C TYR A 58 6.83 -2.28 1.83
N ASN A 59 7.83 -2.00 1.04
CA ASN A 59 9.23 -2.04 1.58
C ASN A 59 9.30 -1.26 2.90
N LEU A 60 8.63 -0.15 2.98
CA LEU A 60 8.67 0.65 4.25
C LEU A 60 7.98 -0.15 5.36
N VAL A 61 6.77 -0.59 5.14
CA VAL A 61 6.05 -1.34 6.20
C VAL A 61 6.92 -2.49 6.72
N ILE A 62 7.31 -3.39 5.86
CA ILE A 62 8.14 -4.55 6.32
C ILE A 62 9.44 -4.02 6.92
N ALA A 63 10.02 -3.01 6.32
CA ALA A 63 11.30 -2.47 6.86
C ALA A 63 11.11 -2.06 8.33
N ARG A 64 9.89 -2.00 8.79
CA ARG A 64 9.63 -1.61 10.21
C ARG A 64 9.44 -2.87 11.06
N GLY A 65 8.80 -3.88 10.52
CA GLY A 65 8.59 -5.12 11.31
C GLY A 65 7.29 -5.79 10.87
N GLY A 66 6.47 -5.09 10.12
CA GLY A 66 5.18 -5.67 9.64
C GLY A 66 4.06 -4.65 9.80
N LEU A 67 3.01 -4.77 9.02
CA LEU A 67 1.90 -3.79 9.14
C LEU A 67 1.38 -3.77 10.58
N VAL A 68 1.13 -4.91 11.14
CA VAL A 68 0.62 -4.95 12.54
C VAL A 68 1.66 -4.30 13.45
N ASP A 69 2.92 -4.52 13.20
CA ASP A 69 3.97 -3.90 14.03
C ASP A 69 3.88 -2.38 13.89
N VAL A 70 3.50 -1.91 12.74
CA VAL A 70 3.39 -0.44 12.52
C VAL A 70 2.15 0.12 13.25
N ILE A 71 1.05 -0.59 13.20
CA ILE A 71 -0.19 -0.09 13.87
C ILE A 71 -0.04 -0.13 15.39
N ASN A 72 0.32 -1.26 15.94
CA ASN A 72 0.48 -1.37 17.41
C ASN A 72 1.54 -0.38 17.89
N LYS A 73 2.60 -0.25 17.16
CA LYS A 73 3.67 0.70 17.56
C LYS A 73 3.24 2.11 17.14
N LYS A 74 2.16 2.20 16.41
CA LYS A 74 1.67 3.54 15.97
C LYS A 74 2.82 4.30 15.30
N LEU A 75 3.53 3.64 14.42
CA LEU A 75 4.68 4.30 13.73
C LEU A 75 4.20 4.92 12.43
N TRP A 76 2.91 5.02 12.23
CA TRP A 76 2.39 5.63 10.98
C TRP A 76 3.10 6.97 10.76
N GLN A 77 3.61 7.56 11.80
CA GLN A 77 4.31 8.86 11.65
C GLN A 77 5.50 8.69 10.70
N GLU A 78 6.22 7.60 10.81
CA GLU A 78 7.39 7.41 9.91
C GLU A 78 6.94 7.38 8.44
N ILE A 79 5.96 6.58 8.14
CA ILE A 79 5.47 6.53 6.73
C ILE A 79 4.97 7.93 6.34
N ILE A 80 4.17 8.54 7.19
CA ILE A 80 3.67 9.90 6.89
C ILE A 80 4.86 10.87 6.77
N LYS A 81 5.82 10.77 7.64
CA LYS A 81 6.98 11.69 7.57
C LYS A 81 7.67 11.51 6.21
N GLY A 82 7.94 10.30 5.82
CA GLY A 82 8.60 10.07 4.50
C GLY A 82 7.63 10.48 3.39
N LEU A 83 6.42 9.99 3.44
CA LEU A 83 5.41 10.35 2.41
C LEU A 83 4.84 11.73 2.75
N HIS A 84 5.68 12.72 2.86
CA HIS A 84 5.21 14.10 3.22
C HIS A 84 3.87 14.40 2.54
N LEU A 85 2.89 14.77 3.31
CA LEU A 85 1.55 15.07 2.72
C LEU A 85 1.66 16.32 1.84
N PRO A 86 0.87 16.43 0.79
CA PRO A 86 0.95 17.63 -0.08
C PRO A 86 0.79 18.91 0.73
N SER A 87 -0.39 19.15 1.26
CA SER A 87 -0.63 20.37 2.08
C SER A 87 -2.12 20.45 2.41
N SER A 88 -2.79 19.33 2.56
CA SER A 88 -4.24 19.38 2.87
C SER A 88 -4.73 18.01 3.37
N ILE A 89 -4.23 16.95 2.82
CA ILE A 89 -4.70 15.60 3.27
C ILE A 89 -4.28 15.38 4.72
N THR A 90 -4.97 16.01 5.65
CA THR A 90 -4.60 15.83 7.09
C THR A 90 -5.18 14.51 7.60
N SER A 91 -5.15 13.48 6.80
CA SER A 91 -5.70 12.17 7.23
C SER A 91 -5.02 11.04 6.46
N ALA A 92 -3.74 11.13 6.29
CA ALA A 92 -3.01 10.06 5.53
C ALA A 92 -2.96 8.76 6.34
N ALA A 93 -2.75 8.85 7.62
CA ALA A 93 -2.69 7.61 8.44
C ALA A 93 -3.96 6.78 8.20
N PHE A 94 -5.10 7.42 8.23
CA PHE A 94 -6.37 6.68 8.01
C PHE A 94 -6.46 6.22 6.54
N THR A 95 -6.06 7.05 5.62
CA THR A 95 -6.14 6.68 4.18
C THR A 95 -5.18 5.51 3.87
N LEU A 96 -3.98 5.56 4.39
CA LEU A 96 -3.00 4.47 4.10
C LEU A 96 -3.43 3.14 4.72
N ARG A 97 -3.74 3.14 5.99
CA ARG A 97 -4.14 1.87 6.66
C ARG A 97 -5.38 1.25 6.00
N THR A 98 -6.35 2.05 5.63
CA THR A 98 -7.57 1.47 5.01
C THR A 98 -7.25 0.94 3.60
N GLN A 99 -6.56 1.72 2.80
CA GLN A 99 -6.23 1.24 1.42
C GLN A 99 -5.41 -0.03 1.53
N TYR A 100 -4.50 -0.08 2.47
CA TYR A 100 -3.66 -1.29 2.62
C TYR A 100 -4.56 -2.49 2.90
N MET A 101 -5.39 -2.39 3.89
CA MET A 101 -6.29 -3.52 4.23
C MET A 101 -7.28 -3.76 3.09
N LYS A 102 -7.47 -2.79 2.24
CA LYS A 102 -8.43 -2.98 1.12
C LYS A 102 -7.91 -4.07 0.16
N TYR A 103 -6.63 -4.11 -0.13
CA TYR A 103 -6.12 -5.17 -1.08
C TYR A 103 -4.66 -5.57 -0.77
N LEU A 104 -4.14 -5.25 0.39
CA LEU A 104 -2.71 -5.62 0.70
C LEU A 104 -2.63 -6.43 2.01
N TYR A 105 -3.63 -6.40 2.85
CA TYR A 105 -3.53 -7.20 4.10
C TYR A 105 -3.56 -8.70 3.76
N PRO A 106 -4.32 -9.14 2.78
CA PRO A 106 -4.32 -10.59 2.43
C PRO A 106 -3.02 -10.97 1.72
N TYR A 107 -2.53 -10.08 0.89
CA TYR A 107 -1.26 -10.35 0.15
C TYR A 107 -0.08 -10.40 1.13
N GLU A 108 0.07 -9.37 1.92
CA GLU A 108 1.19 -9.35 2.91
C GLU A 108 1.18 -10.65 3.71
N CYS A 109 0.05 -11.02 4.24
CA CYS A 109 -0.02 -12.28 5.03
C CYS A 109 0.33 -13.45 4.12
N GLU A 110 -0.12 -13.45 2.91
CA GLU A 110 0.20 -14.57 1.99
C GLU A 110 1.70 -14.58 1.69
N LYS A 111 2.29 -13.42 1.50
CA LYS A 111 3.74 -13.37 1.18
C LYS A 111 4.60 -13.86 2.37
N LYS A 112 4.38 -13.33 3.56
CA LYS A 112 5.22 -13.74 4.74
C LYS A 112 4.35 -14.22 5.92
N ASN A 113 3.05 -14.09 5.83
CA ASN A 113 2.20 -14.55 6.98
C ASN A 113 2.69 -13.87 8.25
N LEU A 114 2.73 -12.57 8.24
CA LEU A 114 3.21 -11.81 9.43
C LEU A 114 2.26 -12.01 10.61
N SER A 115 0.97 -12.03 10.36
CA SER A 115 0.01 -12.18 11.48
C SER A 115 -1.32 -12.74 10.96
N THR A 116 -2.33 -12.75 11.81
CA THR A 116 -3.67 -13.28 11.41
C THR A 116 -4.73 -12.28 11.91
N PRO A 117 -5.90 -12.27 11.32
CA PRO A 117 -6.96 -11.32 11.77
C PRO A 117 -7.15 -11.32 13.30
N ALA A 118 -6.78 -12.39 13.94
CA ALA A 118 -6.95 -12.46 15.44
C ALA A 118 -5.98 -11.50 16.14
N GLU A 119 -4.71 -11.68 15.95
CA GLU A 119 -3.72 -10.78 16.62
C GLU A 119 -3.84 -9.38 16.04
N LEU A 120 -4.31 -9.27 14.83
CA LEU A 120 -4.47 -7.92 14.22
C LEU A 120 -5.42 -7.10 15.09
N GLN A 121 -6.52 -7.69 15.48
CA GLN A 121 -7.50 -6.95 16.33
C GLN A 121 -6.82 -6.51 17.62
N ALA A 122 -6.06 -7.38 18.23
CA ALA A 122 -5.37 -7.00 19.48
C ALA A 122 -4.47 -5.79 19.17
N ALA A 123 -3.90 -5.78 18.00
CA ALA A 123 -3.03 -4.65 17.61
C ALA A 123 -3.89 -3.40 17.44
N ILE A 124 -5.03 -3.53 16.81
CA ILE A 124 -5.91 -2.34 16.64
C ILE A 124 -6.51 -1.95 17.99
N ASP A 125 -6.90 -2.92 18.77
CA ASP A 125 -7.49 -2.61 20.11
C ASP A 125 -6.38 -2.11 21.05
N GLY A 126 -5.23 -2.71 20.99
CA GLY A 126 -4.11 -2.26 21.87
C GLY A 126 -3.73 -0.83 21.50
N ASN A 127 -3.95 -0.45 20.26
CA ASN A 127 -3.58 0.92 19.82
C ASN A 127 -4.53 1.97 20.44
N ARG A 128 -5.80 1.87 20.15
CA ARG A 128 -6.76 2.87 20.71
C ARG A 128 -6.20 4.29 20.53
#